data_8VPF
#
_entry.id   8VPF
#
_cell.length_a   1.00
_cell.length_b   1.00
_cell.length_c   1.00
_cell.angle_alpha   90.00
_cell.angle_beta   90.00
_cell.angle_gamma   90.00
#
_symmetry.space_group_name_H-M   'P 1'
#
loop_
_entity.id
_entity.type
_entity.pdbx_description
1 polymer 'Spike glycoprotein'
2 polymer 'CoV1-65 antibody heavy chain'
3 polymer 'CoV1-65 antibody light chain'
4 branched 2-acetamido-2-deoxy-beta-D-glucopyranose-(1-4)-2-acetamido-2-deoxy-beta-D-glucopyranose
5 branched beta-D-mannopyranose-(1-4)-2-acetamido-2-deoxy-beta-D-glucopyranose-(1-4)-2-acetamido-2-deoxy-beta-D-glucopyranose
6 non-polymer 2-acetamido-2-deoxy-beta-D-glucopyranose
#
loop_
_entity_poly.entity_id
_entity_poly.type
_entity_poly.pdbx_seq_one_letter_code
_entity_poly.pdbx_strand_id
1 'polypeptide(L)'
;MFIFLLFLTLTSGSDLDRCTTFDDVQAPNYTQHTSSMRGVYYPDEIFRSDTLYLTQDLFLPFYSNVTGFHTINHTFGNPV
IPFKDGIYFAATEKSNVVRGWVFGSTMNNKSQSVIIINNSTNVVIRACNFELCDNPFFAVSKPMGTQTHTMIFDNAFNCT
FEYISDAFSLDVSEKSGNFKHLREFVFKNKDGFLYVYKGYQPIDVVRDLPSGFNTLKPIFKLPLGINITNFRAILTAFSP
AQDIWGTSAAAYFVGYLKPTTFMLKYDENGTITDAVDCSQNPLAELKCSVKSFEIDKGIYQTSNFRVVPSGDVVRFPNIT
NLCPFGEVFNATKFPSVYAWERKKISNCVADYSVLYNSTFFSTFKCYGVSATKLNDLCFSNVYADSFVVKGDDVRQIAPG
QTGVIADYNYKLPDDFMGCVLAWNTRNIDATSTGNYNYKYRYLRHGKLRPFERDISNVPFSPDGKPCTPPALNCYWPLND
YGFYTTTGIGYQPYRVVVLSFELLNAPATVCGPKLSTDLIKNQCVNFNFNGLTGTGVLTPSSKRFQPFQQFGRDVSDFTD
SVRDPKTSEILDISPCAFGGVSVITPGTNASSEVAVLYQDVNCTDVSTAIHADQLTPAWRIYSTGNNVFQTQAGCLIGAE
HVDTSYECDIPIGAGICASYHTVSLLRSTSQKSIVAYTMSLGADSSIAYSNNTIAIPTNFSISITTEVMPVSMAKTSVDC
NMYICGDSTECANLLLQYGSFCTQLNRALSGIAAEQDRNTREVFAQVKQMYKTPTLKYFGGFNFSQILPDPLKPTKRSFI
EDLLFNKVTLADAGFMKQYGECLGDINARDLICAQKFNGLTVLPPLLTDDMIAAYTAALVSGTATAGWTFGAGAALQIPF
AMQMAYRFNGIGVTQNVLYENQKQIANQFNKAISQIQESLTTTSTALGKLQDVVNQNAQALNTLVKQLSSNFGAISSVLN
DILSRLDPPEAEVQIDRLITGRLQSLQTYVTQQLIRAAEIRASANLAATKMSECVLGQSKRVDFCGKGYHLMSFPQAAPH
GVVFLHVTYVPSQERNFTTAPAICHEGKAYFPREGVFVFNGTSWFITQRNFFSPQIITTDNTFVSGNCDVVIGIINNTVY
DPLQPELDSFKEELDKYFKNHTSPDVDLGDISGINASVVNIQKEIDRLNEVAKNLNESLIDLQELGKYEQGSGYIPEAPR
DGQAYVRKDGEWVLLSTFLGRSLEVLFQGPGHHHHHHHHSAWSHPQFEK
;
A,B,C
2 'polypeptide(L)'
;QVQLVQSGAEVKKPGSSVKVSCKASGGTFNYHVVGWVRQAPGQGLEWVGSVSPALGRTNYARKFQGRVTITADKSSNIAY
MELTSLRFEDTAVYYCARLLLVEYTTSSRAGGYGMDVWGQGTTVTVSSASTKGPSVFPLAPSSKSTSGGTAALGCLVKDY
FPEPVTVSWNSGALTSGVHTFPAVLQSSGLYSLSSVVTVPSSSLGTQTYICNVNHKPSNTKVDKKVEPKSC
;
M,D,E
3 'polypeptide(L)'
;QSALTQPPSASGSPGQSVTISCTGTYNDIGGYNFVSWYQQHAGKVPKLMIFEVSKRPSGVPDRFSGSKSGNTASLTVSGL
QAEDEADYYCSSFAGSNTFVVFGGGTKLTVLGQPKAAPSVTLFPPSSEELQANKATLVCLISDFYPGAVTVAWKADSSPV
KAGVETTTPSKQSNNKYAASSYLSLTPEQWKSHRSYSCQVTHEGSTVEKTVAPTECS
;
N,F,G
#
# COMPACT_ATOMS: atom_id res chain seq x y z
N TYR A 30 21.49 19.35 -59.74
CA TYR A 30 21.62 18.97 -58.34
C TYR A 30 22.11 20.18 -57.48
N THR A 31 21.16 21.02 -57.01
CA THR A 31 21.37 22.19 -56.12
C THR A 31 20.67 21.96 -54.80
N GLN A 32 20.72 22.92 -53.87
CA GLN A 32 20.13 22.70 -52.54
C GLN A 32 19.08 23.73 -52.09
N HIS A 33 18.03 23.21 -51.44
CA HIS A 33 16.93 24.01 -50.88
C HIS A 33 16.53 23.49 -49.48
N THR A 34 15.93 24.33 -48.66
CA THR A 34 15.49 23.89 -47.32
C THR A 34 13.97 23.74 -47.24
N SER A 35 13.48 22.63 -46.70
CA SER A 35 12.04 22.43 -46.58
C SER A 35 11.39 23.06 -45.33
N SER A 36 10.79 24.23 -45.50
CA SER A 36 10.27 24.96 -44.35
C SER A 36 8.86 24.57 -43.95
N MET A 37 8.78 23.46 -43.23
CA MET A 37 7.55 22.81 -42.72
C MET A 37 6.69 22.21 -43.80
N ARG A 38 7.29 21.90 -44.91
CA ARG A 38 6.63 21.31 -46.05
C ARG A 38 6.64 19.79 -45.96
N GLY A 39 5.68 19.13 -46.60
CA GLY A 39 5.69 17.66 -46.65
C GLY A 39 4.84 16.91 -45.61
N VAL A 40 3.97 17.62 -44.91
CA VAL A 40 3.07 17.04 -43.92
C VAL A 40 1.85 16.49 -44.64
N TYR A 41 1.37 15.34 -44.23
CA TYR A 41 0.24 14.71 -44.87
C TYR A 41 -0.60 13.96 -43.88
N TYR A 42 -1.83 13.61 -44.26
CA TYR A 42 -2.71 12.82 -43.39
C TYR A 42 -2.26 11.36 -43.36
N PRO A 43 -1.82 10.79 -42.23
CA PRO A 43 -1.33 9.43 -42.12
C PRO A 43 -2.37 8.36 -42.41
N ASP A 44 -3.65 8.71 -42.30
CA ASP A 44 -4.71 7.73 -42.47
C ASP A 44 -6.06 8.35 -42.89
N GLU A 45 -7.06 7.48 -43.00
CA GLU A 45 -8.44 7.76 -43.39
C GLU A 45 -9.35 8.05 -42.21
N ILE A 46 -8.75 8.42 -41.08
CA ILE A 46 -9.49 8.65 -39.86
C ILE A 46 -9.67 10.11 -39.44
N PHE A 47 -10.92 10.42 -39.14
CA PHE A 47 -11.34 11.70 -38.67
C PHE A 47 -11.11 11.80 -37.17
N ARG A 48 -10.40 12.82 -36.79
CA ARG A 48 -10.10 13.15 -35.43
C ARG A 48 -10.32 14.61 -35.38
N SER A 49 -10.69 15.16 -34.25
CA SER A 49 -10.87 16.59 -34.25
C SER A 49 -10.52 17.18 -32.93
N ASP A 50 -10.19 18.47 -32.96
CA ASP A 50 -9.86 19.23 -31.75
C ASP A 50 -8.82 18.47 -30.94
N THR A 51 -7.73 18.06 -31.58
CA THR A 51 -6.78 17.21 -30.87
C THR A 51 -5.38 17.20 -31.42
N LEU A 52 -4.43 16.85 -30.56
CA LEU A 52 -3.07 16.65 -30.98
C LEU A 52 -2.77 15.17 -31.04
N TYR A 53 -2.50 14.69 -32.24
CA TYR A 53 -2.26 13.29 -32.47
C TYR A 53 -0.78 13.04 -32.66
N LEU A 54 -0.21 12.22 -31.78
CA LEU A 54 1.22 11.96 -31.85
C LEU A 54 1.44 10.65 -32.57
N THR A 55 2.25 10.67 -33.61
CA THR A 55 2.48 9.46 -34.37
C THR A 55 3.84 9.34 -35.05
N GLN A 56 4.33 8.11 -35.21
CA GLN A 56 5.56 7.88 -35.92
C GLN A 56 5.28 7.34 -37.30
N ASP A 57 5.84 7.99 -38.29
CA ASP A 57 5.63 7.55 -39.66
C ASP A 57 6.70 8.17 -40.53
N LEU A 58 6.70 7.89 -41.80
CA LEU A 58 7.68 8.52 -42.65
C LEU A 58 7.21 9.91 -43.05
N PHE A 59 7.95 10.92 -42.62
CA PHE A 59 7.60 12.30 -42.88
C PHE A 59 8.79 13.06 -43.36
N LEU A 60 8.58 14.14 -44.10
CA LEU A 60 9.73 14.94 -44.51
C LEU A 60 10.11 15.71 -43.25
N PRO A 61 11.32 15.57 -42.68
CA PRO A 61 11.71 16.23 -41.46
C PRO A 61 11.66 17.71 -41.69
N PHE A 62 11.34 18.47 -40.68
CA PHE A 62 11.35 19.90 -40.92
C PHE A 62 12.76 20.37 -41.15
N TYR A 63 12.90 21.21 -42.16
CA TYR A 63 14.12 21.84 -42.64
C TYR A 63 15.15 20.87 -43.13
N SER A 64 14.71 19.75 -43.65
CA SER A 64 15.64 18.83 -44.24
C SER A 64 16.08 19.48 -45.55
N ASN A 65 17.20 18.98 -46.12
CA ASN A 65 17.74 19.42 -47.40
C ASN A 65 17.01 18.70 -48.55
N VAL A 66 16.60 19.49 -49.56
CA VAL A 66 15.88 19.09 -50.75
C VAL A 66 16.75 19.40 -51.96
N THR A 67 16.91 18.43 -52.83
CA THR A 67 17.76 18.65 -54.00
C THR A 67 16.97 19.34 -55.09
N GLY A 68 17.52 20.39 -55.63
CA GLY A 68 16.83 21.07 -56.72
C GLY A 68 17.31 20.57 -58.06
N PHE A 69 16.41 20.54 -59.02
CA PHE A 69 16.73 20.10 -60.37
C PHE A 69 16.16 21.04 -61.42
N HIS A 70 16.85 21.16 -62.54
CA HIS A 70 16.32 21.92 -63.66
C HIS A 70 16.33 21.05 -64.93
N THR A 71 15.22 21.11 -65.70
CA THR A 71 14.78 20.43 -66.93
C THR A 71 13.35 19.98 -66.63
N ASN A 78 16.45 14.64 -66.44
CA ASN A 78 15.88 13.31 -66.31
C ASN A 78 16.86 12.21 -65.73
N PRO A 79 17.67 12.47 -64.63
CA PRO A 79 18.59 11.53 -63.97
C PRO A 79 17.83 10.53 -63.13
N VAL A 80 18.45 9.43 -62.77
CA VAL A 80 17.82 8.56 -61.79
C VAL A 80 18.14 9.12 -60.42
N ILE A 81 17.11 9.30 -59.63
CA ILE A 81 17.15 9.84 -58.30
C ILE A 81 16.66 8.76 -57.36
N PRO A 82 17.53 8.03 -56.66
CA PRO A 82 17.20 6.86 -55.87
C PRO A 82 16.09 7.13 -54.85
N PHE A 83 15.22 6.15 -54.72
CA PHE A 83 14.07 6.15 -53.84
C PHE A 83 14.38 5.32 -52.63
N LYS A 84 14.47 5.92 -51.47
CA LYS A 84 14.77 5.11 -50.32
C LYS A 84 14.00 5.57 -49.14
N ASP A 85 13.21 4.65 -48.58
CA ASP A 85 12.35 4.88 -47.43
C ASP A 85 11.39 6.04 -47.62
N GLY A 86 10.88 6.20 -48.83
CA GLY A 86 9.92 7.28 -49.08
C GLY A 86 10.56 8.50 -49.71
N ILE A 87 9.88 9.09 -50.69
CA ILE A 87 10.44 10.24 -51.37
C ILE A 87 9.43 11.38 -51.45
N TYR A 88 9.92 12.59 -51.30
CA TYR A 88 9.09 13.78 -51.46
C TYR A 88 9.39 14.42 -52.80
N PHE A 89 8.37 14.78 -53.56
CA PHE A 89 8.60 15.39 -54.86
C PHE A 89 7.76 16.62 -55.07
N ALA A 90 8.33 17.64 -55.66
CA ALA A 90 7.52 18.80 -55.97
C ALA A 90 7.99 19.50 -57.21
N ALA A 91 7.11 20.22 -57.89
CA ALA A 91 7.58 20.95 -59.04
C ALA A 91 6.79 22.20 -59.30
N THR A 92 7.47 23.19 -59.91
CA THR A 92 6.79 24.45 -60.28
C THR A 92 6.51 24.43 -61.75
N GLU A 93 7.27 23.62 -62.48
CA GLU A 93 7.01 23.44 -63.88
C GLU A 93 6.86 24.81 -64.64
N LYS A 94 5.64 25.11 -65.17
CA LYS A 94 5.29 26.29 -65.97
C LYS A 94 3.77 26.29 -66.15
N ASN A 96 4.44 22.89 -67.64
CA ASN A 96 3.92 21.54 -67.50
C ASN A 96 4.94 20.52 -68.08
N VAL A 97 6.15 20.48 -67.45
CA VAL A 97 7.27 19.59 -67.78
C VAL A 97 7.17 18.21 -67.12
N VAL A 98 6.61 18.10 -65.90
CA VAL A 98 6.60 16.78 -65.24
C VAL A 98 5.25 16.13 -65.51
N ARG A 99 5.24 15.16 -66.41
CA ARG A 99 3.97 14.58 -66.84
C ARG A 99 3.93 13.09 -66.68
N GLY A 100 4.69 12.60 -65.73
CA GLY A 100 4.72 11.19 -65.46
C GLY A 100 5.77 10.83 -64.45
N TRP A 101 5.72 9.58 -64.00
CA TRP A 101 6.65 9.10 -63.00
C TRP A 101 7.12 7.71 -63.32
N VAL A 102 8.35 7.40 -62.95
CA VAL A 102 8.81 6.03 -63.02
C VAL A 102 9.26 5.53 -61.67
N PHE A 103 8.63 4.47 -61.17
CA PHE A 103 9.04 3.87 -59.91
C PHE A 103 9.29 2.37 -60.18
N GLY A 104 10.51 1.87 -59.86
CA GLY A 104 10.94 0.50 -60.06
C GLY A 104 11.99 0.12 -59.02
N LEU A 182 2.68 25.31 -57.86
CA LEU A 182 3.48 24.27 -57.23
C LEU A 182 2.66 23.06 -56.90
N ARG A 183 3.04 21.95 -57.52
CA ARG A 183 2.35 20.70 -57.34
C ARG A 183 3.25 19.85 -56.50
N GLU A 184 2.74 19.29 -55.42
CA GLU A 184 3.62 18.48 -54.59
C GLU A 184 3.01 17.19 -54.13
N PHE A 185 3.88 16.21 -54.01
CA PHE A 185 3.51 14.86 -53.69
C PHE A 185 4.38 14.13 -52.68
N VAL A 186 3.79 13.18 -51.98
CA VAL A 186 4.56 12.26 -51.16
C VAL A 186 4.33 10.83 -51.60
N PHE A 187 5.41 10.15 -51.90
CA PHE A 187 5.37 8.77 -52.37
C PHE A 187 6.04 7.83 -51.39
N LYS A 188 5.31 6.90 -50.84
CA LYS A 188 5.94 6.00 -49.88
C LYS A 188 5.55 4.57 -50.12
N ASN A 189 6.50 3.66 -49.89
CA ASN A 189 6.26 2.25 -50.05
C ASN A 189 6.12 1.60 -48.69
N LYS A 190 4.90 1.23 -48.33
CA LYS A 190 4.67 0.68 -47.01
C LYS A 190 3.64 -0.45 -46.99
N ASP A 191 4.06 -1.58 -46.41
CA ASP A 191 3.25 -2.78 -46.22
C ASP A 191 2.60 -3.29 -47.51
N GLY A 192 3.34 -3.24 -48.61
CA GLY A 192 2.84 -3.73 -49.88
C GLY A 192 2.15 -2.67 -50.74
N PHE A 193 1.98 -1.45 -50.23
CA PHE A 193 1.33 -0.43 -51.05
C PHE A 193 2.15 0.80 -51.34
N LEU A 194 1.94 1.33 -52.52
CA LEU A 194 2.51 2.62 -52.84
C LEU A 194 1.46 3.65 -52.55
N TYR A 195 1.74 4.49 -51.58
CA TYR A 195 0.78 5.50 -51.19
C TYR A 195 1.20 6.76 -51.85
N VAL A 196 0.24 7.47 -52.37
CA VAL A 196 0.53 8.73 -53.00
C VAL A 196 -0.34 9.80 -52.39
N TYR A 197 0.29 10.88 -51.95
CA TYR A 197 -0.40 12.03 -51.41
C TYR A 197 -0.17 13.21 -52.31
N LYS A 198 -1.14 14.10 -52.42
CA LYS A 198 -1.02 15.29 -53.27
C LYS A 198 -1.56 16.58 -52.65
N GLY A 199 -1.00 17.69 -53.09
CA GLY A 199 -1.50 19.00 -52.74
C GLY A 199 -0.98 20.07 -53.70
N TYR A 200 -1.43 21.32 -53.59
CA TYR A 200 -1.04 22.30 -54.62
C TYR A 200 -1.18 23.73 -54.12
N GLN A 201 -0.16 24.58 -54.21
CA GLN A 201 -0.14 25.98 -53.80
C GLN A 201 -0.08 26.90 -55.04
N PRO A 202 -0.99 27.88 -55.17
CA PRO A 202 -1.05 28.85 -56.24
C PRO A 202 -0.04 29.97 -56.01
N ILE A 203 1.23 29.61 -55.94
CA ILE A 203 2.30 30.56 -55.73
C ILE A 203 3.28 30.42 -56.89
N ASP A 204 3.66 31.55 -57.49
CA ASP A 204 4.54 31.55 -58.66
C ASP A 204 6.01 31.68 -58.26
N VAL A 205 6.74 30.56 -58.28
CA VAL A 205 8.14 30.53 -57.86
C VAL A 205 8.97 29.88 -58.95
N VAL A 206 10.12 30.46 -59.30
CA VAL A 206 10.92 29.91 -60.38
C VAL A 206 11.92 28.79 -60.02
N ARG A 207 12.78 29.00 -59.03
CA ARG A 207 13.81 27.99 -58.76
C ARG A 207 13.95 27.48 -57.33
N ASP A 208 12.98 27.74 -56.49
CA ASP A 208 13.04 27.35 -55.08
C ASP A 208 11.72 26.88 -54.55
N LEU A 209 11.76 26.12 -53.49
CA LEU A 209 10.51 25.87 -52.81
C LEU A 209 10.34 27.09 -51.97
N PRO A 210 9.18 27.75 -51.94
CA PRO A 210 8.92 28.86 -51.07
C PRO A 210 8.79 28.27 -49.69
N SER A 211 9.05 29.02 -48.66
CA SER A 211 8.80 28.47 -47.35
C SER A 211 7.30 28.27 -47.22
N GLY A 212 6.86 27.22 -46.51
CA GLY A 212 5.42 27.02 -46.38
C GLY A 212 5.02 25.62 -45.94
N PHE A 213 3.77 25.52 -45.55
CA PHE A 213 3.14 24.33 -45.04
C PHE A 213 1.97 23.97 -45.91
N ASN A 214 1.81 22.70 -46.22
CA ASN A 214 0.69 22.27 -47.04
C ASN A 214 0.36 20.85 -46.73
N THR A 215 -0.71 20.62 -46.00
CA THR A 215 -1.01 19.24 -45.67
C THR A 215 -1.47 18.56 -46.95
N LEU A 216 -0.92 17.38 -47.25
CA LEU A 216 -1.30 16.67 -48.46
C LEU A 216 -2.37 15.62 -48.18
N LYS A 217 -3.26 15.40 -49.16
CA LYS A 217 -4.33 14.44 -49.02
C LYS A 217 -4.05 13.20 -49.83
N PRO A 218 -4.45 12.02 -49.40
CA PRO A 218 -4.21 10.78 -50.10
C PRO A 218 -4.95 10.74 -51.40
N ILE A 219 -4.30 10.21 -52.42
CA ILE A 219 -4.87 10.01 -53.74
C ILE A 219 -4.94 8.54 -54.05
N PHE A 220 -3.81 7.85 -53.90
CA PHE A 220 -3.73 6.45 -54.27
C PHE A 220 -3.17 5.57 -53.16
N LYS A 221 -3.58 4.32 -53.20
CA LYS A 221 -3.09 3.23 -52.37
C LYS A 221 -2.98 2.00 -53.28
N LEU A 222 -1.84 1.86 -53.94
CA LEU A 222 -1.70 0.86 -54.99
C LEU A 222 -0.97 -0.41 -54.53
N PRO A 223 -1.57 -1.61 -54.63
CA PRO A 223 -1.03 -2.90 -54.20
C PRO A 223 -0.01 -3.44 -55.20
N LEU A 224 1.08 -2.73 -55.31
CA LEU A 224 2.11 -3.04 -56.29
C LEU A 224 3.30 -3.70 -55.64
N GLY A 225 3.59 -4.94 -56.04
CA GLY A 225 4.70 -5.71 -55.48
C GLY A 225 6.04 -5.30 -56.11
N ILE A 226 6.38 -4.03 -55.97
CA ILE A 226 7.55 -3.47 -56.60
C ILE A 226 8.60 -3.07 -55.59
N ASN A 227 9.80 -3.57 -55.77
CA ASN A 227 10.84 -3.16 -54.86
C ASN A 227 11.32 -1.84 -55.42
N ILE A 228 10.77 -0.76 -54.90
CA ILE A 228 11.08 0.53 -55.45
C ILE A 228 12.34 1.04 -54.79
N THR A 229 13.40 1.19 -55.58
CA THR A 229 14.69 1.63 -55.10
C THR A 229 15.09 2.74 -56.02
N ASN A 230 14.45 2.75 -57.17
CA ASN A 230 14.75 3.71 -58.21
C ASN A 230 13.57 4.57 -58.59
N PHE A 231 13.83 5.85 -58.67
CA PHE A 231 12.85 6.84 -59.10
C PHE A 231 13.37 7.76 -60.19
N ARG A 232 12.54 8.01 -61.20
CA ARG A 232 12.86 8.99 -62.23
C ARG A 232 11.61 9.79 -62.62
N ALA A 233 11.76 11.09 -62.85
CA ALA A 233 10.64 11.91 -63.30
C ALA A 233 10.53 11.82 -64.82
N ILE A 234 9.33 11.95 -65.37
CA ILE A 234 9.22 11.98 -66.82
C ILE A 234 9.06 13.41 -67.28
N LEU A 235 10.07 13.88 -67.98
CA LEU A 235 10.15 15.26 -68.40
C LEU A 235 9.88 15.42 -69.89
N THR A 236 8.85 16.17 -70.20
CA THR A 236 8.44 16.39 -71.57
C THR A 236 9.19 17.57 -72.19
N ALA A 237 9.14 17.71 -73.55
CA ALA A 237 9.76 18.79 -74.35
C ALA A 237 11.27 18.85 -74.08
N ALA A 251 11.04 23.32 -63.53
CA ALA A 251 11.95 22.91 -62.46
C ALA A 251 11.20 22.05 -61.44
N TYR A 252 11.98 21.20 -60.68
CA TYR A 252 11.47 20.27 -59.66
C TYR A 252 12.44 20.05 -58.50
N PHE A 253 11.90 19.48 -57.41
CA PHE A 253 12.63 19.26 -56.18
C PHE A 253 12.44 17.86 -55.62
N VAL A 254 13.48 17.28 -55.01
CA VAL A 254 13.34 15.98 -54.34
C VAL A 254 13.89 15.92 -52.92
N GLY A 255 13.06 15.46 -51.99
CA GLY A 255 13.47 15.31 -50.59
C GLY A 255 13.31 13.86 -50.18
N TYR A 256 13.63 13.54 -48.93
CA TYR A 256 13.48 12.16 -48.47
C TYR A 256 12.76 12.10 -47.16
N LEU A 257 12.00 11.04 -46.95
CA LEU A 257 11.26 10.93 -45.71
C LEU A 257 12.07 10.16 -44.70
N LYS A 258 11.82 10.43 -43.43
CA LYS A 258 12.49 9.69 -42.37
C LYS A 258 11.44 9.25 -41.35
N PRO A 259 11.65 8.15 -40.61
CA PRO A 259 10.74 7.64 -39.60
C PRO A 259 10.79 8.42 -38.30
N THR A 260 10.42 9.68 -38.41
CA THR A 260 10.39 10.62 -37.32
C THR A 260 9.04 10.64 -36.65
N THR A 261 8.97 11.25 -35.49
CA THR A 261 7.71 11.36 -34.82
C THR A 261 7.23 12.78 -34.89
N PHE A 262 5.97 12.90 -35.25
CA PHE A 262 5.27 14.15 -35.34
C PHE A 262 4.05 14.27 -34.49
N MET A 263 3.81 15.49 -34.04
CA MET A 263 2.58 15.79 -33.37
C MET A 263 1.75 16.61 -34.33
N LEU A 264 0.65 16.05 -34.76
CA LEU A 264 -0.21 16.65 -35.77
C LEU A 264 -1.39 17.34 -35.13
N LYS A 265 -1.58 18.61 -35.46
CA LYS A 265 -2.68 19.37 -34.89
C LYS A 265 -3.88 19.39 -35.77
N TYR A 266 -4.94 18.75 -35.29
CA TYR A 266 -6.22 18.63 -35.99
C TYR A 266 -7.21 19.66 -35.50
N ASP A 267 -7.83 20.36 -36.44
CA ASP A 267 -8.82 21.36 -36.10
C ASP A 267 -10.16 20.69 -35.90
N GLU A 268 -11.20 21.48 -35.72
CA GLU A 268 -12.54 20.96 -35.46
C GLU A 268 -13.20 20.18 -36.63
N ASN A 269 -12.70 20.33 -37.88
CA ASN A 269 -13.22 19.70 -39.10
C ASN A 269 -12.29 18.56 -39.61
N GLY A 270 -11.34 18.07 -38.77
CA GLY A 270 -10.46 16.94 -39.11
C GLY A 270 -9.31 17.29 -40.05
N THR A 271 -8.95 18.56 -40.10
CA THR A 271 -7.89 19.02 -40.97
C THR A 271 -6.63 19.27 -40.19
N ILE A 272 -5.50 18.78 -40.71
CA ILE A 272 -4.25 19.04 -40.00
C ILE A 272 -3.84 20.41 -40.43
N THR A 273 -3.73 21.32 -39.47
CA THR A 273 -3.39 22.68 -39.81
C THR A 273 -1.98 23.01 -39.40
N ASP A 274 -1.43 22.23 -38.47
CA ASP A 274 -0.05 22.50 -38.05
C ASP A 274 0.63 21.22 -37.63
N ALA A 275 1.91 21.30 -37.27
CA ALA A 275 2.63 20.13 -36.80
C ALA A 275 3.93 20.47 -36.05
N VAL A 276 4.33 19.56 -35.16
CA VAL A 276 5.61 19.63 -34.46
C VAL A 276 6.49 18.45 -34.80
N ASP A 277 7.70 18.75 -35.24
CA ASP A 277 8.68 17.71 -35.54
C ASP A 277 9.43 17.43 -34.24
N CYS A 278 9.21 16.26 -33.62
CA CYS A 278 9.65 15.90 -32.27
C CYS A 278 11.15 15.67 -32.21
N SER A 279 11.82 15.62 -33.36
CA SER A 279 13.25 15.35 -33.41
C SER A 279 14.08 16.59 -33.67
N GLN A 280 13.42 17.74 -33.82
CA GLN A 280 14.16 18.91 -34.21
C GLN A 280 15.03 19.53 -33.11
N ASN A 281 14.48 19.71 -31.93
CA ASN A 281 15.20 20.38 -30.87
C ASN A 281 14.56 19.95 -29.55
N PRO A 282 15.14 20.21 -28.36
CA PRO A 282 14.58 19.85 -27.08
C PRO A 282 13.27 20.51 -26.73
N LEU A 283 12.94 21.64 -27.36
CA LEU A 283 11.69 22.29 -27.04
C LEU A 283 10.58 21.54 -27.75
N ALA A 284 10.83 21.20 -29.00
CA ALA A 284 9.88 20.46 -29.80
C ALA A 284 9.66 19.10 -29.17
N GLU A 285 10.74 18.52 -28.65
CA GLU A 285 10.65 17.22 -28.04
C GLU A 285 9.79 17.29 -26.81
N LEU A 286 9.97 18.33 -25.99
CA LEU A 286 9.18 18.46 -24.79
C LEU A 286 7.72 18.71 -25.15
N LYS A 287 7.45 19.54 -26.16
CA LYS A 287 6.05 19.75 -26.58
C LYS A 287 5.37 18.42 -26.94
N CYS A 288 6.08 17.51 -27.67
CA CYS A 288 5.57 16.20 -28.06
C CYS A 288 5.36 15.32 -26.83
N SER A 289 6.30 15.34 -25.90
CA SER A 289 6.24 14.51 -24.71
C SER A 289 5.02 14.79 -23.86
N VAL A 290 4.69 16.08 -23.72
CA VAL A 290 3.55 16.44 -22.87
C VAL A 290 2.29 16.66 -23.71
N LYS A 291 2.37 16.37 -25.02
CA LYS A 291 1.27 16.51 -25.95
C LYS A 291 0.60 17.87 -25.91
N SER A 292 1.41 18.92 -25.98
CA SER A 292 0.87 20.27 -25.90
C SER A 292 1.72 21.30 -26.59
N PHE A 293 1.12 22.40 -27.00
CA PHE A 293 1.90 23.51 -27.55
C PHE A 293 2.27 24.51 -26.47
N GLU A 294 1.77 24.26 -25.28
CA GLU A 294 2.01 25.08 -24.09
C GLU A 294 2.45 24.14 -22.95
N ILE A 295 3.58 24.46 -22.35
CA ILE A 295 4.21 23.61 -21.34
C ILE A 295 4.31 24.38 -20.03
N ASP A 296 3.95 23.75 -18.92
CA ASP A 296 4.04 24.46 -17.66
C ASP A 296 5.48 24.44 -17.16
N LYS A 297 5.75 25.07 -16.04
CA LYS A 297 7.09 25.10 -15.49
C LYS A 297 7.54 23.81 -14.83
N GLY A 298 8.80 23.46 -15.02
CA GLY A 298 9.34 22.29 -14.36
C GLY A 298 10.35 21.53 -15.18
N ILE A 299 10.79 20.42 -14.63
CA ILE A 299 11.77 19.56 -15.27
C ILE A 299 11.05 18.31 -15.68
N TYR A 300 11.14 17.98 -16.95
CA TYR A 300 10.41 16.82 -17.43
C TYR A 300 11.33 15.85 -18.11
N GLN A 301 11.16 14.56 -17.86
CA GLN A 301 12.00 13.62 -18.58
C GLN A 301 11.36 13.41 -19.92
N THR A 302 12.12 13.59 -20.99
CA THR A 302 11.53 13.42 -22.29
C THR A 302 12.14 12.29 -23.07
N SER A 303 13.37 11.94 -22.74
CA SER A 303 14.04 10.94 -23.54
C SER A 303 15.11 10.20 -22.78
N ASN A 304 15.88 9.41 -23.53
CA ASN A 304 16.97 8.60 -23.04
C ASN A 304 18.05 8.62 -24.10
N PHE A 305 19.30 8.73 -23.69
CA PHE A 305 20.37 8.76 -24.66
C PHE A 305 21.32 7.64 -24.45
N ARG A 306 21.98 7.29 -25.52
CA ARG A 306 23.04 6.33 -25.51
C ARG A 306 24.16 6.82 -26.40
N VAL A 307 25.37 6.60 -25.96
CA VAL A 307 26.56 6.84 -26.73
C VAL A 307 26.75 5.65 -27.64
N VAL A 308 27.13 5.88 -28.89
CA VAL A 308 27.30 4.75 -29.77
C VAL A 308 28.80 4.49 -30.00
N PRO A 309 29.21 3.24 -30.28
CA PRO A 309 30.56 2.79 -30.51
C PRO A 309 31.32 3.48 -31.61
N SER A 310 32.61 3.68 -31.36
CA SER A 310 33.58 4.27 -32.29
C SER A 310 34.29 3.21 -33.12
N GLY A 311 34.08 1.93 -32.79
CA GLY A 311 34.80 0.87 -33.48
C GLY A 311 34.41 -0.54 -33.06
N ASP A 312 35.16 -1.52 -33.60
CA ASP A 312 34.90 -2.95 -33.45
C ASP A 312 36.16 -3.75 -33.07
N VAL A 313 36.15 -4.31 -31.86
CA VAL A 313 37.26 -5.10 -31.31
C VAL A 313 36.96 -6.56 -31.26
N VAL A 314 37.62 -7.32 -32.12
CA VAL A 314 37.40 -8.74 -32.24
C VAL A 314 38.70 -9.46 -31.90
N ARG A 315 38.70 -10.36 -30.90
CA ARG A 315 39.91 -11.04 -30.44
C ARG A 315 39.65 -12.55 -30.39
N LEU A 515 39.33 -14.48 -37.46
CA LEU A 515 39.59 -13.10 -37.79
C LEU A 515 39.71 -12.31 -36.47
N SER A 516 40.48 -11.20 -36.50
CA SER A 516 40.71 -10.31 -35.35
C SER A 516 41.04 -8.89 -35.78
N THR A 517 40.91 -7.98 -34.83
CA THR A 517 41.23 -6.57 -34.95
C THR A 517 42.08 -6.14 -33.74
N ASP A 518 42.57 -4.92 -33.78
CA ASP A 518 43.36 -4.34 -32.70
C ASP A 518 42.50 -4.03 -31.51
N LEU A 519 43.09 -3.96 -30.33
CA LEU A 519 42.29 -3.52 -29.20
C LEU A 519 42.09 -2.04 -29.32
N ILE A 520 40.90 -1.60 -28.99
CA ILE A 520 40.57 -0.20 -28.94
C ILE A 520 40.29 0.10 -27.49
N LYS A 521 41.02 1.03 -26.91
CA LYS A 521 40.87 1.29 -25.49
C LYS A 521 40.40 2.68 -25.12
N ASN A 522 39.83 2.76 -23.92
CA ASN A 522 39.36 3.98 -23.26
C ASN A 522 38.35 4.79 -24.07
N GLN A 523 37.45 4.09 -24.74
CA GLN A 523 36.39 4.70 -25.52
C GLN A 523 35.29 3.64 -25.70
N CYS A 524 34.06 4.04 -26.14
CA CYS A 524 32.97 3.08 -26.37
C CYS A 524 33.27 2.23 -27.60
N VAL A 525 33.31 0.92 -27.36
CA VAL A 525 33.64 -0.11 -28.31
C VAL A 525 32.66 -1.25 -28.37
N ASN A 526 32.38 -1.70 -29.57
CA ASN A 526 31.58 -2.89 -29.79
C ASN A 526 32.60 -4.03 -29.78
N PHE A 527 32.57 -4.91 -28.78
CA PHE A 527 33.61 -5.94 -28.67
C PHE A 527 33.14 -7.40 -28.68
N ASN A 528 34.10 -8.28 -29.04
CA ASN A 528 33.97 -9.74 -29.03
C ASN A 528 35.24 -10.45 -28.56
N PHE A 529 35.24 -10.94 -27.32
CA PHE A 529 36.39 -11.62 -26.77
C PHE A 529 36.11 -13.11 -26.62
N ASN A 530 36.57 -13.89 -27.57
CA ASN A 530 36.37 -15.33 -27.57
C ASN A 530 34.90 -15.72 -27.42
N GLY A 531 34.00 -15.00 -28.10
CA GLY A 531 32.58 -15.29 -28.02
C GLY A 531 31.83 -14.43 -27.01
N LEU A 532 32.53 -13.71 -26.14
CA LEU A 532 31.85 -12.86 -25.18
C LEU A 532 31.66 -11.52 -25.83
N THR A 533 30.42 -11.09 -25.99
CA THR A 533 30.19 -9.86 -26.71
C THR A 533 29.41 -8.85 -25.92
N GLY A 534 29.53 -7.61 -26.35
CA GLY A 534 28.78 -6.52 -25.75
C GLY A 534 29.34 -5.19 -26.15
N THR A 535 28.81 -4.13 -25.59
CA THR A 535 29.26 -2.80 -25.89
C THR A 535 29.72 -2.17 -24.60
N GLY A 536 30.91 -1.61 -24.60
CA GLY A 536 31.44 -1.00 -23.39
C GLY A 536 32.80 -0.42 -23.60
N VAL A 537 33.41 0.01 -22.52
CA VAL A 537 34.69 0.67 -22.57
C VAL A 537 35.73 -0.24 -21.99
N LEU A 538 36.72 -0.57 -22.78
CA LEU A 538 37.76 -1.50 -22.40
C LEU A 538 38.93 -0.73 -21.80
N THR A 539 39.31 -1.05 -20.57
CA THR A 539 40.41 -0.31 -19.94
C THR A 539 41.39 -1.29 -19.32
N PRO A 540 42.66 -0.95 -19.11
CA PRO A 540 43.65 -1.78 -18.43
C PRO A 540 43.17 -2.13 -17.03
N SER A 541 43.46 -3.35 -16.58
CA SER A 541 43.04 -3.76 -15.25
C SER A 541 44.07 -4.51 -14.43
N SER A 542 43.96 -4.31 -13.12
CA SER A 542 44.81 -4.92 -12.11
C SER A 542 44.37 -6.30 -11.62
N LYS A 543 43.19 -6.75 -12.04
CA LYS A 543 42.68 -7.99 -11.50
C LYS A 543 43.62 -9.17 -11.72
N ARG A 544 43.86 -9.87 -10.64
CA ARG A 544 44.77 -11.00 -10.61
C ARG A 544 44.15 -12.30 -11.06
N PHE A 545 43.93 -12.42 -12.35
CA PHE A 545 43.31 -13.66 -12.85
C PHE A 545 44.24 -14.84 -12.75
N GLN A 546 43.66 -16.01 -12.53
CA GLN A 546 44.42 -17.23 -12.52
C GLN A 546 44.65 -17.64 -13.98
N PRO A 547 45.66 -18.46 -14.30
CA PRO A 547 45.98 -18.95 -15.63
C PRO A 547 44.86 -19.67 -16.35
N PHE A 548 43.87 -20.17 -15.64
CA PHE A 548 42.78 -20.90 -16.28
C PHE A 548 41.49 -20.09 -16.32
N GLN A 549 41.51 -18.85 -15.84
CA GLN A 549 40.33 -18.01 -15.80
C GLN A 549 40.29 -17.04 -16.97
N GLN A 550 39.20 -17.06 -17.71
CA GLN A 550 39.07 -16.19 -18.87
C GLN A 550 38.25 -14.96 -18.63
N PHE A 551 37.30 -15.03 -17.71
CA PHE A 551 36.40 -13.90 -17.55
C PHE A 551 36.35 -13.56 -16.11
N GLY A 552 36.05 -12.34 -15.77
CA GLY A 552 35.81 -12.00 -14.39
C GLY A 552 34.39 -11.50 -14.26
N ARG A 553 33.81 -11.69 -13.08
CA ARG A 553 32.44 -11.26 -12.82
C ARG A 553 32.34 -10.38 -11.59
N ASP A 554 31.30 -9.55 -11.61
CA ASP A 554 30.93 -8.64 -10.54
C ASP A 554 30.17 -9.44 -9.50
N VAL A 555 29.74 -8.80 -8.43
CA VAL A 555 28.97 -9.54 -7.43
C VAL A 555 27.67 -9.99 -8.08
N SER A 556 27.03 -9.09 -8.81
CA SER A 556 25.86 -9.44 -9.59
C SER A 556 26.43 -10.16 -10.81
N ASP A 557 25.65 -10.97 -11.51
CA ASP A 557 26.30 -11.75 -12.58
C ASP A 557 26.47 -11.06 -13.94
N PHE A 558 27.43 -10.14 -13.97
CA PHE A 558 27.82 -9.38 -15.16
C PHE A 558 29.29 -9.49 -15.40
N THR A 559 29.69 -9.48 -16.67
CA THR A 559 31.09 -9.49 -16.96
C THR A 559 31.66 -8.21 -16.44
N ASP A 560 32.69 -8.30 -15.63
CA ASP A 560 33.34 -7.13 -15.08
C ASP A 560 34.63 -6.91 -15.83
N SER A 561 35.22 -8.02 -16.28
CA SER A 561 36.48 -7.99 -16.99
C SER A 561 36.68 -9.20 -17.86
N VAL A 562 37.62 -9.08 -18.79
CA VAL A 562 38.02 -10.19 -19.63
C VAL A 562 39.53 -10.33 -19.77
N ARG A 563 39.97 -11.54 -20.07
CA ARG A 563 41.37 -11.76 -20.40
C ARG A 563 41.47 -11.78 -21.90
N ASP A 564 42.38 -11.01 -22.45
CA ASP A 564 42.56 -10.97 -23.90
C ASP A 564 43.09 -12.30 -24.47
N PRO A 565 42.40 -12.93 -25.43
CA PRO A 565 42.77 -14.18 -26.07
C PRO A 565 44.15 -14.23 -26.74
N LYS A 566 44.77 -13.11 -27.09
CA LYS A 566 46.06 -13.22 -27.76
C LYS A 566 47.23 -12.71 -26.89
N THR A 567 46.99 -11.73 -26.02
CA THR A 567 48.05 -11.15 -25.20
C THR A 567 47.97 -11.52 -23.73
N SER A 568 46.84 -12.07 -23.30
CA SER A 568 46.52 -12.43 -21.92
C SER A 568 46.53 -11.26 -20.93
N GLU A 569 46.37 -10.04 -21.42
CA GLU A 569 46.27 -8.88 -20.55
C GLU A 569 44.85 -8.84 -19.99
N ILE A 570 44.66 -8.16 -18.86
CA ILE A 570 43.33 -8.10 -18.29
C ILE A 570 42.73 -6.73 -18.50
N LEU A 571 41.52 -6.72 -19.03
CA LEU A 571 40.79 -5.49 -19.29
C LEU A 571 39.47 -5.42 -18.55
N ASP A 572 39.21 -4.29 -17.92
CA ASP A 572 37.92 -4.08 -17.27
C ASP A 572 36.94 -3.63 -18.31
N ILE A 573 35.66 -3.92 -18.11
CA ILE A 573 34.68 -3.41 -19.04
C ILE A 573 33.64 -2.50 -18.40
N SER A 574 33.64 -1.23 -18.73
CA SER A 574 32.66 -0.33 -18.17
C SER A 574 31.53 -0.24 -19.18
N PRO A 575 30.29 0.01 -18.81
CA PRO A 575 29.21 0.25 -19.73
C PRO A 575 29.51 1.48 -20.56
N CYS A 576 28.97 1.53 -21.78
CA CYS A 576 29.03 2.64 -22.72
C CYS A 576 27.98 3.63 -22.19
N ALA A 577 28.36 4.87 -21.99
CA ALA A 577 27.48 5.80 -21.29
C ALA A 577 26.09 5.92 -21.87
N PHE A 578 25.14 5.92 -20.94
CA PHE A 578 23.73 6.10 -21.25
C PHE A 578 23.05 6.81 -20.10
N GLY A 579 21.86 7.33 -20.33
CA GLY A 579 21.14 7.97 -19.24
C GLY A 579 19.87 8.66 -19.69
N GLY A 580 19.14 9.23 -18.77
CA GLY A 580 17.90 9.90 -19.14
C GLY A 580 18.19 11.31 -19.63
N VAL A 581 17.26 11.89 -20.36
CA VAL A 581 17.39 13.28 -20.77
C VAL A 581 16.19 14.05 -20.29
N SER A 582 16.42 15.10 -19.53
CA SER A 582 15.32 15.92 -19.06
C SER A 582 15.41 17.31 -19.63
N VAL A 583 14.27 17.90 -19.90
CA VAL A 583 14.25 19.24 -20.43
C VAL A 583 13.65 20.15 -19.40
N ILE A 584 14.38 21.18 -19.09
CA ILE A 584 14.04 22.14 -18.06
C ILE A 584 13.47 23.41 -18.63
N THR A 585 12.25 23.69 -18.27
CA THR A 585 11.57 24.86 -18.79
C THR A 585 11.02 25.75 -17.69
N PRO A 586 11.13 27.08 -17.81
CA PRO A 586 10.61 28.07 -16.91
C PRO A 586 9.09 28.23 -17.04
N GLY A 587 8.50 27.58 -18.03
CA GLY A 587 7.08 27.69 -18.33
C GLY A 587 6.94 28.59 -19.54
N THR A 588 6.12 28.19 -20.50
CA THR A 588 5.96 28.95 -21.75
C THR A 588 5.26 30.27 -21.58
N ASN A 589 4.62 30.48 -20.43
CA ASN A 589 3.97 31.74 -20.17
C ASN A 589 5.01 32.80 -19.85
N ALA A 590 6.21 32.35 -19.51
CA ALA A 590 7.31 33.23 -19.18
C ALA A 590 8.30 33.26 -20.31
N SER A 591 8.68 32.08 -20.77
CA SER A 591 9.65 31.91 -21.84
C SER A 591 9.62 30.52 -22.40
N SER A 592 9.89 30.39 -23.69
CA SER A 592 9.97 29.06 -24.28
C SER A 592 11.38 28.50 -24.21
N GLU A 593 12.30 29.28 -23.66
CA GLU A 593 13.70 28.93 -23.51
C GLU A 593 13.89 27.67 -22.65
N VAL A 594 14.75 26.75 -23.08
CA VAL A 594 14.97 25.54 -22.28
C VAL A 594 16.41 25.22 -22.03
N ALA A 595 16.65 24.41 -20.99
CA ALA A 595 17.96 23.86 -20.66
C ALA A 595 17.85 22.35 -20.70
N VAL A 596 18.92 21.64 -21.03
CA VAL A 596 18.85 20.18 -21.09
C VAL A 596 19.76 19.47 -20.13
N LEU A 597 19.21 18.57 -19.35
CA LEU A 597 19.99 17.79 -18.43
C LEU A 597 20.22 16.36 -18.90
N TYR A 598 21.47 15.99 -19.07
CA TYR A 598 21.80 14.62 -19.45
C TYR A 598 22.11 13.97 -18.13
N GLN A 599 21.29 13.04 -17.72
CA GLN A 599 21.38 12.49 -16.39
C GLN A 599 22.44 11.43 -16.24
N ASP A 600 22.99 11.37 -15.03
CA ASP A 600 23.93 10.34 -14.61
C ASP A 600 25.11 10.16 -15.57
N VAL A 601 25.66 11.25 -16.07
CA VAL A 601 26.77 11.15 -17.00
C VAL A 601 27.83 12.19 -16.67
N ASN A 602 29.11 11.88 -17.02
CA ASN A 602 30.24 12.81 -17.00
C ASN A 602 29.99 13.81 -18.15
N CYS A 603 30.03 15.10 -17.83
CA CYS A 603 29.74 16.21 -18.74
C CYS A 603 30.79 16.28 -19.85
N THR A 604 32.02 15.94 -19.54
CA THR A 604 33.06 15.95 -20.55
C THR A 604 32.71 14.95 -21.65
N ASP A 605 32.23 13.77 -21.24
CA ASP A 605 31.94 12.72 -22.18
C ASP A 605 30.67 12.96 -22.98
N VAL A 606 29.64 13.53 -22.36
CA VAL A 606 28.44 13.73 -23.16
C VAL A 606 28.71 14.85 -24.14
N SER A 607 29.45 15.89 -23.72
CA SER A 607 29.75 16.98 -24.61
C SER A 607 30.51 16.48 -25.81
N THR A 608 31.49 15.59 -25.57
CA THR A 608 32.25 15.03 -26.67
C THR A 608 31.35 14.26 -27.61
N ALA A 609 30.47 13.42 -27.07
CA ALA A 609 29.58 12.63 -27.91
C ALA A 609 28.68 13.52 -28.75
N ILE A 610 28.25 14.65 -28.21
CA ILE A 610 27.40 15.54 -28.98
C ILE A 610 28.18 16.07 -30.17
N HIS A 611 29.40 16.54 -29.93
CA HIS A 611 30.20 17.12 -31.00
C HIS A 611 30.70 16.09 -31.99
N ALA A 612 30.90 14.87 -31.51
CA ALA A 612 31.38 13.74 -32.28
C ALA A 612 30.27 13.05 -33.04
N ASP A 613 29.03 13.50 -32.89
CA ASP A 613 27.86 12.86 -33.49
C ASP A 613 27.75 11.39 -33.08
N GLN A 614 27.96 11.12 -31.78
CA GLN A 614 27.86 9.78 -31.22
C GLN A 614 26.64 9.55 -30.33
N LEU A 615 25.65 10.43 -30.35
CA LEU A 615 24.47 10.12 -29.54
C LEU A 615 23.32 9.66 -30.41
N THR A 616 22.60 8.66 -29.93
CA THR A 616 21.46 8.15 -30.66
C THR A 616 20.29 9.15 -30.85
N PRO A 617 19.68 9.76 -29.80
CA PRO A 617 18.56 10.66 -29.92
C PRO A 617 19.04 12.04 -30.31
N ALA A 618 19.60 12.15 -31.48
CA ALA A 618 20.13 13.42 -31.89
C ALA A 618 19.01 14.39 -32.18
N TRP A 619 19.23 15.65 -31.80
CA TRP A 619 18.32 16.73 -32.10
C TRP A 619 18.94 17.48 -33.24
N ARG A 620 18.21 17.55 -34.32
CA ARG A 620 18.75 18.03 -35.58
C ARG A 620 19.26 19.46 -35.62
N ILE A 621 18.69 20.38 -34.86
CA ILE A 621 19.22 21.76 -34.89
C ILE A 621 19.79 22.18 -33.54
N TYR A 622 20.03 21.23 -32.67
CA TYR A 622 20.50 21.52 -31.32
C TYR A 622 21.92 21.99 -31.23
N SER A 623 22.14 22.95 -30.35
CA SER A 623 23.44 23.49 -30.03
C SER A 623 23.54 23.67 -28.52
N THR A 624 24.68 23.26 -27.96
CA THR A 624 24.89 23.32 -26.52
C THR A 624 25.04 24.75 -26.00
N GLY A 625 25.61 25.62 -26.82
CA GLY A 625 25.79 27.02 -26.43
C GLY A 625 27.02 27.25 -25.56
N ASN A 626 27.80 26.18 -25.35
CA ASN A 626 28.99 26.20 -24.52
C ASN A 626 28.78 26.68 -23.07
N ASN A 627 27.67 26.26 -22.46
CA ASN A 627 27.38 26.56 -21.07
C ASN A 627 27.06 25.26 -20.42
N VAL A 628 28.10 24.49 -20.15
CA VAL A 628 27.88 23.17 -19.62
C VAL A 628 28.36 23.12 -18.19
N PHE A 629 27.50 22.66 -17.31
CA PHE A 629 27.74 22.60 -15.89
C PHE A 629 27.58 21.20 -15.32
N GLN A 630 28.63 20.68 -14.70
CA GLN A 630 28.56 19.35 -14.12
C GLN A 630 27.94 19.43 -12.74
N THR A 631 26.88 18.67 -12.51
CA THR A 631 26.25 18.63 -11.21
C THR A 631 26.18 17.15 -10.84
N GLN A 632 25.84 16.82 -9.61
CA GLN A 632 25.76 15.43 -9.21
C GLN A 632 24.68 14.65 -9.94
N ALA A 633 23.70 15.35 -10.47
CA ALA A 633 22.59 14.74 -11.19
C ALA A 633 22.91 14.43 -12.64
N GLY A 634 24.00 14.98 -13.19
CA GLY A 634 24.29 14.85 -14.62
C GLY A 634 24.89 16.14 -15.19
N CYS A 635 24.92 16.26 -16.54
CA CYS A 635 25.50 17.40 -17.27
C CYS A 635 24.36 18.33 -17.65
N LEU A 636 24.38 19.52 -17.10
CA LEU A 636 23.33 20.47 -17.35
C LEU A 636 23.80 21.46 -18.38
N ILE A 637 23.13 21.47 -19.52
CA ILE A 637 23.54 22.31 -20.62
C ILE A 637 22.56 23.42 -20.96
N GLY A 638 23.05 24.64 -20.98
CA GLY A 638 22.24 25.80 -21.32
C GLY A 638 21.87 26.66 -20.12
N ALA A 639 22.01 26.13 -18.93
CA ALA A 639 21.74 26.92 -17.75
C ALA A 639 23.04 27.60 -17.39
N GLU A 640 22.99 28.85 -16.99
CA GLU A 640 24.20 29.52 -16.57
C GLU A 640 24.42 29.16 -15.14
N HIS A 641 25.65 29.11 -14.68
CA HIS A 641 25.84 28.88 -13.27
C HIS A 641 26.06 30.20 -12.59
N VAL A 642 25.37 30.43 -11.48
CA VAL A 642 25.57 31.67 -10.79
C VAL A 642 25.99 31.40 -9.37
N ASP A 643 26.62 32.39 -8.73
CA ASP A 643 27.11 32.26 -7.36
C ASP A 643 26.19 32.84 -6.31
N THR A 644 24.99 33.15 -6.72
CA THR A 644 23.96 33.68 -5.88
C THR A 644 23.09 32.54 -5.47
N SER A 645 22.18 32.79 -4.56
CA SER A 645 21.26 31.74 -4.15
C SER A 645 19.89 32.32 -3.98
N TYR A 646 18.90 31.48 -4.13
CA TYR A 646 17.52 31.90 -4.07
C TYR A 646 16.74 30.73 -3.54
N GLU A 647 15.45 30.89 -3.38
CA GLU A 647 14.64 29.78 -2.97
C GLU A 647 14.69 28.79 -4.13
N CYS A 648 14.55 27.48 -3.87
CA CYS A 648 14.52 26.46 -4.91
C CYS A 648 13.23 26.57 -5.73
N ASP A 649 13.36 26.47 -7.03
CA ASP A 649 12.23 26.52 -7.92
C ASP A 649 12.17 25.19 -8.64
N ILE A 650 12.98 24.98 -9.69
CA ILE A 650 12.95 23.68 -10.34
C ILE A 650 14.13 22.89 -9.79
N PRO A 651 13.95 21.83 -9.02
CA PRO A 651 15.04 21.11 -8.44
C PRO A 651 15.76 20.34 -9.49
N ILE A 652 17.07 20.21 -9.39
CA ILE A 652 17.83 19.35 -10.26
C ILE A 652 18.42 18.17 -9.48
N GLY A 653 19.06 18.46 -8.36
CA GLY A 653 19.66 17.42 -7.53
C GLY A 653 20.81 17.96 -6.72
N ALA A 654 21.10 17.32 -5.60
CA ALA A 654 22.08 17.80 -4.67
C ALA A 654 21.60 19.17 -4.35
N GLY A 655 22.44 20.14 -4.12
CA GLY A 655 21.84 21.41 -3.74
C GLY A 655 21.44 22.27 -4.93
N ILE A 656 21.60 21.76 -6.14
CA ILE A 656 21.31 22.56 -7.32
C ILE A 656 19.84 22.57 -7.75
N CYS A 657 19.33 23.80 -7.96
CA CYS A 657 18.00 24.16 -8.43
C CYS A 657 18.20 25.11 -9.60
N ALA A 658 17.18 25.24 -10.43
CA ALA A 658 17.24 26.19 -11.51
C ALA A 658 16.01 27.06 -11.55
N SER A 659 16.17 28.27 -12.07
CA SER A 659 15.05 29.17 -12.24
C SER A 659 15.32 30.20 -13.33
N TYR A 660 14.42 31.14 -13.51
CA TYR A 660 14.57 32.10 -14.60
C TYR A 660 14.87 33.48 -14.01
N HIS A 661 16.11 33.93 -14.20
CA HIS A 661 16.61 35.15 -13.58
C HIS A 661 17.46 36.02 -14.47
N THR A 662 17.60 37.28 -14.08
CA THR A 662 18.48 38.16 -14.81
C THR A 662 19.90 37.82 -14.36
N VAL A 663 20.92 38.25 -15.15
CA VAL A 663 22.34 38.03 -14.84
C VAL A 663 23.11 39.31 -15.20
N LYS A 672 16.14 37.98 -18.87
CA LYS A 672 16.28 36.80 -18.03
C LYS A 672 16.85 35.64 -18.86
N SER A 673 17.42 34.63 -18.16
CA SER A 673 18.00 33.39 -18.69
C SER A 673 17.84 32.29 -17.66
N ILE A 674 18.01 31.05 -18.06
CA ILE A 674 17.92 29.98 -17.09
C ILE A 674 19.22 29.89 -16.33
N VAL A 675 19.14 29.88 -15.01
CA VAL A 675 20.32 29.82 -14.18
C VAL A 675 20.22 28.67 -13.21
N ALA A 676 21.38 28.17 -12.80
CA ALA A 676 21.51 27.12 -11.82
C ALA A 676 22.24 27.65 -10.61
N TYR A 677 21.79 27.24 -9.45
CA TYR A 677 22.39 27.71 -8.21
C TYR A 677 22.20 26.78 -7.06
N THR A 678 23.03 26.94 -6.03
CA THR A 678 22.82 26.18 -4.81
C THR A 678 21.67 26.87 -4.11
N MET A 679 20.67 26.12 -3.71
CA MET A 679 19.50 26.72 -3.09
C MET A 679 19.74 27.27 -1.70
N SER A 680 19.00 28.31 -1.38
CA SER A 680 18.95 28.94 -0.08
C SER A 680 18.12 28.09 0.86
N LEU A 681 18.52 27.99 2.12
CA LEU A 681 17.73 27.22 3.07
C LEU A 681 16.73 28.03 3.87
N GLY A 682 16.98 29.32 3.99
CA GLY A 682 16.11 30.18 4.77
C GLY A 682 16.77 31.53 4.93
N ALA A 683 16.09 32.45 5.57
CA ALA A 683 16.62 33.78 5.81
C ALA A 683 17.78 33.71 6.76
N ASP A 684 18.73 34.61 6.66
CA ASP A 684 19.84 34.63 7.61
C ASP A 684 19.47 35.44 8.86
N SER A 685 19.26 34.78 10.00
CA SER A 685 18.81 35.51 11.18
C SER A 685 19.69 35.34 12.41
N SER A 686 20.17 36.46 12.90
CA SER A 686 21.01 36.49 14.07
C SER A 686 20.14 36.75 15.26
N ILE A 687 20.07 35.79 16.16
CA ILE A 687 19.24 35.97 17.33
C ILE A 687 20.18 36.15 18.49
N ALA A 688 19.99 37.22 19.21
CA ALA A 688 20.86 37.49 20.31
C ALA A 688 20.53 36.55 21.44
N TYR A 689 21.54 36.15 22.19
CA TYR A 689 21.29 35.39 23.38
C TYR A 689 21.82 36.16 24.54
N SER A 690 21.00 36.31 25.55
CA SER A 690 21.40 36.99 26.75
C SER A 690 20.70 36.33 27.91
N ASN A 691 21.35 36.29 29.08
CA ASN A 691 20.82 35.67 30.30
C ASN A 691 19.88 36.58 31.12
N ASN A 692 19.67 37.87 30.71
CA ASN A 692 18.79 38.81 31.40
C ASN A 692 17.85 39.56 30.49
N THR A 693 17.68 39.13 29.25
CA THR A 693 16.81 39.87 28.35
C THR A 693 15.76 39.00 27.70
N ILE A 694 14.53 39.47 27.72
CA ILE A 694 13.43 38.74 27.11
C ILE A 694 12.70 39.61 26.11
N ALA A 695 12.29 39.05 24.99
CA ALA A 695 11.47 39.84 24.10
C ALA A 695 10.02 39.50 24.37
N ILE A 696 9.18 40.52 24.46
CA ILE A 696 7.75 40.31 24.68
C ILE A 696 6.97 41.07 23.63
N PRO A 697 6.08 40.43 22.84
CA PRO A 697 5.23 41.02 21.85
C PRO A 697 4.43 42.10 22.47
N THR A 698 4.27 43.22 21.80
CA THR A 698 3.43 44.29 22.36
C THR A 698 2.12 44.49 21.56
N ASN A 699 1.96 43.74 20.44
CA ASN A 699 0.85 43.76 19.50
C ASN A 699 0.69 42.34 18.96
N PHE A 700 -0.31 42.09 18.12
CA PHE A 700 -0.60 40.80 17.48
C PHE A 700 -1.36 40.98 16.21
N SER A 701 -1.40 39.93 15.43
CA SER A 701 -2.15 39.94 14.21
C SER A 701 -2.93 38.67 14.00
N ILE A 702 -4.23 38.81 13.77
CA ILE A 702 -5.04 37.64 13.49
C ILE A 702 -4.80 37.32 12.04
N SER A 703 -4.47 36.09 11.79
CA SER A 703 -4.17 35.62 10.47
C SER A 703 -5.00 34.43 10.12
N ILE A 704 -5.41 34.32 8.87
CA ILE A 704 -6.16 33.14 8.51
C ILE A 704 -5.43 32.46 7.40
N THR A 705 -5.12 31.21 7.59
CA THR A 705 -4.40 30.45 6.59
C THR A 705 -5.21 29.28 6.13
N THR A 706 -4.75 28.57 5.13
CA THR A 706 -5.57 27.46 4.70
C THR A 706 -4.85 26.15 4.54
N GLU A 707 -5.60 25.08 4.70
CA GLU A 707 -5.12 23.74 4.44
C GLU A 707 -6.04 22.98 3.54
N VAL A 708 -5.46 22.24 2.61
CA VAL A 708 -6.25 21.52 1.64
C VAL A 708 -6.02 20.02 1.74
N MET A 709 -7.09 19.24 1.88
CA MET A 709 -6.93 17.80 1.96
C MET A 709 -7.85 16.97 1.05
N PRO A 710 -7.30 16.00 0.30
CA PRO A 710 -7.95 15.10 -0.61
C PRO A 710 -8.67 13.97 0.09
N VAL A 711 -9.83 14.26 0.62
CA VAL A 711 -10.66 13.32 1.35
C VAL A 711 -11.09 12.11 0.52
N SER A 712 -11.43 12.31 -0.75
CA SER A 712 -11.87 11.15 -1.52
C SER A 712 -11.42 11.15 -2.98
N MET A 713 -11.49 9.99 -3.59
CA MET A 713 -11.16 9.79 -4.99
C MET A 713 -12.35 9.25 -5.76
N ALA A 714 -12.23 9.12 -7.07
CA ALA A 714 -13.35 8.64 -7.87
C ALA A 714 -13.72 7.20 -7.57
N LYS A 715 -15.01 6.94 -7.55
CA LYS A 715 -15.50 5.60 -7.36
C LYS A 715 -15.57 4.87 -8.67
N THR A 716 -14.46 4.39 -9.13
CA THR A 716 -14.50 3.78 -10.44
C THR A 716 -15.05 2.38 -10.29
N SER A 717 -15.45 1.80 -11.40
CA SER A 717 -15.92 0.44 -11.45
C SER A 717 -15.59 -0.15 -12.79
N VAL A 718 -15.14 -1.38 -12.80
CA VAL A 718 -14.77 -1.98 -14.05
C VAL A 718 -15.44 -3.30 -14.28
N ASP A 719 -15.99 -3.44 -15.46
CA ASP A 719 -16.59 -4.68 -15.89
C ASP A 719 -15.46 -5.48 -16.52
N CYS A 720 -14.89 -6.46 -15.75
CA CYS A 720 -13.73 -7.25 -16.12
C CYS A 720 -13.97 -7.98 -17.43
N ASN A 721 -15.11 -8.62 -17.54
CA ASN A 721 -15.34 -9.37 -18.75
C ASN A 721 -15.48 -8.45 -19.93
N MET A 722 -16.13 -7.29 -19.78
CA MET A 722 -16.26 -6.38 -20.93
C MET A 722 -14.91 -5.76 -21.31
N TYR A 723 -14.06 -5.50 -20.32
CA TYR A 723 -12.76 -4.95 -20.62
C TYR A 723 -11.93 -5.93 -21.42
N ILE A 724 -11.86 -7.17 -20.96
CA ILE A 724 -11.01 -8.16 -21.61
C ILE A 724 -11.57 -8.69 -22.94
N CYS A 725 -12.87 -9.07 -22.94
CA CYS A 725 -13.62 -9.68 -24.02
C CYS A 725 -14.77 -8.77 -24.42
N GLY A 726 -15.14 -8.80 -25.68
CA GLY A 726 -16.30 -8.01 -26.11
C GLY A 726 -17.51 -8.91 -26.22
N ASP A 727 -18.06 -9.01 -27.41
CA ASP A 727 -19.22 -9.82 -27.68
C ASP A 727 -18.84 -11.20 -28.20
N SER A 728 -17.56 -11.53 -28.04
CA SER A 728 -17.00 -12.81 -28.40
C SER A 728 -17.15 -13.84 -27.31
N THR A 729 -17.78 -14.95 -27.65
CA THR A 729 -17.99 -16.01 -26.70
C THR A 729 -16.77 -16.90 -26.69
N GLU A 730 -15.97 -16.84 -27.74
CA GLU A 730 -14.74 -17.62 -27.74
C GLU A 730 -13.80 -17.09 -26.63
N CYS A 731 -13.69 -15.73 -26.51
CA CYS A 731 -12.88 -15.05 -25.51
C CYS A 731 -13.51 -15.26 -24.14
N ALA A 732 -14.83 -15.06 -24.05
CA ALA A 732 -15.46 -15.19 -22.76
C ALA A 732 -15.24 -16.57 -22.16
N ASN A 733 -15.23 -17.62 -22.98
CA ASN A 733 -15.00 -18.94 -22.46
C ASN A 733 -13.53 -19.18 -22.13
N LEU A 734 -12.60 -18.68 -22.95
CA LEU A 734 -11.20 -18.88 -22.64
C LEU A 734 -10.83 -18.23 -21.34
N LEU A 735 -11.45 -17.10 -21.07
CA LEU A 735 -11.20 -16.34 -19.87
C LEU A 735 -11.53 -17.11 -18.59
N LEU A 736 -12.41 -18.10 -18.65
CA LEU A 736 -12.80 -18.82 -17.46
C LEU A 736 -11.72 -19.80 -17.06
N GLN A 737 -10.77 -20.02 -17.93
CA GLN A 737 -9.74 -20.96 -17.69
C GLN A 737 -8.67 -20.33 -16.85
N TYR A 738 -8.80 -19.03 -16.59
CA TYR A 738 -7.80 -18.36 -15.80
C TYR A 738 -8.28 -18.28 -14.38
N GLY A 739 -9.43 -18.87 -14.11
CA GLY A 739 -9.94 -18.86 -12.77
C GLY A 739 -10.63 -17.57 -12.44
N SER A 740 -10.91 -17.40 -11.17
CA SER A 740 -11.63 -16.28 -10.65
C SER A 740 -10.79 -15.03 -10.46
N PHE A 741 -10.18 -14.55 -11.54
CA PHE A 741 -9.47 -13.28 -11.47
C PHE A 741 -10.44 -12.10 -11.44
N CYS A 742 -11.51 -12.15 -12.26
CA CYS A 742 -12.51 -11.10 -12.41
C CYS A 742 -13.32 -10.89 -11.15
N THR A 743 -13.54 -11.93 -10.36
CA THR A 743 -14.32 -11.65 -9.18
C THR A 743 -13.47 -10.99 -8.12
N GLN A 744 -12.16 -11.20 -8.17
CA GLN A 744 -11.30 -10.55 -7.20
C GLN A 744 -11.05 -9.12 -7.62
N LEU A 745 -10.97 -8.88 -8.92
CA LEU A 745 -10.76 -7.55 -9.43
C LEU A 745 -12.01 -6.72 -9.16
N ASN A 746 -13.18 -7.34 -9.31
CA ASN A 746 -14.40 -6.61 -9.07
C ASN A 746 -14.55 -6.32 -7.59
N ARG A 747 -14.21 -7.27 -6.71
CA ARG A 747 -14.33 -6.96 -5.30
C ARG A 747 -13.35 -5.91 -4.87
N ALA A 748 -12.13 -5.93 -5.40
CA ALA A 748 -11.16 -4.94 -4.99
C ALA A 748 -11.62 -3.55 -5.31
N LEU A 749 -12.20 -3.36 -6.49
CA LEU A 749 -12.66 -2.05 -6.87
C LEU A 749 -13.93 -1.65 -6.16
N SER A 750 -14.84 -2.60 -5.89
CA SER A 750 -16.06 -2.25 -5.19
C SER A 750 -15.74 -1.95 -3.75
N GLY A 751 -14.72 -2.60 -3.22
CA GLY A 751 -14.27 -2.40 -1.87
C GLY A 751 -13.83 -0.97 -1.69
N ILE A 752 -12.92 -0.49 -2.55
CA ILE A 752 -12.49 0.88 -2.38
C ILE A 752 -13.55 1.86 -2.80
N ALA A 753 -14.37 1.54 -3.79
CA ALA A 753 -15.41 2.50 -4.11
C ALA A 753 -16.29 2.73 -2.90
N ALA A 754 -16.61 1.67 -2.15
CA ALA A 754 -17.40 1.83 -0.94
C ALA A 754 -16.66 2.63 0.10
N GLU A 755 -15.35 2.43 0.20
CA GLU A 755 -14.53 3.15 1.16
C GLU A 755 -14.60 4.64 0.92
N GLN A 756 -14.73 5.05 -0.33
CA GLN A 756 -14.74 6.46 -0.63
C GLN A 756 -15.95 7.15 -0.04
N ASP A 757 -17.02 6.41 0.27
CA ASP A 757 -18.18 7.02 0.88
C ASP A 757 -18.05 7.00 2.38
N ARG A 758 -17.01 6.37 2.90
CA ARG A 758 -16.81 6.35 4.32
C ARG A 758 -15.98 7.57 4.61
N ASN A 759 -15.07 7.86 3.70
CA ASN A 759 -14.16 8.96 3.89
C ASN A 759 -14.86 10.30 4.06
N THR A 760 -15.95 10.51 3.34
CA THR A 760 -16.61 11.78 3.45
C THR A 760 -17.60 11.79 4.59
N ARG A 761 -17.90 10.64 5.15
CA ARG A 761 -18.82 10.62 6.26
C ARG A 761 -18.00 10.88 7.49
N GLU A 762 -16.83 10.27 7.57
CA GLU A 762 -15.99 10.48 8.73
C GLU A 762 -15.50 11.91 8.81
N VAL A 763 -15.24 12.53 7.65
CA VAL A 763 -14.79 13.89 7.65
C VAL A 763 -15.90 14.89 7.85
N PHE A 764 -17.03 14.78 7.15
CA PHE A 764 -18.01 15.85 7.31
C PHE A 764 -19.17 15.56 8.23
N ALA A 765 -19.57 14.31 8.41
CA ALA A 765 -20.77 14.03 9.18
C ALA A 765 -20.47 13.92 10.67
N GLN A 766 -20.01 15.03 11.23
CA GLN A 766 -19.68 15.10 12.65
C GLN A 766 -20.71 15.98 13.33
N VAL A 767 -21.76 16.21 12.59
CA VAL A 767 -22.87 17.01 12.96
C VAL A 767 -24.03 16.11 13.27
N LYS A 768 -24.51 16.14 14.50
CA LYS A 768 -25.63 15.27 14.83
C LYS A 768 -26.92 16.01 14.51
N GLN A 769 -26.84 17.33 14.61
CA GLN A 769 -27.96 18.20 14.35
C GLN A 769 -27.54 19.20 13.33
N MET A 770 -28.30 19.35 12.28
CA MET A 770 -27.94 20.31 11.28
C MET A 770 -28.39 21.62 11.84
N TYR A 771 -27.53 22.60 11.83
CA TYR A 771 -27.95 23.86 12.38
C TYR A 771 -28.39 24.75 11.27
N LYS A 772 -29.46 25.48 11.50
CA LYS A 772 -29.88 26.42 10.49
C LYS A 772 -28.90 27.55 10.40
N THR A 773 -28.61 27.96 9.18
CA THR A 773 -27.73 29.07 8.94
C THR A 773 -28.39 30.30 9.57
N PRO A 774 -27.72 31.06 10.45
CA PRO A 774 -28.24 32.25 11.08
C PRO A 774 -28.54 33.28 10.01
N THR A 775 -29.51 34.13 10.27
CA THR A 775 -29.86 35.21 9.34
C THR A 775 -28.92 36.38 9.52
N LEU A 776 -28.21 36.35 10.63
CA LEU A 776 -27.22 37.33 10.99
C LEU A 776 -25.88 36.82 10.54
N LYS A 777 -25.16 37.58 9.74
CA LYS A 777 -23.86 37.11 9.30
C LYS A 777 -22.75 37.91 9.97
N TYR A 778 -23.13 38.89 10.76
CA TYR A 778 -22.17 39.78 11.39
C TYR A 778 -22.28 39.61 12.92
N PHE A 779 -21.33 38.89 13.48
CA PHE A 779 -21.38 38.46 14.87
C PHE A 779 -20.36 39.14 15.76
N GLY A 780 -20.74 40.16 16.50
CA GLY A 780 -19.76 40.82 17.36
C GLY A 780 -18.77 41.64 16.57
N GLY A 781 -19.09 41.89 15.31
CA GLY A 781 -18.22 42.59 14.39
C GLY A 781 -17.45 41.64 13.46
N PHE A 782 -17.54 40.34 13.72
CA PHE A 782 -16.85 39.34 12.92
C PHE A 782 -17.78 38.92 11.77
N ASN A 783 -17.36 39.17 10.53
CA ASN A 783 -18.14 38.95 9.32
C ASN A 783 -17.94 37.54 8.72
N PHE A 784 -19.01 36.71 8.75
CA PHE A 784 -19.10 35.33 8.28
C PHE A 784 -19.84 35.21 6.97
N SER A 785 -20.09 36.32 6.29
CA SER A 785 -20.88 36.27 5.06
C SER A 785 -20.25 35.41 4.01
N GLN A 786 -18.93 35.35 3.93
CA GLN A 786 -18.29 34.55 2.90
C GLN A 786 -17.99 33.13 3.34
N ILE A 787 -18.30 32.81 4.59
CA ILE A 787 -18.02 31.49 5.14
C ILE A 787 -19.30 30.65 5.05
N LEU A 788 -20.44 31.28 5.38
CA LEU A 788 -21.78 30.70 5.37
C LEU A 788 -22.49 30.87 4.02
N PRO A 789 -23.47 30.02 3.66
CA PRO A 789 -24.31 30.16 2.48
C PRO A 789 -25.10 31.46 2.49
N ASP A 790 -25.23 32.07 1.32
CA ASP A 790 -26.00 33.30 1.11
C ASP A 790 -27.48 32.98 0.94
N PRO A 791 -28.40 33.56 1.73
CA PRO A 791 -29.83 33.29 1.70
C PRO A 791 -30.58 33.71 0.44
N LEU A 792 -29.99 34.59 -0.39
CA LEU A 792 -30.68 35.03 -1.59
C LEU A 792 -30.13 34.39 -2.83
N LYS A 793 -28.83 34.10 -2.82
CA LYS A 793 -28.16 33.55 -3.96
C LYS A 793 -28.75 32.14 -4.24
N PRO A 794 -28.92 31.72 -5.50
CA PRO A 794 -29.41 30.41 -5.91
C PRO A 794 -28.62 29.18 -5.46
N THR A 795 -27.37 29.34 -5.08
CA THR A 795 -26.54 28.22 -4.66
C THR A 795 -26.76 27.81 -3.22
N LYS A 796 -26.23 26.65 -2.86
CA LYS A 796 -26.33 26.13 -1.51
C LYS A 796 -25.01 26.24 -0.78
N ARG A 797 -24.09 26.95 -1.40
CA ARG A 797 -22.73 27.09 -0.93
C ARG A 797 -22.36 28.51 -0.55
N SER A 798 -21.31 28.61 0.24
CA SER A 798 -20.76 29.89 0.67
C SER A 798 -19.99 30.49 -0.45
N PHE A 799 -19.60 31.75 -0.30
CA PHE A 799 -18.83 32.36 -1.36
C PHE A 799 -17.47 31.71 -1.50
N ILE A 800 -16.81 31.39 -0.40
CA ILE A 800 -15.52 30.75 -0.53
C ILE A 800 -15.68 29.40 -1.21
N GLU A 801 -16.72 28.63 -0.87
CA GLU A 801 -16.89 27.34 -1.53
C GLU A 801 -17.10 27.52 -3.02
N ASP A 802 -17.84 28.52 -3.44
CA ASP A 802 -17.96 28.68 -4.88
C ASP A 802 -16.63 28.93 -5.53
N LEU A 803 -15.73 29.63 -4.84
CA LEU A 803 -14.45 29.87 -5.47
C LEU A 803 -13.63 28.58 -5.53
N LEU A 804 -13.69 27.78 -4.47
CA LEU A 804 -12.89 26.56 -4.40
C LEU A 804 -13.29 25.57 -5.49
N PHE A 805 -14.58 25.52 -5.74
CA PHE A 805 -15.16 24.63 -6.72
C PHE A 805 -14.84 25.01 -8.15
N ASN A 806 -14.34 26.23 -8.38
CA ASN A 806 -14.04 26.66 -9.72
C ASN A 806 -12.57 26.49 -10.05
N LYS A 807 -11.77 25.95 -9.13
CA LYS A 807 -10.36 25.77 -9.40
C LYS A 807 -9.98 24.33 -9.64
N VAL A 808 -10.75 23.40 -9.11
CA VAL A 808 -10.42 22.00 -9.24
C VAL A 808 -11.31 21.37 -10.31
N THR A 809 -10.66 20.74 -11.33
CA THR A 809 -11.14 20.07 -12.55
C THR A 809 -10.34 20.68 -13.71
N GLY A 820 -17.60 6.42 -18.07
CA GLY A 820 -19.02 6.70 -18.22
C GLY A 820 -19.69 6.99 -16.85
N GLU A 821 -19.99 8.29 -16.56
CA GLU A 821 -20.69 8.75 -15.34
C GLU A 821 -22.02 9.39 -15.78
N CYS A 822 -23.17 8.93 -15.21
CA CYS A 822 -24.52 9.36 -15.60
C CYS A 822 -24.91 10.69 -14.91
N LEU A 823 -24.26 11.76 -15.39
CA LEU A 823 -24.37 13.13 -14.87
C LEU A 823 -25.58 13.93 -15.37
N GLY A 824 -26.08 14.87 -14.51
CA GLY A 824 -27.14 15.82 -14.78
C GLY A 824 -28.24 15.69 -13.73
N LEU A 831 -31.07 13.86 -16.81
CA LEU A 831 -29.64 13.57 -16.87
C LEU A 831 -29.33 12.85 -18.19
N ILE A 832 -28.02 12.73 -18.53
CA ILE A 832 -27.53 12.01 -19.72
C ILE A 832 -26.70 10.82 -19.24
N CYS A 833 -27.22 9.58 -19.44
CA CYS A 833 -26.57 8.37 -18.95
C CYS A 833 -25.91 7.73 -20.16
N ALA A 834 -24.61 8.01 -20.28
CA ALA A 834 -23.79 7.64 -21.43
C ALA A 834 -22.90 6.46 -21.09
N GLN A 835 -22.49 5.72 -22.10
CA GLN A 835 -21.58 4.61 -21.90
C GLN A 835 -20.44 4.62 -22.90
N LYS A 836 -19.32 4.01 -22.52
CA LYS A 836 -18.18 3.78 -23.40
C LYS A 836 -18.10 2.29 -23.71
N PHE A 837 -17.48 1.94 -24.85
CA PHE A 837 -17.39 0.53 -25.23
C PHE A 837 -16.58 -0.28 -24.26
N ASN A 838 -15.50 0.27 -23.81
CA ASN A 838 -14.71 -0.35 -22.78
C ASN A 838 -15.54 -0.28 -21.52
N GLY A 839 -15.59 -1.34 -20.73
CA GLY A 839 -16.44 -1.36 -19.53
C GLY A 839 -15.91 -0.59 -18.33
N LEU A 840 -15.60 0.69 -18.53
CA LEU A 840 -15.06 1.52 -17.46
C LEU A 840 -16.09 2.58 -17.13
N THR A 841 -16.65 2.51 -15.94
CA THR A 841 -17.67 3.47 -15.56
C THR A 841 -17.32 4.09 -14.24
N VAL A 842 -17.99 5.18 -13.91
CA VAL A 842 -17.78 5.82 -12.64
C VAL A 842 -19.09 5.94 -11.92
N LEU A 843 -19.10 5.49 -10.69
CA LEU A 843 -20.27 5.48 -9.87
C LEU A 843 -20.46 6.83 -9.22
N PRO A 844 -21.67 7.25 -8.92
CA PRO A 844 -21.91 8.46 -8.21
C PRO A 844 -21.55 8.24 -6.76
N PRO A 845 -21.16 9.29 -6.02
CA PRO A 845 -20.92 9.30 -4.60
C PRO A 845 -22.25 9.23 -3.93
N LEU A 846 -22.29 8.76 -2.70
CA LEU A 846 -23.54 8.78 -1.93
C LEU A 846 -23.85 10.16 -1.41
N LEU A 847 -22.85 10.85 -0.92
CA LEU A 847 -23.12 12.13 -0.35
C LEU A 847 -22.70 13.13 -1.43
N THR A 848 -23.66 13.82 -2.00
CA THR A 848 -23.41 14.71 -3.12
C THR A 848 -22.85 16.06 -2.70
N ASP A 849 -22.39 16.85 -3.65
CA ASP A 849 -21.75 18.11 -3.32
C ASP A 849 -22.59 19.06 -2.50
N ASP A 850 -23.89 19.11 -2.72
CA ASP A 850 -24.69 20.05 -1.97
C ASP A 850 -25.24 19.47 -0.68
N MET A 851 -24.88 18.22 -0.41
CA MET A 851 -25.22 17.59 0.85
C MET A 851 -24.01 17.83 1.72
N ILE A 852 -22.83 17.77 1.12
CA ILE A 852 -21.61 18.04 1.85
C ILE A 852 -21.64 19.48 2.31
N ALA A 853 -22.07 20.37 1.43
CA ALA A 853 -22.20 21.78 1.73
C ALA A 853 -23.18 22.02 2.88
N ALA A 854 -24.08 21.10 3.15
CA ALA A 854 -25.01 21.31 4.21
C ALA A 854 -24.31 21.06 5.53
N TYR A 855 -23.34 20.12 5.51
CA TYR A 855 -22.62 19.83 6.72
C TYR A 855 -21.66 20.92 7.01
N THR A 856 -21.06 21.49 5.98
CA THR A 856 -20.10 22.54 6.25
C THR A 856 -20.83 23.74 6.74
N ALA A 857 -22.01 24.01 6.22
CA ALA A 857 -22.78 25.13 6.71
C ALA A 857 -23.17 24.90 8.16
N ALA A 858 -23.54 23.66 8.52
CA ALA A 858 -23.91 23.35 9.90
C ALA A 858 -22.73 23.50 10.83
N LEU A 859 -21.55 23.09 10.38
CA LEU A 859 -20.36 23.18 11.22
C LEU A 859 -19.96 24.61 11.46
N VAL A 860 -20.07 25.46 10.44
CA VAL A 860 -19.73 26.85 10.62
C VAL A 860 -20.77 27.53 11.47
N SER A 861 -22.05 27.23 11.25
CA SER A 861 -23.09 27.86 12.03
C SER A 861 -22.96 27.48 13.47
N GLY A 862 -22.64 26.21 13.76
CA GLY A 862 -22.45 25.76 15.12
C GLY A 862 -21.25 26.47 15.73
N THR A 863 -20.18 26.64 14.96
CA THR A 863 -19.02 27.32 15.47
C THR A 863 -19.38 28.75 15.83
N ALA A 864 -20.08 29.44 14.95
CA ALA A 864 -20.45 30.83 15.16
C ALA A 864 -21.37 31.06 16.36
N THR A 865 -22.31 30.14 16.63
CA THR A 865 -23.25 30.39 17.71
C THR A 865 -23.07 29.58 18.99
N ALA A 866 -22.42 28.42 18.95
CA ALA A 866 -22.22 27.57 20.12
C ALA A 866 -20.76 27.44 20.52
N GLY A 867 -19.89 27.48 19.53
CA GLY A 867 -18.48 27.34 19.78
C GLY A 867 -18.09 25.90 20.06
N TRP A 868 -17.10 25.72 20.92
CA TRP A 868 -16.47 24.44 21.23
C TRP A 868 -17.40 23.49 21.95
N THR A 869 -18.52 24.02 22.44
CA THR A 869 -19.50 23.27 23.21
C THR A 869 -20.20 22.30 22.28
N PHE A 870 -20.05 22.54 21.00
CA PHE A 870 -20.59 21.80 19.91
C PHE A 870 -20.06 20.37 19.93
N GLY A 871 -18.78 20.18 20.27
CA GLY A 871 -18.18 18.86 20.26
C GLY A 871 -18.32 18.09 21.58
N ALA A 872 -19.04 18.62 22.56
CA ALA A 872 -19.12 17.94 23.85
C ALA A 872 -20.50 18.06 24.47
N GLY A 873 -21.40 17.18 24.08
CA GLY A 873 -22.78 17.27 24.57
C GLY A 873 -23.58 18.24 23.74
N ALA A 874 -24.66 18.76 24.31
CA ALA A 874 -25.55 19.64 23.57
C ALA A 874 -24.84 20.92 23.26
N ALA A 875 -25.10 21.49 22.09
CA ALA A 875 -24.54 22.79 21.78
C ALA A 875 -25.17 23.81 22.68
N LEU A 876 -24.37 24.75 23.16
CA LEU A 876 -24.83 25.80 24.05
C LEU A 876 -24.64 27.16 23.44
N GLN A 877 -25.67 27.96 23.28
CA GLN A 877 -25.41 29.23 22.64
C GLN A 877 -24.50 30.08 23.50
N ILE A 878 -23.62 30.81 22.86
CA ILE A 878 -22.73 31.74 23.52
C ILE A 878 -22.57 32.98 22.62
N PRO A 879 -22.54 34.22 23.12
CA PRO A 879 -22.30 35.39 22.32
C PRO A 879 -21.00 35.17 21.60
N PHE A 880 -20.88 35.59 20.36
CA PHE A 880 -19.65 35.30 19.64
C PHE A 880 -18.44 35.92 20.29
N ALA A 881 -18.53 37.19 20.66
CA ALA A 881 -17.37 37.80 21.26
C ALA A 881 -16.96 37.07 22.51
N MET A 882 -17.91 36.52 23.25
CA MET A 882 -17.54 35.82 24.44
C MET A 882 -16.87 34.50 24.11
N GLN A 883 -17.21 33.83 22.99
CA GLN A 883 -16.46 32.61 22.75
C GLN A 883 -15.08 33.00 22.30
N MET A 884 -14.92 34.17 21.69
CA MET A 884 -13.58 34.57 21.31
C MET A 884 -12.76 34.83 22.54
N ALA A 885 -13.36 35.41 23.58
CA ALA A 885 -12.63 35.65 24.81
C ALA A 885 -12.15 34.36 25.38
N TYR A 886 -13.00 33.35 25.32
CA TYR A 886 -12.63 32.02 25.78
C TYR A 886 -11.44 31.50 25.01
N ARG A 887 -11.51 31.61 23.68
CA ARG A 887 -10.44 31.13 22.83
C ARG A 887 -9.13 31.88 23.08
N PHE A 888 -9.18 33.20 23.30
CA PHE A 888 -7.98 33.97 23.62
C PHE A 888 -7.39 33.52 24.92
N ASN A 889 -8.23 33.23 25.87
CA ASN A 889 -7.77 32.84 27.18
C ASN A 889 -7.29 31.40 27.18
N GLY A 890 -7.40 30.70 26.06
CA GLY A 890 -6.95 29.35 25.95
C GLY A 890 -5.54 29.32 25.41
N ILE A 891 -5.01 30.49 25.03
CA ILE A 891 -3.66 30.60 24.46
C ILE A 891 -2.77 31.43 25.36
N GLY A 892 -3.25 31.73 26.56
CA GLY A 892 -2.49 32.47 27.56
C GLY A 892 -2.71 33.98 27.56
N VAL A 893 -3.41 34.48 26.57
CA VAL A 893 -3.68 35.89 26.45
C VAL A 893 -4.95 36.14 27.21
N THR A 894 -4.95 37.05 28.16
CA THR A 894 -6.18 37.15 28.91
C THR A 894 -7.26 37.74 28.05
N GLN A 895 -8.50 37.56 28.51
CA GLN A 895 -9.71 38.01 27.82
C GLN A 895 -9.82 39.50 27.69
N ASN A 896 -9.05 40.19 28.51
CA ASN A 896 -9.04 41.62 28.52
C ASN A 896 -8.58 42.10 27.18
N VAL A 897 -7.69 41.36 26.52
CA VAL A 897 -7.19 41.81 25.25
C VAL A 897 -8.32 41.84 24.27
N LEU A 898 -9.13 40.80 24.22
CA LEU A 898 -10.20 40.81 23.27
C LEU A 898 -11.21 41.89 23.54
N TYR A 899 -11.58 42.11 24.77
CA TYR A 899 -12.62 43.09 24.93
C TYR A 899 -12.13 44.51 24.74
N GLU A 900 -10.89 44.78 25.11
CA GLU A 900 -10.38 46.12 24.96
C GLU A 900 -10.06 46.44 23.49
N ASN A 901 -9.64 45.43 22.74
CA ASN A 901 -9.23 45.57 21.34
C ASN A 901 -10.20 44.87 20.40
N GLN A 902 -11.45 44.72 20.79
CA GLN A 902 -12.39 43.98 19.94
C GLN A 902 -12.51 44.52 18.55
N LYS A 903 -12.46 45.84 18.38
CA LYS A 903 -12.61 46.41 17.04
C LYS A 903 -11.46 46.03 16.14
N GLN A 904 -10.25 46.01 16.66
CA GLN A 904 -9.10 45.70 15.85
C GLN A 904 -9.05 44.25 15.54
N ILE A 905 -9.49 43.43 16.47
CA ILE A 905 -9.47 42.00 16.27
C ILE A 905 -10.48 41.65 15.21
N ALA A 906 -11.69 42.23 15.31
CA ALA A 906 -12.71 41.97 14.33
C ALA A 906 -12.27 42.47 12.96
N ASN A 907 -11.58 43.61 12.89
CA ASN A 907 -11.17 44.12 11.60
C ASN A 907 -10.09 43.25 10.98
N GLN A 908 -9.17 42.72 11.79
CA GLN A 908 -8.15 41.86 11.22
C GLN A 908 -8.79 40.57 10.71
N PHE A 909 -9.79 40.05 11.43
CA PHE A 909 -10.49 38.84 11.01
C PHE A 909 -11.13 39.07 9.66
N ASN A 910 -11.87 40.17 9.54
CA ASN A 910 -12.59 40.43 8.32
C ASN A 910 -11.66 40.67 7.16
N LYS A 911 -10.54 41.34 7.39
CA LYS A 911 -9.61 41.57 6.31
C LYS A 911 -8.96 40.29 5.87
N ALA A 912 -8.63 39.41 6.82
CA ALA A 912 -8.00 38.15 6.47
C ALA A 912 -8.92 37.33 5.59
N ILE A 913 -10.22 37.35 5.85
CA ILE A 913 -11.14 36.60 5.01
C ILE A 913 -11.16 37.16 3.61
N SER A 914 -11.20 38.48 3.48
CA SER A 914 -11.19 39.07 2.16
C SER A 914 -9.92 38.71 1.42
N GLN A 915 -8.79 38.66 2.11
CA GLN A 915 -7.56 38.30 1.44
C GLN A 915 -7.62 36.88 0.93
N ILE A 916 -8.24 35.97 1.69
CA ILE A 916 -8.34 34.60 1.21
C ILE A 916 -9.20 34.54 -0.01
N GLN A 917 -10.33 35.24 -0.02
CA GLN A 917 -11.17 35.19 -1.19
C GLN A 917 -10.40 35.67 -2.41
N GLU A 918 -9.64 36.77 -2.27
CA GLU A 918 -8.89 37.29 -3.39
C GLU A 918 -7.80 36.34 -3.86
N SER A 919 -7.12 35.68 -2.93
CA SER A 919 -6.07 34.77 -3.31
C SER A 919 -6.66 33.57 -4.01
N LEU A 920 -7.78 33.06 -3.54
CA LEU A 920 -8.37 31.94 -4.24
C LEU A 920 -8.85 32.35 -5.61
N THR A 921 -9.33 33.58 -5.76
CA THR A 921 -9.82 34.04 -7.04
C THR A 921 -8.73 34.06 -8.11
N THR A 922 -7.55 34.56 -7.77
CA THR A 922 -6.51 34.70 -8.79
C THR A 922 -5.34 33.71 -8.74
N THR A 923 -5.12 33.03 -7.62
CA THR A 923 -3.95 32.16 -7.51
C THR A 923 -4.22 30.71 -7.85
N SER A 924 -3.50 30.24 -8.85
CA SER A 924 -3.57 28.87 -9.30
C SER A 924 -2.67 28.07 -8.36
N THR A 925 -2.79 26.74 -8.39
CA THR A 925 -2.02 25.75 -7.60
C THR A 925 -2.42 25.74 -6.12
N ALA A 926 -3.24 26.69 -5.69
CA ALA A 926 -3.65 26.79 -4.31
C ALA A 926 -4.35 25.52 -3.85
N LEU A 927 -5.10 24.89 -4.75
CA LEU A 927 -5.80 23.66 -4.46
C LEU A 927 -5.18 22.50 -5.20
N GLY A 928 -3.88 22.56 -5.48
CA GLY A 928 -3.19 21.52 -6.22
C GLY A 928 -3.37 20.15 -5.59
N LYS A 929 -3.46 20.06 -4.27
CA LYS A 929 -3.65 18.75 -3.67
C LYS A 929 -4.94 18.07 -4.09
N LEU A 930 -5.98 18.83 -4.42
CA LEU A 930 -7.22 18.20 -4.83
C LEU A 930 -7.14 17.96 -6.31
N GLN A 931 -6.44 18.82 -7.03
CA GLN A 931 -6.31 18.65 -8.47
C GLN A 931 -5.54 17.38 -8.76
N ASP A 932 -4.59 17.05 -7.91
CA ASP A 932 -3.80 15.86 -8.11
C ASP A 932 -4.62 14.59 -8.11
N VAL A 933 -5.77 14.52 -7.45
CA VAL A 933 -6.43 13.23 -7.44
C VAL A 933 -7.35 13.14 -8.64
N VAL A 934 -7.50 14.26 -9.34
CA VAL A 934 -8.29 14.27 -10.52
C VAL A 934 -7.37 13.75 -11.60
N ASN A 935 -6.15 14.28 -11.61
CA ASN A 935 -5.20 13.90 -12.62
C ASN A 935 -4.66 12.49 -12.45
N GLN A 936 -4.47 12.02 -11.22
CA GLN A 936 -3.95 10.68 -11.04
C GLN A 936 -4.94 9.65 -11.50
N ASN A 937 -6.23 9.88 -11.27
CA ASN A 937 -7.22 8.92 -11.68
C ASN A 937 -7.45 9.01 -13.17
N ALA A 938 -7.35 10.21 -13.73
CA ALA A 938 -7.50 10.33 -15.16
C ALA A 938 -6.41 9.56 -15.85
N GLN A 939 -5.19 9.62 -15.32
CA GLN A 939 -4.11 8.90 -15.94
C GLN A 939 -4.27 7.42 -15.77
N ALA A 940 -4.71 6.96 -14.60
CA ALA A 940 -4.83 5.53 -14.43
C ALA A 940 -5.85 4.96 -15.39
N LEU A 941 -6.95 5.67 -15.61
CA LEU A 941 -7.94 5.18 -16.54
C LEU A 941 -7.48 5.31 -17.97
N ASN A 942 -6.73 6.35 -18.29
CA ASN A 942 -6.29 6.49 -19.64
C ASN A 942 -5.28 5.42 -20.00
N THR A 943 -4.39 5.05 -19.07
CA THR A 943 -3.45 4.03 -19.46
C THR A 943 -4.15 2.72 -19.51
N LEU A 944 -5.19 2.51 -18.70
CA LEU A 944 -5.89 1.25 -18.76
C LEU A 944 -6.63 1.08 -20.06
N VAL A 945 -7.35 2.09 -20.50
CA VAL A 945 -8.13 1.92 -21.70
C VAL A 945 -7.25 1.80 -22.91
N LYS A 946 -6.11 2.45 -22.90
CA LYS A 946 -5.24 2.38 -24.05
C LYS A 946 -4.51 1.07 -24.18
N GLN A 947 -4.60 0.17 -23.20
CA GLN A 947 -3.88 -1.07 -23.34
C GLN A 947 -4.67 -1.99 -24.21
N LEU A 948 -5.89 -1.62 -24.52
CA LEU A 948 -6.73 -2.44 -25.34
C LEU A 948 -6.23 -2.41 -26.76
N SER A 949 -5.41 -1.43 -27.11
CA SER A 949 -4.89 -1.31 -28.45
C SER A 949 -3.62 -2.10 -28.65
N SER A 950 -3.05 -2.65 -27.59
CA SER A 950 -1.81 -3.38 -27.67
C SER A 950 -2.06 -4.79 -28.15
N ASN A 951 -1.08 -5.36 -28.83
CA ASN A 951 -1.21 -6.72 -29.33
C ASN A 951 -0.75 -7.79 -28.36
N PHE A 952 0.25 -7.49 -27.56
CA PHE A 952 0.80 -8.43 -26.59
C PHE A 952 1.29 -9.72 -27.24
N GLY A 953 1.77 -9.66 -28.47
CA GLY A 953 2.25 -10.84 -29.18
C GLY A 953 1.19 -11.39 -30.14
N ALA A 954 -0.03 -10.89 -30.03
CA ALA A 954 -1.11 -11.31 -30.89
C ALA A 954 -0.95 -10.72 -32.25
N ILE A 955 -1.59 -11.30 -33.25
CA ILE A 955 -1.55 -10.74 -34.59
C ILE A 955 -2.14 -9.35 -34.60
N SER A 956 -3.27 -9.21 -33.94
CA SER A 956 -3.93 -7.93 -33.86
C SER A 956 -4.69 -7.82 -32.55
N SER A 957 -4.95 -6.60 -32.13
CA SER A 957 -5.67 -6.25 -30.91
C SER A 957 -7.18 -6.48 -30.97
N VAL A 958 -7.69 -6.69 -32.16
CA VAL A 958 -9.11 -6.85 -32.31
C VAL A 958 -9.53 -8.31 -32.33
N LEU A 959 -10.37 -8.69 -31.37
CA LEU A 959 -10.81 -10.08 -31.26
C LEU A 959 -11.59 -10.51 -32.48
N ASN A 960 -12.32 -9.59 -33.07
CA ASN A 960 -13.10 -9.90 -34.24
C ASN A 960 -12.20 -10.22 -35.42
N ASP A 961 -11.02 -9.60 -35.48
CA ASP A 961 -10.10 -9.82 -36.57
C ASP A 961 -9.46 -11.17 -36.39
N ILE A 962 -9.15 -11.51 -35.14
CA ILE A 962 -8.53 -12.80 -34.89
C ILE A 962 -9.47 -13.91 -35.30
N LEU A 963 -10.73 -13.79 -34.91
CA LEU A 963 -11.70 -14.81 -35.23
C LEU A 963 -12.04 -14.87 -36.71
N SER A 964 -12.10 -13.73 -37.40
CA SER A 964 -12.36 -13.75 -38.82
C SER A 964 -11.21 -14.41 -39.58
N ARG A 965 -9.99 -14.01 -39.20
CA ARG A 965 -8.74 -14.45 -39.78
C ARG A 965 -8.36 -15.92 -39.55
N LEU A 966 -8.51 -16.41 -38.32
CA LEU A 966 -8.06 -17.75 -38.00
C LEU A 966 -9.12 -18.75 -37.62
N ASP A 967 -8.92 -19.98 -38.04
CA ASP A 967 -9.76 -21.07 -37.59
C ASP A 967 -9.53 -21.20 -36.08
N PRO A 968 -10.54 -21.58 -35.26
CA PRO A 968 -10.45 -21.75 -33.81
C PRO A 968 -9.18 -22.41 -33.24
N PRO A 969 -8.58 -23.49 -33.80
CA PRO A 969 -7.39 -24.12 -33.25
C PRO A 969 -6.20 -23.16 -33.17
N GLU A 970 -6.24 -22.09 -33.97
CA GLU A 970 -5.18 -21.10 -33.98
C GLU A 970 -5.68 -19.79 -33.37
N ALA A 971 -6.98 -19.51 -33.56
CA ALA A 971 -7.57 -18.27 -33.08
C ALA A 971 -7.49 -18.21 -31.58
N GLU A 972 -7.63 -19.36 -30.94
CA GLU A 972 -7.57 -19.41 -29.50
C GLU A 972 -6.21 -19.01 -28.97
N VAL A 973 -5.15 -19.26 -29.73
CA VAL A 973 -3.84 -18.92 -29.24
C VAL A 973 -3.72 -17.42 -29.23
N GLN A 974 -4.18 -16.80 -30.30
CA GLN A 974 -4.07 -15.38 -30.40
C GLN A 974 -4.95 -14.70 -29.36
N ILE A 975 -6.10 -15.30 -29.06
CA ILE A 975 -6.95 -14.73 -28.04
C ILE A 975 -6.28 -14.86 -26.70
N ASP A 976 -5.67 -16.01 -26.38
CA ASP A 976 -5.00 -16.13 -25.10
C ASP A 976 -3.91 -15.07 -24.95
N ARG A 977 -3.23 -14.71 -26.03
CA ARG A 977 -2.22 -13.68 -25.88
C ARG A 977 -2.87 -12.37 -25.44
N LEU A 978 -4.05 -12.05 -26.02
CA LEU A 978 -4.72 -10.82 -25.62
C LEU A 978 -5.32 -10.92 -24.23
N ILE A 979 -5.82 -12.09 -23.84
CA ILE A 979 -6.39 -12.25 -22.52
C ILE A 979 -5.35 -12.05 -21.47
N THR A 980 -4.18 -12.65 -21.66
CA THR A 980 -3.16 -12.49 -20.66
C THR A 980 -2.79 -11.02 -20.54
N GLY A 981 -2.61 -10.33 -21.66
CA GLY A 981 -2.25 -8.93 -21.60
C GLY A 981 -3.29 -8.06 -20.92
N ARG A 982 -4.58 -8.35 -21.16
CA ARG A 982 -5.63 -7.56 -20.57
C ARG A 982 -5.83 -7.91 -19.09
N LEU A 983 -5.66 -9.17 -18.69
CA LEU A 983 -5.74 -9.43 -17.27
C LEU A 983 -4.62 -8.72 -16.57
N GLN A 984 -3.46 -8.66 -17.19
CA GLN A 984 -2.37 -8.00 -16.53
C GLN A 984 -2.61 -6.52 -16.40
N SER A 985 -3.19 -5.86 -17.41
CA SER A 985 -3.43 -4.43 -17.25
C SER A 985 -4.51 -4.15 -16.22
N LEU A 986 -5.49 -5.05 -16.07
CA LEU A 986 -6.47 -4.82 -15.03
C LEU A 986 -5.84 -4.99 -13.69
N GLN A 987 -4.94 -5.96 -13.55
CA GLN A 987 -4.31 -6.15 -12.26
C GLN A 987 -3.43 -5.00 -11.89
N THR A 988 -2.71 -4.40 -12.84
CA THR A 988 -1.87 -3.28 -12.46
C THR A 988 -2.74 -2.09 -12.12
N TYR A 989 -3.87 -1.91 -12.81
CA TYR A 989 -4.79 -0.84 -12.49
C TYR A 989 -5.34 -1.01 -11.10
N VAL A 990 -5.84 -2.19 -10.80
CA VAL A 990 -6.44 -2.39 -9.50
C VAL A 990 -5.42 -2.21 -8.41
N THR A 991 -4.22 -2.75 -8.58
CA THR A 991 -3.24 -2.61 -7.54
C THR A 991 -2.90 -1.16 -7.29
N GLN A 992 -2.70 -0.35 -8.33
CA GLN A 992 -2.37 1.03 -8.04
C GLN A 992 -3.56 1.77 -7.44
N GLN A 993 -4.79 1.34 -7.73
CA GLN A 993 -5.92 2.02 -7.12
C GLN A 993 -5.99 1.66 -5.66
N LEU A 994 -5.61 0.44 -5.28
CA LEU A 994 -5.64 0.06 -3.88
C LEU A 994 -4.59 0.80 -3.09
N ILE A 995 -3.42 0.99 -3.70
CA ILE A 995 -2.37 1.70 -2.97
C ILE A 995 -2.78 3.14 -2.86
N ARG A 996 -3.24 3.72 -3.96
CA ARG A 996 -3.66 5.10 -3.95
C ARG A 996 -4.81 5.32 -2.99
N ALA A 997 -5.75 4.39 -2.93
CA ALA A 997 -6.87 4.53 -2.04
C ALA A 997 -6.40 4.56 -0.61
N ALA A 998 -5.35 3.79 -0.29
CA ALA A 998 -4.83 3.81 1.06
C ALA A 998 -4.26 5.18 1.40
N GLU A 999 -3.62 5.83 0.43
CA GLU A 999 -3.08 7.16 0.65
C GLU A 999 -4.21 8.16 0.88
N ILE A 1000 -5.29 8.01 0.14
CA ILE A 1000 -6.44 8.87 0.30
C ILE A 1000 -7.05 8.65 1.65
N ARG A 1001 -7.14 7.40 2.09
CA ARG A 1001 -7.73 7.17 3.39
C ARG A 1001 -6.90 7.83 4.46
N ALA A 1002 -5.58 7.78 4.36
CA ALA A 1002 -4.79 8.45 5.36
C ALA A 1002 -5.11 9.95 5.40
N SER A 1003 -5.32 10.57 4.23
CA SER A 1003 -5.67 11.98 4.18
C SER A 1003 -7.05 12.21 4.76
N ALA A 1004 -7.99 11.31 4.48
CA ALA A 1004 -9.33 11.45 5.02
C ALA A 1004 -9.32 11.33 6.52
N ASN A 1005 -8.48 10.45 7.07
CA ASN A 1005 -8.44 10.28 8.50
C ASN A 1005 -7.83 11.49 9.16
N LEU A 1006 -6.85 12.08 8.52
CA LEU A 1006 -6.25 13.27 9.07
C LEU A 1006 -7.23 14.42 9.00
N ALA A 1007 -7.97 14.53 7.90
CA ALA A 1007 -8.93 15.59 7.76
C ALA A 1007 -10.01 15.43 8.80
N ALA A 1008 -10.42 14.20 9.09
CA ALA A 1008 -11.42 13.96 10.09
C ALA A 1008 -10.92 14.33 11.45
N THR A 1009 -9.62 14.09 11.70
CA THR A 1009 -9.01 14.45 12.98
C THR A 1009 -9.03 15.95 13.12
N LYS A 1010 -8.67 16.67 12.08
CA LYS A 1010 -8.68 18.12 12.12
C LYS A 1010 -10.09 18.64 12.27
N MET A 1011 -11.05 17.98 11.67
CA MET A 1011 -12.38 18.48 11.86
C MET A 1011 -12.71 18.42 13.34
N SER A 1012 -12.39 17.30 14.00
CA SER A 1012 -12.70 17.15 15.41
C SER A 1012 -11.93 18.08 16.32
N GLU A 1013 -10.65 18.29 16.05
CA GLU A 1013 -9.81 19.10 16.93
C GLU A 1013 -9.67 20.59 16.61
N CYS A 1014 -9.82 20.99 15.32
CA CYS A 1014 -9.65 22.35 14.83
C CYS A 1014 -11.02 23.02 14.76
N VAL A 1015 -12.03 22.31 14.24
CA VAL A 1015 -13.34 22.91 14.07
C VAL A 1015 -14.23 22.78 15.29
N LEU A 1016 -14.28 21.60 15.88
CA LEU A 1016 -15.14 21.37 17.01
C LEU A 1016 -14.48 21.61 18.36
N GLY A 1017 -13.27 22.13 18.36
CA GLY A 1017 -12.54 22.41 19.58
C GLY A 1017 -11.62 23.59 19.41
N GLN A 1018 -10.47 23.52 20.09
CA GLN A 1018 -9.38 24.49 20.04
C GLN A 1018 -8.14 23.63 20.18
N SER A 1019 -7.18 23.80 19.30
CA SER A 1019 -5.99 22.97 19.36
C SER A 1019 -4.87 23.54 20.19
N LYS A 1020 -4.18 22.65 20.89
CA LYS A 1020 -2.99 22.98 21.67
C LYS A 1020 -1.75 22.32 21.08
N ARG A 1021 -1.90 21.76 19.91
CA ARG A 1021 -0.85 21.08 19.20
C ARG A 1021 -0.15 22.04 18.26
N VAL A 1022 1.14 22.21 18.42
CA VAL A 1022 1.87 23.18 17.63
C VAL A 1022 1.90 22.83 16.16
N ASP A 1023 1.58 23.84 15.35
CA ASP A 1023 1.49 23.79 13.90
C ASP A 1023 0.43 22.83 13.40
N PHE A 1024 -0.43 22.38 14.29
CA PHE A 1024 -1.53 21.57 13.89
C PHE A 1024 -2.63 22.59 13.90
N CYS A 1025 -3.45 22.66 12.85
CA CYS A 1025 -4.52 23.66 12.67
C CYS A 1025 -3.88 25.06 12.37
N GLY A 1026 -2.76 25.07 11.66
CA GLY A 1026 -2.16 26.33 11.23
C GLY A 1026 -1.03 26.82 12.11
N LYS A 1027 -0.28 27.78 11.56
CA LYS A 1027 0.84 28.40 12.27
C LYS A 1027 0.33 29.50 13.18
N GLY A 1028 0.90 29.61 14.38
CA GLY A 1028 0.50 30.63 15.33
C GLY A 1028 -0.37 29.95 16.38
N TYR A 1029 -0.96 30.71 17.27
CA TYR A 1029 -1.73 30.09 18.30
C TYR A 1029 -3.12 29.87 17.76
N HIS A 1030 -3.62 28.66 17.81
CA HIS A 1030 -4.92 28.43 17.22
C HIS A 1030 -6.06 29.00 17.99
N LEU A 1031 -7.01 29.62 17.28
CA LEU A 1031 -8.22 30.11 17.91
C LEU A 1031 -9.42 29.32 17.45
N MET A 1032 -9.62 29.16 16.13
CA MET A 1032 -10.79 28.46 15.57
C MET A 1032 -10.62 28.13 14.09
N SER A 1033 -11.43 27.23 13.55
CA SER A 1033 -11.34 26.92 12.13
C SER A 1033 -12.67 26.73 11.44
N PHE A 1034 -12.68 26.88 10.11
CA PHE A 1034 -13.89 26.70 9.32
C PHE A 1034 -13.73 25.69 8.16
N PRO A 1035 -14.48 24.62 8.12
CA PRO A 1035 -14.42 23.52 7.17
C PRO A 1035 -15.07 23.75 5.83
N GLN A 1036 -14.47 24.49 4.93
CA GLN A 1036 -15.14 24.76 3.65
C GLN A 1036 -15.05 23.53 2.72
N ALA A 1037 -16.11 23.20 1.99
CA ALA A 1037 -16.06 22.06 1.07
C ALA A 1037 -15.30 22.37 -0.20
N ALA A 1038 -14.76 21.35 -0.83
CA ALA A 1038 -14.11 21.50 -2.12
C ALA A 1038 -14.29 20.20 -2.91
N PRO A 1039 -14.15 20.16 -4.23
CA PRO A 1039 -14.25 18.94 -4.96
C PRO A 1039 -13.25 17.97 -4.40
N HIS A 1040 -13.70 16.76 -4.13
CA HIS A 1040 -12.86 15.70 -3.59
C HIS A 1040 -12.16 16.04 -2.29
N GLY A 1041 -12.67 16.98 -1.51
CA GLY A 1041 -11.95 17.28 -0.29
C GLY A 1041 -12.51 18.38 0.55
N VAL A 1042 -11.70 18.77 1.52
CA VAL A 1042 -12.07 19.80 2.47
C VAL A 1042 -10.95 20.79 2.55
N VAL A 1043 -11.30 22.06 2.68
CA VAL A 1043 -10.35 23.11 2.85
C VAL A 1043 -10.64 23.79 4.16
N PHE A 1044 -9.67 23.86 5.03
CA PHE A 1044 -9.94 24.48 6.30
C PHE A 1044 -9.38 25.86 6.33
N LEU A 1045 -10.14 26.78 6.88
CA LEU A 1045 -9.65 28.12 7.06
C LEU A 1045 -9.26 28.15 8.51
N HIS A 1046 -7.98 28.26 8.80
CA HIS A 1046 -7.52 28.21 10.19
C HIS A 1046 -7.19 29.58 10.69
N VAL A 1047 -7.87 29.99 11.75
CA VAL A 1047 -7.71 31.32 12.29
C VAL A 1047 -6.77 31.23 13.45
N THR A 1048 -5.65 31.93 13.37
CA THR A 1048 -4.66 31.88 14.41
C THR A 1048 -4.21 33.27 14.87
N TYR A 1049 -3.66 33.32 16.06
CA TYR A 1049 -3.11 34.51 16.66
C TYR A 1049 -1.61 34.52 16.53
N VAL A 1050 -1.07 35.52 15.86
CA VAL A 1050 0.35 35.60 15.70
C VAL A 1050 0.87 36.79 16.47
N PRO A 1051 1.69 36.63 17.51
CA PRO A 1051 2.24 37.70 18.31
C PRO A 1051 3.11 38.56 17.44
N SER A 1052 3.20 39.86 17.73
CA SER A 1052 4.06 40.72 16.94
C SER A 1052 4.59 41.94 17.68
N GLN A 1053 5.37 42.73 16.97
CA GLN A 1053 5.91 43.96 17.51
C GLN A 1053 6.60 43.76 18.85
N GLU A 1054 7.56 42.86 18.95
CA GLU A 1054 8.20 42.64 20.23
C GLU A 1054 9.09 43.76 20.67
N ARG A 1055 9.26 43.87 21.98
CA ARG A 1055 10.13 44.85 22.60
C ARG A 1055 11.08 44.11 23.55
N ASN A 1056 12.36 44.56 23.67
CA ASN A 1056 13.40 43.99 24.53
C ASN A 1056 13.32 44.54 25.97
N PHE A 1057 13.02 43.66 26.94
CA PHE A 1057 12.86 43.97 28.37
C PHE A 1057 13.92 43.30 29.22
N THR A 1058 14.28 43.92 30.34
CA THR A 1058 15.23 43.29 31.24
C THR A 1058 14.46 42.42 32.23
N THR A 1059 14.94 41.22 32.50
CA THR A 1059 14.23 40.29 33.38
C THR A 1059 14.91 39.86 34.63
N ALA A 1060 14.12 39.21 35.47
CA ALA A 1060 14.63 38.55 36.65
C ALA A 1060 13.74 37.35 36.94
N PRO A 1061 14.28 36.21 37.39
CA PRO A 1061 13.52 35.04 37.80
C PRO A 1061 12.77 35.20 39.10
N ALA A 1062 13.21 36.13 39.94
CA ALA A 1062 12.58 36.34 41.22
C ALA A 1062 12.95 37.69 41.80
N ILE A 1063 12.14 38.14 42.71
CA ILE A 1063 12.39 39.33 43.51
C ILE A 1063 12.71 39.01 44.96
N CYS A 1064 13.77 39.62 45.51
CA CYS A 1064 14.18 39.48 46.89
C CYS A 1064 13.58 40.61 47.72
N HIS A 1065 12.63 40.27 48.56
CA HIS A 1065 11.97 41.28 49.34
C HIS A 1065 11.83 40.83 50.77
N GLU A 1066 12.46 41.60 51.65
CA GLU A 1066 12.51 41.29 53.08
C GLU A 1066 13.05 39.89 53.33
N GLY A 1067 14.03 39.49 52.54
CA GLY A 1067 14.66 38.19 52.69
C GLY A 1067 13.96 37.02 52.01
N LYS A 1068 12.82 37.24 51.37
CA LYS A 1068 12.11 36.15 50.73
C LYS A 1068 12.15 36.26 49.21
N ALA A 1069 12.13 35.12 48.54
CA ALA A 1069 12.10 35.12 47.09
C ALA A 1069 10.68 35.00 46.53
N TYR A 1070 10.30 36.01 45.76
CA TYR A 1070 9.00 36.10 45.13
C TYR A 1070 9.09 35.75 43.67
N PHE A 1071 8.39 34.72 43.26
CA PHE A 1071 8.42 34.27 41.88
C PHE A 1071 7.16 34.78 41.22
N PRO A 1072 7.13 35.01 39.92
CA PRO A 1072 5.93 35.46 39.27
C PRO A 1072 4.90 34.37 39.34
N ARG A 1073 3.66 34.69 39.70
CA ARG A 1073 2.65 33.64 39.77
C ARG A 1073 2.32 33.10 38.40
N GLU A 1074 2.22 34.01 37.46
CA GLU A 1074 1.91 33.73 36.07
C GLU A 1074 2.58 34.83 35.27
N GLY A 1075 3.31 34.48 34.25
CA GLY A 1075 4.00 35.50 33.47
C GLY A 1075 5.44 35.65 33.92
N VAL A 1076 6.03 36.77 33.54
CA VAL A 1076 7.45 37.06 33.71
C VAL A 1076 7.73 38.45 34.29
N PHE A 1077 8.73 38.56 35.18
CA PHE A 1077 9.06 39.88 35.69
C PHE A 1077 9.93 40.61 34.70
N VAL A 1078 9.52 41.82 34.36
CA VAL A 1078 10.24 42.66 33.42
C VAL A 1078 10.47 44.08 33.88
N PHE A 1079 11.50 44.68 33.37
CA PHE A 1079 11.82 46.05 33.67
C PHE A 1079 11.67 46.88 32.40
N ASN A 1080 10.89 47.97 32.48
CA ASN A 1080 10.56 48.88 31.37
C ASN A 1080 11.51 50.09 31.24
N GLY A 1081 12.63 50.09 31.98
CA GLY A 1081 13.66 51.13 32.07
C GLY A 1081 13.49 51.99 33.31
N THR A 1082 12.33 51.94 33.95
CA THR A 1082 12.09 52.70 35.15
C THR A 1082 11.70 51.81 36.30
N SER A 1083 10.67 51.00 36.10
CA SER A 1083 10.15 50.15 37.16
C SER A 1083 9.97 48.70 36.76
N TRP A 1084 9.91 47.84 37.78
CA TRP A 1084 9.63 46.43 37.58
C TRP A 1084 8.15 46.15 37.62
N PHE A 1085 7.71 45.39 36.64
CA PHE A 1085 6.33 44.97 36.44
C PHE A 1085 6.24 43.51 36.14
N ILE A 1086 5.10 42.94 36.36
CA ILE A 1086 4.91 41.56 35.96
C ILE A 1086 3.97 41.51 34.79
N THR A 1087 4.34 40.81 33.74
CA THR A 1087 3.42 40.77 32.61
C THR A 1087 3.33 39.40 31.99
N GLN A 1088 2.43 39.23 31.03
CA GLN A 1088 2.31 37.94 30.42
C GLN A 1088 3.26 37.77 29.24
N ARG A 1089 3.75 36.56 29.09
CA ARG A 1089 4.71 36.23 28.05
C ARG A 1089 4.29 36.52 26.62
N ASN A 1090 3.00 36.38 26.29
CA ASN A 1090 2.59 36.60 24.91
C ASN A 1090 2.03 37.97 24.59
N PHE A 1091 1.99 38.90 25.54
CA PHE A 1091 1.43 40.20 25.22
C PHE A 1091 1.79 41.19 26.31
N PHE A 1092 2.53 42.21 25.98
CA PHE A 1092 2.94 43.12 27.01
C PHE A 1092 1.81 43.96 27.54
N SER A 1093 1.63 43.82 28.82
CA SER A 1093 0.61 44.52 29.58
C SER A 1093 1.06 44.49 31.03
N PRO A 1094 1.84 45.45 31.49
CA PRO A 1094 2.51 45.44 32.77
C PRO A 1094 1.56 45.58 33.89
N GLN A 1095 1.74 44.78 34.93
CA GLN A 1095 0.93 44.88 36.11
C GLN A 1095 1.82 45.28 37.26
N ILE A 1096 1.25 45.88 38.28
CA ILE A 1096 2.02 46.19 39.47
C ILE A 1096 2.30 44.90 40.19
N ILE A 1097 3.54 44.75 40.64
CA ILE A 1097 3.89 43.55 41.35
C ILE A 1097 3.45 43.71 42.77
N THR A 1098 2.54 42.85 43.17
CA THR A 1098 1.92 42.86 44.46
C THR A 1098 2.00 41.45 44.95
N THR A 1099 1.60 41.23 46.19
CA THR A 1099 1.60 39.91 46.78
C THR A 1099 0.55 38.96 46.19
N ASP A 1100 -0.32 39.47 45.32
CA ASP A 1100 -1.34 38.66 44.67
C ASP A 1100 -0.80 38.04 43.39
N ASN A 1101 0.20 38.69 42.79
CA ASN A 1101 0.76 38.29 41.51
C ASN A 1101 2.02 37.47 41.67
N THR A 1102 2.34 37.12 42.91
CA THR A 1102 3.55 36.40 43.22
C THR A 1102 3.36 35.15 44.04
N PHE A 1103 4.34 34.28 43.98
CA PHE A 1103 4.39 33.06 44.74
C PHE A 1103 5.64 33.07 45.61
N VAL A 1104 5.52 33.06 46.92
CA VAL A 1104 6.75 33.13 47.72
C VAL A 1104 7.29 31.78 48.06
N SER A 1105 8.58 31.58 47.80
CA SER A 1105 9.19 30.32 48.15
C SER A 1105 10.67 30.40 48.42
N GLY A 1106 11.07 30.12 49.65
CA GLY A 1106 12.48 30.12 49.99
C GLY A 1106 13.08 31.49 50.25
N ASN A 1107 14.38 31.47 50.52
CA ASN A 1107 15.17 32.65 50.81
C ASN A 1107 15.80 33.19 49.52
N CYS A 1108 16.59 34.26 49.60
CA CYS A 1108 17.20 34.98 48.47
C CYS A 1108 18.59 34.45 48.09
N ASP A 1109 19.06 33.42 48.78
CA ASP A 1109 20.41 32.97 48.52
C ASP A 1109 20.51 31.94 47.42
N VAL A 1110 19.45 31.18 47.26
CA VAL A 1110 19.43 30.09 46.31
C VAL A 1110 19.19 30.47 44.84
N VAL A 1111 18.37 31.48 44.56
CA VAL A 1111 18.05 31.83 43.18
C VAL A 1111 19.14 32.64 42.50
N ILE A 1112 19.53 32.21 41.32
CA ILE A 1112 20.54 32.92 40.56
C ILE A 1112 19.91 34.09 39.82
N GLY A 1113 20.40 35.30 40.02
CA GLY A 1113 19.82 36.45 39.34
C GLY A 1113 18.65 37.12 40.03
N ILE A 1114 18.47 36.89 41.30
CA ILE A 1114 17.37 37.48 42.05
C ILE A 1114 17.65 38.97 42.20
N ILE A 1115 16.62 39.81 42.10
CA ILE A 1115 16.85 41.27 42.20
C ILE A 1115 16.17 41.90 43.43
N ASN A 1116 16.69 43.07 43.91
CA ASN A 1116 16.16 43.77 45.08
C ASN A 1116 15.03 44.77 44.71
N ASN A 1117 13.87 44.23 44.32
CA ASN A 1117 12.67 45.03 44.02
C ASN A 1117 11.75 45.07 45.24
N THR A 1118 10.64 45.79 45.15
CA THR A 1118 9.69 45.86 46.25
C THR A 1118 8.35 45.31 45.82
N VAL A 1119 7.79 44.41 46.62
CA VAL A 1119 6.49 43.82 46.33
C VAL A 1119 5.40 44.49 47.16
N TYR A 1120 4.41 45.05 46.47
CA TYR A 1120 3.32 45.78 47.11
C TYR A 1120 2.35 44.93 47.91
N ASP A 1121 1.99 45.41 49.11
CA ASP A 1121 1.03 44.75 49.99
C ASP A 1121 -0.33 45.50 50.03
N PRO A 1122 -1.39 45.00 49.37
CA PRO A 1122 -2.73 45.58 49.26
C PRO A 1122 -3.48 45.73 50.56
N LEU A 1123 -3.01 45.11 51.64
CA LEU A 1123 -3.76 45.19 52.87
C LEU A 1123 -3.41 46.42 53.68
N GLN A 1124 -2.42 47.19 53.23
CA GLN A 1124 -2.02 48.38 53.95
C GLN A 1124 -3.12 49.47 53.88
N PRO A 1125 -3.68 50.04 55.03
CA PRO A 1125 -4.68 51.10 55.03
C PRO A 1125 -3.98 52.48 54.98
N VAL B 2 1.27 48.15 -53.85
CA VAL B 2 -0.05 48.40 -53.27
C VAL B 2 0.24 49.22 -52.01
N GLN B 3 -0.63 50.23 -51.70
CA GLN B 3 -0.44 51.10 -50.52
C GLN B 3 -1.58 50.97 -49.55
N LEU B 4 -1.25 50.58 -48.35
CA LEU B 4 -2.25 50.43 -47.32
C LEU B 4 -2.55 51.82 -46.74
N VAL B 5 -3.83 52.19 -46.67
CA VAL B 5 -4.19 53.53 -46.21
C VAL B 5 -4.99 53.54 -44.93
N GLN B 6 -4.50 54.25 -43.95
CA GLN B 6 -5.11 54.27 -42.63
C GLN B 6 -5.85 55.54 -42.26
N SER B 7 -6.75 55.38 -41.30
CA SER B 7 -7.39 56.52 -40.64
C SER B 7 -6.31 57.15 -39.77
N GLY B 8 -6.56 58.30 -39.15
CA GLY B 8 -5.53 58.90 -38.31
C GLY B 8 -5.99 60.10 -37.53
N ALA B 9 -5.07 60.67 -36.75
CA ALA B 9 -5.31 61.83 -35.89
C ALA B 9 -6.52 61.63 -34.96
N GLU B 10 -6.61 60.48 -34.29
CA GLU B 10 -7.77 60.25 -33.44
C GLU B 10 -7.43 60.48 -31.96
N VAL B 11 -8.37 61.08 -31.22
CA VAL B 11 -8.19 61.29 -29.79
C VAL B 11 -9.37 60.69 -29.04
N LYS B 12 -9.07 59.84 -28.07
CA LYS B 12 -10.07 59.11 -27.32
C LYS B 12 -9.97 59.23 -25.80
N LYS B 13 -11.10 58.96 -25.17
CA LYS B 13 -11.29 58.93 -23.72
C LYS B 13 -10.55 57.76 -23.05
N PRO B 14 -10.19 57.86 -21.74
CA PRO B 14 -9.41 56.92 -20.92
C PRO B 14 -10.08 55.57 -20.68
N GLY B 15 -11.34 55.46 -21.06
CA GLY B 15 -12.11 54.24 -20.94
C GLY B 15 -13.07 54.24 -22.14
N SER B 16 -12.54 53.91 -23.32
CA SER B 16 -13.32 54.04 -24.56
C SER B 16 -13.13 52.94 -25.60
N SER B 17 -13.83 53.08 -26.74
CA SER B 17 -13.73 52.09 -27.80
C SER B 17 -13.55 52.74 -29.17
N VAL B 18 -12.44 52.38 -29.82
CA VAL B 18 -12.07 52.93 -31.12
C VAL B 18 -11.85 51.89 -32.21
N LYS B 19 -12.44 52.10 -33.38
CA LYS B 19 -12.21 51.17 -34.47
C LYS B 19 -11.40 51.82 -35.56
N VAL B 20 -10.22 51.28 -35.79
CA VAL B 20 -9.27 51.76 -36.76
C VAL B 20 -9.42 51.02 -38.07
N SER B 21 -9.53 51.75 -39.17
CA SER B 21 -9.67 51.08 -40.45
C SER B 21 -8.43 51.28 -41.33
N CYS B 22 -8.15 50.25 -42.18
CA CYS B 22 -7.09 50.23 -43.19
C CYS B 22 -7.59 49.71 -44.55
N LYS B 23 -7.39 50.48 -45.60
CA LYS B 23 -7.84 50.06 -46.93
C LYS B 23 -6.68 49.67 -47.82
N ALA B 24 -6.85 48.63 -48.62
CA ALA B 24 -5.78 48.32 -49.56
C ALA B 24 -6.02 49.11 -50.84
N SER B 25 -5.19 50.12 -51.10
CA SER B 25 -5.36 51.00 -52.23
C SER B 25 -4.47 50.63 -53.41
N GLY B 26 -5.08 50.50 -54.58
CA GLY B 26 -4.32 50.15 -55.78
C GLY B 26 -4.10 48.66 -55.87
N GLY B 27 -4.87 47.90 -55.11
CA GLY B 27 -4.72 46.46 -55.08
C GLY B 27 -5.61 45.86 -54.04
N THR B 28 -5.39 44.60 -53.77
CA THR B 28 -6.20 43.86 -52.84
C THR B 28 -5.39 43.15 -51.78
N PHE B 29 -6.07 42.75 -50.72
CA PHE B 29 -5.44 41.97 -49.69
C PHE B 29 -5.21 40.52 -50.12
N ASN B 30 -6.09 39.98 -50.97
CA ASN B 30 -6.00 38.59 -51.40
C ASN B 30 -5.86 37.62 -50.25
N TYR B 31 -4.72 36.94 -50.21
CA TYR B 31 -4.47 35.94 -49.22
C TYR B 31 -3.53 36.43 -48.13
N HIS B 32 -3.15 37.68 -48.18
CA HIS B 32 -2.18 38.18 -47.24
C HIS B 32 -2.77 38.36 -45.87
N VAL B 33 -1.98 38.08 -44.87
CA VAL B 33 -2.42 38.30 -43.52
C VAL B 33 -2.24 39.77 -43.15
N VAL B 34 -3.25 40.37 -42.49
CA VAL B 34 -3.10 41.77 -42.09
C VAL B 34 -2.75 41.83 -40.61
N GLY B 35 -1.58 42.40 -40.31
CA GLY B 35 -1.11 42.51 -38.95
C GLY B 35 -1.27 43.89 -38.39
N TRP B 36 -1.34 43.98 -37.07
CA TRP B 36 -1.43 45.25 -36.37
C TRP B 36 -0.30 45.33 -35.32
N VAL B 37 0.37 46.50 -35.30
CA VAL B 37 1.52 46.81 -34.42
C VAL B 37 1.35 48.08 -33.55
N ARG B 38 1.46 47.91 -32.25
CA ARG B 38 1.28 49.00 -31.30
C ARG B 38 2.57 49.70 -30.96
N GLN B 39 3.12 50.49 -31.87
CA GLN B 39 4.35 51.18 -31.47
C GLN B 39 4.02 52.38 -30.62
N ALA B 40 4.63 52.44 -29.43
CA ALA B 40 4.28 53.56 -28.55
C ALA B 40 5.30 54.67 -28.78
N PRO B 41 4.96 55.96 -28.62
CA PRO B 41 5.88 57.05 -28.80
C PRO B 41 7.10 56.92 -27.92
N GLY B 42 8.28 57.00 -28.52
CA GLY B 42 9.53 56.93 -27.78
C GLY B 42 9.92 55.50 -27.41
N GLN B 43 9.11 54.54 -27.83
CA GLN B 43 9.31 53.14 -27.47
C GLN B 43 9.52 52.24 -28.67
N GLY B 44 9.73 50.97 -28.37
CA GLY B 44 9.83 50.00 -29.41
C GLY B 44 8.41 49.62 -29.79
N LEU B 45 8.29 48.64 -30.65
CA LEU B 45 7.01 48.21 -31.16
C LEU B 45 6.65 46.82 -30.76
N GLU B 46 5.34 46.55 -30.67
CA GLU B 46 4.83 45.24 -30.28
C GLU B 46 3.66 44.75 -31.14
N TRP B 47 3.53 43.44 -31.22
CA TRP B 47 2.44 42.81 -31.95
C TRP B 47 1.13 42.98 -31.18
N VAL B 48 0.05 43.28 -31.91
CA VAL B 48 -1.27 43.36 -31.31
C VAL B 48 -2.04 42.13 -31.73
N GLY B 49 -1.96 41.83 -33.03
CA GLY B 49 -2.68 40.69 -33.58
C GLY B 49 -2.81 40.79 -35.09
N SER B 50 -3.61 39.89 -35.66
CA SER B 50 -3.86 39.83 -37.08
C SER B 50 -5.16 39.16 -37.46
N VAL B 51 -5.57 39.41 -38.70
CA VAL B 51 -6.69 38.76 -39.38
C VAL B 51 -6.29 38.36 -40.78
N SER B 52 -6.74 37.21 -41.23
CA SER B 52 -6.48 36.79 -42.60
C SER B 52 -7.79 36.80 -43.36
N PRO B 53 -8.09 37.85 -44.16
CA PRO B 53 -9.34 38.08 -44.87
C PRO B 53 -9.79 36.88 -45.69
N ALA B 54 -8.84 36.13 -46.24
CA ALA B 54 -9.18 34.96 -47.03
C ALA B 54 -9.90 33.88 -46.23
N LEU B 55 -9.55 33.73 -44.96
CA LEU B 55 -10.14 32.67 -44.15
C LEU B 55 -11.10 33.19 -43.09
N GLY B 56 -10.87 34.42 -42.62
CA GLY B 56 -11.60 34.99 -41.51
C GLY B 56 -10.99 34.59 -40.17
N ARG B 57 -9.81 33.97 -40.23
CA ARG B 57 -9.08 33.47 -39.07
C ARG B 57 -8.26 34.60 -38.45
N THR B 58 -8.11 34.57 -37.13
CA THR B 58 -7.35 35.59 -36.39
C THR B 58 -6.30 35.05 -35.43
N ASN B 59 -5.45 35.97 -34.98
CA ASN B 59 -4.42 35.76 -33.98
C ASN B 59 -4.24 36.98 -33.10
N TYR B 60 -4.13 36.79 -31.80
CA TYR B 60 -3.90 37.93 -30.93
C TYR B 60 -2.69 37.74 -30.06
N ALA B 61 -2.02 38.85 -29.75
CA ALA B 61 -0.96 38.80 -28.76
C ALA B 61 -1.68 38.55 -27.46
N ARG B 62 -1.07 37.84 -26.52
CA ARG B 62 -1.77 37.54 -25.28
C ARG B 62 -2.29 38.77 -24.55
N LYS B 63 -1.54 39.87 -24.58
CA LYS B 63 -1.96 41.08 -23.87
C LYS B 63 -3.31 41.62 -24.31
N PHE B 64 -3.69 41.38 -25.56
CA PHE B 64 -4.90 41.91 -26.12
C PHE B 64 -5.95 40.85 -26.38
N GLN B 65 -5.74 39.64 -25.86
CA GLN B 65 -6.66 38.55 -26.18
C GLN B 65 -8.11 38.84 -25.79
N GLY B 66 -8.31 39.55 -24.68
CA GLY B 66 -9.64 39.91 -24.22
C GLY B 66 -9.96 41.40 -24.42
N ARG B 67 -9.12 42.10 -25.18
CA ARG B 67 -9.26 43.55 -25.36
C ARG B 67 -9.42 44.03 -26.80
N VAL B 68 -8.83 43.33 -27.75
CA VAL B 68 -8.87 43.84 -29.11
C VAL B 68 -9.48 42.86 -30.08
N THR B 69 -10.41 43.35 -30.88
CA THR B 69 -11.02 42.52 -31.91
C THR B 69 -10.51 42.91 -33.28
N ILE B 70 -9.93 41.95 -33.99
CA ILE B 70 -9.39 42.26 -35.31
C ILE B 70 -10.17 41.51 -36.36
N THR B 71 -10.70 42.25 -37.30
CA THR B 71 -11.51 41.66 -38.34
C THR B 71 -11.19 42.25 -39.69
N ALA B 72 -11.80 41.72 -40.73
CA ALA B 72 -11.62 42.28 -42.07
C ALA B 72 -12.79 41.90 -42.93
N ASP B 73 -13.04 42.71 -43.94
CA ASP B 73 -14.08 42.38 -44.89
C ASP B 73 -13.53 42.57 -46.29
N LYS B 74 -13.23 41.43 -46.91
CA LYS B 74 -12.58 41.34 -48.20
C LYS B 74 -13.42 41.92 -49.32
N SER B 75 -14.74 42.08 -49.09
CA SER B 75 -15.60 42.62 -50.14
C SER B 75 -15.50 44.14 -50.25
N SER B 76 -14.88 44.80 -49.25
CA SER B 76 -14.74 46.25 -49.28
C SER B 76 -13.26 46.45 -49.35
N ASN B 77 -12.56 45.34 -49.09
CA ASN B 77 -11.10 45.25 -49.08
C ASN B 77 -10.50 46.19 -48.05
N ILE B 78 -11.14 46.19 -46.88
CA ILE B 78 -10.77 46.99 -45.71
C ILE B 78 -10.62 46.13 -44.45
N ALA B 79 -9.52 46.33 -43.73
CA ALA B 79 -9.24 45.65 -42.49
C ALA B 79 -9.57 46.55 -41.31
N TYR B 80 -10.01 45.98 -40.20
CA TYR B 80 -10.36 46.77 -39.03
C TYR B 80 -9.79 46.26 -37.71
N MET B 81 -9.51 47.20 -36.81
CA MET B 81 -9.10 46.87 -35.45
C MET B 81 -9.86 47.63 -34.39
N GLU B 82 -10.61 46.92 -33.57
CA GLU B 82 -11.37 47.57 -32.53
C GLU B 82 -10.71 47.40 -31.18
N LEU B 83 -10.29 48.51 -30.62
CA LEU B 83 -9.60 48.52 -29.34
C LEU B 83 -10.61 48.88 -28.28
N THR B 84 -11.03 47.93 -27.46
CA THR B 84 -12.06 48.26 -26.49
C THR B 84 -11.39 48.49 -25.16
N SER B 85 -12.13 49.11 -24.24
CA SER B 85 -11.59 49.40 -22.91
C SER B 85 -10.23 50.07 -23.06
N LEU B 86 -10.15 51.02 -24.00
CA LEU B 86 -8.92 51.72 -24.32
C LEU B 86 -8.49 52.51 -23.11
N ARG B 87 -7.22 52.36 -22.74
CA ARG B 87 -6.61 53.00 -21.57
C ARG B 87 -5.55 54.03 -21.96
N PHE B 88 -5.06 54.82 -21.01
CA PHE B 88 -4.00 55.81 -21.29
C PHE B 88 -2.75 55.16 -21.86
N GLU B 89 -2.45 53.97 -21.34
CA GLU B 89 -1.30 53.16 -21.67
C GLU B 89 -1.31 52.63 -23.10
N ASP B 90 -2.46 52.74 -23.76
CA ASP B 90 -2.63 52.26 -25.11
C ASP B 90 -2.37 53.33 -26.15
N THR B 91 -1.84 54.49 -25.77
CA THR B 91 -1.49 55.44 -26.81
C THR B 91 -0.42 54.83 -27.69
N ALA B 92 -0.66 54.85 -28.99
CA ALA B 92 0.27 54.28 -29.96
C ALA B 92 -0.04 54.76 -31.36
N VAL B 93 0.94 54.59 -32.24
CA VAL B 93 0.79 54.90 -33.65
C VAL B 93 -0.07 53.88 -34.40
N TYR B 94 -0.26 52.71 -33.81
CA TYR B 94 -1.04 51.64 -34.40
C TYR B 94 -0.88 51.48 -35.89
N TYR B 95 0.24 50.88 -36.28
CA TYR B 95 0.47 50.63 -37.68
C TYR B 95 -0.27 49.37 -38.08
N CYS B 96 -0.76 49.31 -39.33
CA CYS B 96 -1.30 48.09 -39.91
C CYS B 96 -0.36 47.77 -41.05
N ALA B 97 -0.22 46.49 -41.35
CA ALA B 97 0.64 46.11 -42.44
C ALA B 97 0.23 44.79 -43.05
N ARG B 98 0.61 44.63 -44.29
CA ARG B 98 0.39 43.41 -44.99
C ARG B 98 1.58 42.50 -44.71
N LEU B 99 1.31 41.25 -44.35
CA LEU B 99 2.37 40.31 -44.12
C LEU B 99 2.62 39.62 -45.41
N LEU B 100 3.82 39.10 -45.57
CA LEU B 100 4.15 38.39 -46.79
C LEU B 100 3.44 37.05 -46.80
N LEU B 101 3.18 36.50 -45.63
CA LEU B 101 2.53 35.22 -45.55
C LEU B 101 1.18 35.26 -46.19
N VAL B 102 0.93 34.30 -47.05
CA VAL B 102 -0.35 34.14 -47.68
C VAL B 102 -1.00 32.85 -47.28
N GLU B 103 -2.25 32.94 -46.86
CA GLU B 103 -3.01 31.77 -46.44
C GLU B 103 -4.06 31.44 -47.45
N TYR B 104 -4.04 30.21 -47.94
CA TYR B 104 -4.97 29.82 -48.99
C TYR B 104 -6.13 29.08 -48.37
N THR B 105 -5.80 28.22 -47.42
CA THR B 105 -6.79 27.46 -46.68
C THR B 105 -6.27 27.26 -45.29
N THR B 106 -6.99 26.57 -44.44
CA THR B 106 -6.51 26.47 -43.07
C THR B 106 -5.25 25.63 -42.93
N SER B 107 -5.04 24.71 -43.87
CA SER B 107 -3.89 23.82 -43.91
C SER B 107 -2.87 24.17 -44.98
N SER B 108 -3.00 25.33 -45.63
CA SER B 108 -2.01 25.66 -46.66
C SER B 108 -1.69 27.13 -46.69
N ARG B 109 -0.42 27.40 -46.49
CA ARG B 109 0.12 28.75 -46.42
C ARG B 109 1.56 28.81 -46.90
N ALA B 110 1.95 29.96 -47.43
CA ALA B 110 3.32 30.10 -47.91
C ALA B 110 3.85 31.50 -47.78
N GLY B 111 5.17 31.63 -47.75
CA GLY B 111 5.79 32.94 -47.63
C GLY B 111 6.30 33.15 -46.22
N GLY B 112 6.95 34.29 -46.00
CA GLY B 112 7.53 34.56 -44.70
C GLY B 112 6.57 35.34 -43.81
N TYR B 113 7.05 35.78 -42.67
CA TYR B 113 6.25 36.51 -41.70
C TYR B 113 6.63 37.96 -41.58
N GLY B 114 7.43 38.45 -42.50
CA GLY B 114 7.81 39.84 -42.46
C GLY B 114 6.66 40.62 -43.05
N MET B 115 6.75 41.93 -43.02
CA MET B 115 5.71 42.82 -43.53
C MET B 115 6.31 43.85 -44.46
N ASP B 116 5.88 43.84 -45.73
CA ASP B 116 6.40 44.73 -46.74
C ASP B 116 5.63 46.04 -46.87
N VAL B 117 4.32 45.95 -46.99
CA VAL B 117 3.47 47.11 -47.17
C VAL B 117 2.84 47.57 -45.88
N TRP B 118 3.25 48.74 -45.44
CA TRP B 118 2.78 49.33 -44.21
C TRP B 118 1.94 50.53 -44.50
N GLY B 119 0.96 50.77 -43.65
CA GLY B 119 0.18 51.97 -43.77
C GLY B 119 0.95 53.09 -43.11
N GLN B 120 0.40 54.29 -43.09
CA GLN B 120 1.11 55.40 -42.49
C GLN B 120 0.99 55.45 -40.98
N GLY B 121 0.12 54.62 -40.42
CA GLY B 121 -0.18 54.60 -39.00
C GLY B 121 -1.43 55.39 -38.66
N THR B 122 -2.13 54.93 -37.62
CA THR B 122 -3.32 55.61 -37.13
C THR B 122 -2.99 56.01 -35.75
N THR B 123 -2.54 57.23 -35.56
CA THR B 123 -2.19 57.52 -34.22
C THR B 123 -3.46 57.66 -33.45
N VAL B 124 -3.51 56.98 -32.33
CA VAL B 124 -4.60 57.06 -31.41
C VAL B 124 -4.02 57.56 -30.10
N THR B 125 -4.49 58.72 -29.69
CA THR B 125 -4.03 59.31 -28.46
C THR B 125 -5.13 59.17 -27.46
N VAL B 126 -4.81 58.62 -26.31
CA VAL B 126 -5.83 58.42 -25.31
C VAL B 126 -5.51 59.12 -23.99
N SER B 127 -6.49 59.92 -23.50
CA SER B 127 -6.43 60.75 -22.30
C SER B 127 -7.45 60.25 -21.30
N LEU C 4 11.97 38.47 -27.06
CA LEU C 4 13.07 38.33 -28.00
C LEU C 4 14.06 39.45 -27.63
N THR C 5 15.39 39.16 -27.56
CA THR C 5 16.42 40.12 -27.06
C THR C 5 17.36 40.74 -28.08
N GLN C 6 17.47 42.07 -27.98
CA GLN C 6 18.35 42.90 -28.79
C GLN C 6 19.15 43.84 -27.89
N PRO C 7 20.37 44.26 -28.27
CA PRO C 7 21.15 45.25 -27.57
C PRO C 7 20.47 46.59 -27.76
N PRO C 8 20.64 47.55 -26.86
CA PRO C 8 20.10 48.89 -26.97
C PRO C 8 20.75 49.77 -28.05
N SER C 9 21.98 49.45 -28.48
CA SER C 9 22.63 50.28 -29.46
C SER C 9 23.73 49.58 -30.25
N ALA C 10 24.15 50.24 -31.32
CA ALA C 10 25.23 49.80 -32.19
C ALA C 10 25.89 51.02 -32.79
N SER C 11 27.13 50.92 -33.23
CA SER C 11 27.73 52.08 -33.86
C SER C 11 28.94 51.81 -34.71
N GLY C 12 29.31 52.81 -35.50
CA GLY C 12 30.55 52.78 -36.26
C GLY C 12 30.70 53.96 -37.22
N SER C 13 31.91 54.07 -37.75
CA SER C 13 32.28 55.11 -38.68
C SER C 13 31.57 54.90 -40.00
N PRO C 14 31.30 55.93 -40.78
CA PRO C 14 30.74 55.75 -42.08
C PRO C 14 31.77 54.96 -42.85
N GLY C 15 31.30 53.98 -43.60
CA GLY C 15 32.12 53.08 -44.38
C GLY C 15 32.47 51.78 -43.63
N GLN C 16 32.18 51.76 -42.33
CA GLN C 16 32.43 50.63 -41.43
C GLN C 16 31.38 49.54 -41.54
N SER C 17 31.78 48.30 -41.28
CA SER C 17 30.83 47.21 -41.16
C SER C 17 30.36 47.12 -39.72
N VAL C 18 29.06 47.35 -39.52
CA VAL C 18 28.47 47.37 -38.19
C VAL C 18 27.37 46.34 -38.08
N THR C 19 27.38 45.58 -36.99
CA THR C 19 26.37 44.56 -36.84
C THR C 19 25.51 44.71 -35.60
N ILE C 20 24.30 44.17 -35.71
CA ILE C 20 23.34 44.06 -34.65
C ILE C 20 22.90 42.62 -34.47
N SER C 21 22.96 42.12 -33.25
CA SER C 21 22.53 40.74 -33.04
C SER C 21 21.19 40.66 -32.32
N CYS C 22 20.47 39.54 -32.55
CA CYS C 22 19.21 39.16 -31.90
C CYS C 22 19.28 37.75 -31.38
N THR C 23 18.79 37.52 -30.17
CA THR C 23 18.77 36.14 -29.69
C THR C 23 17.38 35.66 -29.40
N GLY C 24 17.15 34.43 -29.82
CA GLY C 24 15.90 33.74 -29.69
C GLY C 24 15.88 32.57 -28.75
N THR C 25 15.31 31.52 -29.27
CA THR C 25 15.00 30.27 -28.63
C THR C 25 14.85 29.18 -29.68
N TYR C 26 14.07 28.16 -29.38
CA TYR C 26 13.86 27.08 -30.34
C TYR C 26 12.51 27.20 -31.07
N ASN C 27 12.06 28.44 -31.03
CA ASN C 27 10.90 29.09 -31.62
C ASN C 27 11.49 30.45 -31.91
N ASP C 28 10.72 31.36 -32.44
CA ASP C 28 11.24 32.69 -32.73
C ASP C 28 12.45 32.54 -33.65
N ILE C 29 13.61 33.01 -33.22
CA ILE C 29 14.83 32.87 -34.01
C ILE C 29 15.37 31.55 -33.58
N GLY C 30 15.48 30.62 -34.50
CA GLY C 30 15.86 29.26 -34.17
C GLY C 30 14.55 28.51 -34.27
N GLY C 31 14.53 27.25 -34.67
CA GLY C 31 13.24 26.58 -34.81
C GLY C 31 12.60 26.87 -36.18
N TYR C 32 12.50 28.16 -36.49
CA TYR C 32 11.96 28.59 -37.76
C TYR C 32 12.88 29.54 -38.51
N ASN C 33 12.94 29.39 -39.83
CA ASN C 33 13.75 30.29 -40.66
C ASN C 33 12.96 31.48 -41.14
N PHE C 34 12.39 32.21 -40.21
CA PHE C 34 11.58 33.36 -40.55
C PHE C 34 11.96 34.54 -39.75
N VAL C 35 13.13 35.08 -40.01
CA VAL C 35 13.61 36.20 -39.23
C VAL C 35 13.77 37.36 -40.15
N SER C 36 13.06 38.44 -39.86
CA SER C 36 13.09 39.64 -40.66
C SER C 36 13.63 40.80 -39.87
N TRP C 37 14.09 41.82 -40.58
CA TRP C 37 14.61 43.03 -39.96
C TRP C 37 13.99 44.28 -40.56
N TYR C 38 13.80 45.29 -39.71
CA TYR C 38 13.28 46.60 -40.12
C TYR C 38 14.17 47.77 -39.78
N GLN C 39 14.14 48.78 -40.64
CA GLN C 39 14.86 50.04 -40.42
C GLN C 39 13.90 51.18 -40.14
N GLN C 40 14.00 51.77 -38.96
CA GLN C 40 13.07 52.85 -38.66
C GLN C 40 13.72 54.16 -38.24
N HIS C 41 13.52 55.20 -39.02
CA HIS C 41 14.06 56.50 -38.69
C HIS C 41 13.01 57.16 -37.82
N ALA C 42 13.40 58.07 -36.95
CA ALA C 42 12.35 58.67 -36.14
C ALA C 42 11.33 59.36 -37.03
N GLY C 43 10.06 59.15 -36.73
CA GLY C 43 8.97 59.77 -37.47
C GLY C 43 8.56 59.00 -38.73
N LYS C 44 9.24 57.89 -39.01
CA LYS C 44 8.96 57.09 -40.20
C LYS C 44 8.36 55.73 -39.89
N VAL C 45 7.76 55.16 -40.92
CA VAL C 45 7.15 53.86 -40.91
C VAL C 45 8.26 52.82 -41.11
N PRO C 46 8.39 51.77 -40.30
CA PRO C 46 9.46 50.79 -40.43
C PRO C 46 9.52 50.20 -41.83
N LYS C 47 10.72 50.18 -42.40
CA LYS C 47 10.93 49.61 -43.72
C LYS C 47 11.53 48.23 -43.65
N LEU C 48 10.95 47.28 -44.37
CA LEU C 48 11.52 45.94 -44.32
C LEU C 48 12.86 45.95 -45.01
N MET C 49 13.89 45.50 -44.33
CA MET C 49 15.23 45.47 -44.88
C MET C 49 15.61 44.05 -45.24
N ILE C 50 15.20 43.12 -44.39
CA ILE C 50 15.47 41.71 -44.59
C ILE C 50 14.18 40.92 -44.46
N PHE C 51 13.86 40.13 -45.47
CA PHE C 51 12.64 39.32 -45.53
C PHE C 51 12.71 37.90 -44.95
N GLU C 52 13.71 37.14 -45.37
CA GLU C 52 13.90 35.76 -44.90
C GLU C 52 15.14 35.86 -44.11
N VAL C 53 15.64 34.77 -43.55
CA VAL C 53 16.82 34.95 -42.74
C VAL C 53 17.95 35.69 -43.48
N SER C 54 18.20 35.32 -44.74
CA SER C 54 19.24 36.01 -45.50
C SER C 54 18.73 36.79 -46.72
N LYS C 55 17.47 36.57 -47.11
CA LYS C 55 16.93 37.19 -48.32
C LYS C 55 16.43 38.61 -48.11
N ARG C 56 16.94 39.52 -48.95
CA ARG C 56 16.64 40.94 -48.98
C ARG C 56 15.46 41.21 -49.96
N PRO C 57 14.46 42.06 -49.62
CA PRO C 57 13.35 42.46 -50.47
C PRO C 57 13.85 43.47 -51.48
N SER C 58 13.06 43.72 -52.50
CA SER C 58 13.40 44.78 -53.44
C SER C 58 13.31 46.14 -52.77
N GLY C 59 14.11 47.11 -53.23
CA GLY C 59 14.07 48.47 -52.70
C GLY C 59 15.06 48.72 -51.56
N VAL C 60 15.90 47.73 -51.28
CA VAL C 60 16.89 47.78 -50.23
C VAL C 60 18.27 47.61 -50.86
N PRO C 61 19.25 48.47 -50.54
CA PRO C 61 20.60 48.41 -51.07
C PRO C 61 21.31 47.19 -50.54
N ASP C 62 22.32 46.73 -51.27
CA ASP C 62 23.03 45.52 -50.97
C ASP C 62 24.05 45.60 -49.85
N ARG C 63 24.11 46.74 -49.19
CA ARG C 63 24.94 46.83 -48.00
C ARG C 63 24.24 46.09 -46.88
N PHE C 64 22.92 45.82 -47.03
CA PHE C 64 22.15 45.11 -46.02
C PHE C 64 22.07 43.62 -46.30
N SER C 65 22.53 42.85 -45.34
CA SER C 65 22.54 41.40 -45.44
C SER C 65 22.46 40.81 -44.06
N GLY C 66 22.33 39.50 -43.96
CA GLY C 66 22.25 38.88 -42.65
C GLY C 66 22.23 37.37 -42.73
N SER C 67 22.28 36.76 -41.57
CA SER C 67 22.30 35.32 -41.41
C SER C 67 21.84 34.90 -40.03
N LYS C 68 21.72 33.59 -39.84
CA LYS C 68 21.34 33.02 -38.55
C LYS C 68 22.21 31.81 -38.25
N SER C 69 22.66 31.71 -37.01
CA SER C 69 23.48 30.60 -36.51
C SER C 69 23.00 30.17 -35.14
N GLY C 70 22.69 28.90 -34.97
CA GLY C 70 22.14 28.49 -33.68
C GLY C 70 20.84 29.23 -33.49
N ASN C 71 20.70 29.94 -32.37
CA ASN C 71 19.49 30.69 -32.07
C ASN C 71 19.76 32.20 -32.17
N THR C 72 20.86 32.57 -32.83
CA THR C 72 21.21 33.99 -32.95
C THR C 72 21.15 34.50 -34.38
N ALA C 73 20.44 35.61 -34.57
CA ALA C 73 20.32 36.24 -35.87
C ALA C 73 21.24 37.43 -35.92
N SER C 74 21.75 37.73 -37.10
CA SER C 74 22.62 38.87 -37.24
C SER C 74 22.41 39.70 -38.49
N LEU C 75 22.30 41.00 -38.25
CA LEU C 75 22.16 42.02 -39.27
C LEU C 75 23.47 42.68 -39.52
N THR C 76 23.90 42.71 -40.76
CA THR C 76 25.14 43.38 -41.08
C THR C 76 24.91 44.51 -42.06
N VAL C 77 25.45 45.68 -41.73
CA VAL C 77 25.38 46.78 -42.66
C VAL C 77 26.82 47.06 -43.11
N SER C 78 27.16 46.64 -44.31
CA SER C 78 28.54 46.74 -44.79
C SER C 78 28.75 48.01 -45.59
N GLY C 79 29.58 48.92 -45.09
CA GLY C 79 29.72 50.18 -45.79
C GLY C 79 28.63 51.13 -45.30
N LEU C 80 28.55 51.28 -43.98
CA LEU C 80 27.57 52.09 -43.29
C LEU C 80 27.49 53.53 -43.76
N GLN C 81 26.27 54.01 -44.00
CA GLN C 81 26.06 55.38 -44.45
C GLN C 81 25.42 56.23 -43.37
N ALA C 82 25.55 57.56 -43.46
CA ALA C 82 24.92 58.47 -42.49
C ALA C 82 23.41 58.27 -42.46
N GLU C 83 22.84 57.94 -43.60
CA GLU C 83 21.42 57.72 -43.77
C GLU C 83 20.90 56.48 -43.02
N ASP C 84 21.80 55.69 -42.44
CA ASP C 84 21.41 54.51 -41.70
C ASP C 84 21.17 54.79 -40.22
N GLU C 85 21.20 56.06 -39.78
CA GLU C 85 20.93 56.29 -38.36
C GLU C 85 19.45 56.14 -38.09
N ALA C 86 19.13 54.91 -37.75
CA ALA C 86 17.80 54.38 -37.55
C ALA C 86 17.85 53.28 -36.53
N ASP C 87 16.71 53.00 -35.90
CA ASP C 87 16.61 51.84 -35.04
C ASP C 87 16.47 50.63 -35.90
N TYR C 88 17.02 49.52 -35.45
CA TYR C 88 16.74 48.30 -36.17
C TYR C 88 16.02 47.35 -35.27
N TYR C 89 15.00 46.74 -35.83
CA TYR C 89 14.19 45.80 -35.10
C TYR C 89 14.25 44.49 -35.82
N CYS C 90 14.24 43.38 -35.10
CA CYS C 90 14.13 42.05 -35.67
C CYS C 90 12.86 41.46 -35.14
N SER C 91 12.30 40.59 -35.94
CA SER C 91 11.12 39.89 -35.56
C SER C 91 11.12 38.55 -36.18
N SER C 92 10.32 37.67 -35.64
CA SER C 92 10.27 36.36 -36.20
C SER C 92 8.98 35.63 -35.97
N PHE C 93 8.81 34.56 -36.73
CA PHE C 93 7.64 33.72 -36.50
C PHE C 93 7.82 33.08 -35.15
N ALA C 94 6.88 33.34 -34.28
CA ALA C 94 6.94 32.89 -32.91
C ALA C 94 6.31 31.54 -32.68
N GLY C 95 5.75 31.00 -33.72
CA GLY C 95 4.99 29.77 -33.67
C GLY C 95 3.57 30.26 -33.78
N SER C 96 2.61 29.40 -34.07
CA SER C 96 1.25 29.87 -34.29
C SER C 96 0.48 30.49 -33.12
N ASN C 97 0.84 30.23 -31.85
CA ASN C 97 0.04 30.86 -30.80
C ASN C 97 0.35 32.36 -30.64
N THR C 98 1.61 32.74 -30.85
CA THR C 98 2.03 34.13 -30.71
C THR C 98 2.12 34.79 -32.07
N PHE C 99 2.40 33.97 -33.07
CA PHE C 99 2.52 34.30 -34.47
C PHE C 99 3.71 35.19 -34.76
N VAL C 100 3.76 36.41 -34.25
CA VAL C 100 4.90 37.28 -34.46
C VAL C 100 5.44 37.89 -33.18
N VAL C 101 6.75 37.81 -33.03
CA VAL C 101 7.42 38.37 -31.88
C VAL C 101 8.47 39.37 -32.31
N PHE C 102 8.57 40.49 -31.59
CA PHE C 102 9.57 41.51 -31.92
C PHE C 102 10.51 41.72 -30.75
N GLY C 103 11.75 42.11 -31.04
CA GLY C 103 12.68 42.51 -29.99
C GLY C 103 12.53 44.03 -29.82
N GLY C 104 13.32 44.66 -28.94
CA GLY C 104 13.22 46.10 -28.80
C GLY C 104 14.10 46.69 -29.88
N GLY C 105 14.15 47.99 -30.03
CA GLY C 105 14.99 48.50 -31.10
C GLY C 105 16.41 48.68 -30.67
N THR C 106 17.33 48.53 -31.61
CA THR C 106 18.74 48.79 -31.36
C THR C 106 19.05 50.07 -32.09
N LYS C 107 19.47 51.12 -31.40
CA LYS C 107 19.71 52.36 -32.15
C LYS C 107 21.12 52.38 -32.67
N LEU C 108 21.27 52.51 -33.99
CA LEU C 108 22.60 52.56 -34.53
C LEU C 108 22.99 54.01 -34.77
N THR C 109 24.20 54.38 -34.34
CA THR C 109 24.76 55.73 -34.51
C THR C 109 25.99 55.64 -35.45
N VAL C 110 26.08 56.56 -36.45
CA VAL C 110 27.14 56.57 -37.47
C VAL C 110 28.20 57.61 -37.09
N TYR D 30 39.62 -53.23 -1.23
CA TYR D 30 38.44 -52.47 -0.88
C TYR D 30 38.35 -52.24 0.66
N THR D 31 39.01 -51.15 1.15
CA THR D 31 39.02 -50.69 2.56
C THR D 31 38.35 -49.33 2.66
N GLN D 32 38.31 -48.74 3.85
CA GLN D 32 37.60 -47.44 3.99
C GLN D 32 38.42 -46.30 4.60
N HIS D 33 38.21 -45.10 4.03
CA HIS D 33 38.85 -43.85 4.46
C HIS D 33 37.82 -42.69 4.48
N THR D 34 38.09 -41.66 5.26
CA THR D 34 37.18 -40.49 5.30
C THR D 34 37.77 -39.28 4.60
N SER D 35 37.00 -38.62 3.74
CA SER D 35 37.51 -37.43 3.03
C SER D 35 37.38 -36.12 3.82
N SER D 36 38.47 -35.69 4.44
CA SER D 36 38.41 -34.52 5.31
C SER D 36 38.61 -33.21 4.60
N MET D 37 37.53 -32.74 3.97
CA MET D 37 37.40 -31.52 3.17
C MET D 37 38.16 -31.56 1.87
N ARG D 38 38.42 -32.74 1.39
CA ARG D 38 39.13 -32.99 0.16
C ARG D 38 38.17 -33.03 -1.03
N GLY D 39 38.66 -32.71 -2.23
CA GLY D 39 37.81 -32.84 -3.43
C GLY D 39 37.12 -31.57 -3.93
N VAL D 40 37.51 -30.41 -3.41
CA VAL D 40 36.95 -29.12 -3.82
C VAL D 40 37.69 -28.66 -5.07
N TYR D 41 36.98 -28.10 -6.02
CA TYR D 41 37.58 -27.66 -7.27
C TYR D 41 36.89 -26.42 -7.79
N TYR D 42 37.52 -25.74 -8.73
CA TYR D 42 36.93 -24.55 -9.36
C TYR D 42 35.84 -24.96 -10.34
N PRO D 43 34.56 -24.62 -10.13
CA PRO D 43 33.45 -25.00 -10.98
C PRO D 43 33.50 -24.44 -12.40
N ASP D 44 34.26 -23.37 -12.59
CA ASP D 44 34.31 -22.71 -13.88
C ASP D 44 35.60 -21.90 -14.11
N GLU D 45 35.64 -21.25 -15.27
CA GLU D 45 36.74 -20.41 -15.77
C GLU D 45 36.57 -18.94 -15.40
N ILE D 46 35.78 -18.67 -14.38
CA ILE D 46 35.49 -17.31 -13.97
C ILE D 46 36.16 -16.82 -12.70
N PHE D 47 36.75 -15.66 -12.82
CA PHE D 47 37.40 -14.96 -11.76
C PHE D 47 36.37 -14.19 -10.94
N ARG D 48 36.39 -14.44 -9.67
CA ARG D 48 35.56 -13.79 -8.70
C ARG D 48 36.49 -13.51 -7.59
N SER D 49 36.26 -12.48 -6.81
CA SER D 49 37.19 -12.27 -5.73
C SER D 49 36.51 -11.67 -4.54
N ASP D 50 37.14 -11.88 -3.38
CA ASP D 50 36.64 -11.33 -2.11
C ASP D 50 35.16 -11.66 -1.96
N THR D 51 34.82 -12.92 -2.12
CA THR D 51 33.39 -13.25 -2.11
C THR D 51 33.06 -14.69 -1.79
N LEU D 52 31.84 -14.90 -1.32
CA LEU D 52 31.33 -16.23 -1.10
C LEU D 52 30.36 -16.59 -2.20
N TYR D 53 30.72 -17.58 -2.99
CA TYR D 53 29.93 -18.00 -4.11
C TYR D 53 29.18 -19.26 -3.80
N LEU D 54 27.85 -19.20 -3.85
CA LEU D 54 27.05 -20.36 -3.50
C LEU D 54 26.64 -21.06 -4.78
N THR D 55 26.93 -22.35 -4.88
CA THR D 55 26.60 -23.07 -6.09
C THR D 55 26.31 -24.55 -5.92
N GLN D 56 25.46 -25.10 -6.78
CA GLN D 56 25.18 -26.52 -6.77
C GLN D 56 25.89 -27.20 -7.91
N ASP D 57 26.64 -28.23 -7.59
CA ASP D 57 27.38 -28.96 -8.61
C ASP D 57 27.78 -30.29 -8.04
N LEU D 58 28.45 -31.11 -8.82
CA LEU D 58 28.89 -32.37 -8.27
C LEU D 58 30.19 -32.18 -7.51
N PHE D 59 30.15 -32.42 -6.21
CA PHE D 59 31.30 -32.24 -5.36
C PHE D 59 31.49 -33.43 -4.46
N LEU D 60 32.69 -33.67 -3.99
CA LEU D 60 32.88 -34.76 -3.06
C LEU D 60 32.32 -34.23 -1.74
N PRO D 61 31.29 -34.81 -1.12
CA PRO D 61 30.71 -34.30 0.11
C PRO D 61 31.75 -34.33 1.17
N PHE D 62 31.71 -33.40 2.09
CA PHE D 62 32.68 -33.48 3.14
C PHE D 62 32.43 -34.69 4.00
N TYR D 63 33.52 -35.39 4.30
CA TYR D 63 33.60 -36.60 5.10
C TYR D 63 32.84 -37.76 4.53
N SER D 64 32.74 -37.81 3.22
CA SER D 64 32.14 -38.95 2.60
C SER D 64 33.14 -40.08 2.74
N ASN D 65 32.68 -41.34 2.56
CA ASN D 65 33.50 -42.54 2.58
C ASN D 65 34.18 -42.74 1.21
N VAL D 66 35.49 -43.01 1.24
CA VAL D 66 36.38 -43.23 0.12
C VAL D 66 36.92 -44.65 0.21
N THR D 67 36.84 -45.38 -0.88
CA THR D 67 37.31 -46.75 -0.87
C THR D 67 38.80 -46.79 -1.09
N GLY D 68 39.50 -47.51 -0.25
CA GLY D 68 40.94 -47.62 -0.44
C GLY D 68 41.27 -48.87 -1.23
N PHE D 69 42.32 -48.78 -2.04
CA PHE D 69 42.78 -49.90 -2.83
C PHE D 69 44.29 -50.07 -2.76
N HIS D 70 44.75 -51.30 -2.87
CA HIS D 70 46.17 -51.57 -2.95
C HIS D 70 46.48 -52.42 -4.19
N THR D 71 47.56 -52.03 -4.93
CA THR D 71 48.17 -52.51 -6.18
C THR D 71 48.39 -51.24 -6.99
N ASN D 78 43.64 -53.83 -9.95
CA ASN D 78 43.04 -53.37 -11.21
C ASN D 78 41.54 -53.82 -11.44
N PRO D 79 40.59 -53.75 -10.43
CA PRO D 79 39.17 -54.09 -10.54
C PRO D 79 38.41 -53.02 -11.29
N VAL D 80 37.22 -53.35 -11.77
CA VAL D 80 36.39 -52.28 -12.31
C VAL D 80 35.67 -51.64 -11.14
N ILE D 81 35.77 -50.33 -11.08
CA ILE D 81 35.20 -49.50 -10.05
C ILE D 81 34.19 -48.59 -10.72
N PRO D 82 32.89 -48.86 -10.65
CA PRO D 82 31.85 -48.16 -11.39
C PRO D 82 31.89 -46.66 -11.19
N PHE D 83 31.63 -45.95 -12.28
CA PHE D 83 31.63 -44.50 -12.37
C PHE D 83 30.21 -44.03 -12.40
N LYS D 84 29.78 -43.34 -11.38
CA LYS D 84 28.40 -42.89 -11.42
C LYS D 84 28.29 -41.52 -10.85
N ASP D 85 27.77 -40.61 -11.68
CA ASP D 85 27.57 -39.20 -11.36
C ASP D 85 28.85 -38.52 -10.89
N GLY D 86 29.97 -38.88 -11.49
CA GLY D 86 31.22 -38.23 -11.11
C GLY D 86 32.05 -39.05 -10.14
N ILE D 87 33.35 -39.10 -10.37
CA ILE D 87 34.19 -39.90 -9.50
C ILE D 87 35.42 -39.12 -9.02
N TYR D 88 35.79 -39.33 -7.78
CA TYR D 88 36.99 -38.72 -7.23
C TYR D 88 38.09 -39.77 -7.17
N PHE D 89 39.29 -39.43 -7.62
CA PHE D 89 40.39 -40.40 -7.59
C PHE D 89 41.66 -39.81 -7.04
N ALA D 90 42.36 -40.57 -6.23
CA ALA D 90 43.64 -40.07 -5.75
C ALA D 90 44.62 -41.18 -5.53
N ALA D 91 45.90 -40.88 -5.61
CA ALA D 91 46.86 -41.93 -5.32
C ALA D 91 48.15 -41.42 -4.73
N THR D 92 48.80 -42.27 -3.93
CA THR D 92 50.10 -41.90 -3.35
C THR D 92 51.17 -42.62 -4.10
N GLU D 93 50.81 -43.71 -4.76
CA GLU D 93 51.73 -44.40 -5.61
C GLU D 93 53.10 -44.70 -4.89
N LYS D 94 54.21 -44.07 -5.37
CA LYS D 94 55.60 -44.23 -4.91
C LYS D 94 56.45 -43.17 -5.60
N ASN D 96 55.08 -44.82 -8.71
CA ASN D 96 54.45 -44.39 -9.96
C ASN D 96 53.73 -45.62 -10.61
N VAL D 97 52.72 -46.16 -9.87
CA VAL D 97 51.86 -47.28 -10.28
C VAL D 97 50.66 -46.87 -11.15
N VAL D 98 50.09 -45.67 -10.95
CA VAL D 98 48.89 -45.31 -11.73
C VAL D 98 49.33 -44.48 -12.91
N ARG D 99 49.34 -45.09 -14.09
CA ARG D 99 49.91 -44.42 -15.25
C ARG D 99 48.94 -44.37 -16.41
N GLY D 100 47.67 -44.38 -16.09
CA GLY D 100 46.66 -44.31 -17.10
C GLY D 100 45.28 -44.52 -16.53
N TRP D 101 44.27 -44.26 -17.36
CA TRP D 101 42.89 -44.37 -16.95
C TRP D 101 42.05 -45.02 -18.02
N VAL D 102 41.03 -45.75 -17.60
CA VAL D 102 40.06 -46.23 -18.55
C VAL D 102 38.67 -45.75 -18.19
N PHE D 103 38.03 -45.01 -19.09
CA PHE D 103 36.65 -44.56 -18.87
C PHE D 103 35.83 -45.02 -20.08
N GLY D 104 34.73 -45.79 -19.85
CA GLY D 104 33.85 -46.33 -20.86
C GLY D 104 32.44 -46.51 -20.30
N LEU D 182 51.03 -37.14 -3.29
CA LEU D 182 49.62 -37.43 -3.53
C LEU D 182 49.09 -36.65 -4.71
N ARG D 183 48.66 -37.41 -5.70
CA ARG D 183 48.15 -36.82 -6.92
C ARG D 183 46.66 -37.04 -6.88
N GLU D 184 45.88 -36.00 -7.08
CA GLU D 184 44.44 -36.20 -7.01
C GLU D 184 43.68 -35.51 -8.10
N PHE D 185 42.60 -36.16 -8.49
CA PHE D 185 41.78 -35.75 -9.59
C PHE D 185 40.28 -35.83 -9.39
N VAL D 186 39.56 -34.98 -10.10
CA VAL D 186 38.11 -35.11 -10.18
C VAL D 186 37.66 -35.29 -11.60
N PHE D 187 36.93 -36.37 -11.85
CA PHE D 187 36.45 -36.69 -13.18
C PHE D 187 34.93 -36.66 -13.24
N LYS D 188 34.38 -35.79 -14.06
CA LYS D 188 32.93 -35.72 -14.10
C LYS D 188 32.42 -35.66 -15.53
N ASN D 189 31.29 -36.29 -15.77
CA ASN D 189 30.67 -36.30 -17.08
C ASN D 189 29.48 -35.36 -17.08
N LYS D 190 29.62 -34.21 -17.72
CA LYS D 190 28.55 -33.23 -17.69
C LYS D 190 28.37 -32.49 -19.01
N ASP D 191 27.13 -32.50 -19.51
CA ASP D 191 26.69 -31.82 -20.72
C ASP D 191 27.53 -32.17 -21.95
N GLY D 192 27.92 -33.43 -22.08
CA GLY D 192 28.70 -33.87 -23.23
C GLY D 192 30.21 -33.82 -23.02
N PHE D 193 30.69 -33.30 -21.89
CA PHE D 193 32.13 -33.25 -21.68
C PHE D 193 32.64 -34.00 -20.48
N LEU D 194 33.83 -34.56 -20.63
CA LEU D 194 34.51 -35.13 -19.50
C LEU D 194 35.44 -34.07 -18.97
N TYR D 195 35.18 -33.63 -17.76
CA TYR D 195 35.98 -32.59 -17.18
C TYR D 195 36.94 -33.26 -16.27
N VAL D 196 38.16 -32.80 -16.31
CA VAL D 196 39.18 -33.35 -15.46
C VAL D 196 39.84 -32.24 -14.68
N TYR D 197 39.87 -32.38 -13.37
CA TYR D 197 40.53 -31.44 -12.49
C TYR D 197 41.69 -32.12 -11.84
N LYS D 198 42.77 -31.39 -11.55
CA LYS D 198 43.95 -31.95 -10.92
C LYS D 198 44.58 -31.08 -9.82
N GLY D 199 45.24 -31.73 -8.89
CA GLY D 199 46.03 -31.04 -7.88
C GLY D 199 47.04 -31.98 -7.23
N TYR D 200 47.92 -31.50 -6.36
CA TYR D 200 48.97 -32.40 -5.84
C TYR D 200 49.56 -31.89 -4.53
N GLN D 201 49.62 -32.69 -3.47
CA GLN D 201 50.16 -32.38 -2.16
C GLN D 201 51.47 -33.15 -1.92
N PRO D 202 52.58 -32.47 -1.56
CA PRO D 202 53.87 -33.05 -1.26
C PRO D 202 53.90 -33.61 0.15
N ILE D 203 53.04 -34.58 0.41
CA ILE D 203 52.93 -35.22 1.70
C ILE D 203 53.13 -36.72 1.49
N ASP D 204 54.00 -37.32 2.30
CA ASP D 204 54.32 -38.74 2.16
C ASP D 204 53.43 -39.63 3.04
N VAL D 205 52.43 -40.27 2.42
CA VAL D 205 51.47 -41.08 3.15
C VAL D 205 51.38 -42.45 2.49
N VAL D 206 51.40 -43.52 3.28
CA VAL D 206 51.37 -44.86 2.70
C VAL D 206 50.00 -45.47 2.36
N ARG D 207 49.06 -45.49 3.30
CA ARG D 207 47.79 -46.19 3.03
C ARG D 207 46.50 -45.42 3.28
N ASP D 208 46.59 -44.12 3.45
CA ASP D 208 45.42 -43.30 3.78
C ASP D 208 45.44 -41.97 3.08
N LEU D 209 44.28 -41.37 2.94
CA LEU D 209 44.31 -40.00 2.52
C LEU D 209 44.57 -39.26 3.80
N PRO D 210 45.49 -38.31 3.86
CA PRO D 210 45.71 -37.50 5.03
C PRO D 210 44.52 -36.57 5.09
N SER D 211 44.17 -36.07 6.25
CA SER D 211 43.13 -35.07 6.26
C SER D 211 43.65 -33.85 5.54
N GLY D 212 42.79 -33.12 4.81
CA GLY D 212 43.28 -31.94 4.13
C GLY D 212 42.37 -31.43 3.02
N PHE D 213 42.67 -30.22 2.61
CA PHE D 213 41.94 -29.47 1.60
C PHE D 213 42.86 -29.15 0.46
N ASN D 214 42.39 -29.29 -0.76
CA ASN D 214 43.21 -28.96 -1.91
C ASN D 214 42.33 -28.59 -3.06
N THR D 215 42.25 -27.31 -3.37
CA THR D 215 41.36 -26.95 -4.46
C THR D 215 42.00 -27.44 -5.75
N LEU D 216 41.25 -28.12 -6.60
CA LEU D 216 41.80 -28.63 -7.85
C LEU D 216 41.52 -27.68 -9.02
N LYS D 217 42.45 -27.62 -9.97
CA LYS D 217 42.31 -26.76 -11.13
C LYS D 217 41.97 -27.56 -12.35
N PRO D 218 41.18 -27.04 -13.29
CA PRO D 218 40.80 -27.74 -14.49
C PRO D 218 41.99 -27.99 -15.38
N ILE D 219 42.00 -29.17 -15.98
CA ILE D 219 43.02 -29.57 -16.93
C ILE D 219 42.39 -29.80 -18.28
N PHE D 220 41.34 -30.61 -18.31
CA PHE D 220 40.71 -30.99 -19.56
C PHE D 220 39.21 -30.77 -19.57
N LYS D 221 38.70 -30.54 -20.78
CA LYS D 221 37.28 -30.47 -21.10
C LYS D 221 37.08 -31.19 -22.43
N LEU D 222 36.88 -32.49 -22.36
CA LEU D 222 36.91 -33.32 -23.56
C LEU D 222 35.51 -33.68 -24.09
N PRO D 223 35.16 -33.34 -25.35
CA PRO D 223 33.85 -33.56 -25.98
C PRO D 223 33.69 -35.01 -26.42
N LEU D 224 33.65 -35.89 -25.45
CA LEU D 224 33.60 -37.31 -25.71
C LEU D 224 32.22 -37.86 -25.48
N GLY D 225 31.61 -38.40 -26.53
CA GLY D 225 30.26 -38.95 -26.45
C GLY D 225 30.26 -40.36 -25.85
N ILE D 226 30.74 -40.47 -24.63
CA ILE D 226 30.91 -41.74 -23.97
C ILE D 226 30.00 -41.89 -22.79
N ASN D 227 29.23 -42.96 -22.78
CA ASN D 227 28.38 -43.18 -21.63
C ASN D 227 29.28 -43.82 -20.61
N ILE D 228 29.85 -43.00 -19.75
CA ILE D 228 30.81 -43.53 -18.81
C ILE D 228 30.07 -44.06 -17.60
N THR D 229 30.16 -45.37 -17.39
CA THR D 229 29.49 -46.03 -16.31
C THR D 229 30.54 -46.87 -15.64
N ASN D 230 31.60 -47.09 -16.38
CA ASN D 230 32.69 -47.93 -15.94
C ASN D 230 34.02 -47.20 -15.88
N PHE D 231 34.70 -47.39 -14.78
CA PHE D 231 36.03 -46.85 -14.57
C PHE D 231 37.04 -47.88 -14.08
N ARG D 232 38.23 -47.86 -14.65
CA ARG D 232 39.32 -48.70 -14.17
C ARG D 232 40.65 -47.94 -14.21
N ALA D 233 41.49 -48.12 -13.19
CA ALA D 233 42.81 -47.49 -13.18
C ALA D 233 43.78 -48.38 -13.94
N ILE D 234 44.80 -47.78 -14.57
CA ILE D 234 45.82 -48.62 -15.20
C ILE D 234 47.04 -48.70 -14.32
N LEU D 235 47.27 -49.90 -13.83
CA LEU D 235 48.33 -50.15 -12.87
C LEU D 235 49.50 -50.87 -13.48
N THR D 236 50.65 -50.22 -13.43
CA THR D 236 51.86 -50.76 -14.01
C THR D 236 52.59 -51.67 -13.01
N ALA D 237 53.57 -52.47 -13.51
CA ALA D 237 54.43 -53.40 -12.73
C ALA D 237 53.57 -54.40 -11.94
N ALA D 251 49.48 -47.31 -3.92
CA ALA D 251 48.11 -47.37 -3.42
C ALA D 251 47.29 -46.18 -3.98
N TYR D 252 45.94 -46.36 -4.02
CA TYR D 252 44.97 -45.38 -4.54
C TYR D 252 43.62 -45.39 -3.83
N PHE D 253 42.85 -44.33 -4.04
CA PHE D 253 41.57 -44.13 -3.39
C PHE D 253 40.46 -43.70 -4.36
N VAL D 254 39.23 -44.17 -4.14
CA VAL D 254 38.10 -43.71 -4.96
C VAL D 254 36.88 -43.23 -4.18
N GLY D 255 36.41 -42.03 -4.49
CA GLY D 255 35.23 -41.48 -3.84
C GLY D 255 34.18 -41.18 -4.89
N TYR D 256 33.02 -40.66 -4.49
CA TYR D 256 31.98 -40.32 -5.47
C TYR D 256 31.46 -38.94 -5.25
N LEU D 257 31.06 -38.28 -6.32
CA LEU D 257 30.56 -36.94 -6.18
C LEU D 257 29.05 -36.97 -6.04
N LYS D 258 28.50 -35.96 -5.38
CA LYS D 258 27.06 -35.85 -5.25
C LYS D 258 26.65 -34.42 -5.59
N PRO D 259 25.43 -34.18 -6.07
CA PRO D 259 24.91 -32.87 -6.43
C PRO D 259 24.51 -32.04 -5.22
N THR D 260 25.50 -31.74 -4.40
CA THR D 260 25.35 -30.99 -3.19
C THR D 260 25.59 -29.52 -3.44
N THR D 261 25.23 -28.71 -2.48
CA THR D 261 25.48 -27.30 -2.61
C THR D 261 26.60 -26.89 -1.70
N PHE D 262 27.51 -26.13 -2.27
CA PHE D 262 28.64 -25.58 -1.59
C PHE D 262 28.75 -24.09 -1.62
N MET D 263 29.29 -23.55 -0.54
CA MET D 263 29.64 -22.16 -0.51
C MET D 263 31.14 -22.09 -0.60
N LEU D 264 31.62 -21.53 -1.70
CA LEU D 264 33.05 -21.47 -1.98
C LEU D 264 33.61 -20.11 -1.63
N LYS D 265 34.66 -20.10 -0.83
CA LYS D 265 35.28 -18.85 -0.42
C LYS D 265 36.44 -18.48 -1.27
N TYR D 266 36.26 -17.38 -2.02
CA TYR D 266 37.26 -16.83 -2.94
C TYR D 266 38.04 -15.71 -2.29
N ASP D 267 39.35 -15.78 -2.39
CA ASP D 267 40.20 -14.75 -1.83
C ASP D 267 40.34 -13.62 -2.84
N GLU D 268 41.18 -12.66 -2.55
CA GLU D 268 41.36 -11.49 -3.41
C GLU D 268 41.97 -11.76 -4.81
N ASN D 269 42.64 -12.93 -5.01
CA ASN D 269 43.29 -13.33 -6.26
C ASN D 269 42.51 -14.43 -7.02
N GLY D 270 41.22 -14.67 -6.67
CA GLY D 270 40.34 -15.63 -7.36
C GLY D 270 40.60 -17.08 -7.02
N THR D 271 41.21 -17.32 -5.86
CA THR D 271 41.53 -18.67 -5.43
C THR D 271 40.55 -19.15 -4.38
N ILE D 272 40.06 -20.36 -4.55
CA ILE D 272 39.16 -20.87 -3.52
C ILE D 272 40.03 -21.39 -2.42
N THR D 273 39.89 -20.82 -1.24
CA THR D 273 40.75 -21.22 -0.15
C THR D 273 39.99 -22.03 0.87
N ASP D 274 38.67 -21.92 0.86
CA ASP D 274 37.88 -22.69 1.82
C ASP D 274 36.52 -23.04 1.25
N ALA D 275 35.73 -23.79 1.99
CA ALA D 275 34.39 -24.13 1.54
C ALA D 275 33.46 -24.63 2.66
N VAL D 276 32.16 -24.43 2.47
CA VAL D 276 31.14 -24.98 3.35
C VAL D 276 30.23 -25.93 2.62
N ASP D 277 30.10 -27.13 3.16
CA ASP D 277 29.21 -28.15 2.60
C ASP D 277 27.84 -27.92 3.23
N CYS D 278 26.86 -27.43 2.46
CA CYS D 278 25.56 -26.93 2.93
C CYS D 278 24.66 -28.07 3.39
N SER D 279 25.05 -29.31 3.12
CA SER D 279 24.23 -30.47 3.46
C SER D 279 24.74 -31.20 4.69
N GLN D 280 25.82 -30.72 5.28
CA GLN D 280 26.41 -31.48 6.36
C GLN D 280 25.63 -31.42 7.68
N ASN D 281 25.25 -30.24 8.12
CA ASN D 281 24.60 -30.09 9.41
C ASN D 281 23.81 -28.79 9.36
N PRO D 282 22.91 -28.48 10.32
CA PRO D 282 22.14 -27.25 10.35
C PRO D 282 22.94 -25.98 10.49
N LEU D 283 24.16 -26.06 11.01
CA LEU D 283 24.96 -24.84 11.15
C LEU D 283 25.50 -24.48 9.79
N ALA D 284 26.01 -25.49 9.09
CA ALA D 284 26.53 -25.29 7.75
C ALA D 284 25.43 -24.81 6.85
N GLU D 285 24.24 -25.35 7.03
CA GLU D 285 23.12 -24.96 6.21
C GLU D 285 22.78 -23.52 6.45
N LEU D 286 22.77 -23.08 7.71
CA LEU D 286 22.46 -21.70 8.00
C LEU D 286 23.54 -20.79 7.46
N LYS D 287 24.83 -21.17 7.59
CA LYS D 287 25.88 -20.34 7.01
C LYS D 287 25.66 -20.12 5.50
N CYS D 288 25.27 -21.18 4.74
CA CYS D 288 24.99 -21.10 3.31
C CYS D 288 23.78 -20.21 3.04
N SER D 289 22.74 -20.36 3.84
CA SER D 289 21.51 -19.60 3.66
C SER D 289 21.72 -18.11 3.75
N VAL D 290 22.53 -17.68 4.71
CA VAL D 290 22.76 -16.25 4.90
C VAL D 290 24.04 -15.80 4.21
N LYS D 291 24.68 -16.70 3.45
CA LYS D 291 25.90 -16.43 2.71
C LYS D 291 26.98 -15.81 3.55
N SER D 292 27.26 -16.41 4.70
CA SER D 292 28.28 -15.88 5.60
C SER D 292 28.91 -16.91 6.48
N PHE D 293 30.13 -16.64 6.95
CA PHE D 293 30.74 -17.53 7.92
C PHE D 293 30.46 -17.09 9.35
N GLU D 294 29.78 -15.96 9.46
CA GLU D 294 29.37 -15.34 10.71
C GLU D 294 27.87 -15.02 10.63
N ILE D 295 27.12 -15.50 11.61
CA ILE D 295 25.67 -15.39 11.62
C ILE D 295 25.22 -14.60 12.83
N ASP D 296 24.31 -13.65 12.65
CA ASP D 296 23.87 -12.90 13.81
C ASP D 296 22.83 -13.69 14.59
N LYS D 297 22.35 -13.16 15.69
CA LYS D 297 21.36 -13.86 16.51
C LYS D 297 19.97 -13.85 15.92
N GLY D 298 19.27 -14.96 16.06
CA GLY D 298 17.88 -15.03 15.62
C GLY D 298 17.48 -16.38 15.07
N ILE D 299 16.25 -16.43 14.60
CA ILE D 299 15.69 -17.64 14.03
C ILE D 299 15.56 -17.42 12.55
N TYR D 300 16.14 -18.30 11.77
CA TYR D 300 16.13 -18.11 10.34
C TYR D 300 15.55 -19.30 9.64
N GLN D 301 14.71 -19.09 8.64
CA GLN D 301 14.24 -20.24 7.92
C GLN D 301 15.27 -20.61 6.91
N THR D 302 15.71 -21.86 6.91
CA THR D 302 16.74 -22.23 5.97
C THR D 302 16.27 -23.25 4.97
N SER D 303 15.26 -24.02 5.33
CA SER D 303 14.87 -25.10 4.46
C SER D 303 13.42 -25.50 4.63
N ASN D 304 13.07 -26.59 3.98
CA ASN D 304 11.75 -27.18 3.99
C ASN D 304 11.92 -28.68 3.99
N PHE D 305 11.12 -29.39 4.76
CA PHE D 305 11.24 -30.82 4.79
C PHE D 305 9.98 -31.49 4.37
N ARG D 306 10.15 -32.71 3.91
CA ARG D 306 9.06 -33.57 3.56
C ARG D 306 9.39 -34.97 4.04
N VAL D 307 8.38 -35.64 4.54
CA VAL D 307 8.45 -37.03 4.89
C VAL D 307 8.25 -37.82 3.62
N VAL D 308 9.00 -38.88 3.42
CA VAL D 308 8.83 -39.64 2.20
C VAL D 308 8.10 -40.96 2.51
N PRO D 309 7.34 -41.52 1.55
CA PRO D 309 6.57 -42.75 1.64
C PRO D 309 7.32 -43.99 2.04
N SER D 310 6.65 -44.82 2.83
CA SER D 310 7.13 -46.11 3.30
C SER D 310 6.70 -47.24 2.38
N GLY D 311 5.84 -46.95 1.40
CA GLY D 311 5.31 -48.01 0.55
C GLY D 311 4.39 -47.51 -0.57
N ASP D 312 3.81 -48.49 -1.29
CA ASP D 312 2.99 -48.28 -2.47
C ASP D 312 1.65 -49.06 -2.45
N VAL D 313 0.55 -48.32 -2.39
CA VAL D 313 -0.80 -48.88 -2.33
C VAL D 313 -1.55 -48.69 -3.62
N VAL D 314 -1.76 -49.79 -4.32
CA VAL D 314 -2.42 -49.77 -5.61
C VAL D 314 -3.69 -50.60 -5.51
N ARG D 315 -4.86 -50.02 -5.81
CA ARG D 315 -6.15 -50.70 -5.68
C ARG D 315 -6.94 -50.56 -6.97
N LEU D 515 -3.36 -54.88 -11.70
CA LEU D 515 -2.46 -55.21 -10.61
C LEU D 515 -2.89 -54.43 -9.36
N SER D 516 -2.59 -54.98 -8.16
CA SER D 516 -2.92 -54.38 -6.86
C SER D 516 -1.97 -54.83 -5.77
N THR D 517 -2.00 -54.08 -4.68
CA THR D 517 -1.24 -54.33 -3.46
C THR D 517 -2.17 -54.19 -2.25
N ASP D 518 -1.67 -54.53 -1.08
CA ASP D 518 -2.41 -54.43 0.17
C ASP D 518 -2.58 -52.99 0.58
N LEU D 519 -3.60 -52.69 1.38
CA LEU D 519 -3.68 -51.35 1.89
C LEU D 519 -2.63 -51.18 2.95
N ILE D 520 -2.01 -50.03 2.96
CA ILE D 520 -1.05 -49.66 3.97
C ILE D 520 -1.69 -48.52 4.73
N LYS D 521 -1.86 -48.67 6.03
CA LYS D 521 -2.56 -47.63 6.78
C LYS D 521 -1.75 -46.96 7.87
N ASN D 522 -2.20 -45.76 8.21
CA ASN D 522 -1.68 -44.92 9.30
C ASN D 522 -0.20 -44.59 9.18
N GLN D 523 0.27 -44.35 7.97
CA GLN D 523 1.65 -43.99 7.69
C GLN D 523 1.67 -43.32 6.32
N CYS D 524 2.78 -42.62 5.94
CA CYS D 524 2.90 -41.98 4.62
C CYS D 524 3.03 -43.03 3.53
N VAL D 525 2.10 -42.98 2.61
CA VAL D 525 1.95 -43.90 1.50
C VAL D 525 1.79 -43.24 0.15
N ASN D 526 2.45 -43.81 -0.84
CA ASN D 526 2.27 -43.39 -2.22
C ASN D 526 1.09 -44.24 -2.72
N PHE D 527 -0.05 -43.64 -3.01
CA PHE D 527 -1.24 -44.43 -3.37
C PHE D 527 -1.86 -44.15 -4.74
N ASN D 528 -2.61 -45.17 -5.22
CA ASN D 528 -3.41 -45.15 -6.44
C ASN D 528 -4.76 -45.88 -6.30
N PHE D 529 -5.84 -45.11 -6.16
CA PHE D 529 -7.16 -45.69 -6.01
C PHE D 529 -7.99 -45.47 -7.26
N ASN D 530 -8.07 -46.47 -8.11
CA ASN D 530 -8.81 -46.40 -9.35
C ASN D 530 -8.42 -45.18 -10.19
N GLY D 531 -7.13 -44.88 -10.27
CA GLY D 531 -6.67 -43.75 -11.05
C GLY D 531 -6.44 -42.48 -10.24
N LEU D 532 -6.92 -42.43 -8.99
CA LEU D 532 -6.71 -41.25 -8.17
C LEU D 532 -5.40 -41.44 -7.45
N THR D 533 -4.46 -40.55 -7.68
CA THR D 533 -3.16 -40.76 -7.09
C THR D 533 -2.69 -39.60 -6.25
N GLY D 534 -1.74 -39.90 -5.39
CA GLY D 534 -1.13 -38.88 -4.56
C GLY D 534 -0.36 -39.50 -3.42
N THR D 535 0.16 -38.66 -2.55
CA THR D 535 0.92 -39.13 -1.42
C THR D 535 0.22 -38.64 -0.17
N GLY D 536 -0.01 -39.53 0.77
CA GLY D 536 -0.69 -39.14 1.99
C GLY D 536 -0.86 -40.29 2.93
N VAL D 537 -1.61 -40.06 3.98
CA VAL D 537 -1.81 -41.04 5.01
C VAL D 537 -3.24 -41.53 4.95
N LEU D 538 -3.39 -42.82 4.75
CA LEU D 538 -4.70 -43.44 4.59
C LEU D 538 -5.19 -43.91 5.94
N THR D 539 -6.36 -43.46 6.37
CA THR D 539 -6.87 -43.87 7.68
C THR D 539 -8.32 -44.30 7.56
N PRO D 540 -8.87 -45.13 8.44
CA PRO D 540 -10.28 -45.51 8.47
C PRO D 540 -11.15 -44.28 8.58
N SER D 541 -12.31 -44.28 7.92
CA SER D 541 -13.20 -43.14 7.98
C SER D 541 -14.67 -43.46 8.15
N SER D 542 -15.35 -42.54 8.82
CA SER D 542 -16.78 -42.60 9.12
C SER D 542 -17.69 -42.03 8.04
N LYS D 543 -17.11 -41.40 7.02
CA LYS D 543 -17.96 -40.73 6.03
C LYS D 543 -18.95 -41.66 5.36
N ARG D 544 -20.19 -41.21 5.36
CA ARG D 544 -21.30 -41.96 4.84
C ARG D 544 -21.47 -41.84 3.35
N PHE D 545 -20.61 -42.48 2.59
CA PHE D 545 -20.71 -42.39 1.14
C PHE D 545 -21.92 -43.11 0.62
N GLN D 546 -22.47 -42.59 -0.47
CA GLN D 546 -23.57 -43.25 -1.15
C GLN D 546 -22.98 -44.37 -2.01
N PRO D 547 -23.74 -45.40 -2.39
CA PRO D 547 -23.34 -46.50 -3.23
C PRO D 547 -22.75 -46.13 -4.58
N PHE D 548 -23.01 -44.95 -5.08
CA PHE D 548 -22.50 -44.55 -6.38
C PHE D 548 -21.38 -43.53 -6.28
N GLN D 549 -20.97 -43.18 -5.06
CA GLN D 549 -19.92 -42.18 -4.85
C GLN D 549 -18.58 -42.84 -4.58
N GLN D 550 -17.58 -42.47 -5.36
CA GLN D 550 -16.26 -43.05 -5.21
C GLN D 550 -15.29 -42.19 -4.44
N PHE D 551 -15.47 -40.88 -4.50
CA PHE D 551 -14.47 -40.02 -3.89
C PHE D 551 -15.18 -39.05 -3.02
N GLY D 552 -14.53 -38.54 -2.01
CA GLY D 552 -15.10 -37.46 -1.25
C GLY D 552 -14.22 -36.25 -1.36
N ARG D 553 -14.81 -35.07 -1.25
CA ARG D 553 -14.06 -33.83 -1.34
C ARG D 553 -14.28 -32.92 -0.15
N ASP D 554 -13.27 -32.08 0.08
CA ASP D 554 -13.25 -31.07 1.13
C ASP D 554 -14.03 -29.87 0.62
N VAL D 555 -14.13 -28.83 1.42
CA VAL D 555 -14.85 -27.65 0.94
C VAL D 555 -14.06 -27.08 -0.23
N SER D 556 -12.74 -26.99 -0.08
CA SER D 556 -11.89 -26.59 -1.18
C SER D 556 -11.79 -27.84 -2.04
N ASP D 557 -11.45 -27.73 -3.32
CA ASP D 557 -11.53 -28.94 -4.15
C ASP D 557 -10.32 -29.90 -4.10
N PHE D 558 -10.22 -30.61 -2.98
CA PHE D 558 -9.19 -31.61 -2.72
C PHE D 558 -9.82 -32.91 -2.31
N THR D 559 -9.18 -34.02 -2.69
CA THR D 559 -9.68 -35.29 -2.25
C THR D 559 -9.55 -35.34 -0.76
N ASP D 560 -10.62 -35.63 -0.06
CA ASP D 560 -10.60 -35.72 1.39
C ASP D 560 -10.61 -37.17 1.76
N SER D 561 -11.26 -37.97 0.91
CA SER D 561 -11.40 -39.40 1.15
C SER D 561 -11.64 -40.17 -0.12
N VAL D 562 -11.42 -41.47 -0.04
CA VAL D 562 -11.73 -42.38 -1.13
C VAL D 562 -12.46 -43.64 -0.68
N ARG D 563 -13.19 -44.25 -1.60
CA ARG D 563 -13.77 -45.54 -1.36
C ARG D 563 -12.86 -46.57 -1.98
N ASP D 564 -12.51 -47.59 -1.22
CA ASP D 564 -11.63 -48.63 -1.73
C ASP D 564 -12.29 -49.47 -2.84
N PRO D 565 -11.71 -49.58 -4.03
CA PRO D 565 -12.21 -50.34 -5.16
C PRO D 565 -12.48 -51.83 -4.94
N LYS D 566 -11.88 -52.48 -3.92
CA LYS D 566 -12.15 -53.91 -3.77
C LYS D 566 -12.98 -54.24 -2.51
N THR D 567 -12.84 -53.44 -1.45
CA THR D 567 -13.55 -53.72 -0.19
C THR D 567 -14.68 -52.75 0.11
N SER D 568 -14.73 -51.62 -0.62
CA SER D 568 -15.67 -50.53 -0.44
C SER D 568 -15.64 -49.85 0.93
N GLU D 569 -14.52 -49.96 1.63
CA GLU D 569 -14.35 -49.26 2.89
C GLU D 569 -14.01 -47.82 2.60
N ILE D 570 -14.25 -46.92 3.54
CA ILE D 570 -13.93 -45.52 3.29
C ILE D 570 -12.70 -45.12 4.07
N LEU D 571 -11.76 -44.51 3.35
CA LEU D 571 -10.52 -44.05 3.94
C LEU D 571 -10.31 -42.55 3.77
N ASP D 572 -9.92 -41.89 4.85
CA ASP D 572 -9.60 -40.47 4.77
C ASP D 572 -8.19 -40.34 4.29
N ILE D 573 -7.87 -39.24 3.62
CA ILE D 573 -6.49 -39.04 3.23
C ILE D 573 -5.87 -37.78 3.81
N SER D 574 -4.91 -37.93 4.70
CA SER D 574 -4.26 -36.75 5.26
C SER D 574 -3.01 -36.51 4.43
N PRO D 575 -2.50 -35.30 4.30
CA PRO D 575 -1.25 -35.03 3.66
C PRO D 575 -0.13 -35.72 4.41
N CYS D 576 0.96 -36.08 3.71
CA CYS D 576 2.19 -36.65 4.24
C CYS D 576 2.93 -35.44 4.82
N ALA D 577 3.34 -35.55 6.07
CA ALA D 577 3.87 -34.38 6.76
C ALA D 577 4.99 -33.66 6.04
N PHE D 578 4.85 -32.33 6.05
CA PHE D 578 5.84 -31.42 5.49
C PHE D 578 5.85 -30.13 6.27
N GLY D 579 6.88 -29.33 6.11
CA GLY D 579 6.90 -28.05 6.80
C GLY D 579 8.20 -27.32 6.65
N GLY D 580 8.30 -26.13 7.20
CA GLY D 580 9.54 -25.38 7.08
C GLY D 580 10.54 -25.83 8.12
N VAL D 581 11.81 -25.53 7.90
CA VAL D 581 12.82 -25.82 8.90
C VAL D 581 13.55 -24.54 9.24
N SER D 582 13.56 -24.18 10.50
CA SER D 582 14.27 -22.98 10.91
C SER D 582 15.42 -23.34 11.83
N VAL D 583 16.50 -22.59 11.72
CA VAL D 583 17.64 -22.84 12.57
C VAL D 583 17.80 -21.66 13.50
N ILE D 584 17.86 -21.98 14.76
CA ILE D 584 17.92 -21.01 15.84
C ILE D 584 19.30 -20.87 16.39
N THR D 585 19.83 -19.67 16.27
CA THR D 585 21.18 -19.41 16.71
C THR D 585 21.27 -18.24 17.68
N PRO D 586 22.08 -18.33 18.74
CA PRO D 586 22.32 -17.30 19.71
C PRO D 586 23.24 -16.20 19.17
N GLY D 587 23.79 -16.41 17.98
CA GLY D 587 24.73 -15.49 17.36
C GLY D 587 26.10 -16.09 17.51
N THR D 588 26.90 -16.08 16.44
CA THR D 588 28.22 -16.71 16.46
C THR D 588 29.23 -15.99 17.31
N ASN D 589 28.93 -14.76 17.71
CA ASN D 589 29.82 -14.01 18.56
C ASN D 589 29.73 -14.55 19.98
N ALA D 590 28.66 -15.29 20.26
CA ALA D 590 28.43 -15.88 21.55
C ALA D 590 28.70 -17.38 21.51
N SER D 591 28.12 -18.02 20.51
CA SER D 591 28.25 -19.45 20.31
C SER D 591 27.80 -19.87 18.94
N SER D 592 28.42 -20.89 18.38
CA SER D 592 27.99 -21.40 17.09
C SER D 592 26.93 -22.48 17.25
N GLU D 593 26.59 -22.80 18.48
CA GLU D 593 25.59 -23.81 18.84
C GLU D 593 24.22 -23.48 18.27
N VAL D 594 23.54 -24.47 17.69
CA VAL D 594 22.21 -24.20 17.15
C VAL D 594 21.14 -25.18 17.59
N ALA D 595 19.89 -24.76 17.48
CA ALA D 595 18.70 -25.60 17.71
C ALA D 595 17.89 -25.61 16.43
N VAL D 596 17.18 -26.69 16.15
CA VAL D 596 16.40 -26.76 14.92
C VAL D 596 14.91 -26.90 15.13
N LEU D 597 14.15 -26.04 14.52
CA LEU D 597 12.71 -26.10 14.60
C LEU D 597 12.06 -26.66 13.34
N TYR D 598 11.35 -27.76 13.48
CA TYR D 598 10.63 -28.32 12.35
C TYR D 598 9.24 -27.77 12.52
N GLN D 599 8.84 -26.92 11.61
CA GLN D 599 7.60 -26.19 11.77
C GLN D 599 6.36 -26.97 11.41
N ASP D 600 5.28 -26.63 12.11
CA ASP D 600 3.94 -27.16 11.83
C ASP D 600 3.88 -28.68 11.76
N VAL D 601 4.58 -29.37 12.65
CA VAL D 601 4.60 -30.81 12.62
C VAL D 601 4.47 -31.38 14.03
N ASN D 602 3.90 -32.60 14.16
CA ASN D 602 3.89 -33.40 15.38
C ASN D 602 5.34 -33.89 15.59
N CYS D 603 5.88 -33.64 16.78
CA CYS D 603 7.26 -33.93 17.17
C CYS D 603 7.51 -35.44 17.17
N THR D 604 6.50 -36.21 17.53
CA THR D 604 6.67 -37.65 17.53
C THR D 604 6.95 -38.13 16.11
N ASP D 605 6.23 -37.58 15.15
CA ASP D 605 6.36 -37.99 13.77
C ASP D 605 7.63 -37.50 13.11
N VAL D 606 8.07 -36.28 13.42
CA VAL D 606 9.29 -35.85 12.74
C VAL D 606 10.45 -36.61 13.34
N SER D 607 10.43 -36.86 14.65
CA SER D 607 11.51 -37.59 15.27
C SER D 607 11.62 -38.97 14.66
N THR D 608 10.46 -39.62 14.45
CA THR D 608 10.48 -40.93 13.84
C THR D 608 11.06 -40.88 12.45
N ALA D 609 10.65 -39.90 11.64
CA ALA D 609 11.16 -39.79 10.29
C ALA D 609 12.66 -39.57 10.28
N ILE D 610 13.18 -38.83 11.24
CA ILE D 610 14.62 -38.61 11.28
C ILE D 610 15.32 -39.94 11.52
N HIS D 611 14.85 -40.71 12.50
CA HIS D 611 15.50 -41.97 12.84
C HIS D 611 15.29 -43.05 11.79
N ALA D 612 14.16 -42.95 11.09
CA ALA D 612 13.77 -43.87 10.05
C ALA D 612 14.38 -43.53 8.71
N ASP D 613 15.16 -42.45 8.63
CA ASP D 613 15.74 -41.97 7.38
C ASP D 613 14.66 -41.71 6.32
N GLN D 614 13.56 -41.07 6.75
CA GLN D 614 12.46 -40.70 5.87
C GLN D 614 12.34 -39.21 5.57
N LEU D 615 13.35 -38.41 5.87
CA LEU D 615 13.21 -37.00 5.48
C LEU D 615 14.06 -36.70 4.27
N THR D 616 13.51 -35.89 3.37
CA THR D 616 14.24 -35.49 2.18
C THR D 616 15.51 -34.65 2.43
N PRO D 617 15.49 -33.48 3.13
CA PRO D 617 16.65 -32.64 3.35
C PRO D 617 17.47 -33.17 4.48
N ALA D 618 18.02 -34.34 4.30
CA ALA D 618 18.78 -34.94 5.37
C ALA D 618 20.08 -34.20 5.57
N TRP D 619 20.46 -34.06 6.83
CA TRP D 619 21.74 -33.49 7.20
C TRP D 619 22.62 -34.64 7.57
N ARG D 620 23.71 -34.76 6.87
CA ARG D 620 24.55 -35.94 6.93
C ARG D 620 25.17 -36.28 8.28
N ILE D 621 25.50 -35.31 9.12
CA ILE D 621 26.07 -35.66 10.43
C ILE D 621 25.17 -35.22 11.58
N TYR D 622 23.92 -34.91 11.28
CA TYR D 622 23.00 -34.41 12.29
C TYR D 622 22.53 -35.43 13.29
N SER D 623 22.41 -34.98 14.52
CA SER D 623 21.89 -35.76 15.63
C SER D 623 20.98 -34.88 16.46
N THR D 624 19.83 -35.43 16.83
CA THR D 624 18.83 -34.68 17.59
C THR D 624 19.26 -34.40 19.03
N GLY D 625 20.02 -35.30 19.61
CA GLY D 625 20.50 -35.12 20.98
C GLY D 625 19.48 -35.51 22.04
N ASN D 626 18.34 -36.03 21.59
CA ASN D 626 17.24 -36.43 22.44
C ASN D 626 16.69 -35.33 23.36
N ASN D 627 16.59 -34.11 22.83
CA ASN D 627 16.01 -32.99 23.55
C ASN D 627 14.97 -32.40 22.65
N VAL D 628 13.83 -33.08 22.57
CA VAL D 628 12.82 -32.65 21.64
C VAL D 628 11.63 -32.13 22.42
N PHE D 629 11.22 -30.93 22.07
CA PHE D 629 10.14 -30.22 22.72
C PHE D 629 9.02 -29.81 21.78
N GLN D 630 7.82 -30.27 22.05
CA GLN D 630 6.69 -29.92 21.19
C GLN D 630 6.14 -28.58 21.60
N THR D 631 6.06 -27.64 20.65
CA THR D 631 5.49 -26.34 20.92
C THR D 631 4.42 -26.14 19.85
N GLN D 632 3.61 -25.11 19.98
CA GLN D 632 2.55 -24.88 19.01
C GLN D 632 3.10 -24.56 17.62
N ALA D 633 4.33 -24.09 17.55
CA ALA D 633 4.97 -23.72 16.31
C ALA D 633 5.56 -24.89 15.55
N GLY D 634 5.72 -26.05 16.21
CA GLY D 634 6.43 -27.18 15.62
C GLY D 634 7.27 -27.95 16.66
N CYS D 635 8.19 -28.81 16.19
CA CYS D 635 9.05 -29.64 17.02
C CYS D 635 10.40 -28.96 17.15
N LEU D 636 10.73 -28.56 18.35
CA LEU D 636 11.97 -27.85 18.59
C LEU D 636 13.00 -28.81 19.13
N ILE D 637 14.06 -29.01 18.38
CA ILE D 637 15.07 -29.98 18.75
C ILE D 637 16.42 -29.36 19.10
N GLY D 638 16.92 -29.69 20.28
CA GLY D 638 18.20 -29.20 20.73
C GLY D 638 18.11 -28.12 21.79
N ALA D 639 16.97 -27.50 21.93
CA ALA D 639 16.80 -26.52 22.97
C ALA D 639 16.34 -27.26 24.20
N GLU D 640 16.84 -26.89 25.35
CA GLU D 640 16.38 -27.53 26.57
C GLU D 640 15.13 -26.82 26.98
N HIS D 641 14.21 -27.48 27.64
CA HIS D 641 13.06 -26.75 28.13
C HIS D 641 13.29 -26.41 29.58
N VAL D 642 13.05 -25.17 29.96
CA VAL D 642 13.24 -24.82 31.34
C VAL D 642 11.95 -24.27 31.90
N ASP D 643 11.82 -24.29 33.23
CA ASP D 643 10.62 -23.81 33.91
C ASP D 643 10.72 -22.41 34.46
N THR D 644 11.76 -21.72 34.04
CA THR D 644 12.03 -20.37 34.41
C THR D 644 11.50 -19.49 33.31
N SER D 645 11.51 -18.19 33.52
CA SER D 645 11.07 -17.29 32.48
C SER D 645 11.97 -16.09 32.47
N TYR D 646 12.05 -15.47 31.32
CA TYR D 646 12.92 -14.33 31.11
C TYR D 646 12.27 -13.46 30.08
N GLU D 647 12.88 -12.36 29.76
CA GLU D 647 12.35 -11.53 28.71
C GLU D 647 12.51 -12.36 27.44
N CYS D 648 11.63 -12.15 26.43
CA CYS D 648 11.73 -12.85 25.15
C CYS D 648 12.93 -12.36 24.37
N ASP D 649 13.65 -13.29 23.78
CA ASP D 649 14.82 -12.98 22.99
C ASP D 649 14.53 -13.46 21.57
N ILE D 650 14.68 -14.75 21.28
CA ILE D 650 14.36 -15.22 19.95
C ILE D 650 12.97 -15.82 20.02
N PRO D 651 11.93 -15.26 19.43
CA PRO D 651 10.60 -15.77 19.54
C PRO D 651 10.47 -17.04 18.76
N ILE D 652 9.70 -18.00 19.24
CA ILE D 652 9.39 -19.18 18.48
C ILE D 652 7.90 -19.21 18.10
N GLY D 653 7.03 -18.99 19.08
CA GLY D 653 5.60 -18.99 18.84
C GLY D 653 4.84 -19.34 20.10
N ALA D 654 3.60 -18.89 20.17
CA ALA D 654 2.80 -19.04 21.35
C ALA D 654 3.63 -18.38 22.40
N GLY D 655 3.65 -18.83 23.63
CA GLY D 655 4.43 -18.06 24.57
C GLY D 655 5.91 -18.45 24.59
N ILE D 656 6.31 -19.36 23.72
CA ILE D 656 7.69 -19.84 23.75
C ILE D 656 8.68 -18.98 22.97
N CYS D 657 9.79 -18.64 23.66
CA CYS D 657 10.96 -17.90 23.21
C CYS D 657 12.17 -18.73 23.56
N ALA D 658 13.28 -18.46 22.89
CA ALA D 658 14.52 -19.14 23.22
C ALA D 658 15.65 -18.16 23.39
N SER D 659 16.62 -18.54 24.21
CA SER D 659 17.80 -17.73 24.41
C SER D 659 18.97 -18.57 24.88
N TYR D 660 20.09 -17.94 25.21
CA TYR D 660 21.29 -18.68 25.57
C TYR D 660 21.57 -18.47 27.06
N HIS D 661 21.36 -19.52 27.84
CA HIS D 661 21.43 -19.45 29.29
C HIS D 661 22.10 -20.61 29.96
N THR D 662 22.53 -20.40 31.20
CA THR D 662 23.09 -21.50 31.96
C THR D 662 21.92 -22.34 32.46
N VAL D 663 22.19 -23.59 32.88
CA VAL D 663 21.17 -24.52 33.42
C VAL D 663 21.78 -25.26 34.60
N LYS D 672 26.75 -22.26 29.12
CA LYS D 672 25.44 -21.90 28.59
C LYS D 672 25.02 -22.93 27.52
N SER D 673 23.70 -23.00 27.25
CA SER D 673 23.03 -23.85 26.26
C SER D 673 21.78 -23.13 25.75
N ILE D 674 21.24 -23.59 24.64
CA ILE D 674 20.03 -22.96 24.16
C ILE D 674 18.86 -23.50 24.94
N VAL D 675 18.04 -22.60 25.46
CA VAL D 675 16.89 -22.99 26.26
C VAL D 675 15.63 -22.38 25.70
N ALA D 676 14.51 -23.04 25.95
CA ALA D 676 13.19 -22.58 25.57
C ALA D 676 12.36 -22.35 26.82
N TYR D 677 11.59 -21.30 26.80
CA TYR D 677 10.79 -20.95 27.95
C TYR D 677 9.57 -20.13 27.62
N THR D 678 8.60 -20.12 28.53
CA THR D 678 7.47 -19.22 28.35
C THR D 678 7.97 -17.86 28.74
N MET D 679 7.76 -16.87 27.90
CA MET D 679 8.28 -15.54 28.17
C MET D 679 7.59 -14.82 29.31
N SER D 680 8.36 -13.99 29.98
CA SER D 680 7.90 -13.10 31.03
C SER D 680 7.21 -11.91 30.41
N LEU D 681 6.13 -11.43 31.03
CA LEU D 681 5.44 -10.26 30.50
C LEU D 681 5.89 -8.94 31.08
N GLY D 682 6.45 -8.98 32.28
CA GLY D 682 6.88 -7.77 32.95
C GLY D 682 7.24 -8.11 34.37
N ALA D 683 7.70 -7.11 35.11
CA ALA D 683 8.09 -7.31 36.51
C ALA D 683 6.86 -7.60 37.32
N ASP D 684 6.99 -8.35 38.40
CA ASP D 684 5.85 -8.61 39.27
C ASP D 684 5.69 -7.49 40.30
N SER D 685 4.66 -6.65 40.18
CA SER D 685 4.56 -5.51 41.09
C SER D 685 3.23 -5.42 41.83
N SER D 686 3.35 -5.43 43.15
CA SER D 686 2.20 -5.34 44.01
C SER D 686 2.00 -3.90 44.39
N ILE D 687 0.89 -3.33 43.97
CA ILE D 687 0.64 -1.95 44.28
C ILE D 687 -0.45 -1.92 45.30
N ALA D 688 -0.20 -1.26 46.39
CA ALA D 688 -1.18 -1.23 47.44
C ALA D 688 -2.29 -0.31 47.03
N TYR D 689 -3.50 -0.64 47.43
CA TYR D 689 -4.60 0.26 47.23
C TYR D 689 -5.16 0.62 48.57
N SER D 690 -5.34 1.90 48.79
CA SER D 690 -5.90 2.39 50.02
C SER D 690 -6.69 3.62 49.70
N ASN D 691 -7.79 3.85 50.43
CA ASN D 691 -8.69 5.00 50.23
C ASN D 691 -8.23 6.30 50.94
N ASN D 692 -7.10 6.26 51.72
CA ASN D 692 -6.57 7.44 52.42
C ASN D 692 -5.08 7.65 52.23
N THR D 693 -4.45 6.96 51.29
CA THR D 693 -3.01 7.11 51.15
C THR D 693 -2.60 7.47 49.74
N ILE D 694 -1.73 8.46 49.63
CA ILE D 694 -1.24 8.88 48.33
C ILE D 694 0.28 8.87 48.30
N ALA D 695 0.86 8.44 47.21
CA ALA D 695 2.31 8.55 47.13
C ALA D 695 2.63 9.84 46.38
N ILE D 696 3.58 10.60 46.89
CA ILE D 696 4.01 11.83 46.23
C ILE D 696 5.52 11.82 46.08
N PRO D 697 6.08 11.97 44.87
CA PRO D 697 7.47 12.03 44.57
C PRO D 697 8.10 13.12 45.38
N THR D 698 9.27 12.88 45.93
CA THR D 698 9.94 13.94 46.69
C THR D 698 11.22 14.45 45.98
N ASN D 699 11.59 13.84 44.82
CA ASN D 699 12.74 14.10 43.99
C ASN D 699 12.33 13.79 42.55
N PHE D 700 13.21 14.03 41.57
CA PHE D 700 12.99 13.78 40.14
C PHE D 700 14.31 13.58 39.43
N SER D 701 14.20 13.06 38.24
CA SER D 701 15.36 12.87 37.41
C SER D 701 15.14 13.27 35.98
N ILE D 702 15.99 14.14 35.47
CA ILE D 702 15.88 14.52 34.08
C ILE D 702 16.51 13.40 33.30
N SER D 703 15.78 12.93 32.33
CA SER D 703 16.21 11.82 31.51
C SER D 703 16.15 12.19 30.06
N ILE D 704 17.09 11.71 29.27
CA ILE D 704 16.98 12.00 27.86
C ILE D 704 16.96 10.69 27.13
N THR D 705 15.94 10.50 26.33
CA THR D 705 15.79 9.27 25.58
C THR D 705 15.79 9.54 24.12
N THR D 706 15.81 8.52 23.30
CA THR D 706 15.82 8.82 21.89
C THR D 706 14.81 8.08 21.06
N GLU D 707 14.44 8.70 19.95
CA GLU D 707 13.58 8.09 18.96
C GLU D 707 14.16 8.20 17.59
N VAL D 708 14.06 7.13 16.83
CA VAL D 708 14.63 7.08 15.50
C VAL D 708 13.58 6.88 14.44
N MET D 709 13.55 7.75 13.43
CA MET D 709 12.57 7.60 12.37
C MET D 709 13.12 7.69 10.93
N PRO D 710 12.76 6.74 10.06
CA PRO D 710 13.14 6.62 8.67
C PRO D 710 12.37 7.55 7.77
N VAL D 711 12.77 8.80 7.75
CA VAL D 711 12.12 9.85 6.97
C VAL D 711 12.17 9.60 5.47
N SER D 712 13.27 9.06 4.95
CA SER D 712 13.31 8.85 3.50
C SER D 712 14.02 7.59 3.06
N MET D 713 13.77 7.19 1.83
CA MET D 713 14.41 6.03 1.21
C MET D 713 15.16 6.45 -0.05
N ALA D 714 15.87 5.53 -0.66
CA ALA D 714 16.64 5.85 -1.85
C ALA D 714 15.78 6.25 -3.03
N LYS D 715 16.25 7.24 -3.76
CA LYS D 715 15.57 7.67 -4.96
C LYS D 715 16.02 6.86 -6.14
N THR D 716 15.51 5.67 -6.26
CA THR D 716 16.02 4.85 -7.35
C THR D 716 15.34 5.29 -8.62
N SER D 717 15.92 4.87 -9.73
CA SER D 717 15.38 5.12 -11.04
C SER D 717 15.74 3.99 -11.96
N VAL D 718 14.81 3.57 -12.77
CA VAL D 718 15.07 2.46 -13.65
C VAL D 718 14.78 2.76 -15.07
N ASP D 719 15.73 2.43 -15.92
CA ASP D 719 15.56 2.55 -17.34
C ASP D 719 14.95 1.24 -17.80
N CYS D 720 13.62 1.22 -18.03
CA CYS D 720 12.82 0.04 -18.35
C CYS D 720 13.34 -0.63 -19.60
N ASN D 721 13.60 0.15 -20.63
CA ASN D 721 14.05 -0.48 -21.84
C ASN D 721 15.42 -1.06 -21.67
N MET D 722 16.32 -0.41 -20.93
CA MET D 722 17.66 -0.98 -20.73
C MET D 722 17.62 -2.23 -19.86
N TYR D 723 16.72 -2.25 -18.88
CA TYR D 723 16.60 -3.41 -18.03
C TYR D 723 16.14 -4.62 -18.82
N ILE D 724 15.09 -4.44 -19.60
CA ILE D 724 14.51 -5.57 -20.33
C ILE D 724 15.32 -6.00 -21.55
N CYS D 725 15.73 -5.02 -22.39
CA CYS D 725 16.43 -5.15 -23.65
C CYS D 725 17.79 -4.46 -23.56
N GLY D 726 18.77 -4.97 -24.27
CA GLY D 726 20.07 -4.31 -24.29
C GLY D 726 20.21 -3.48 -25.56
N ASP D 727 21.18 -3.82 -26.36
CA ASP D 727 21.44 -3.14 -27.61
C ASP D 727 20.77 -3.84 -28.79
N SER D 728 19.86 -4.76 -28.47
CA SER D 728 19.07 -5.48 -29.43
C SER D 728 17.83 -4.73 -29.86
N THR D 729 17.70 -4.52 -31.15
CA THR D 729 16.56 -3.82 -31.68
C THR D 729 15.44 -4.80 -31.90
N GLU D 730 15.76 -6.08 -31.97
CA GLU D 730 14.70 -7.08 -32.10
C GLU D 730 13.85 -7.08 -30.81
N CYS D 731 14.51 -7.02 -29.62
CA CYS D 731 13.88 -6.97 -28.31
C CYS D 731 13.18 -5.63 -28.16
N ALA D 732 13.87 -4.54 -28.49
CA ALA D 732 13.27 -3.25 -28.30
C ALA D 732 11.96 -3.12 -29.06
N ASN D 733 11.87 -3.70 -30.26
CA ASN D 733 10.64 -3.63 -31.01
C ASN D 733 9.58 -4.57 -30.46
N LEU D 734 9.96 -5.77 -30.03
CA LEU D 734 8.96 -6.68 -29.49
C LEU D 734 8.33 -6.09 -28.26
N LEU D 735 9.11 -5.39 -27.48
CA LEU D 735 8.66 -4.78 -26.26
C LEU D 735 7.54 -3.77 -26.46
N LEU D 736 7.42 -3.18 -27.64
CA LEU D 736 6.42 -2.16 -27.88
C LEU D 736 5.06 -2.80 -28.05
N GLN D 737 5.03 -4.11 -28.21
CA GLN D 737 3.81 -4.80 -28.45
C GLN D 737 3.14 -5.06 -27.15
N TYR D 738 3.79 -4.72 -26.04
CA TYR D 738 3.19 -4.96 -24.75
C TYR D 738 2.55 -3.69 -24.28
N GLY D 739 2.59 -2.66 -25.11
CA GLY D 739 1.98 -1.41 -24.74
C GLY D 739 2.85 -0.60 -23.83
N SER D 740 2.26 0.42 -23.27
CA SER D 740 2.94 1.37 -22.44
C SER D 740 3.14 0.90 -21.00
N PHE D 741 3.83 -0.22 -20.83
CA PHE D 741 4.19 -0.65 -19.48
C PHE D 741 5.33 0.19 -18.91
N CYS D 742 6.35 0.50 -19.75
CA CYS D 742 7.55 1.23 -19.37
C CYS D 742 7.26 2.66 -18.99
N THR D 743 6.24 3.27 -19.57
CA THR D 743 6.02 4.64 -19.17
C THR D 743 5.31 4.68 -17.83
N GLN D 744 4.59 3.62 -17.48
CA GLN D 744 3.92 3.61 -16.20
C GLN D 744 4.91 3.24 -15.13
N LEU D 745 5.86 2.37 -15.46
CA LEU D 745 6.87 1.96 -14.52
C LEU D 745 7.79 3.14 -14.25
N ASN D 746 8.09 3.92 -15.28
CA ASN D 746 8.95 5.05 -15.09
C ASN D 746 8.24 6.12 -14.28
N ARG D 747 6.94 6.35 -14.53
CA ARG D 747 6.27 7.35 -13.72
C ARG D 747 6.13 6.92 -12.29
N ALA D 748 5.88 5.65 -12.03
CA ALA D 748 5.72 5.21 -10.68
C ALA D 748 6.98 5.45 -9.87
N LEU D 749 8.13 5.16 -10.46
CA LEU D 749 9.37 5.35 -9.75
C LEU D 749 9.76 6.81 -9.65
N SER D 750 9.48 7.62 -10.67
CA SER D 750 9.81 9.03 -10.59
C SER D 750 8.91 9.71 -9.60
N GLY D 751 7.69 9.21 -9.48
CA GLY D 751 6.71 9.73 -8.55
C GLY D 751 7.22 9.58 -7.14
N ILE D 752 7.61 8.36 -6.76
CA ILE D 752 8.10 8.21 -5.40
C ILE D 752 9.47 8.83 -5.23
N ALA D 753 10.33 8.82 -6.24
CA ALA D 753 11.60 9.47 -6.02
C ALA D 753 11.38 10.94 -5.69
N ALA D 754 10.43 11.59 -6.34
CA ALA D 754 10.12 12.98 -6.03
C ALA D 754 9.56 13.11 -4.63
N GLU D 755 8.73 12.15 -4.22
CA GLU D 755 8.15 12.16 -2.89
C GLU D 755 9.22 12.14 -1.82
N GLN D 756 10.32 11.48 -2.08
CA GLN D 756 11.36 11.38 -1.07
C GLN D 756 11.97 12.73 -0.75
N ASP D 757 11.84 13.70 -1.65
CA ASP D 757 12.38 15.02 -1.37
C ASP D 757 11.33 15.86 -0.70
N ARG D 758 10.11 15.35 -0.56
CA ARG D 758 9.09 16.10 0.12
C ARG D 758 9.22 15.70 1.56
N ASN D 759 9.54 14.44 1.78
CA ASN D 759 9.62 13.92 3.12
C ASN D 759 10.63 14.65 3.98
N THR D 760 11.75 15.03 3.41
CA THR D 760 12.76 15.70 4.20
C THR D 760 12.51 17.17 4.30
N ARG D 761 11.61 17.70 3.49
CA ARG D 761 11.33 19.10 3.57
C ARG D 761 10.28 19.27 4.64
N GLU D 762 9.30 18.37 4.66
CA GLU D 762 8.27 18.47 5.68
C GLU D 762 8.82 18.22 7.06
N VAL D 763 9.80 17.32 7.17
CA VAL D 763 10.40 17.04 8.45
C VAL D 763 11.39 18.09 8.89
N PHE D 764 12.32 18.52 8.04
CA PHE D 764 13.33 19.45 8.56
C PHE D 764 13.12 20.90 8.26
N ALA D 765 12.47 21.26 7.16
CA ALA D 765 12.39 22.65 6.78
C ALA D 765 11.21 23.35 7.45
N GLN D 766 11.28 23.42 8.77
CA GLN D 766 10.24 24.06 9.57
C GLN D 766 10.82 25.33 10.15
N VAL D 767 11.94 25.69 9.60
CA VAL D 767 12.72 26.83 9.95
C VAL D 767 12.55 27.87 8.88
N LYS D 768 12.00 29.02 9.23
CA LYS D 768 11.83 30.05 8.22
C LYS D 768 13.08 30.89 8.15
N GLN D 769 13.76 30.96 9.29
CA GLN D 769 14.97 31.71 9.42
C GLN D 769 16.03 30.80 9.97
N MET D 770 17.16 30.74 9.32
CA MET D 770 18.20 29.89 9.81
C MET D 770 18.83 30.66 10.93
N TYR D 771 18.99 30.04 12.07
CA TYR D 771 19.59 30.78 13.15
C TYR D 771 21.04 30.47 13.21
N LYS D 772 21.83 31.48 13.46
CA LYS D 772 23.25 31.22 13.61
C LYS D 772 23.49 30.47 14.89
N THR D 773 24.39 29.49 14.82
CA THR D 773 24.78 28.72 15.97
C THR D 773 25.41 29.71 16.96
N PRO D 774 24.96 29.80 18.21
CA PRO D 774 25.51 30.66 19.23
C PRO D 774 26.94 30.27 19.49
N THR D 775 27.76 31.24 19.89
CA THR D 775 29.15 30.98 20.21
C THR D 775 29.28 30.43 21.62
N LEU D 776 28.20 30.58 22.36
CA LEU D 776 28.06 30.10 23.71
C LEU D 776 27.40 28.75 23.65
N LYS D 777 28.02 27.73 24.21
CA LYS D 777 27.40 26.41 24.19
C LYS D 777 26.89 26.02 25.57
N TYR D 778 27.14 26.87 26.55
CA TYR D 778 26.79 26.58 27.92
C TYR D 778 25.77 27.61 28.40
N PHE D 779 24.51 27.20 28.43
CA PHE D 779 23.38 28.09 28.67
C PHE D 779 22.71 27.89 30.01
N GLY D 780 23.01 28.71 30.99
CA GLY D 780 22.37 28.53 32.30
C GLY D 780 22.89 27.31 33.03
N GLY D 781 24.01 26.78 32.55
CA GLY D 781 24.59 25.57 33.08
C GLY D 781 24.26 24.34 32.23
N PHE D 782 23.37 24.49 31.26
CA PHE D 782 22.98 23.39 30.39
C PHE D 782 23.91 23.37 29.18
N ASN D 783 24.67 22.28 29.02
CA ASN D 783 25.70 22.11 28.00
C ASN D 783 25.16 21.49 26.69
N PHE D 784 25.17 22.29 25.60
CA PHE D 784 24.70 21.99 24.25
C PHE D 784 25.83 21.73 23.29
N SER D 785 27.05 21.56 23.79
CA SER D 785 28.20 21.38 22.91
C SER D 785 28.07 20.18 22.01
N GLN D 786 27.45 19.11 22.47
CA GLN D 786 27.33 17.93 21.64
C GLN D 786 26.05 17.89 20.81
N ILE D 787 25.20 18.90 20.96
CA ILE D 787 23.95 18.95 20.25
C ILE D 787 24.13 19.84 19.01
N LEU D 788 24.84 20.96 19.20
CA LEU D 788 25.16 21.96 18.18
C LEU D 788 26.48 21.67 17.44
N PRO D 789 26.69 22.16 16.20
CA PRO D 789 27.94 22.07 15.48
C PRO D 789 29.08 22.76 16.21
N ASP D 790 30.26 22.16 16.14
CA ASP D 790 31.48 22.69 16.73
C ASP D 790 32.13 23.71 15.79
N PRO D 791 32.41 24.95 16.23
CA PRO D 791 32.95 26.03 15.41
C PRO D 791 34.38 25.84 14.91
N LEU D 792 35.14 24.91 15.49
CA LEU D 792 36.52 24.71 15.06
C LEU D 792 36.68 23.45 14.24
N LYS D 793 35.88 22.46 14.54
CA LYS D 793 35.96 21.18 13.87
C LYS D 793 35.60 21.38 12.38
N PRO D 794 36.26 20.69 11.43
CA PRO D 794 35.98 20.74 9.99
C PRO D 794 34.57 20.35 9.52
N THR D 795 33.82 19.62 10.32
CA THR D 795 32.50 19.17 9.94
C THR D 795 31.43 20.23 10.14
N LYS D 796 30.25 19.99 9.57
CA LYS D 796 29.12 20.90 9.69
C LYS D 796 28.07 20.33 10.64
N ARG D 797 28.46 19.27 11.32
CA ARG D 797 27.57 18.52 12.18
C ARG D 797 27.97 18.55 13.64
N SER D 798 27.02 18.25 14.49
CA SER D 798 27.22 18.18 15.92
C SER D 798 27.93 16.89 16.26
N PHE D 799 28.39 16.76 17.49
CA PHE D 799 29.06 15.53 17.84
C PHE D 799 28.11 14.35 17.80
N ILE D 800 26.89 14.52 18.29
CA ILE D 800 25.97 13.40 18.24
C ILE D 800 25.69 13.03 16.80
N GLU D 801 25.52 13.99 15.90
CA GLU D 801 25.28 13.64 14.50
C GLU D 801 26.44 12.87 13.92
N ASP D 802 27.66 13.24 14.24
CA ASP D 802 28.75 12.44 13.71
C ASP D 802 28.68 11.01 14.18
N LEU D 803 28.20 10.78 15.40
CA LEU D 803 28.13 9.40 15.85
C LEU D 803 27.01 8.67 15.12
N LEU D 804 25.88 9.33 14.90
CA LEU D 804 24.73 8.69 14.27
C LEU D 804 25.04 8.26 12.85
N PHE D 805 25.80 9.10 12.17
CA PHE D 805 26.20 8.87 10.80
C PHE D 805 27.19 7.75 10.63
N ASN D 806 27.81 7.29 11.71
CA ASN D 806 28.79 6.23 11.61
C ASN D 806 28.19 4.87 11.93
N LYS D 807 26.89 4.81 12.22
CA LYS D 807 26.27 3.53 12.53
C LYS D 807 25.39 3.01 11.42
N VAL D 808 24.88 3.89 10.58
CA VAL D 808 23.98 3.47 9.54
C VAL D 808 24.74 3.45 8.20
N THR D 809 24.71 2.27 7.52
CA THR D 809 25.34 1.83 6.26
C THR D 809 26.06 0.52 6.58
N GLY D 820 24.01 2.58 -9.74
CA GLY D 820 24.95 3.60 -10.16
C GLY D 820 24.56 5.00 -9.61
N GLU D 821 25.29 5.49 -8.56
CA GLU D 821 25.10 6.83 -7.96
C GLU D 821 26.40 7.62 -8.17
N CYS D 822 26.32 8.85 -8.76
CA CYS D 822 27.49 9.66 -9.13
C CYS D 822 28.01 10.48 -7.93
N LEU D 823 28.64 9.74 -7.01
CA LEU D 823 29.16 10.21 -5.72
C LEU D 823 30.54 10.89 -5.78
N GLY D 824 30.77 11.86 -4.86
CA GLY D 824 32.03 12.57 -4.65
C GLY D 824 31.80 14.08 -4.75
N LEU D 831 34.09 14.22 -8.70
CA LEU D 831 33.28 13.06 -8.37
C LEU D 831 33.55 11.95 -9.39
N ILE D 832 33.06 10.71 -9.10
CA ILE D 832 33.16 9.54 -9.98
C ILE D 832 31.76 9.14 -10.40
N CYS D 833 31.40 9.35 -11.70
CA CYS D 833 30.06 9.08 -12.20
C CYS D 833 30.15 7.77 -12.97
N ALA D 834 29.78 6.70 -12.27
CA ALA D 834 29.89 5.32 -12.72
C ALA D 834 28.54 4.78 -13.16
N GLN D 835 28.56 3.78 -14.03
CA GLN D 835 27.34 3.15 -14.47
C GLN D 835 27.44 1.63 -14.43
N LYS D 836 26.29 0.98 -14.30
CA LYS D 836 26.17 -0.47 -14.40
C LYS D 836 25.45 -0.82 -15.69
N PHE D 837 25.69 -2.03 -16.21
CA PHE D 837 25.07 -2.43 -17.47
C PHE D 837 23.57 -2.48 -17.39
N ASN D 838 23.07 -3.01 -16.30
CA ASN D 838 21.66 -3.00 -16.04
C ASN D 838 21.30 -1.56 -15.78
N GLY D 839 20.18 -1.08 -16.32
CA GLY D 839 19.80 0.32 -16.16
C GLY D 839 19.22 0.72 -14.82
N LEU D 840 19.94 0.42 -13.74
CA LEU D 840 19.49 0.73 -12.40
C LEU D 840 20.40 1.79 -11.82
N THR D 841 19.86 2.97 -11.60
CA THR D 841 20.68 4.06 -11.07
C THR D 841 20.02 4.66 -9.87
N VAL D 842 20.78 5.44 -9.12
CA VAL D 842 20.21 6.11 -7.97
C VAL D 842 20.46 7.59 -8.10
N LEU D 843 19.41 8.36 -7.94
CA LEU D 843 19.44 9.78 -8.08
C LEU D 843 19.90 10.40 -6.79
N PRO D 844 20.55 11.55 -6.81
CA PRO D 844 20.92 12.25 -5.63
C PRO D 844 19.67 12.88 -5.04
N PRO D 845 19.61 13.10 -3.72
CA PRO D 845 18.59 13.81 -3.00
C PRO D 845 18.76 15.26 -3.31
N LEU D 846 17.71 16.04 -3.19
CA LEU D 846 17.83 17.49 -3.34
C LEU D 846 18.46 18.14 -2.14
N LEU D 847 18.06 17.71 -0.97
CA LEU D 847 18.58 18.35 0.21
C LEU D 847 19.65 17.40 0.72
N THR D 848 20.90 17.82 0.65
CA THR D 848 22.03 16.97 0.98
C THR D 848 22.28 16.89 2.47
N ASP D 849 23.14 15.97 2.89
CA ASP D 849 23.34 15.76 4.32
C ASP D 849 23.79 16.98 5.09
N ASP D 850 24.60 17.85 4.50
CA ASP D 850 25.05 18.99 5.26
C ASP D 850 24.14 20.20 5.11
N MET D 851 23.04 20.01 4.38
CA MET D 851 22.03 21.04 4.27
C MET D 851 21.03 20.67 5.33
N ILE D 852 20.79 19.37 5.50
CA ILE D 852 19.90 18.91 6.53
C ILE D 852 20.46 19.31 7.87
N ALA D 853 21.75 19.12 8.04
CA ALA D 853 22.46 19.49 9.25
C ALA D 853 22.34 20.99 9.54
N ALA D 854 22.06 21.81 8.54
CA ALA D 854 21.94 23.21 8.79
C ALA D 854 20.60 23.48 9.44
N TYR D 855 19.60 22.66 9.07
CA TYR D 855 18.28 22.86 9.64
C TYR D 855 18.28 22.35 11.04
N THR D 856 18.99 21.27 11.31
CA THR D 856 18.96 20.76 12.65
C THR D 856 19.71 21.71 13.54
N ALA D 857 20.79 22.31 13.05
CA ALA D 857 21.49 23.28 13.85
C ALA D 857 20.61 24.48 14.13
N ALA D 858 19.83 24.92 13.13
CA ALA D 858 18.94 26.06 13.33
C ALA D 858 17.84 25.74 14.32
N LEU D 859 17.32 24.52 14.28
CA LEU D 859 16.26 24.14 15.20
C LEU D 859 16.76 24.06 16.62
N VAL D 860 17.96 23.54 16.83
CA VAL D 860 18.50 23.47 18.16
C VAL D 860 18.85 24.85 18.65
N SER D 861 19.45 25.69 17.79
CA SER D 861 19.81 27.01 18.21
C SER D 861 18.59 27.81 18.57
N GLY D 862 17.51 27.67 17.80
CA GLY D 862 16.27 28.35 18.10
C GLY D 862 15.70 27.85 19.42
N THR D 863 15.79 26.54 19.66
CA THR D 863 15.30 26.01 20.90
C THR D 863 16.07 26.60 22.06
N ALA D 864 17.39 26.63 21.96
CA ALA D 864 18.25 27.12 23.02
C ALA D 864 18.06 28.60 23.34
N THR D 865 17.81 29.45 22.33
CA THR D 865 17.71 30.87 22.61
C THR D 865 16.31 31.50 22.59
N ALA D 866 15.33 30.89 21.90
CA ALA D 866 13.98 31.44 21.78
C ALA D 866 12.94 30.55 22.45
N GLY D 867 13.19 29.26 22.42
CA GLY D 867 12.25 28.32 22.99
C GLY D 867 11.04 28.10 22.10
N TRP D 868 9.90 27.88 22.73
CA TRP D 868 8.63 27.51 22.09
C TRP D 868 8.06 28.63 21.25
N THR D 869 8.59 29.83 21.43
CA THR D 869 8.14 31.04 20.76
C THR D 869 8.50 30.94 19.29
N PHE D 870 9.40 30.03 19.00
CA PHE D 870 9.93 29.71 17.72
C PHE D 870 8.82 29.24 16.79
N GLY D 871 7.87 28.46 17.30
CA GLY D 871 6.81 27.90 16.48
C GLY D 871 5.56 28.80 16.36
N ALA D 872 5.60 30.01 16.91
CA ALA D 872 4.40 30.85 16.89
C ALA D 872 4.73 32.31 16.68
N GLY D 873 4.91 32.72 15.44
CA GLY D 873 5.31 34.09 15.17
C GLY D 873 6.81 34.25 15.26
N ALA D 874 7.26 35.47 15.48
CA ALA D 874 8.70 35.75 15.52
C ALA D 874 9.31 35.07 16.70
N ALA D 875 10.53 34.56 16.56
CA ALA D 875 11.22 34.00 17.70
C ALA D 875 11.55 35.12 18.66
N LEU D 876 11.40 34.86 19.94
CA LEU D 876 11.67 35.84 20.98
C LEU D 876 12.77 35.38 21.90
N GLN D 877 13.84 36.13 22.05
CA GLN D 877 14.88 35.58 22.91
C GLN D 877 14.38 35.48 24.33
N ILE D 878 14.79 34.42 25.00
CA ILE D 878 14.50 34.21 26.41
C ILE D 878 15.72 33.58 27.08
N PRO D 879 16.12 33.95 28.31
CA PRO D 879 17.21 33.32 29.02
C PRO D 879 16.91 31.85 29.06
N PHE D 880 17.91 31.00 28.91
CA PHE D 880 17.60 29.58 28.86
C PHE D 880 16.96 29.09 30.14
N ALA D 881 17.51 29.46 31.28
CA ALA D 881 16.92 28.97 32.51
C ALA D 881 15.48 29.40 32.63
N MET D 882 15.14 30.57 32.11
CA MET D 882 13.77 31.00 32.20
C MET D 882 12.88 30.20 31.27
N GLN D 883 13.39 29.73 30.11
CA GLN D 883 12.46 28.92 29.34
C GLN D 883 12.31 27.58 30.02
N MET D 884 13.31 27.15 30.76
CA MET D 884 13.14 25.89 31.47
C MET D 884 12.10 26.04 32.54
N ALA D 885 12.06 27.20 33.21
CA ALA D 885 11.06 27.43 34.22
C ALA D 885 9.69 27.35 33.63
N TYR D 886 9.54 27.90 32.44
CA TYR D 886 8.30 27.84 31.72
C TYR D 886 7.91 26.40 31.45
N ARG D 887 8.86 25.62 30.94
CA ARG D 887 8.61 24.23 30.62
C ARG D 887 8.26 23.42 31.87
N PHE D 888 8.92 23.67 33.01
CA PHE D 888 8.59 22.98 34.26
C PHE D 888 7.19 23.32 34.70
N ASN D 889 6.82 24.56 34.52
CA ASN D 889 5.51 25.00 34.96
C ASN D 889 4.43 24.56 33.99
N GLY D 890 4.81 23.89 32.90
CA GLY D 890 3.86 23.39 31.95
C GLY D 890 3.50 21.96 32.27
N ILE D 891 4.19 21.38 33.27
CA ILE D 891 3.96 19.98 33.65
C ILE D 891 3.44 19.91 35.08
N GLY D 892 3.08 21.06 35.63
CA GLY D 892 2.50 21.14 36.97
C GLY D 892 3.49 21.39 38.10
N VAL D 893 4.76 21.34 37.80
CA VAL D 893 5.80 21.55 38.77
C VAL D 893 6.07 23.02 38.78
N THR D 894 6.00 23.67 39.92
CA THR D 894 6.16 25.11 39.82
C THR D 894 7.59 25.44 39.49
N GLN D 895 7.79 26.67 39.04
CA GLN D 895 9.09 27.20 38.61
C GLN D 895 10.09 27.28 39.72
N ASN D 896 9.61 27.24 40.93
CA ASN D 896 10.43 27.32 42.09
C ASN D 896 11.36 26.14 42.10
N VAL D 897 10.92 25.00 41.57
CA VAL D 897 11.76 23.84 41.60
C VAL D 897 12.97 24.09 40.75
N LEU D 898 12.79 24.63 39.56
CA LEU D 898 13.92 24.87 38.72
C LEU D 898 14.86 25.88 39.29
N TYR D 899 14.37 26.95 39.85
CA TYR D 899 15.35 27.91 40.28
C TYR D 899 16.07 27.49 41.54
N GLU D 900 15.40 26.78 42.42
CA GLU D 900 16.04 26.37 43.65
C GLU D 900 17.02 25.21 43.41
N ASN D 901 16.71 24.35 42.44
CA ASN D 901 17.50 23.16 42.13
C ASN D 901 18.15 23.28 40.76
N GLN D 902 18.43 24.49 40.30
CA GLN D 902 18.99 24.64 38.95
C GLN D 902 20.28 23.89 38.75
N LYS D 903 21.13 23.80 39.76
CA LYS D 903 22.40 23.12 39.58
C LYS D 903 22.22 21.62 39.36
N GLN D 904 21.28 21.03 40.06
CA GLN D 904 21.06 19.60 39.94
C GLN D 904 20.39 19.29 38.65
N ILE D 905 19.51 20.17 38.20
CA ILE D 905 18.79 19.95 36.98
C ILE D 905 19.76 20.05 35.83
N ALA D 906 20.62 21.07 35.85
CA ALA D 906 21.60 21.23 34.80
C ALA D 906 22.57 20.06 34.78
N ASN D 907 22.96 19.55 35.97
CA ASN D 907 23.88 18.44 35.99
C ASN D 907 23.24 17.17 35.46
N GLN D 908 21.97 16.93 35.75
CA GLN D 908 21.33 15.74 35.24
C GLN D 908 21.21 15.84 33.72
N PHE D 909 20.93 17.04 33.20
CA PHE D 909 20.83 17.24 31.76
C PHE D 909 22.15 16.90 31.10
N ASN D 910 23.23 17.46 31.64
CA ASN D 910 24.53 17.27 31.04
C ASN D 910 24.96 15.82 31.10
N LYS D 911 24.67 15.14 32.20
CA LYS D 911 25.05 13.75 32.31
C LYS D 911 24.26 12.90 31.35
N ALA D 912 22.97 13.18 31.19
CA ALA D 912 22.16 12.41 30.28
C ALA D 912 22.68 12.53 28.86
N ILE D 913 23.17 13.70 28.46
CA ILE D 913 23.71 13.84 27.11
C ILE D 913 24.95 13.00 26.96
N SER D 914 25.83 13.02 27.95
CA SER D 914 27.03 12.22 27.87
C SER D 914 26.69 10.75 27.78
N GLN D 915 25.66 10.31 28.49
CA GLN D 915 25.28 8.91 28.42
C GLN D 915 24.80 8.56 27.03
N ILE D 916 24.07 9.46 26.37
CA ILE D 916 23.63 9.16 25.01
C ILE D 916 24.80 9.05 24.09
N GLN D 917 25.77 9.96 24.19
CA GLN D 917 26.90 9.87 23.31
C GLN D 917 27.61 8.53 23.50
N GLU D 918 27.79 8.10 24.75
CA GLU D 918 28.46 6.84 25.00
C GLU D 918 27.67 5.65 24.47
N SER D 919 26.35 5.66 24.62
CA SER D 919 25.54 4.56 24.14
C SER D 919 25.59 4.51 22.64
N LEU D 920 25.53 5.65 21.97
CA LEU D 920 25.59 5.59 20.53
C LEU D 920 26.97 5.12 20.08
N THR D 921 28.01 5.48 20.80
CA THR D 921 29.36 5.07 20.43
C THR D 921 29.53 3.56 20.42
N THR D 922 29.03 2.88 21.46
CA THR D 922 29.27 1.44 21.56
C THR D 922 28.08 0.51 21.26
N THR D 923 26.85 1.01 21.28
CA THR D 923 25.72 0.13 21.10
C THR D 923 25.21 0.04 19.68
N SER D 924 25.22 -1.18 19.17
CA SER D 924 24.74 -1.48 17.84
C SER D 924 23.24 -1.63 17.96
N THR D 925 22.53 -1.64 16.83
CA THR D 925 21.05 -1.78 16.68
C THR D 925 20.29 -0.54 17.15
N ALA D 926 20.97 0.41 17.77
CA ALA D 926 20.33 1.61 18.27
C ALA D 926 19.62 2.37 17.16
N LEU D 927 20.20 2.35 15.95
CA LEU D 927 19.62 3.00 14.80
C LEU D 927 19.12 1.99 13.80
N GLY D 928 18.70 0.82 14.27
CA GLY D 928 18.24 -0.24 13.38
C GLY D 928 17.11 0.21 12.48
N LYS D 929 16.25 1.11 12.93
CA LYS D 929 15.18 1.56 12.07
C LYS D 929 15.67 2.25 10.80
N LEU D 930 16.84 2.90 10.85
CA LEU D 930 17.34 3.56 9.66
C LEU D 930 18.12 2.55 8.87
N GLN D 931 18.75 1.60 9.54
CA GLN D 931 19.52 0.60 8.83
C GLN D 931 18.59 -0.26 8.00
N ASP D 932 17.38 -0.48 8.49
CA ASP D 932 16.42 -1.28 7.76
C ASP D 932 16.07 -0.72 6.41
N VAL D 933 16.17 0.58 6.16
CA VAL D 933 15.72 1.03 4.85
C VAL D 933 16.89 0.98 3.90
N VAL D 934 18.06 0.71 4.44
CA VAL D 934 19.23 0.58 3.62
C VAL D 934 19.17 -0.84 3.11
N ASN D 935 18.90 -1.76 4.03
CA ASN D 935 18.86 -3.15 3.68
C ASN D 935 17.66 -3.55 2.84
N GLN D 936 16.51 -2.95 3.07
CA GLN D 936 15.35 -3.31 2.27
C GLN D 936 15.51 -2.89 0.83
N ASN D 937 16.13 -1.73 0.60
CA ASN D 937 16.31 -1.28 -0.75
C ASN D 937 17.44 -2.03 -1.41
N ALA D 938 18.45 -2.41 -0.65
CA ALA D 938 19.52 -3.17 -1.23
C ALA D 938 18.98 -4.50 -1.69
N GLN D 939 18.09 -5.11 -0.92
CA GLN D 939 17.54 -6.38 -1.33
C GLN D 939 16.63 -6.23 -2.52
N ALA D 940 15.82 -5.17 -2.56
CA ALA D 940 14.93 -5.05 -3.70
C ALA D 940 15.72 -4.90 -4.98
N LEU D 941 16.80 -4.14 -4.96
CA LEU D 941 17.60 -4.00 -6.15
C LEU D 941 18.38 -5.24 -6.47
N ASN D 942 18.83 -5.97 -5.46
CA ASN D 942 19.58 -7.16 -5.75
C ASN D 942 18.68 -8.23 -6.35
N THR D 943 17.44 -8.35 -5.89
CA THR D 943 16.64 -9.38 -6.50
C THR D 943 16.24 -8.94 -7.86
N LEU D 944 16.09 -7.64 -8.10
CA LEU D 944 15.73 -7.21 -9.42
C LEU D 944 16.83 -7.47 -10.42
N VAL D 945 18.05 -7.13 -10.09
CA VAL D 945 19.10 -7.29 -11.06
C VAL D 945 19.40 -8.74 -11.32
N LYS D 946 19.23 -9.58 -10.33
CA LYS D 946 19.50 -10.98 -10.52
C LYS D 946 18.46 -11.70 -11.34
N GLN D 947 17.34 -11.07 -11.68
CA GLN D 947 16.35 -11.78 -12.45
C GLN D 947 16.74 -11.76 -13.89
N LEU D 948 17.77 -10.99 -14.21
CA LEU D 948 18.22 -10.92 -15.56
C LEU D 948 18.91 -12.20 -15.95
N SER D 949 19.32 -13.00 -14.97
CA SER D 949 20.01 -14.23 -15.24
C SER D 949 19.05 -15.40 -15.44
N SER D 950 17.77 -15.19 -15.20
CA SER D 950 16.78 -16.25 -15.32
C SER D 950 16.39 -16.43 -16.76
N ASN D 951 16.02 -17.65 -17.11
CA ASN D 951 15.61 -17.94 -18.48
C ASN D 951 14.12 -17.75 -18.73
N PHE D 952 13.30 -18.00 -17.74
CA PHE D 952 11.86 -17.87 -17.86
C PHE D 952 11.27 -18.72 -18.98
N GLY D 953 11.88 -19.87 -19.26
CA GLY D 953 11.41 -20.75 -20.33
C GLY D 953 12.21 -20.57 -21.61
N ALA D 954 13.03 -19.53 -21.66
CA ALA D 954 13.86 -19.25 -22.81
C ALA D 954 15.01 -20.22 -22.85
N ILE D 955 15.63 -20.37 -24.01
CA ILE D 955 16.81 -21.22 -24.11
C ILE D 955 17.91 -20.69 -23.24
N SER D 956 18.12 -19.39 -23.30
CA SER D 956 19.14 -18.76 -22.50
C SER D 956 18.71 -17.35 -22.16
N SER D 957 19.30 -16.80 -21.11
CA SER D 957 19.06 -15.46 -20.59
C SER D 957 19.70 -14.35 -21.42
N VAL D 958 20.58 -14.71 -22.31
CA VAL D 958 21.29 -13.72 -23.08
C VAL D 958 20.64 -13.48 -24.44
N LEU D 959 20.20 -12.25 -24.68
CA LEU D 959 19.53 -11.92 -25.93
C LEU D 959 20.44 -12.11 -27.11
N ASN D 960 21.73 -11.87 -26.92
CA ASN D 960 22.67 -12.02 -27.99
C ASN D 960 22.82 -13.48 -28.39
N ASP D 961 22.64 -14.39 -27.44
CA ASP D 961 22.77 -15.80 -27.71
C ASP D 961 21.54 -16.25 -28.45
N ILE D 962 20.38 -15.73 -28.07
CA ILE D 962 19.18 -16.13 -28.74
C ILE D 962 19.23 -15.72 -30.19
N LEU D 963 19.67 -14.50 -30.45
CA LEU D 963 19.75 -13.99 -31.81
C LEU D 963 20.84 -14.67 -32.63
N SER D 964 21.97 -15.00 -32.03
CA SER D 964 23.01 -15.69 -32.77
C SER D 964 22.55 -17.10 -33.15
N ARG D 965 21.96 -17.78 -32.16
CA ARG D 965 21.47 -19.14 -32.26
C ARG D 965 20.27 -19.37 -33.19
N LEU D 966 19.26 -18.51 -33.12
CA LEU D 966 18.05 -18.73 -33.87
C LEU D 966 17.72 -17.72 -34.96
N ASP D 967 17.17 -18.21 -36.04
CA ASP D 967 16.65 -17.34 -37.08
C ASP D 967 15.48 -16.57 -36.44
N PRO D 968 15.22 -15.30 -36.80
CA PRO D 968 14.13 -14.46 -36.29
C PRO D 968 12.75 -15.12 -36.06
N PRO D 969 12.20 -15.99 -36.93
CA PRO D 969 10.89 -16.61 -36.71
C PRO D 969 10.84 -17.42 -35.41
N GLU D 970 11.99 -17.84 -34.91
CA GLU D 970 12.08 -18.61 -33.69
C GLU D 970 12.69 -17.76 -32.57
N ALA D 971 13.62 -16.87 -32.95
CA ALA D 971 14.31 -16.03 -32.00
C ALA D 971 13.34 -15.14 -31.27
N GLU D 972 12.31 -14.70 -31.98
CA GLU D 972 11.33 -13.83 -31.38
C GLU D 972 10.56 -14.53 -30.27
N VAL D 973 10.38 -15.85 -30.37
CA VAL D 973 9.64 -16.54 -29.35
C VAL D 973 10.45 -16.54 -28.09
N GLN D 974 11.73 -16.82 -28.24
CA GLN D 974 12.59 -16.89 -27.08
C GLN D 974 12.73 -15.51 -26.45
N ILE D 975 12.74 -14.47 -27.27
CA ILE D 975 12.85 -13.13 -26.73
C ILE D 975 11.56 -12.82 -25.98
N ASP D 976 10.39 -13.14 -26.53
CA ASP D 976 9.16 -12.87 -25.79
C ASP D 976 9.15 -13.55 -24.44
N ARG D 977 9.74 -14.75 -24.33
CA ARG D 977 9.76 -15.38 -23.03
C ARG D 977 10.57 -14.52 -22.04
N LEU D 978 11.70 -13.96 -22.51
CA LEU D 978 12.49 -13.11 -21.63
C LEU D 978 11.82 -11.78 -21.36
N ILE D 979 11.12 -11.22 -22.33
CA ILE D 979 10.46 -9.94 -22.13
C ILE D 979 9.39 -10.07 -21.10
N THR D 980 8.59 -11.13 -21.19
CA THR D 980 7.54 -11.29 -20.21
C THR D 980 8.15 -11.41 -18.83
N GLY D 981 9.19 -12.22 -18.68
CA GLY D 981 9.80 -12.38 -17.38
C GLY D 981 10.39 -11.10 -16.81
N ARG D 982 10.98 -10.28 -17.66
CA ARG D 982 11.58 -9.04 -17.21
C ARG D 982 10.52 -7.97 -16.94
N LEU D 983 9.44 -7.93 -17.71
CA LEU D 983 8.40 -6.98 -17.35
C LEU D 983 7.83 -7.36 -16.01
N GLN D 984 7.70 -8.65 -15.76
CA GLN D 984 7.13 -9.04 -14.50
C GLN D 984 8.04 -8.69 -13.35
N SER D 985 9.36 -8.83 -13.48
CA SER D 985 10.21 -8.48 -12.36
C SER D 985 10.24 -6.98 -12.14
N LEU D 986 10.09 -6.18 -13.20
CA LEU D 986 10.02 -4.75 -12.96
C LEU D 986 8.74 -4.40 -12.27
N GLN D 987 7.65 -5.06 -12.62
CA GLN D 987 6.39 -4.74 -11.97
C GLN D 987 6.41 -5.12 -10.52
N THR D 988 7.03 -6.25 -10.15
CA THR D 988 7.04 -6.60 -8.74
C THR D 988 7.94 -5.65 -7.99
N TYR D 989 9.04 -5.19 -8.60
CA TYR D 989 9.90 -4.22 -7.98
C TYR D 989 9.18 -2.92 -7.75
N VAL D 990 8.53 -2.41 -8.77
CA VAL D 990 7.86 -1.15 -8.62
C VAL D 990 6.77 -1.23 -7.60
N THR D 991 5.98 -2.29 -7.62
CA THR D 991 4.90 -2.40 -6.66
C THR D 991 5.44 -2.41 -5.24
N GLN D 992 6.50 -3.19 -4.95
CA GLN D 992 6.95 -3.18 -3.58
C GLN D 992 7.57 -1.85 -3.21
N GLN D 993 8.11 -1.09 -4.18
CA GLN D 993 8.66 0.20 -3.84
C GLN D 993 7.55 1.16 -3.53
N LEU D 994 6.39 1.04 -4.19
CA LEU D 994 5.28 1.92 -3.92
C LEU D 994 4.70 1.65 -2.55
N ILE D 995 4.63 0.37 -2.18
CA ILE D 995 4.08 0.06 -0.87
C ILE D 995 5.04 0.52 0.18
N ARG D 996 6.32 0.22 -0.01
CA ARG D 996 7.34 0.63 0.93
C ARG D 996 7.40 2.13 1.05
N ALA D 997 7.27 2.84 -0.05
CA ALA D 997 7.32 4.29 -0.02
C ALA D 997 6.18 4.82 0.81
N ALA D 998 5.01 4.17 0.75
CA ALA D 998 3.89 4.62 1.56
C ALA D 998 4.22 4.48 3.04
N GLU D 999 4.92 3.40 3.41
CA GLU D 999 5.29 3.20 4.80
C GLU D 999 6.27 4.27 5.25
N ILE D 1000 7.19 4.63 4.36
CA ILE D 1000 8.15 5.68 4.66
C ILE D 1000 7.44 6.99 4.81
N ARG D 1001 6.46 7.26 3.95
CA ARG D 1001 5.77 8.52 4.08
C ARG D 1001 5.07 8.59 5.41
N ALA D 1002 4.47 7.51 5.87
CA ALA D 1002 3.82 7.57 7.16
C ALA D 1002 4.84 7.92 8.25
N SER D 1003 6.06 7.37 8.17
CA SER D 1003 7.09 7.70 9.14
C SER D 1003 7.53 9.14 9.01
N ALA D 1004 7.63 9.64 7.79
CA ALA D 1004 8.01 11.02 7.58
C ALA D 1004 6.97 11.97 8.13
N ASN D 1005 5.70 11.61 8.00
CA ASN D 1005 4.65 12.47 8.50
C ASN D 1005 4.63 12.48 9.99
N LEU D 1006 4.92 11.35 10.60
CA LEU D 1006 4.98 11.31 12.04
C LEU D 1006 6.17 12.09 12.53
N ALA D 1007 7.30 11.96 11.86
CA ALA D 1007 8.48 12.68 12.25
C ALA D 1007 8.25 14.17 12.13
N ALA D 1008 7.53 14.59 11.10
CA ALA D 1008 7.23 15.99 10.92
C ALA D 1008 6.32 16.47 12.02
N THR D 1009 5.39 15.63 12.45
CA THR D 1009 4.49 15.97 13.54
C THR D 1009 5.27 16.16 14.81
N LYS D 1010 6.20 15.26 15.09
CA LYS D 1010 7.03 15.38 16.26
C LYS D 1010 7.92 16.59 16.17
N MET D 1011 8.39 16.92 15.00
CA MET D 1011 9.21 18.09 14.94
C MET D 1011 8.37 19.29 15.39
N SER D 1012 7.14 19.39 14.90
CA SER D 1012 6.28 20.51 15.26
C SER D 1012 5.87 20.54 16.71
N GLU D 1013 5.55 19.39 17.29
CA GLU D 1013 5.05 19.34 18.66
C GLU D 1013 6.06 19.11 19.78
N CYS D 1014 7.21 18.45 19.49
CA CYS D 1014 8.25 18.08 20.44
C CYS D 1014 9.34 19.13 20.39
N VAL D 1015 9.75 19.54 19.18
CA VAL D 1015 10.85 20.49 19.07
C VAL D 1015 10.40 21.93 19.12
N LEU D 1016 9.36 22.27 18.40
CA LEU D 1016 8.91 23.65 18.35
C LEU D 1016 7.86 24.00 19.39
N GLY D 1017 7.58 23.09 20.30
CA GLY D 1017 6.60 23.31 21.35
C GLY D 1017 6.96 22.55 22.61
N GLN D 1018 5.93 22.10 23.31
CA GLN D 1018 6.00 21.27 24.50
C GLN D 1018 4.81 20.36 24.39
N SER D 1019 5.01 19.06 24.54
CA SER D 1019 3.90 18.14 24.37
C SER D 1019 3.15 17.83 25.65
N LYS D 1020 1.84 17.68 25.52
CA LYS D 1020 0.96 17.27 26.60
C LYS D 1020 0.36 15.91 26.32
N ARG D 1021 0.86 15.26 25.29
CA ARG D 1021 0.40 13.96 24.87
C ARG D 1021 1.24 12.88 25.53
N VAL D 1022 0.60 11.99 26.26
CA VAL D 1022 1.34 10.98 27.00
C VAL D 1022 2.07 10.01 26.11
N ASP D 1023 3.33 9.80 26.44
CA ASP D 1023 4.29 8.95 25.75
C ASP D 1023 4.56 9.40 24.33
N PHE D 1024 4.15 10.60 24.00
CA PHE D 1024 4.47 11.16 22.72
C PHE D 1024 5.58 12.08 23.10
N CYS D 1025 6.70 12.05 22.36
CA CYS D 1025 7.92 12.82 22.66
C CYS D 1025 8.63 12.22 23.92
N GLY D 1026 8.56 10.90 24.08
CA GLY D 1026 9.28 10.23 25.16
C GLY D 1026 8.47 9.94 26.40
N LYS D 1027 9.01 9.07 27.25
CA LYS D 1027 8.37 8.68 28.50
C LYS D 1027 8.68 9.72 29.57
N GLY D 1028 7.70 10.04 30.40
CA GLY D 1028 7.87 11.01 31.47
C GLY D 1028 7.22 12.30 31.02
N TYR D 1029 7.37 13.35 31.78
CA TYR D 1029 6.72 14.57 31.40
C TYR D 1029 7.62 15.29 30.42
N HIS D 1030 7.11 15.64 29.27
CA HIS D 1030 7.99 16.26 28.30
C HIS D 1030 8.38 17.67 28.62
N LEU D 1031 9.66 17.99 28.43
CA LEU D 1031 10.12 19.34 28.60
C LEU D 1031 10.53 19.95 27.27
N MET D 1032 11.40 19.25 26.51
CA MET D 1032 11.91 19.78 25.22
C MET D 1032 12.59 18.69 24.39
N SER D 1033 12.81 18.93 23.11
CA SER D 1033 13.51 17.94 22.28
C SER D 1033 14.48 18.53 21.29
N PHE D 1034 15.43 17.70 20.83
CA PHE D 1034 16.43 18.14 19.86
C PHE D 1034 16.50 17.21 18.62
N PRO D 1035 16.25 17.71 17.42
CA PRO D 1035 16.20 17.00 16.16
C PRO D 1035 17.53 16.67 15.50
N GLN D 1036 18.24 15.68 15.96
CA GLN D 1036 19.56 15.41 15.36
C GLN D 1036 19.39 14.68 14.00
N ALA D 1037 20.18 15.02 12.99
CA ALA D 1037 20.08 14.34 11.70
C ALA D 1037 20.71 12.97 11.71
N ALA D 1038 20.26 12.09 10.85
CA ALA D 1038 20.86 10.79 10.68
C ALA D 1038 20.70 10.35 9.22
N PRO D 1039 21.46 9.41 8.68
CA PRO D 1039 21.26 8.96 7.34
C PRO D 1039 19.85 8.49 7.20
N HIS D 1040 19.18 8.94 6.16
CA HIS D 1040 17.80 8.56 5.88
C HIS D 1040 16.82 8.86 6.99
N GLY D 1041 17.12 9.80 7.88
CA GLY D 1041 16.14 10.04 8.93
C GLY D 1041 16.53 11.06 9.96
N VAL D 1042 15.74 11.08 11.01
CA VAL D 1042 15.91 12.01 12.11
C VAL D 1042 15.91 11.24 13.40
N VAL D 1043 16.73 11.67 14.33
CA VAL D 1043 16.77 11.11 15.63
C VAL D 1043 16.48 12.19 16.63
N PHE D 1044 15.48 12.00 17.45
CA PHE D 1044 15.15 13.04 18.39
C PHE D 1044 15.68 12.70 19.74
N LEU D 1045 16.23 13.69 20.40
CA LEU D 1045 16.66 13.50 21.76
C LEU D 1045 15.55 14.11 22.57
N HIS D 1046 14.81 13.31 23.31
CA HIS D 1046 13.66 13.83 24.05
C HIS D 1046 13.98 13.97 25.50
N VAL D 1047 13.87 15.18 26.01
CA VAL D 1047 14.22 15.48 27.38
C VAL D 1047 12.96 15.48 28.18
N THR D 1048 12.90 14.60 29.17
CA THR D 1048 11.71 14.49 29.98
C THR D 1048 12.01 14.51 31.48
N TYR D 1049 11.00 14.83 32.25
CA TYR D 1049 11.05 14.85 33.70
C TYR D 1049 10.41 13.61 34.27
N VAL D 1050 11.18 12.84 34.99
CA VAL D 1050 10.63 11.64 35.57
C VAL D 1050 10.58 11.78 37.08
N PRO D 1051 9.42 11.79 37.72
CA PRO D 1051 9.27 11.94 39.16
C PRO D 1051 9.92 10.75 39.84
N SER D 1052 10.44 10.95 41.04
CA SER D 1052 11.04 9.83 41.75
C SER D 1052 11.03 9.96 43.26
N GLN D 1053 11.58 8.95 43.91
CA GLN D 1053 11.68 8.94 45.36
C GLN D 1053 10.37 9.24 46.05
N GLU D 1054 9.31 8.51 45.75
CA GLU D 1054 8.04 8.81 46.39
C GLU D 1054 7.99 8.45 47.85
N ARG D 1055 7.13 9.16 48.57
CA ARG D 1055 6.87 8.94 49.97
C ARG D 1055 5.36 8.76 50.17
N ASN D 1056 4.94 7.87 51.11
CA ASN D 1056 3.54 7.57 51.44
C ASN D 1056 2.97 8.57 52.47
N PHE D 1057 1.97 9.37 52.06
CA PHE D 1057 1.30 10.41 52.86
C PHE D 1057 -0.15 10.08 53.12
N THR D 1058 -0.68 10.56 54.23
CA THR D 1058 -2.12 10.35 54.50
C THR D 1058 -2.88 11.52 53.91
N THR D 1059 -4.00 11.26 53.25
CA THR D 1059 -4.77 12.31 52.59
C THR D 1059 -6.17 12.54 53.06
N ALA D 1060 -6.71 13.65 52.57
CA ALA D 1060 -8.11 13.96 52.75
C ALA D 1060 -8.57 14.76 51.55
N PRO D 1061 -9.79 14.57 51.03
CA PRO D 1061 -10.38 15.35 49.96
C PRO D 1061 -10.77 16.75 50.35
N ALA D 1062 -10.96 16.99 51.64
CA ALA D 1062 -11.37 18.30 52.10
C ALA D 1062 -11.13 18.46 53.58
N ILE D 1063 -11.05 19.69 54.00
CA ILE D 1063 -10.99 20.07 55.41
C ILE D 1063 -12.27 20.71 55.90
N CYS D 1064 -12.79 20.27 57.06
CA CYS D 1064 -13.97 20.83 57.70
C CYS D 1064 -13.53 21.88 58.72
N HIS D 1065 -13.83 23.11 58.43
CA HIS D 1065 -13.42 24.18 59.31
C HIS D 1065 -14.54 25.15 59.50
N GLU D 1066 -14.97 25.27 60.75
CA GLU D 1066 -16.09 26.11 61.14
C GLU D 1066 -17.34 25.79 60.33
N GLY D 1067 -17.55 24.50 60.06
CA GLY D 1067 -18.72 24.04 59.35
C GLY D 1067 -18.62 24.08 57.83
N LYS D 1068 -17.52 24.57 57.27
CA LYS D 1068 -17.40 24.65 55.82
C LYS D 1068 -16.37 23.68 55.27
N ALA D 1069 -16.61 23.20 54.06
CA ALA D 1069 -15.65 22.31 53.42
C ALA D 1069 -14.67 23.04 52.52
N TYR D 1070 -13.40 22.92 52.84
CA TYR D 1070 -12.30 23.53 52.11
C TYR D 1070 -11.60 22.52 51.24
N PHE D 1071 -11.61 22.74 49.95
CA PHE D 1071 -11.00 21.82 49.02
C PHE D 1071 -9.66 22.41 48.63
N PRO D 1072 -8.66 21.63 48.24
CA PRO D 1072 -7.39 22.16 47.84
C PRO D 1072 -7.59 22.96 46.57
N ARG D 1073 -7.04 24.16 46.47
CA ARG D 1073 -7.20 24.93 45.24
C ARG D 1073 -6.48 24.29 44.09
N GLU D 1074 -5.28 23.82 44.38
CA GLU D 1074 -4.39 23.17 43.43
C GLU D 1074 -3.56 22.21 44.25
N GLY D 1075 -3.47 20.97 43.83
CA GLY D 1075 -2.69 20.02 44.59
C GLY D 1075 -3.60 19.19 45.50
N VAL D 1076 -2.97 18.55 46.48
CA VAL D 1076 -3.60 17.59 47.36
C VAL D 1076 -3.30 17.80 48.85
N PHE D 1077 -4.29 17.60 49.73
CA PHE D 1077 -3.99 17.73 51.15
C PHE D 1077 -3.36 16.48 51.66
N VAL D 1078 -2.22 16.65 52.33
CA VAL D 1078 -1.47 15.55 52.90
C VAL D 1078 -1.04 15.74 54.33
N PHE D 1079 -0.86 14.65 55.02
CA PHE D 1079 -0.39 14.68 56.38
C PHE D 1079 0.98 14.04 56.44
N ASN D 1080 1.95 14.76 57.04
CA ASN D 1080 3.37 14.36 57.16
C ASN D 1080 3.70 13.61 58.47
N GLY D 1081 2.68 13.21 59.24
CA GLY D 1081 2.74 12.52 60.54
C GLY D 1081 2.52 13.49 61.69
N THR D 1082 2.65 14.79 61.45
CA THR D 1082 2.43 15.77 62.49
C THR D 1082 1.35 16.76 62.10
N SER D 1083 1.49 17.38 60.94
CA SER D 1083 0.57 18.40 60.50
C SER D 1083 0.07 18.21 59.08
N TRP D 1084 -1.07 18.84 58.80
CA TRP D 1084 -1.65 18.86 57.47
C TRP D 1084 -1.13 20.02 56.65
N PHE D 1085 -0.72 19.69 55.44
CA PHE D 1085 -0.17 20.61 54.46
C PHE D 1085 -0.79 20.41 53.11
N ILE D 1086 -0.71 21.40 52.28
CA ILE D 1086 -1.17 21.22 50.92
C ILE D 1086 0.00 21.20 49.99
N THR D 1087 0.09 20.21 49.14
CA THR D 1087 1.24 20.21 48.24
C THR D 1087 0.88 19.82 46.84
N GLN D 1088 1.84 19.89 45.92
CA GLN D 1088 1.53 19.52 44.56
C GLN D 1088 1.74 18.04 44.32
N ARG D 1089 0.90 17.49 43.47
CA ARG D 1089 0.89 16.08 43.15
C ARG D 1089 2.19 15.53 42.60
N ASN D 1090 2.95 16.30 41.83
CA ASN D 1090 4.18 15.77 41.24
C ASN D 1090 5.47 16.07 41.98
N PHE D 1091 5.42 16.76 43.11
CA PHE D 1091 6.65 17.05 43.81
C PHE D 1091 6.36 17.52 45.21
N PHE D 1092 6.82 16.80 46.20
CA PHE D 1092 6.49 17.18 47.54
C PHE D 1092 7.19 18.43 47.99
N SER D 1093 6.37 19.38 48.35
CA SER D 1093 6.77 20.69 48.81
C SER D 1093 5.61 21.26 49.59
N PRO D 1094 5.49 20.98 50.90
CA PRO D 1094 4.34 21.27 51.71
C PRO D 1094 4.15 22.73 51.91
N GLN D 1095 2.92 23.20 51.79
CA GLN D 1095 2.61 24.58 52.04
C GLN D 1095 1.67 24.64 53.22
N ILE D 1096 1.64 25.75 53.91
CA ILE D 1096 0.68 25.93 54.98
C ILE D 1096 -0.68 26.09 54.36
N ILE D 1097 -1.66 25.41 54.94
CA ILE D 1097 -3.00 25.51 54.42
C ILE D 1097 -3.60 26.76 54.98
N THR D 1098 -3.92 27.67 54.08
CA THR D 1098 -4.46 28.96 54.40
C THR D 1098 -5.64 29.14 53.49
N THR D 1099 -6.38 30.21 53.69
CA THR D 1099 -7.55 30.51 52.87
C THR D 1099 -7.21 30.89 51.43
N ASP D 1100 -5.92 31.05 51.12
CA ASP D 1100 -5.49 31.39 49.77
C ASP D 1100 -5.29 30.12 48.94
N ASN D 1101 -5.00 29.00 49.62
CA ASN D 1101 -4.68 27.75 48.96
C ASN D 1101 -5.88 26.83 48.89
N THR D 1102 -7.04 27.34 49.27
CA THR D 1102 -8.25 26.55 49.32
C THR D 1102 -9.43 27.16 48.58
N PHE D 1103 -10.37 26.30 48.26
CA PHE D 1103 -11.61 26.68 47.62
C PHE D 1103 -12.78 26.26 48.51
N VAL D 1104 -13.56 27.18 49.01
CA VAL D 1104 -14.63 26.74 49.91
C VAL D 1104 -15.92 26.45 49.19
N SER D 1105 -16.48 25.28 49.44
CA SER D 1105 -17.75 24.96 48.83
C SER D 1105 -18.60 23.99 49.61
N GLY D 1106 -19.74 24.44 50.07
CA GLY D 1106 -20.65 23.56 50.79
C GLY D 1106 -20.30 23.34 52.26
N ASN D 1107 -21.12 22.51 52.88
CA ASN D 1107 -21.00 22.14 54.29
C ASN D 1107 -20.15 20.88 54.41
N CYS D 1108 -19.96 20.37 55.65
CA CYS D 1108 -19.11 19.23 55.99
C CYS D 1108 -19.84 17.89 55.96
N ASP D 1109 -21.11 17.89 55.62
CA ASP D 1109 -21.87 16.65 55.70
C ASP D 1109 -21.81 15.83 54.43
N VAL D 1110 -21.64 16.51 53.32
CA VAL D 1110 -21.66 15.86 52.03
C VAL D 1110 -20.37 15.14 51.60
N VAL D 1111 -19.20 15.65 51.97
CA VAL D 1111 -17.95 15.06 51.52
C VAL D 1111 -17.55 13.84 52.33
N ILE D 1112 -17.23 12.76 51.64
CA ILE D 1112 -16.81 11.53 52.30
C ILE D 1112 -15.34 11.63 52.66
N GLY D 1113 -14.99 11.44 53.93
CA GLY D 1113 -13.61 11.52 54.33
C GLY D 1113 -13.08 12.90 54.69
N ILE D 1114 -13.96 13.83 54.97
CA ILE D 1114 -13.56 15.19 55.32
C ILE D 1114 -12.91 15.15 56.70
N ILE D 1115 -11.85 15.93 56.92
CA ILE D 1115 -11.17 15.90 58.23
C ILE D 1115 -11.26 17.23 58.99
N ASN D 1116 -11.14 17.20 60.34
CA ASN D 1116 -11.23 18.39 61.20
C ASN D 1116 -9.85 19.08 61.39
N ASN D 1117 -9.36 19.71 60.31
CA ASN D 1117 -8.11 20.49 60.33
C ASN D 1117 -8.43 21.98 60.51
N THR D 1118 -7.41 22.82 60.60
CA THR D 1118 -7.62 24.25 60.74
C THR D 1118 -7.01 24.99 59.57
N VAL D 1119 -7.79 25.87 58.97
CA VAL D 1119 -7.31 26.66 57.83
C VAL D 1119 -6.93 28.06 58.29
N TYR D 1120 -5.68 28.43 58.03
CA TYR D 1120 -5.13 29.72 58.46
C TYR D 1120 -5.69 30.92 57.72
N ASP D 1121 -6.00 31.98 58.47
CA ASP D 1121 -6.48 33.25 57.92
C ASP D 1121 -5.43 34.37 57.99
N PRO D 1122 -4.77 34.75 56.87
CA PRO D 1122 -3.71 35.74 56.75
C PRO D 1122 -4.10 37.16 57.11
N LEU D 1123 -5.39 37.44 57.26
CA LEU D 1123 -5.78 38.80 57.55
C LEU D 1123 -5.74 39.11 59.04
N GLN D 1124 -5.47 38.10 59.87
CA GLN D 1124 -5.44 38.32 61.30
C GLN D 1124 -4.21 39.18 61.71
N PRO D 1125 -4.36 40.36 62.43
CA PRO D 1125 -3.25 41.20 62.87
C PRO D 1125 -2.74 40.70 64.25
N VAL E 2 62.57 -32.25 16.27
CA VAL E 2 62.98 -30.85 16.18
C VAL E 2 62.51 -30.23 17.50
N GLN E 3 63.33 -29.31 18.10
CA GLN E 3 62.98 -28.66 19.38
C GLN E 3 62.83 -27.17 19.23
N LEU E 4 61.66 -26.69 19.56
CA LEU E 4 61.40 -25.27 19.47
C LEU E 4 61.99 -24.60 20.73
N VAL E 5 62.77 -23.54 20.53
CA VAL E 5 63.45 -22.90 21.66
C VAL E 5 63.01 -21.47 21.88
N GLN E 6 62.55 -21.20 23.09
CA GLN E 6 62.01 -19.90 23.42
C GLN E 6 62.87 -19.01 24.30
N SER E 7 62.59 -17.72 24.21
CA SER E 7 63.15 -16.74 25.15
C SER E 7 62.43 -17.00 26.48
N GLY E 8 62.83 -16.34 27.56
CA GLY E 8 62.13 -16.59 28.83
C GLY E 8 62.57 -15.66 29.93
N ALA E 9 61.96 -15.85 31.11
CA ALA E 9 62.19 -15.05 32.31
C ALA E 9 62.07 -13.55 32.06
N GLU E 10 61.00 -13.11 31.38
CA GLU E 10 60.86 -11.70 31.08
C GLU E 10 59.88 -11.01 32.04
N VAL E 11 60.21 -9.79 32.46
CA VAL E 11 59.31 -9.01 33.32
C VAL E 11 59.06 -7.66 32.68
N LYS E 12 57.79 -7.33 32.53
CA LYS E 12 57.36 -6.13 31.85
C LYS E 12 56.39 -5.23 32.65
N LYS E 13 56.36 -3.97 32.23
CA LYS E 13 55.51 -2.92 32.75
C LYS E 13 54.03 -3.14 32.40
N PRO E 14 53.07 -2.58 33.19
CA PRO E 14 51.60 -2.72 33.10
C PRO E 14 50.98 -2.13 31.84
N GLY E 15 51.76 -1.40 31.08
CA GLY E 15 51.35 -0.79 29.82
C GLY E 15 52.59 -0.80 28.92
N SER E 16 52.90 -1.98 28.37
CA SER E 16 54.16 -2.15 27.62
C SER E 16 54.10 -3.01 26.37
N SER E 17 55.25 -3.19 25.71
CA SER E 17 55.31 -3.99 24.49
C SER E 17 56.48 -4.96 24.50
N VAL E 18 56.16 -6.24 24.39
CA VAL E 18 57.15 -7.32 24.42
C VAL E 18 57.12 -8.24 23.21
N LYS E 19 58.29 -8.50 22.64
CA LYS E 19 58.34 -9.42 21.51
C LYS E 19 59.05 -10.70 21.90
N VAL E 20 58.30 -11.78 21.85
CA VAL E 20 58.75 -13.10 22.20
C VAL E 20 59.24 -13.86 20.99
N SER E 21 60.43 -14.42 21.06
CA SER E 21 60.93 -15.16 19.92
C SER E 21 61.01 -16.66 20.20
N CYS E 22 60.82 -17.48 19.12
CA CYS E 22 60.94 -18.94 19.11
C CYS E 22 61.76 -19.43 17.90
N LYS E 23 62.81 -20.21 18.16
CA LYS E 23 63.63 -20.72 17.06
C LYS E 23 63.42 -22.20 16.84
N ALA E 24 63.40 -22.64 15.59
CA ALA E 24 63.30 -24.08 15.37
C ALA E 24 64.72 -24.65 15.36
N SER E 25 65.07 -25.40 16.40
CA SER E 25 66.42 -25.94 16.56
C SER E 25 66.53 -27.39 16.12
N GLY E 26 67.51 -27.67 15.27
CA GLY E 26 67.71 -29.02 14.78
C GLY E 26 66.77 -29.34 13.62
N GLY E 27 66.22 -28.30 13.03
CA GLY E 27 65.27 -28.48 11.94
C GLY E 27 64.68 -27.17 11.54
N THR E 28 63.66 -27.24 10.73
CA THR E 28 63.01 -26.07 10.20
C THR E 28 61.52 -26.07 10.41
N PHE E 29 60.93 -24.90 10.27
CA PHE E 29 59.48 -24.77 10.33
C PHE E 29 58.80 -25.32 9.07
N ASN E 30 59.46 -25.19 7.91
CA ASN E 30 58.88 -25.62 6.65
C ASN E 30 57.50 -25.06 6.42
N TYR E 31 56.52 -25.95 6.36
CA TYR E 31 55.16 -25.57 6.07
C TYR E 31 54.29 -25.58 7.31
N HIS E 32 54.88 -25.84 8.45
CA HIS E 32 54.09 -25.97 9.66
C HIS E 32 53.60 -24.64 10.16
N VAL E 33 52.41 -24.64 10.68
CA VAL E 33 51.87 -23.43 11.24
C VAL E 33 52.42 -23.25 12.66
N VAL E 34 52.83 -22.03 13.03
CA VAL E 34 53.32 -21.80 14.38
C VAL E 34 52.23 -21.14 15.22
N GLY E 35 51.81 -21.82 16.27
CA GLY E 35 50.76 -21.32 17.14
C GLY E 35 51.29 -20.77 18.43
N TRP E 36 50.52 -19.87 19.04
CA TRP E 36 50.86 -19.30 20.32
C TRP E 36 49.69 -19.50 21.30
N VAL E 37 50.03 -19.95 22.52
CA VAL E 37 49.10 -20.25 23.62
C VAL E 37 49.35 -19.51 24.95
N ARG E 38 48.36 -18.78 25.41
CA ARG E 38 48.48 -17.99 26.63
C ARG E 38 48.05 -18.74 27.87
N GLN E 39 48.83 -19.68 28.33
CA GLN E 39 48.38 -20.34 29.55
C GLN E 39 48.69 -19.49 30.76
N ALA E 40 47.68 -19.20 31.56
CA ALA E 40 47.93 -18.32 32.70
C ALA E 40 48.24 -19.19 33.91
N PRO E 41 49.06 -18.75 34.88
CA PRO E 41 49.37 -19.52 36.06
C PRO E 41 48.13 -19.91 36.83
N GLY E 42 48.00 -21.20 37.12
CA GLY E 42 46.87 -21.71 37.89
C GLY E 42 45.60 -21.85 37.05
N GLN E 43 45.69 -21.54 35.77
CA GLN E 43 44.55 -21.55 34.88
C GLN E 43 44.69 -22.52 33.73
N GLY E 44 43.65 -22.56 32.92
CA GLY E 44 43.70 -23.36 31.72
C GLY E 44 44.42 -22.52 30.68
N LEU E 45 44.44 -23.01 29.46
CA LEU E 45 45.16 -22.37 28.39
C LEU E 45 44.23 -21.92 27.28
N GLU E 46 44.66 -20.86 26.57
CA GLU E 46 43.89 -20.30 25.48
C GLU E 46 44.72 -19.96 24.24
N TRP E 47 44.06 -19.98 23.09
CA TRP E 47 44.69 -19.64 21.82
C TRP E 47 44.94 -18.13 21.76
N VAL E 48 46.10 -17.74 21.25
CA VAL E 48 46.41 -16.34 21.03
C VAL E 48 46.33 -16.07 19.54
N GLY E 49 46.93 -16.97 18.78
CA GLY E 49 46.98 -16.83 17.33
C GLY E 49 48.07 -17.67 16.71
N SER E 50 48.31 -17.45 15.41
CA SER E 50 49.31 -18.16 14.66
C SER E 50 49.79 -17.43 13.41
N VAL E 51 50.95 -17.90 12.94
CA VAL E 51 51.54 -17.49 11.65
C VAL E 51 52.01 -18.70 10.90
N SER E 52 51.85 -18.70 9.59
CA SER E 52 52.36 -19.79 8.77
C SER E 52 53.49 -19.26 7.92
N PRO E 53 54.78 -19.47 8.30
CA PRO E 53 55.97 -18.93 7.67
C PRO E 53 56.01 -19.17 6.17
N ALA E 54 55.46 -20.30 5.72
CA ALA E 54 55.45 -20.59 4.30
C ALA E 54 54.66 -19.60 3.48
N LEU E 55 53.57 -19.07 4.04
CA LEU E 55 52.72 -18.17 3.29
C LEU E 55 52.80 -16.73 3.78
N GLY E 56 53.10 -16.55 5.06
CA GLY E 56 53.08 -15.25 5.70
C GLY E 56 51.67 -14.89 6.20
N ARG E 57 50.78 -15.88 6.15
CA ARG E 57 49.39 -15.75 6.55
C ARG E 57 49.24 -15.93 8.06
N THR E 58 48.31 -15.20 8.66
CA THR E 58 48.06 -15.27 10.11
C THR E 58 46.61 -15.50 10.51
N ASN E 59 46.45 -15.82 11.79
CA ASN E 59 45.18 -16.00 12.48
C ASN E 59 45.25 -15.52 13.91
N TYR E 60 44.23 -14.80 14.36
CA TYR E 60 44.23 -14.37 15.74
C TYR E 60 42.97 -14.76 16.45
N ALA E 61 43.10 -15.02 17.75
CA ALA E 61 41.92 -15.22 18.57
C ALA E 61 41.28 -13.86 18.64
N ARG E 62 39.96 -13.78 18.72
CA ARG E 62 39.30 -12.47 18.71
C ARG E 62 39.82 -11.54 19.81
N LYS E 63 40.13 -12.07 20.99
CA LYS E 63 40.59 -11.24 22.11
C LYS E 63 41.84 -10.44 21.80
N PHE E 64 42.68 -10.95 20.92
CA PHE E 64 43.94 -10.34 20.61
C PHE E 64 43.99 -9.74 19.21
N GLN E 65 42.85 -9.64 18.54
CA GLN E 65 42.86 -9.19 17.15
C GLN E 65 43.49 -7.81 16.97
N GLY E 66 43.27 -6.92 17.93
CA GLY E 66 43.83 -5.58 17.87
C GLY E 66 44.99 -5.37 18.85
N ARG E 67 45.49 -6.46 19.45
CA ARG E 67 46.53 -6.39 20.48
C ARG E 67 47.82 -7.14 20.18
N VAL E 68 47.74 -8.24 19.45
CA VAL E 68 48.95 -9.04 19.27
C VAL E 68 49.29 -9.23 17.80
N THR E 69 50.55 -8.99 17.48
CA THR E 69 51.02 -9.21 16.12
C THR E 69 51.89 -10.45 16.06
N ILE E 70 51.50 -11.40 15.22
CA ILE E 70 52.27 -12.64 15.12
C ILE E 70 52.89 -12.73 13.75
N THR E 71 54.19 -12.88 13.72
CA THR E 71 54.91 -12.94 12.47
C THR E 71 55.98 -14.01 12.50
N ALA E 72 56.63 -14.23 11.38
CA ALA E 72 57.73 -15.16 11.32
C ALA E 72 58.63 -14.83 10.18
N ASP E 73 59.89 -15.23 10.29
CA ASP E 73 60.82 -15.04 9.20
C ASP E 73 61.58 -16.34 8.98
N LYS E 74 61.15 -17.02 7.91
CA LYS E 74 61.61 -18.35 7.55
C LYS E 74 63.10 -18.37 7.20
N SER E 75 63.68 -17.20 6.89
CA SER E 75 65.09 -17.16 6.52
C SER E 75 66.00 -17.23 7.74
N SER E 76 65.44 -17.03 8.96
CA SER E 76 66.25 -17.09 10.17
C SER E 76 65.70 -18.26 10.91
N ASN E 77 64.54 -18.70 10.42
CA ASN E 77 63.78 -19.83 10.93
C ASN E 77 63.37 -19.59 12.37
N ILE E 78 62.92 -18.35 12.61
CA ILE E 78 62.47 -17.85 13.91
C ILE E 78 61.07 -17.23 13.82
N ALA E 79 60.19 -17.61 14.74
CA ALA E 79 58.84 -17.09 14.83
C ALA E 79 58.78 -16.04 15.94
N TYR E 80 57.93 -15.02 15.77
CA TYR E 80 57.81 -13.98 16.77
C TYR E 80 56.38 -13.61 17.15
N MET E 81 56.20 -13.21 18.41
CA MET E 81 54.94 -12.68 18.89
C MET E 81 55.08 -11.39 19.65
N GLU E 82 54.49 -10.33 19.13
CA GLU E 82 54.57 -9.04 19.78
C GLU E 82 53.27 -8.72 20.49
N LEU E 83 53.36 -8.63 21.81
CA LEU E 83 52.20 -8.35 22.64
C LEU E 83 52.22 -6.88 22.98
N THR E 84 51.33 -6.10 22.38
CA THR E 84 51.40 -4.67 22.65
C THR E 84 50.35 -4.33 23.67
N SER E 85 50.47 -3.15 24.27
CA SER E 85 49.52 -2.70 25.29
C SER E 85 49.36 -3.81 26.32
N LEU E 86 50.48 -4.42 26.72
CA LEU E 86 50.51 -5.54 27.65
C LEU E 86 49.98 -5.06 28.98
N ARG E 87 49.04 -5.82 29.54
CA ARG E 87 48.37 -5.52 30.81
C ARG E 87 48.71 -6.53 31.90
N PHE E 88 48.32 -6.26 33.14
CA PHE E 88 48.57 -7.20 34.26
C PHE E 88 47.95 -8.57 33.99
N GLU E 89 46.77 -8.54 33.38
CA GLU E 89 45.94 -9.68 33.05
C GLU E 89 46.57 -10.61 32.01
N ASP E 90 47.61 -10.13 31.34
CA ASP E 90 48.29 -10.86 30.31
C ASP E 90 49.47 -11.67 30.83
N THR E 91 49.63 -11.77 32.14
CA THR E 91 50.71 -12.64 32.60
C THR E 91 50.40 -14.06 32.17
N ALA E 92 51.38 -14.70 31.53
CA ALA E 92 51.21 -16.06 31.04
C ALA E 92 52.55 -16.68 30.71
N VAL E 93 52.54 -17.99 30.59
CA VAL E 93 53.71 -18.76 30.18
C VAL E 93 54.01 -18.62 28.68
N TYR E 94 53.03 -18.16 27.91
CA TYR E 94 53.17 -17.99 26.47
C TYR E 94 53.95 -19.07 25.77
N TYR E 95 53.32 -20.22 25.58
CA TYR E 95 53.96 -21.29 24.87
C TYR E 95 53.84 -21.04 23.39
N CYS E 96 54.84 -21.45 22.61
CA CYS E 96 54.75 -21.48 21.15
C CYS E 96 54.86 -22.93 20.78
N ALA E 97 54.22 -23.30 19.69
CA ALA E 97 54.30 -24.68 19.26
C ALA E 97 54.11 -24.82 17.77
N ARG E 98 54.63 -25.90 17.26
CA ARG E 98 54.47 -26.25 15.88
C ARG E 98 53.18 -27.03 15.75
N LEU E 99 52.35 -26.68 14.80
CA LEU E 99 51.12 -27.40 14.57
C LEU E 99 51.43 -28.45 13.56
N LEU E 100 50.65 -29.51 13.57
CA LEU E 100 50.86 -30.57 12.60
C LEU E 100 50.42 -30.10 11.23
N LEU E 101 49.47 -29.21 11.19
CA LEU E 101 48.98 -28.72 9.92
C LEU E 101 50.07 -28.06 9.12
N VAL E 102 50.17 -28.47 7.88
CA VAL E 102 51.12 -27.89 6.96
C VAL E 102 50.41 -27.20 5.82
N GLU E 103 50.81 -25.97 5.56
CA GLU E 103 50.21 -25.19 4.50
C GLU E 103 51.18 -25.02 3.36
N TYR E 104 50.76 -25.42 2.17
CA TYR E 104 51.66 -25.38 1.03
C TYR E 104 51.38 -24.13 0.22
N THR E 105 50.11 -23.84 0.08
CA THR E 105 49.65 -22.65 -0.63
C THR E 105 48.38 -22.19 0.02
N THR E 106 47.78 -21.14 -0.46
CA THR E 106 46.60 -20.63 0.23
C THR E 106 45.41 -21.58 0.14
N SER E 107 45.37 -22.38 -0.93
CA SER E 107 44.33 -23.35 -1.19
C SER E 107 44.72 -24.80 -0.95
N SER E 108 45.88 -25.04 -0.34
CA SER E 108 46.27 -26.43 -0.12
C SER E 108 47.00 -26.62 1.18
N ARG E 109 46.41 -27.47 2.01
CA ARG E 109 46.90 -27.77 3.35
C ARG E 109 46.55 -29.18 3.77
N ALA E 110 47.38 -29.76 4.63
CA ALA E 110 47.10 -31.10 5.09
C ALA E 110 47.60 -31.35 6.50
N GLY E 111 47.01 -32.33 7.15
CA GLY E 111 47.40 -32.69 8.52
C GLY E 111 46.37 -32.18 9.50
N GLY E 112 46.58 -32.47 10.77
CA GLY E 112 45.61 -32.08 11.78
C GLY E 112 45.97 -30.74 12.40
N TYR E 113 45.25 -30.37 13.45
CA TYR E 113 45.44 -29.08 14.12
C TYR E 113 46.04 -29.22 15.49
N GLY E 114 46.54 -30.40 15.82
CA GLY E 114 47.14 -30.59 17.12
C GLY E 114 48.54 -30.02 17.03
N MET E 115 49.25 -30.01 18.14
CA MET E 115 50.61 -29.48 18.21
C MET E 115 51.52 -30.46 18.88
N ASP E 116 52.54 -30.93 18.15
CA ASP E 116 53.48 -31.92 18.65
C ASP E 116 54.70 -31.35 19.34
N VAL E 117 55.36 -30.40 18.68
CA VAL E 117 56.58 -29.80 19.20
C VAL E 117 56.31 -28.47 19.86
N TRP E 118 56.52 -28.44 21.15
CA TRP E 118 56.29 -27.27 21.97
C TRP E 118 57.60 -26.73 22.47
N GLY E 119 57.68 -25.43 22.63
CA GLY E 119 58.84 -24.82 23.23
C GLY E 119 58.69 -24.94 24.72
N GLN E 120 59.65 -24.45 25.48
CA GLN E 120 59.57 -24.56 26.93
C GLN E 120 58.67 -23.51 27.56
N GLY E 121 58.25 -22.52 26.77
CA GLY E 121 57.47 -21.39 27.24
C GLY E 121 58.31 -20.17 27.51
N THR E 122 57.71 -19.00 27.30
CA THR E 122 58.36 -17.73 27.58
C THR E 122 57.55 -17.09 28.63
N THR E 123 57.93 -17.26 29.87
CA THR E 123 57.07 -16.66 30.82
C THR E 123 57.27 -15.19 30.75
N VAL E 124 56.16 -14.48 30.66
CA VAL E 124 56.14 -13.05 30.68
C VAL E 124 55.31 -12.65 31.88
N THR E 125 55.95 -11.96 32.80
CA THR E 125 55.29 -11.50 33.99
C THR E 125 55.08 -10.03 33.85
N VAL E 126 53.87 -9.59 34.04
CA VAL E 126 53.60 -8.17 33.89
C VAL E 126 52.99 -7.55 35.15
N SER E 127 53.63 -6.44 35.60
CA SER E 127 53.32 -5.68 36.81
C SER E 127 52.87 -4.28 36.41
N LEU F 4 34.36 -24.17 24.31
CA LEU F 4 34.35 -25.63 24.24
C LEU F 4 34.29 -26.10 25.71
N THR F 5 33.43 -27.09 26.04
CA THR F 5 33.17 -27.52 27.45
C THR F 5 33.74 -28.86 27.90
N GLN F 6 34.41 -28.81 29.06
CA GLN F 6 34.99 -29.95 29.74
C GLN F 6 34.58 -29.95 31.21
N PRO F 7 34.48 -31.12 31.88
CA PRO F 7 34.23 -31.22 33.30
C PRO F 7 35.47 -30.74 34.02
N PRO F 8 35.37 -30.24 35.25
CA PRO F 8 36.49 -29.83 36.06
C PRO F 8 37.39 -30.95 36.57
N SER F 9 36.89 -32.20 36.63
CA SER F 9 37.70 -33.28 37.15
C SER F 9 37.26 -34.66 36.69
N ALA F 10 38.14 -35.62 36.93
CA ALA F 10 37.92 -37.03 36.65
C ALA F 10 38.71 -37.86 37.65
N SER F 11 38.32 -39.10 37.89
CA SER F 11 39.13 -39.89 38.79
C SER F 11 38.93 -41.39 38.71
N GLY F 12 39.86 -42.11 39.32
CA GLY F 12 39.74 -43.55 39.48
C GLY F 12 40.96 -44.21 40.08
N SER F 13 40.80 -45.47 40.44
CA SER F 13 41.83 -46.29 41.03
C SER F 13 42.89 -46.58 40.01
N PRO F 14 44.14 -46.81 40.39
CA PRO F 14 45.15 -47.20 39.46
C PRO F 14 44.68 -48.53 38.91
N GLY F 15 44.82 -48.70 37.61
CA GLY F 15 44.40 -49.88 36.88
C GLY F 15 42.98 -49.74 36.30
N GLN F 16 42.26 -48.70 36.72
CA GLN F 16 40.90 -48.40 36.30
C GLN F 16 40.84 -47.70 34.94
N SER F 17 39.74 -47.92 34.22
CA SER F 17 39.49 -47.18 33.00
C SER F 17 38.73 -45.90 33.35
N VAL F 18 39.36 -44.77 33.10
CA VAL F 18 38.80 -43.46 33.44
C VAL F 18 38.65 -42.61 32.21
N THR F 19 37.49 -41.96 32.06
CA THR F 19 37.29 -41.14 30.89
C THR F 19 36.99 -39.69 31.21
N ILE F 20 37.33 -38.86 30.23
CA ILE F 20 37.05 -37.44 30.19
C ILE F 20 36.30 -37.08 28.94
N SER F 21 35.18 -36.38 29.08
CA SER F 21 34.44 -36.00 27.88
C SER F 21 34.57 -34.50 27.58
N CYS F 22 34.41 -34.15 26.28
CA CYS F 22 34.38 -32.79 25.75
C CYS F 22 33.17 -32.59 24.85
N THR F 23 32.50 -31.47 24.99
CA THR F 23 31.40 -31.23 24.08
C THR F 23 31.61 -29.99 23.25
N GLY F 24 31.25 -30.15 21.98
CA GLY F 24 31.37 -29.14 20.97
C GLY F 24 30.08 -28.60 20.42
N THR F 25 30.08 -28.54 19.12
CA THR F 25 29.07 -27.97 18.25
C THR F 25 29.18 -28.57 16.86
N TYR F 26 28.76 -27.84 15.85
CA TYR F 26 28.85 -28.34 14.48
C TYR F 26 30.05 -27.76 13.73
N ASN F 27 30.97 -27.31 14.56
CA ASN F 27 32.29 -26.75 14.36
C ASN F 27 33.01 -27.31 15.57
N ASP F 28 34.26 -27.00 15.76
CA ASP F 28 34.97 -27.51 16.91
C ASP F 28 34.90 -29.04 16.89
N ILE F 29 34.33 -29.64 17.94
CA ILE F 29 34.17 -31.08 17.98
C ILE F 29 32.85 -31.30 17.31
N GLY F 30 32.84 -32.02 16.22
CA GLY F 30 31.64 -32.18 15.41
C GLY F 30 31.90 -31.27 14.24
N GLY F 31 31.43 -31.59 13.05
CA GLY F 31 31.75 -30.72 11.92
C GLY F 31 33.11 -31.06 11.30
N TYR F 32 34.13 -31.12 12.18
CA TYR F 32 35.46 -31.47 11.76
C TYR F 32 36.07 -32.60 12.57
N ASN F 33 36.80 -33.50 11.91
CA ASN F 33 37.46 -34.59 12.61
C ASN F 33 38.87 -34.22 13.04
N PHE F 34 38.97 -33.14 13.79
CA PHE F 34 40.26 -32.66 14.24
C PHE F 34 40.25 -32.39 15.69
N VAL F 35 40.18 -33.43 16.50
CA VAL F 35 40.10 -33.25 17.92
C VAL F 35 41.31 -33.89 18.54
N SER F 36 42.09 -33.09 19.24
CA SER F 36 43.30 -33.55 19.88
C SER F 36 43.20 -33.41 21.37
N TRP F 37 44.04 -34.15 22.08
CA TRP F 37 44.11 -34.10 23.54
C TRP F 37 45.53 -33.93 24.03
N TYR F 38 45.67 -33.20 25.14
CA TYR F 38 46.95 -32.96 25.80
C TYR F 38 47.00 -33.37 27.25
N GLN F 39 48.17 -33.84 27.69
CA GLN F 39 48.41 -34.19 29.09
C GLN F 39 49.37 -33.20 29.74
N GLN F 40 48.90 -32.50 30.76
CA GLN F 40 49.79 -31.53 31.39
C GLN F 40 49.97 -31.70 32.88
N HIS F 41 51.19 -31.97 33.30
CA HIS F 41 51.48 -32.11 34.72
C HIS F 41 51.81 -30.71 35.19
N ALA F 42 51.60 -30.41 36.46
CA ALA F 42 51.94 -29.06 36.87
C ALA F 42 53.41 -28.80 36.63
N GLY F 43 53.72 -27.63 36.06
CA GLY F 43 55.10 -27.23 35.80
C GLY F 43 55.64 -27.74 34.47
N LYS F 44 54.84 -28.50 33.73
CA LYS F 44 55.27 -29.09 32.46
C LYS F 44 54.56 -28.50 31.25
N VAL F 45 55.19 -28.73 30.11
CA VAL F 45 54.71 -28.31 28.81
C VAL F 45 53.70 -29.36 28.35
N PRO F 46 52.48 -29.01 27.89
CA PRO F 46 51.48 -29.97 27.49
C PRO F 46 52.00 -30.94 26.44
N LYS F 47 51.78 -32.22 26.66
CA LYS F 47 52.21 -33.25 25.73
C LYS F 47 51.05 -33.75 24.89
N LEU F 48 51.23 -33.81 23.58
CA LEU F 48 50.14 -34.29 22.75
C LEU F 48 49.94 -35.77 23.01
N MET F 49 48.73 -36.16 23.36
CA MET F 49 48.42 -37.54 23.64
C MET F 49 47.64 -38.15 22.51
N ILE F 50 46.74 -37.34 21.95
CA ILE F 50 45.90 -37.76 20.83
C ILE F 50 45.98 -36.72 19.73
N PHE F 51 46.32 -37.16 18.52
CA PHE F 51 46.48 -36.29 17.36
C PHE F 51 45.23 -36.07 16.49
N GLU F 52 44.58 -37.14 16.10
CA GLU F 52 43.37 -37.07 15.27
C GLU F 52 42.31 -37.53 16.19
N VAL F 53 41.08 -37.62 15.75
CA VAL F 53 40.08 -38.02 16.73
C VAL F 53 40.45 -39.31 17.47
N SER F 54 40.91 -40.33 16.74
CA SER F 54 41.31 -41.57 17.38
C SER F 54 42.80 -41.90 17.28
N LYS F 55 43.55 -41.19 16.43
CA LYS F 55 44.96 -41.49 16.19
C LYS F 55 45.90 -40.91 17.23
N ARG F 56 46.71 -41.77 17.80
CA ARG F 56 47.74 -41.47 18.80
C ARG F 56 49.09 -41.16 18.13
N PRO F 57 49.86 -40.14 18.55
CA PRO F 57 51.18 -39.79 18.06
C PRO F 57 52.19 -40.75 18.64
N SER F 58 53.38 -40.77 18.08
CA SER F 58 54.45 -41.56 18.67
C SER F 58 54.86 -40.99 20.03
N GLY F 59 55.33 -41.85 20.93
CA GLY F 59 55.81 -41.42 22.25
C GLY F 59 54.75 -41.44 23.33
N VAL F 60 53.59 -41.97 22.99
CA VAL F 60 52.44 -42.07 23.89
C VAL F 60 52.08 -43.55 24.05
N PRO F 61 51.91 -44.06 25.27
CA PRO F 61 51.56 -45.43 25.55
C PRO F 61 50.15 -45.72 25.08
N ASP F 62 49.87 -46.99 24.81
CA ASP F 62 48.61 -47.42 24.26
C ASP F 62 47.44 -47.50 25.21
N ARG F 63 47.65 -47.07 26.44
CA ARG F 63 46.54 -46.95 27.37
C ARG F 63 45.71 -45.74 26.96
N PHE F 64 46.30 -44.84 26.14
CA PHE F 64 45.60 -43.64 25.69
C PHE F 64 44.94 -43.84 24.33
N SER F 65 43.64 -43.63 24.31
CA SER F 65 42.85 -43.79 23.11
C SER F 65 41.65 -42.87 23.18
N GLY F 66 40.88 -42.79 22.12
CA GLY F 66 39.70 -41.94 22.15
C GLY F 66 38.88 -42.06 20.89
N SER F 67 37.74 -41.40 20.92
CA SER F 67 36.78 -41.40 19.83
C SER F 67 35.86 -40.19 19.89
N LYS F 68 35.02 -40.05 18.87
CA LYS F 68 34.04 -38.98 18.81
C LYS F 68 32.71 -39.53 18.32
N SER F 69 31.62 -39.10 18.94
CA SER F 69 30.26 -39.48 18.60
C SER F 69 29.36 -38.27 18.65
N GLY F 70 28.64 -37.99 17.56
CA GLY F 70 27.83 -36.78 17.57
C GLY F 70 28.78 -35.61 17.71
N ASN F 71 28.53 -34.76 18.71
CA ASN F 71 29.37 -33.59 18.96
C ASN F 71 30.19 -33.78 20.24
N THR F 72 30.31 -35.02 20.71
CA THR F 72 31.05 -35.29 21.94
C THR F 72 32.31 -36.12 21.71
N ALA F 73 33.42 -35.63 22.24
CA ALA F 73 34.69 -36.32 22.14
C ALA F 73 34.97 -37.00 23.45
N SER F 74 35.68 -38.11 23.40
CA SER F 74 36.01 -38.82 24.61
C SER F 74 37.41 -39.39 24.66
N LEU F 75 38.09 -39.08 25.76
CA LEU F 75 39.41 -39.57 26.10
C LEU F 75 39.33 -40.70 27.05
N THR F 76 39.93 -41.81 26.72
CA THR F 76 39.94 -42.94 27.63
C THR F 76 41.35 -43.31 28.02
N VAL F 77 41.56 -43.45 29.33
CA VAL F 77 42.84 -43.93 29.79
C VAL F 77 42.60 -45.30 30.41
N SER F 78 42.97 -46.35 29.70
CA SER F 78 42.67 -47.71 30.14
C SER F 78 43.82 -48.32 30.91
N GLY F 79 43.64 -48.59 32.19
CA GLY F 79 44.77 -49.07 32.96
C GLY F 79 45.53 -47.86 33.50
N LEU F 80 44.80 -46.96 34.14
CA LEU F 80 45.31 -45.72 34.70
C LEU F 80 46.50 -45.87 35.63
N GLN F 81 47.54 -45.06 35.41
CA GLN F 81 48.73 -45.10 36.24
C GLN F 81 48.84 -43.88 37.13
N ALA F 82 49.63 -43.96 38.21
CA ALA F 82 49.84 -42.80 39.09
C ALA F 82 50.44 -41.63 38.34
N GLU F 83 51.25 -41.92 37.35
CA GLU F 83 51.92 -40.95 36.52
C GLU F 83 50.96 -40.15 35.63
N ASP F 84 49.68 -40.51 35.61
CA ASP F 84 48.69 -39.81 34.81
C ASP F 84 48.01 -38.68 35.58
N GLU F 85 48.46 -38.36 36.80
CA GLU F 85 47.82 -37.24 37.49
C GLU F 85 48.27 -35.93 36.88
N ALA F 86 47.48 -35.54 35.90
CA ALA F 86 47.68 -34.41 35.02
C ALA F 86 46.35 -33.86 34.58
N ASP F 87 46.34 -32.60 34.17
CA ASP F 87 45.15 -32.05 33.56
C ASP F 87 45.05 -32.55 32.16
N TYR F 88 43.84 -32.76 31.68
CA TYR F 88 43.72 -33.06 30.27
C TYR F 88 42.93 -31.99 29.60
N TYR F 89 43.44 -31.59 28.46
CA TYR F 89 42.80 -30.55 27.68
C TYR F 89 42.47 -31.13 26.34
N CYS F 90 41.34 -30.73 25.75
CA CYS F 90 40.99 -31.09 24.39
C CYS F 90 40.92 -29.79 23.62
N SER F 91 41.19 -29.91 22.35
CA SER F 91 41.10 -28.80 21.46
C SER F 91 40.71 -29.26 20.12
N SER F 92 40.23 -28.35 19.32
CA SER F 92 39.85 -28.73 18.00
C SER F 92 39.90 -27.64 16.98
N PHE F 93 39.83 -28.05 15.72
CA PHE F 93 39.76 -27.05 14.67
C PHE F 93 38.44 -26.36 14.80
N ALA F 94 38.48 -25.08 15.00
CA ALA F 94 37.29 -24.28 15.25
C ALA F 94 36.65 -23.73 14.00
N GLY F 95 37.29 -23.98 12.90
CA GLY F 95 36.89 -23.43 11.62
C GLY F 95 37.94 -22.38 11.38
N SER F 96 38.08 -21.86 10.17
CA SER F 96 39.17 -20.91 9.90
C SER F 96 39.14 -19.55 10.60
N ASN F 97 38.00 -19.05 11.07
CA ASN F 97 38.08 -17.73 11.71
C ASN F 97 38.70 -17.78 13.11
N THR F 98 38.45 -18.86 13.83
CA THR F 98 38.98 -19.02 15.18
C THR F 98 40.20 -19.92 15.17
N PHE F 99 40.24 -20.81 14.20
CA PHE F 99 41.26 -21.76 13.91
C PHE F 99 41.41 -22.83 15.00
N VAL F 100 41.78 -22.47 16.22
CA VAL F 100 41.87 -23.44 17.30
C VAL F 100 41.13 -23.01 18.55
N VAL F 101 40.35 -23.94 19.09
CA VAL F 101 39.62 -23.70 20.31
C VAL F 101 39.98 -24.73 21.36
N PHE F 102 40.12 -24.29 22.61
CA PHE F 102 40.45 -25.21 23.70
C PHE F 102 39.37 -25.19 24.75
N GLY F 103 39.18 -26.32 25.45
CA GLY F 103 38.29 -26.34 26.60
C GLY F 103 39.14 -26.04 27.84
N GLY F 104 38.56 -26.05 29.04
CA GLY F 104 39.37 -25.81 30.23
C GLY F 104 39.98 -27.13 30.59
N GLY F 105 40.83 -27.20 31.60
CA GLY F 105 41.41 -28.50 31.90
C GLY F 105 40.55 -29.31 32.81
N THR F 106 40.62 -30.63 32.66
CA THR F 106 39.94 -31.55 33.54
C THR F 106 41.01 -32.18 34.40
N LYS F 107 40.98 -32.00 35.71
CA LYS F 107 42.07 -32.59 36.48
C LYS F 107 41.75 -34.01 36.85
N LEU F 108 42.59 -34.95 36.45
CA LEU F 108 42.33 -36.33 36.80
C LEU F 108 43.16 -36.70 38.04
N THR F 109 42.50 -37.34 39.00
CA THR F 109 43.14 -37.80 40.25
C THR F 109 43.11 -39.35 40.27
N VAL F 110 44.25 -40.00 40.63
CA VAL F 110 44.39 -41.46 40.62
C VAL F 110 44.24 -41.99 42.07
N TYR G 30 -49.75 -34.43 -27.30
CA TYR G 30 -48.94 -33.25 -27.01
C TYR G 30 -49.77 -32.20 -26.20
N THR G 31 -49.77 -32.34 -24.85
CA THR G 31 -50.42 -31.43 -23.87
C THR G 31 -49.36 -30.78 -23.00
N GLN G 32 -49.75 -29.95 -22.03
CA GLN G 32 -48.74 -29.24 -21.21
C GLN G 32 -48.85 -29.43 -19.70
N HIS G 33 -47.68 -29.57 -19.06
CA HIS G 33 -47.53 -29.71 -17.61
C HIS G 33 -46.36 -28.84 -17.09
N THR G 34 -46.38 -28.50 -15.81
CA THR G 34 -45.28 -27.70 -15.23
C THR G 34 -44.41 -28.54 -14.30
N SER G 35 -43.09 -28.45 -14.45
CA SER G 35 -42.18 -29.21 -13.60
C SER G 35 -41.84 -28.55 -12.25
N SER G 36 -42.53 -28.97 -11.19
CA SER G 36 -42.38 -28.32 -9.90
C SER G 36 -41.23 -28.84 -9.07
N MET G 37 -40.03 -28.37 -9.40
CA MET G 37 -38.73 -28.72 -8.80
C MET G 37 -38.28 -30.13 -9.09
N ARG G 38 -38.79 -30.69 -10.15
CA ARG G 38 -38.49 -32.03 -10.58
C ARG G 38 -37.28 -32.04 -11.51
N GLY G 39 -36.55 -33.16 -11.57
CA GLY G 39 -35.44 -33.27 -12.53
C GLY G 39 -34.03 -32.98 -12.01
N VAL G 40 -33.87 -32.88 -10.70
CA VAL G 40 -32.58 -32.64 -10.06
C VAL G 40 -31.86 -33.98 -9.92
N TYR G 41 -30.56 -34.00 -10.16
CA TYR G 41 -29.80 -35.22 -10.09
C TYR G 41 -28.39 -34.95 -9.60
N TYR G 42 -27.69 -36.00 -9.20
CA TYR G 42 -26.30 -35.86 -8.75
C TYR G 42 -25.37 -35.65 -9.95
N PRO G 43 -24.69 -34.52 -10.11
CA PRO G 43 -23.82 -34.21 -11.24
C PRO G 43 -22.61 -35.13 -11.36
N ASP G 44 -22.21 -35.77 -10.27
CA ASP G 44 -21.02 -36.59 -10.27
C ASP G 44 -21.01 -37.68 -9.19
N GLU G 45 -19.90 -38.41 -9.15
CA GLU G 45 -19.61 -39.52 -8.23
C GLU G 45 -18.90 -39.08 -6.96
N ILE G 46 -19.03 -37.81 -6.63
CA ILE G 46 -18.35 -37.24 -5.48
C ILE G 46 -19.22 -36.94 -4.26
N PHE G 47 -18.73 -37.40 -3.14
CA PHE G 47 -19.32 -37.19 -1.85
C PHE G 47 -18.90 -35.86 -1.30
N ARG G 48 -19.88 -35.07 -0.95
CA ARG G 48 -19.73 -33.78 -0.35
C ARG G 48 -20.73 -33.79 0.73
N SER G 49 -20.52 -33.06 1.80
CA SER G 49 -21.53 -33.09 2.82
C SER G 49 -21.63 -31.78 3.53
N ASP G 50 -22.80 -31.54 4.11
CA ASP G 50 -23.06 -30.33 4.90
C ASP G 50 -22.63 -29.11 4.10
N THR G 51 -23.11 -29.00 2.86
CA THR G 51 -22.62 -27.92 2.02
C THR G 51 -23.51 -27.54 0.87
N LEU G 52 -23.34 -26.31 0.40
CA LEU G 52 -24.04 -25.85 -0.79
C LEU G 52 -23.06 -25.81 -1.94
N TYR G 53 -23.31 -26.65 -2.93
CA TYR G 53 -22.44 -26.76 -4.07
C TYR G 53 -23.02 -26.06 -5.27
N LEU G 54 -22.31 -25.07 -5.78
CA LEU G 54 -22.83 -24.29 -6.89
C LEU G 54 -22.22 -24.82 -8.17
N THR G 55 -23.05 -25.17 -9.13
CA THR G 55 -22.53 -25.73 -10.37
C THR G 55 -23.38 -25.48 -11.61
N GLN G 56 -22.72 -25.38 -12.77
CA GLN G 56 -23.44 -25.24 -14.03
C GLN G 56 -23.45 -26.55 -14.77
N ASP G 57 -24.62 -26.99 -15.15
CA ASP G 57 -24.74 -28.24 -15.87
C ASP G 57 -26.10 -28.28 -16.54
N LEU G 58 -26.40 -29.33 -17.27
CA LEU G 58 -27.71 -29.40 -17.86
C LEU G 58 -28.72 -29.91 -16.86
N PHE G 59 -29.68 -29.07 -16.51
CA PHE G 59 -30.69 -29.41 -15.53
C PHE G 59 -32.05 -29.06 -16.03
N LEU G 60 -33.08 -29.71 -15.53
CA LEU G 60 -34.42 -29.32 -15.94
C LEU G 60 -34.68 -28.04 -15.16
N PRO G 61 -34.93 -26.87 -15.79
CA PRO G 61 -35.14 -25.63 -15.09
C PRO G 61 -36.36 -25.76 -14.23
N PHE G 62 -36.38 -25.10 -13.11
CA PHE G 62 -37.57 -25.20 -12.32
C PHE G 62 -38.72 -24.53 -13.04
N TYR G 63 -39.86 -25.21 -13.03
CA TYR G 63 -41.13 -24.84 -13.63
C TYR G 63 -41.08 -24.68 -15.11
N SER G 64 -40.20 -25.43 -15.76
CA SER G 64 -40.18 -25.42 -17.19
C SER G 64 -41.43 -26.17 -17.63
N ASN G 65 -41.83 -25.99 -18.91
CA ASN G 65 -42.95 -26.68 -19.54
C ASN G 65 -42.51 -28.09 -20.01
N VAL G 66 -43.33 -29.09 -19.68
CA VAL G 66 -43.16 -30.50 -19.98
C VAL G 66 -44.31 -30.94 -20.87
N THR G 67 -44.00 -31.61 -21.95
CA THR G 67 -45.04 -32.04 -22.86
C THR G 67 -45.64 -33.35 -22.38
N GLY G 68 -46.95 -33.40 -22.30
CA GLY G 68 -47.59 -34.64 -21.89
C GLY G 68 -47.97 -35.46 -23.10
N PHE G 69 -47.91 -36.78 -22.95
CA PHE G 69 -48.28 -37.69 -24.01
C PHE G 69 -49.16 -38.83 -23.50
N HIS G 70 -50.03 -39.32 -24.35
CA HIS G 70 -50.83 -40.49 -24.02
C HIS G 70 -50.67 -41.56 -25.12
N THR G 71 -50.50 -42.83 -24.68
CA THR G 71 -50.26 -44.12 -25.35
C THR G 71 -49.09 -44.74 -24.58
N ASN G 78 -46.40 -43.06 -29.88
CA ASN G 78 -45.03 -43.37 -30.29
C ASN G 78 -44.42 -42.39 -31.36
N PRO G 79 -44.56 -41.01 -31.26
CA PRO G 79 -44.01 -40.00 -32.16
C PRO G 79 -42.52 -39.82 -31.93
N VAL G 80 -41.83 -39.22 -32.88
CA VAL G 80 -40.45 -38.85 -32.60
C VAL G 80 -40.48 -37.53 -31.87
N ILE G 81 -39.79 -37.50 -30.75
CA ILE G 81 -39.71 -36.37 -29.87
C ILE G 81 -38.24 -35.96 -29.83
N PRO G 82 -37.82 -34.92 -30.55
CA PRO G 82 -36.42 -34.54 -30.73
C PRO G 82 -35.68 -34.36 -29.41
N PHE G 83 -34.44 -34.80 -29.42
CA PHE G 83 -33.53 -34.78 -28.29
C PHE G 83 -32.55 -33.67 -28.50
N LYS G 84 -32.58 -32.65 -27.68
CA LYS G 84 -31.64 -31.59 -27.90
C LYS G 84 -31.13 -31.07 -26.60
N ASP G 85 -29.81 -31.13 -26.43
CA ASP G 85 -29.09 -30.70 -25.23
C ASP G 85 -29.61 -31.36 -23.96
N GLY G 86 -29.98 -32.63 -24.05
CA GLY G 86 -30.44 -33.32 -22.86
C GLY G 86 -31.96 -33.39 -22.77
N ILE G 87 -32.47 -34.54 -22.38
CA ILE G 87 -33.92 -34.69 -22.31
C ILE G 87 -34.36 -35.30 -20.97
N TYR G 88 -35.46 -34.82 -20.45
CA TYR G 88 -36.05 -35.36 -19.24
C TYR G 88 -37.23 -36.24 -19.61
N PHE G 89 -37.32 -37.43 -19.04
CA PHE G 89 -38.45 -38.31 -19.37
C PHE G 89 -39.07 -38.91 -18.13
N ALA G 90 -40.38 -39.00 -18.11
CA ALA G 90 -41.01 -39.65 -16.98
C ALA G 90 -42.29 -40.33 -17.38
N ALA G 91 -42.69 -41.36 -16.65
CA ALA G 91 -43.96 -41.97 -16.99
C ALA G 91 -44.66 -42.58 -15.80
N THR G 92 -45.99 -42.62 -15.87
CA THR G 92 -46.78 -43.23 -14.80
C THR G 92 -47.24 -44.59 -15.26
N GLU G 93 -47.28 -44.77 -16.57
CA GLU G 93 -47.59 -46.07 -17.12
C GLU G 93 -48.88 -46.69 -16.49
N LYS G 94 -48.75 -47.82 -15.73
CA LYS G 94 -49.81 -48.60 -15.10
C LYS G 94 -49.15 -49.65 -14.20
N ASN G 96 -47.44 -50.64 -17.41
CA ASN G 96 -46.08 -50.91 -17.87
C ASN G 96 -46.03 -50.83 -19.42
N VAL G 97 -46.33 -49.62 -19.95
CA VAL G 97 -46.31 -49.27 -21.39
C VAL G 97 -44.93 -48.87 -21.92
N VAL G 98 -44.08 -48.23 -21.09
CA VAL G 98 -42.79 -47.78 -21.63
C VAL G 98 -41.73 -48.82 -21.29
N ARG G 99 -41.34 -49.61 -22.28
CA ARG G 99 -40.47 -50.74 -22.00
C ARG G 99 -39.22 -50.72 -22.85
N GLY G 100 -38.83 -49.53 -23.25
CA GLY G 100 -37.63 -49.39 -24.04
C GLY G 100 -37.46 -47.96 -24.52
N TRP G 101 -36.29 -47.70 -25.08
CA TRP G 101 -35.95 -46.38 -25.55
C TRP G 101 -35.22 -46.43 -26.88
N VAL G 102 -35.43 -45.43 -27.70
CA VAL G 102 -34.63 -45.29 -28.90
C VAL G 102 -33.90 -43.96 -28.92
N PHE G 103 -32.59 -44.00 -28.97
CA PHE G 103 -31.79 -42.78 -29.07
C PHE G 103 -30.87 -42.92 -30.30
N GLY G 104 -30.95 -41.97 -31.26
CA GLY G 104 -30.18 -41.96 -32.49
C GLY G 104 -29.97 -40.53 -32.97
N LEU G 182 -44.48 -43.66 -10.55
CA LEU G 182 -43.81 -42.73 -11.46
C LEU G 182 -42.33 -43.01 -11.56
N ARG G 183 -41.91 -43.36 -12.77
CA ARG G 183 -40.54 -43.69 -13.03
C ARG G 183 -39.97 -42.53 -13.79
N GLU G 184 -38.85 -41.99 -13.35
CA GLU G 184 -38.31 -40.85 -14.08
C GLU G 184 -36.83 -40.91 -14.30
N PHE G 185 -36.44 -40.36 -15.43
CA PHE G 185 -35.09 -40.39 -15.90
C PHE G 185 -34.54 -39.10 -16.49
N VAL G 186 -33.23 -38.95 -16.40
CA VAL G 186 -32.55 -37.88 -17.13
C VAL G 186 -31.51 -38.45 -18.08
N PHE G 187 -31.64 -38.09 -19.35
CA PHE G 187 -30.73 -38.58 -20.38
C PHE G 187 -29.95 -37.45 -20.99
N LYS G 188 -28.64 -37.49 -20.86
CA LYS G 188 -27.86 -36.39 -21.42
C LYS G 188 -26.66 -36.89 -22.19
N ASN G 189 -26.33 -36.19 -23.27
CA ASN G 189 -25.18 -36.55 -24.08
C ASN G 189 -24.05 -35.57 -23.81
N LYS G 190 -23.03 -36.02 -23.10
CA LYS G 190 -21.96 -35.12 -22.73
C LYS G 190 -20.57 -35.77 -22.78
N ASP G 191 -19.67 -35.13 -23.50
CA ASP G 191 -18.27 -35.51 -23.66
C ASP G 191 -18.08 -36.96 -24.12
N GLY G 192 -18.92 -37.41 -25.03
CA GLY G 192 -18.82 -38.77 -25.56
C GLY G 192 -19.66 -39.80 -24.82
N PHE G 193 -20.32 -39.42 -23.72
CA PHE G 193 -21.11 -40.40 -23.00
C PHE G 193 -22.59 -40.09 -22.88
N LEU G 194 -23.39 -41.14 -22.91
CA LEU G 194 -24.79 -40.98 -22.61
C LEU G 194 -24.96 -41.32 -21.15
N TYR G 195 -25.35 -40.32 -20.38
CA TYR G 195 -25.50 -40.50 -18.97
C TYR G 195 -26.95 -40.71 -18.73
N VAL G 196 -27.25 -41.67 -17.88
CA VAL G 196 -28.62 -41.94 -17.54
C VAL G 196 -28.79 -41.90 -16.04
N TYR G 197 -29.74 -41.11 -15.58
CA TYR G 197 -30.08 -41.01 -14.18
C TYR G 197 -31.47 -41.54 -13.97
N LYS G 198 -31.73 -42.15 -12.82
CA LYS G 198 -33.04 -42.70 -12.52
C LYS G 198 -33.54 -42.44 -11.09
N GLY G 199 -34.86 -42.41 -10.94
CA GLY G 199 -35.48 -42.34 -9.64
C GLY G 199 -36.95 -42.75 -9.71
N TYR G 200 -37.65 -42.86 -8.59
CA TYR G 200 -39.03 -43.40 -8.67
C TYR G 200 -39.86 -43.01 -7.45
N GLN G 201 -41.05 -42.43 -7.62
CA GLN G 201 -41.97 -42.01 -6.57
C GLN G 201 -43.22 -42.92 -6.57
N PRO G 202 -43.59 -43.50 -5.41
CA PRO G 202 -44.75 -44.35 -5.22
C PRO G 202 -46.01 -43.51 -5.06
N ILE G 203 -46.32 -42.73 -6.08
CA ILE G 203 -47.48 -41.87 -6.08
C ILE G 203 -48.33 -42.24 -7.31
N ASP G 204 -49.63 -42.43 -7.09
CA ASP G 204 -50.53 -42.85 -8.17
C ASP G 204 -51.19 -41.66 -8.87
N VAL G 205 -50.68 -41.32 -10.05
CA VAL G 205 -51.16 -40.16 -10.79
C VAL G 205 -51.51 -40.58 -12.21
N VAL G 206 -52.65 -40.15 -12.73
CA VAL G 206 -53.06 -40.57 -14.07
C VAL G 206 -52.53 -39.76 -15.26
N ARG G 207 -52.70 -38.44 -15.26
CA ARG G 207 -52.31 -37.68 -16.46
C ARG G 207 -51.40 -36.47 -16.26
N ASP G 208 -50.78 -36.35 -15.10
CA ASP G 208 -49.95 -35.20 -14.78
C ASP G 208 -48.72 -35.58 -14.00
N LEU G 209 -47.72 -34.74 -14.05
CA LEU G 209 -46.65 -34.95 -13.11
C LEU G 209 -47.17 -34.30 -11.86
N PRO G 210 -47.10 -34.91 -10.69
CA PRO G 210 -47.48 -34.30 -9.45
C PRO G 210 -46.40 -33.31 -9.15
N SER G 211 -46.69 -32.28 -8.40
CA SER G 211 -45.60 -31.40 -8.02
C SER G 211 -44.67 -32.19 -7.12
N GLY G 212 -43.35 -31.94 -7.19
CA GLY G 212 -42.45 -32.69 -6.34
C GLY G 212 -40.99 -32.65 -6.78
N PHE G 213 -40.16 -33.08 -5.85
CA PHE G 213 -38.71 -33.10 -5.98
C PHE G 213 -38.23 -34.51 -5.83
N ASN G 214 -37.30 -34.93 -6.66
CA ASN G 214 -36.75 -36.27 -6.55
C ASN G 214 -35.36 -36.30 -7.10
N THR G 215 -34.37 -36.35 -6.25
CA THR G 215 -33.02 -36.34 -6.77
C THR G 215 -32.78 -37.68 -7.46
N LEU G 216 -32.27 -37.67 -8.68
CA LEU G 216 -32.03 -38.91 -9.41
C LEU G 216 -30.58 -39.37 -9.26
N LYS G 217 -30.39 -40.69 -9.24
CA LYS G 217 -29.05 -41.27 -9.09
C LYS G 217 -28.58 -41.83 -10.40
N PRO G 218 -27.28 -41.77 -10.71
CA PRO G 218 -26.73 -42.27 -11.94
C PRO G 218 -26.88 -43.76 -12.04
N ILE G 219 -27.19 -44.23 -13.23
CA ILE G 219 -27.30 -45.63 -13.56
C ILE G 219 -26.25 -46.01 -14.58
N PHE G 220 -26.21 -45.26 -15.68
CA PHE G 220 -25.31 -45.59 -16.77
C PHE G 220 -24.46 -44.42 -17.21
N LYS G 221 -23.30 -44.77 -17.76
CA LYS G 221 -22.35 -43.87 -18.40
C LYS G 221 -21.82 -44.60 -19.64
N LEU G 222 -22.54 -44.47 -20.75
CA LEU G 222 -22.26 -45.29 -21.92
C LEU G 222 -21.45 -44.57 -23.00
N PRO G 223 -20.27 -45.07 -23.41
CA PRO G 223 -19.36 -44.47 -24.39
C PRO G 223 -19.84 -44.71 -25.81
N LEU G 224 -20.96 -44.11 -26.12
CA LEU G 224 -21.61 -44.31 -27.40
C LEU G 224 -21.42 -43.13 -28.31
N GLY G 225 -20.76 -43.36 -29.44
CA GLY G 225 -20.48 -42.29 -30.41
C GLY G 225 -21.70 -41.99 -31.29
N ILE G 226 -22.79 -41.60 -30.65
CA ILE G 226 -24.05 -41.39 -31.32
C ILE G 226 -24.46 -39.94 -31.31
N ASN G 227 -24.72 -39.40 -32.49
CA ASN G 227 -25.18 -38.04 -32.51
C ASN G 227 -26.65 -38.13 -32.22
N ILE G 228 -27.00 -37.97 -30.97
CA ILE G 228 -28.39 -38.15 -30.60
C ILE G 228 -29.12 -36.85 -30.81
N THR G 229 -30.08 -36.86 -31.74
CA THR G 229 -30.84 -35.69 -32.08
C THR G 229 -32.28 -36.13 -32.04
N ASN G 230 -32.43 -37.43 -32.11
CA ASN G 230 -33.75 -38.04 -32.15
C ASN G 230 -34.00 -38.99 -31.00
N PHE G 231 -35.16 -38.84 -30.39
CA PHE G 231 -35.61 -39.70 -29.32
C PHE G 231 -37.03 -40.23 -29.55
N ARG G 232 -37.22 -41.52 -29.28
CA ARG G 232 -38.56 -42.10 -29.31
C ARG G 232 -38.73 -43.11 -28.17
N ALA G 233 -39.91 -43.13 -27.54
CA ALA G 233 -40.18 -44.11 -26.49
C ALA G 233 -40.68 -45.40 -27.13
N ILE G 234 -40.42 -46.54 -26.50
CA ILE G 234 -40.99 -47.78 -27.03
C ILE G 234 -42.20 -48.17 -26.23
N LEU G 235 -43.34 -48.10 -26.90
CA LEU G 235 -44.61 -48.33 -26.25
C LEU G 235 -45.22 -49.67 -26.61
N THR G 236 -45.43 -50.49 -25.60
CA THR G 236 -45.96 -51.82 -25.79
C THR G 236 -47.49 -51.81 -25.79
N ALA G 237 -48.11 -52.93 -26.25
CA ALA G 237 -49.58 -53.16 -26.32
C ALA G 237 -50.26 -52.04 -27.14
N ALA G 251 -49.30 -43.43 -19.65
CA ALA G 251 -48.99 -42.05 -20.04
C ALA G 251 -47.54 -41.71 -19.66
N TYR G 252 -46.96 -40.69 -20.38
CA TYR G 252 -45.57 -40.21 -20.20
C TYR G 252 -45.39 -38.72 -20.46
N PHE G 253 -44.25 -38.19 -20.01
CA PHE G 253 -43.93 -36.79 -20.10
C PHE G 253 -42.52 -36.53 -20.61
N VAL G 254 -42.34 -35.45 -21.39
CA VAL G 254 -40.99 -35.07 -21.83
C VAL G 254 -40.62 -33.60 -21.61
N GLY G 255 -39.49 -33.37 -20.97
CA GLY G 255 -39.01 -32.01 -20.73
C GLY G 255 -37.63 -31.85 -21.36
N TYR G 256 -37.03 -30.68 -21.24
CA TYR G 256 -35.70 -30.46 -21.82
C TYR G 256 -34.77 -29.83 -20.83
N LEU G 257 -33.50 -30.17 -20.91
CA LEU G 257 -32.55 -29.62 -19.97
C LEU G 257 -31.93 -28.37 -20.55
N LYS G 258 -31.51 -27.47 -19.68
CA LYS G 258 -30.82 -26.27 -20.12
C LYS G 258 -29.57 -26.09 -19.28
N PRO G 259 -28.52 -25.42 -19.80
CA PRO G 259 -27.26 -25.18 -19.10
C PRO G 259 -27.37 -24.06 -18.08
N THR G 260 -28.20 -24.29 -17.09
CA THR G 260 -28.46 -23.37 -16.02
C THR G 260 -27.55 -23.63 -14.85
N THR G 261 -27.53 -22.70 -13.92
CA THR G 261 -26.72 -22.90 -12.74
C THR G 261 -27.62 -23.17 -11.56
N PHE G 262 -27.25 -24.19 -10.83
CA PHE G 262 -27.91 -24.61 -9.63
C PHE G 262 -27.07 -24.62 -8.40
N MET G 263 -27.71 -24.33 -7.28
CA MET G 263 -27.08 -24.50 -6.00
C MET G 263 -27.71 -25.72 -5.37
N LEU G 264 -26.90 -26.75 -5.19
CA LEU G 264 -27.37 -28.03 -4.69
C LEU G 264 -27.07 -28.17 -3.21
N LYS G 265 -28.09 -28.48 -2.43
CA LYS G 265 -27.92 -28.62 -1.00
C LYS G 265 -27.72 -30.04 -0.59
N TYR G 266 -26.50 -30.31 -0.09
CA TYR G 266 -26.08 -31.63 0.36
C TYR G 266 -26.20 -31.77 1.86
N ASP G 267 -26.82 -32.85 2.30
CA ASP G 267 -26.97 -33.10 3.71
C ASP G 267 -25.72 -33.77 4.24
N GLU G 268 -25.76 -34.19 5.49
CA GLU G 268 -24.60 -34.80 6.14
C GLU G 268 -24.16 -36.17 5.57
N ASN G 269 -25.03 -36.88 4.81
CA ASN G 269 -24.78 -38.20 4.23
C ASN G 269 -24.55 -38.13 2.69
N GLY G 270 -24.30 -36.93 2.12
CA GLY G 270 -23.99 -36.74 0.69
C GLY G 270 -25.19 -36.81 -0.22
N THR G 271 -26.38 -36.57 0.33
CA THR G 271 -27.60 -36.62 -0.44
C THR G 271 -28.09 -35.22 -0.78
N ILE G 272 -28.47 -35.01 -2.04
CA ILE G 272 -28.98 -33.70 -2.37
C ILE G 272 -30.42 -33.72 -1.96
N THR G 273 -30.78 -32.83 -1.05
CA THR G 273 -32.13 -32.82 -0.56
C THR G 273 -32.92 -31.64 -1.09
N ASP G 274 -32.20 -30.62 -1.53
CA ASP G 274 -32.90 -29.45 -2.07
C ASP G 274 -32.07 -28.78 -3.15
N ALA G 275 -32.61 -27.73 -3.77
CA ALA G 275 -31.87 -26.99 -4.78
C ALA G 275 -32.44 -25.60 -5.08
N VAL G 276 -31.57 -24.71 -5.52
CA VAL G 276 -31.96 -23.39 -6.01
C VAL G 276 -31.61 -23.20 -7.47
N ASP G 277 -32.61 -22.83 -8.25
CA ASP G 277 -32.41 -22.55 -9.67
C ASP G 277 -32.03 -21.07 -9.78
N CYS G 278 -30.75 -20.77 -10.11
CA CYS G 278 -30.14 -19.45 -10.04
C CYS G 278 -30.67 -18.53 -11.13
N SER G 279 -31.41 -19.07 -12.09
CA SER G 279 -31.92 -18.28 -13.21
C SER G 279 -33.39 -17.93 -13.07
N GLN G 280 -34.01 -18.37 -11.98
CA GLN G 280 -35.45 -18.19 -11.89
C GLN G 280 -35.89 -16.76 -11.59
N ASN G 281 -35.28 -16.12 -10.61
CA ASN G 281 -35.73 -14.79 -10.21
C ASN G 281 -34.54 -14.14 -9.49
N PRO G 282 -34.55 -12.82 -9.20
CA PRO G 282 -33.46 -12.13 -8.52
C PRO G 282 -33.20 -12.59 -7.10
N LEU G 283 -34.17 -13.22 -6.44
CA LEU G 283 -33.93 -13.67 -5.09
C LEU G 283 -33.11 -14.93 -5.15
N ALA G 284 -33.48 -15.82 -6.06
CA ALA G 284 -32.76 -17.07 -6.25
C ALA G 284 -31.36 -16.76 -6.70
N GLU G 285 -31.22 -15.75 -7.54
CA GLU G 285 -29.92 -15.38 -8.04
C GLU G 285 -29.05 -14.89 -6.91
N LEU G 286 -29.62 -14.05 -6.03
CA LEU G 286 -28.84 -13.56 -4.91
C LEU G 286 -28.47 -14.69 -3.97
N LYS G 287 -29.40 -15.62 -3.70
CA LYS G 287 -29.05 -16.75 -2.85
C LYS G 287 -27.85 -17.52 -3.40
N CYS G 288 -27.78 -17.75 -4.75
CA CYS G 288 -26.67 -18.44 -5.41
C CYS G 288 -25.40 -17.62 -5.30
N SER G 289 -25.49 -16.31 -5.50
CA SER G 289 -24.33 -15.44 -5.47
C SER G 289 -23.61 -15.46 -4.14
N VAL G 290 -24.38 -15.46 -3.05
CA VAL G 290 -23.77 -15.43 -1.73
C VAL G 290 -23.67 -16.84 -1.13
N LYS G 291 -24.02 -17.86 -1.93
CA LYS G 291 -23.98 -19.25 -1.53
C LYS G 291 -24.68 -19.53 -0.22
N SER G 292 -25.91 -19.06 -0.10
CA SER G 292 -26.67 -19.24 1.12
C SER G 292 -28.16 -19.23 0.93
N PHE G 293 -28.89 -19.86 1.84
CA PHE G 293 -30.34 -19.78 1.79
C PHE G 293 -30.87 -18.63 2.64
N GLU G 294 -29.94 -17.98 3.33
CA GLU G 294 -30.20 -16.83 4.20
C GLU G 294 -29.23 -15.71 3.81
N ILE G 295 -29.77 -14.54 3.53
CA ILE G 295 -29.02 -13.40 3.03
C ILE G 295 -29.11 -12.24 4.00
N ASP G 296 -28.00 -11.60 4.32
CA ASP G 296 -28.09 -10.48 5.25
C ASP G 296 -28.57 -9.24 4.52
N LYS G 297 -28.72 -8.14 5.22
CA LYS G 297 -29.18 -6.90 4.61
C LYS G 297 -28.13 -6.19 3.79
N GLY G 298 -28.54 -5.62 2.67
CA GLY G 298 -27.63 -4.83 1.86
C GLY G 298 -27.86 -4.94 0.38
N ILE G 299 -26.99 -4.29 -0.37
CA ILE G 299 -27.07 -4.29 -1.82
C ILE G 299 -25.92 -5.10 -2.32
N TYR G 300 -26.21 -6.10 -3.13
CA TYR G 300 -25.18 -6.98 -3.60
C TYR G 300 -25.14 -7.04 -5.09
N GLN G 301 -23.96 -7.01 -5.69
CA GLN G 301 -23.94 -7.15 -7.13
C GLN G 301 -24.01 -8.62 -7.42
N THR G 302 -24.95 -9.03 -8.26
CA THR G 302 -25.07 -10.43 -8.55
C THR G 302 -24.80 -10.77 -9.98
N SER G 303 -24.99 -9.80 -10.86
CA SER G 303 -24.86 -10.10 -12.27
C SER G 303 -24.50 -8.90 -13.11
N ASN G 304 -24.57 -9.09 -14.41
CA ASN G 304 -24.28 -8.10 -15.42
C ASN G 304 -25.24 -8.32 -16.56
N PHE G 305 -25.77 -7.25 -17.13
CA PHE G 305 -26.69 -7.40 -18.22
C PHE G 305 -26.20 -6.73 -19.45
N ARG G 306 -26.70 -7.23 -20.56
CA ARG G 306 -26.47 -6.65 -21.85
C ARG G 306 -27.75 -6.69 -22.63
N VAL G 307 -27.99 -5.62 -23.37
CA VAL G 307 -29.07 -5.53 -24.32
C VAL G 307 -28.60 -6.22 -25.59
N VAL G 308 -29.48 -6.99 -26.22
CA VAL G 308 -29.04 -7.66 -27.42
C VAL G 308 -29.67 -6.98 -28.65
N PRO G 309 -29.00 -7.04 -29.82
CA PRO G 309 -29.41 -6.45 -31.09
C PRO G 309 -30.77 -6.85 -31.61
N SER G 310 -31.44 -5.87 -32.22
CA SER G 310 -32.73 -6.03 -32.86
C SER G 310 -32.61 -6.34 -34.35
N GLY G 311 -31.38 -6.27 -34.87
CA GLY G 311 -31.18 -6.46 -36.31
C GLY G 311 -29.73 -6.43 -36.77
N ASP G 312 -29.57 -6.48 -38.10
CA ASP G 312 -28.27 -6.59 -38.77
C ASP G 312 -28.10 -5.58 -39.93
N VAL G 313 -27.17 -4.65 -39.76
CA VAL G 313 -26.88 -3.60 -40.74
C VAL G 313 -25.57 -3.81 -41.44
N VAL G 314 -25.67 -4.16 -42.71
CA VAL G 314 -24.50 -4.46 -43.52
C VAL G 314 -24.44 -3.47 -44.67
N ARG G 315 -23.33 -2.72 -44.80
CA ARG G 315 -23.20 -1.68 -45.82
C ARG G 315 -21.90 -1.87 -46.58
N LEU G 515 -23.12 -7.85 -50.64
CA LEU G 515 -24.45 -7.89 -50.07
C LEU G 515 -24.58 -6.72 -49.08
N SER G 516 -25.83 -6.23 -48.89
CA SER G 516 -26.16 -5.12 -47.98
C SER G 516 -27.59 -5.19 -47.49
N THR G 517 -27.85 -4.44 -46.42
CA THR G 517 -29.15 -4.27 -45.80
C THR G 517 -29.39 -2.78 -45.55
N ASP G 518 -30.60 -2.45 -45.12
CA ASP G 518 -30.99 -1.08 -44.80
C ASP G 518 -30.33 -0.61 -43.53
N LEU G 519 -30.18 0.69 -43.36
CA LEU G 519 -29.67 1.16 -42.10
C LEU G 519 -30.77 1.03 -41.08
N ILE G 520 -30.39 0.62 -39.89
CA ILE G 520 -31.30 0.54 -38.78
C ILE G 520 -30.81 1.56 -37.79
N LYS G 521 -31.65 2.51 -37.42
CA LYS G 521 -31.19 3.59 -36.54
C LYS G 521 -31.89 3.69 -35.21
N ASN G 522 -31.19 4.32 -34.28
CA ASN G 522 -31.65 4.64 -32.92
C ASN G 522 -32.10 3.44 -32.10
N GLN G 523 -31.40 2.33 -32.24
CA GLN G 523 -31.68 1.11 -31.51
C GLN G 523 -30.41 0.26 -31.55
N CYS G 524 -30.29 -0.79 -30.69
CA CYS G 524 -29.11 -1.68 -30.69
C CYS G 524 -29.10 -2.54 -31.94
N VAL G 525 -28.01 -2.40 -32.69
CA VAL G 525 -27.76 -3.02 -33.96
C VAL G 525 -26.42 -3.72 -34.08
N ASN G 526 -26.43 -4.88 -34.69
CA ASN G 526 -25.20 -5.59 -35.01
C ASN G 526 -24.81 -5.04 -36.39
N PHE G 527 -23.72 -4.31 -36.50
CA PHE G 527 -23.38 -3.66 -37.77
C PHE G 527 -22.03 -4.03 -38.39
N ASN G 528 -21.95 -3.81 -39.72
CA ASN G 528 -20.76 -3.96 -40.56
C ASN G 528 -20.63 -2.87 -41.63
N PHE G 529 -19.75 -1.90 -41.40
CA PHE G 529 -19.55 -0.81 -42.34
C PHE G 529 -18.20 -0.95 -43.03
N ASN G 530 -18.21 -1.48 -44.23
CA ASN G 530 -17.00 -1.68 -45.01
C ASN G 530 -15.93 -2.45 -44.24
N GLY G 531 -16.33 -3.48 -43.49
CA GLY G 531 -15.38 -4.27 -42.73
C GLY G 531 -15.27 -3.85 -41.27
N LEU G 532 -15.81 -2.69 -40.89
CA LEU G 532 -15.75 -2.28 -39.50
C LEU G 532 -16.96 -2.84 -38.81
N THR G 533 -16.76 -3.67 -37.81
CA THR G 533 -17.88 -4.31 -37.19
C THR G 533 -17.97 -4.08 -35.71
N GLY G 534 -19.15 -4.29 -35.19
CA GLY G 534 -19.39 -4.19 -33.76
C GLY G 534 -20.87 -4.10 -33.46
N THR G 535 -21.19 -3.91 -32.20
CA THR G 535 -22.57 -3.80 -31.79
C THR G 535 -22.75 -2.45 -31.14
N GLY G 536 -23.76 -1.72 -31.55
CA GLY G 536 -23.99 -0.40 -30.99
C GLY G 536 -25.20 0.26 -31.59
N VAL G 537 -25.38 1.51 -31.25
CA VAL G 537 -26.53 2.26 -31.69
C VAL G 537 -26.09 3.30 -32.69
N LEU G 538 -26.64 3.22 -33.88
CA LEU G 538 -26.28 4.09 -34.98
C LEU G 538 -27.19 5.30 -34.98
N THR G 539 -26.62 6.50 -34.91
CA THR G 539 -27.47 7.69 -34.88
C THR G 539 -26.93 8.72 -35.88
N PRO G 540 -27.73 9.66 -36.39
CA PRO G 540 -27.29 10.74 -37.26
C PRO G 540 -26.22 11.56 -36.57
N SER G 541 -25.23 12.03 -37.33
CA SER G 541 -24.16 12.84 -36.75
C SER G 541 -23.75 14.05 -37.54
N SER G 542 -23.32 15.06 -36.78
CA SER G 542 -22.85 16.34 -37.28
C SER G 542 -21.36 16.40 -37.66
N LYS G 543 -20.62 15.35 -37.36
CA LYS G 543 -19.19 15.42 -37.58
C LYS G 543 -18.81 15.72 -39.02
N ARG G 544 -17.95 16.70 -39.16
CA ARG G 544 -17.51 17.19 -40.45
C ARG G 544 -16.39 16.38 -41.05
N PHE G 545 -16.70 15.21 -41.55
CA PHE G 545 -15.67 14.37 -42.14
C PHE G 545 -15.16 14.93 -43.44
N GLN G 546 -13.88 14.70 -43.71
CA GLN G 546 -13.30 15.09 -44.97
C GLN G 546 -13.68 14.03 -46.01
N PRO G 547 -13.68 14.32 -47.31
CA PRO G 547 -13.98 13.41 -48.40
C PRO G 547 -13.18 12.12 -48.43
N PHE G 548 -12.02 12.08 -47.81
CA PHE G 548 -11.20 10.89 -47.83
C PHE G 548 -11.21 10.14 -46.50
N GLN G 549 -11.98 10.61 -45.53
CA GLN G 549 -12.05 9.99 -44.22
C GLN G 549 -13.25 9.08 -44.08
N GLN G 550 -13.01 7.84 -43.71
CA GLN G 550 -14.10 6.88 -43.58
C GLN G 550 -14.56 6.66 -42.16
N PHE G 551 -13.66 6.83 -41.20
CA PHE G 551 -14.04 6.50 -39.83
C PHE G 551 -13.69 7.65 -38.97
N GLY G 552 -14.35 7.81 -37.86
CA GLY G 552 -13.93 8.80 -36.90
C GLY G 552 -13.58 8.10 -35.61
N ARG G 553 -12.67 8.70 -34.85
CA ARG G 553 -12.24 8.14 -33.58
C ARG G 553 -12.37 9.11 -32.43
N ASP G 554 -12.50 8.53 -31.25
CA ASP G 554 -12.60 9.23 -29.97
C ASP G 554 -11.19 9.58 -29.54
N VAL G 555 -11.03 10.21 -28.40
CA VAL G 555 -9.70 10.53 -27.94
C VAL G 555 -8.98 9.22 -27.67
N SER G 556 -9.65 8.29 -26.99
CA SER G 556 -9.13 6.96 -26.79
C SER G 556 -9.36 6.27 -28.14
N ASP G 557 -8.63 5.20 -28.45
CA ASP G 557 -8.77 4.68 -29.81
C ASP G 557 -9.95 3.72 -30.07
N PHE G 558 -11.14 4.32 -30.13
CA PHE G 558 -12.40 3.63 -30.41
C PHE G 558 -13.12 4.29 -31.53
N THR G 559 -13.84 3.50 -32.33
CA THR G 559 -14.63 4.10 -33.37
C THR G 559 -15.70 4.92 -32.71
N ASP G 560 -15.79 6.18 -33.08
CA ASP G 560 -16.79 7.07 -32.53
C ASP G 560 -17.89 7.24 -33.55
N SER G 561 -17.49 7.15 -34.82
CA SER G 561 -18.41 7.33 -35.92
C SER G 561 -17.94 6.68 -37.19
N VAL G 562 -18.86 6.49 -38.12
CA VAL G 562 -18.55 5.98 -39.44
C VAL G 562 -19.22 6.76 -40.56
N ARG G 563 -18.61 6.71 -41.74
CA ARG G 563 -19.25 7.24 -42.92
C ARG G 563 -19.91 6.09 -43.64
N ASP G 564 -21.18 6.23 -43.99
CA ASP G 564 -21.88 5.18 -44.70
C ASP G 564 -21.34 4.94 -46.11
N PRO G 565 -20.91 3.73 -46.48
CA PRO G 565 -20.38 3.36 -47.78
C PRO G 565 -21.27 3.63 -48.99
N LYS G 566 -22.60 3.78 -48.84
CA LYS G 566 -23.42 4.00 -50.03
C LYS G 566 -24.01 5.42 -50.10
N THR G 567 -24.30 6.02 -48.94
CA THR G 567 -24.93 7.35 -48.92
C THR G 567 -24.01 8.47 -48.47
N SER G 568 -22.86 8.11 -47.90
CA SER G 568 -21.86 9.02 -47.32
C SER G 568 -22.36 9.89 -46.17
N GLU G 569 -23.44 9.47 -45.51
CA GLU G 569 -23.93 10.16 -44.33
C GLU G 569 -23.05 9.79 -43.16
N ILE G 570 -23.02 10.63 -42.13
CA ILE G 570 -22.18 10.31 -40.98
C ILE G 570 -23.04 9.87 -39.82
N LEU G 571 -22.67 8.72 -39.25
CA LEU G 571 -23.39 8.15 -38.11
C LEU G 571 -22.50 7.97 -36.90
N ASP G 572 -22.98 8.39 -35.75
CA ASP G 572 -22.26 8.17 -34.51
C ASP G 572 -22.56 6.78 -34.03
N ILE G 573 -21.64 6.17 -33.30
CA ILE G 573 -21.93 4.86 -32.74
C ILE G 573 -21.86 4.83 -31.22
N SER G 574 -22.99 4.63 -30.57
CA SER G 574 -22.98 4.55 -29.12
C SER G 574 -22.91 3.07 -28.76
N PRO G 575 -22.35 2.66 -27.64
CA PRO G 575 -22.39 1.30 -27.19
C PRO G 575 -23.82 0.88 -26.97
N CYS G 576 -24.10 -0.42 -27.11
CA CYS G 576 -25.38 -1.08 -26.85
C CYS G 576 -25.41 -1.21 -25.32
N ALA G 577 -26.48 -0.76 -24.70
CA ALA G 577 -26.48 -0.66 -23.25
C ALA G 577 -26.14 -1.94 -22.52
N PHE G 578 -25.31 -1.75 -21.50
CA PHE G 578 -24.89 -2.82 -20.60
C PHE G 578 -24.63 -2.26 -19.23
N GLY G 579 -24.55 -3.12 -18.22
CA GLY G 579 -24.25 -2.62 -16.89
C GLY G 579 -24.36 -3.69 -15.83
N GLY G 580 -24.07 -3.35 -14.60
CA GLY G 580 -24.15 -4.34 -13.54
C GLY G 580 -25.57 -4.49 -13.05
N VAL G 581 -25.87 -5.59 -12.38
CA VAL G 581 -27.17 -5.76 -11.77
C VAL G 581 -26.99 -6.04 -10.30
N SER G 582 -27.61 -5.23 -9.47
CA SER G 582 -27.51 -5.45 -8.04
C SER G 582 -28.86 -5.78 -7.46
N VAL G 583 -28.88 -6.64 -6.47
CA VAL G 583 -30.13 -7.00 -5.84
C VAL G 583 -30.11 -6.47 -4.43
N ILE G 584 -31.14 -5.74 -4.11
CA ILE G 584 -31.30 -5.05 -2.85
C ILE G 584 -32.24 -5.77 -1.93
N THR G 585 -31.72 -6.19 -0.80
CA THR G 585 -32.50 -6.94 0.15
C THR G 585 -32.48 -6.33 1.54
N PRO G 586 -33.61 -6.29 2.25
CA PRO G 586 -33.76 -5.81 3.60
C PRO G 586 -33.20 -6.80 4.62
N GLY G 587 -32.82 -7.99 4.17
CA GLY G 587 -32.34 -9.06 5.03
C GLY G 587 -33.45 -10.05 5.17
N THR G 588 -33.14 -11.35 5.04
CA THR G 588 -34.16 -12.40 5.08
C THR G 588 -34.77 -12.60 6.45
N ASN G 589 -34.16 -12.04 7.48
CA ASN G 589 -34.70 -12.15 8.81
C ASN G 589 -35.90 -11.22 8.95
N ALA G 590 -36.00 -10.26 8.04
CA ALA G 590 -37.07 -9.29 8.01
C ALA G 590 -38.05 -9.62 6.91
N SER G 591 -37.50 -9.84 5.72
CA SER G 591 -38.28 -10.14 4.53
C SER G 591 -37.42 -10.69 3.43
N SER G 592 -37.97 -11.57 2.62
CA SER G 592 -37.22 -12.08 1.48
C SER G 592 -37.44 -11.23 0.25
N GLU G 593 -38.27 -10.20 0.37
CA GLU G 593 -38.61 -9.26 -0.68
C GLU G 593 -37.38 -8.53 -1.23
N VAL G 594 -37.26 -8.43 -2.56
CA VAL G 594 -36.11 -7.73 -3.12
C VAL G 594 -36.46 -6.68 -4.15
N ALA G 595 -35.52 -5.76 -4.36
CA ALA G 595 -35.59 -4.74 -5.42
C ALA G 595 -34.38 -4.92 -6.33
N VAL G 596 -34.49 -4.60 -7.60
CA VAL G 596 -33.35 -4.78 -8.50
C VAL G 596 -32.85 -3.51 -9.13
N LEU G 597 -31.57 -3.25 -9.01
CA LEU G 597 -30.97 -2.09 -9.62
C LEU G 597 -30.17 -2.42 -10.86
N TYR G 598 -30.56 -1.84 -11.98
CA TYR G 598 -29.82 -2.02 -13.21
C TYR G 598 -28.92 -0.81 -13.26
N GLN G 599 -27.63 -1.03 -13.13
CA GLN G 599 -26.72 0.07 -12.98
C GLN G 599 -26.34 0.76 -14.26
N ASP G 600 -26.07 2.06 -14.14
CA ASP G 600 -25.55 2.89 -15.22
C ASP G 600 -26.38 2.80 -16.50
N VAL G 601 -27.70 2.78 -16.39
CA VAL G 601 -28.53 2.68 -17.57
C VAL G 601 -29.71 3.63 -17.46
N ASN G 602 -30.24 4.08 -18.63
CA ASN G 602 -31.50 4.81 -18.76
C ASN G 602 -32.62 3.80 -18.47
N CYS G 603 -33.51 4.15 -17.54
CA CYS G 603 -34.60 3.31 -17.05
C CYS G 603 -35.61 3.04 -18.16
N THR G 604 -35.82 3.99 -19.04
CA THR G 604 -36.74 3.78 -20.13
C THR G 604 -36.24 2.64 -21.01
N ASP G 605 -34.94 2.62 -21.27
CA ASP G 605 -34.36 1.63 -22.14
C ASP G 605 -34.26 0.26 -21.51
N VAL G 606 -33.95 0.17 -20.21
CA VAL G 606 -33.85 -1.16 -19.66
C VAL G 606 -35.24 -1.73 -19.54
N SER G 607 -36.23 -0.89 -19.20
CA SER G 607 -37.59 -1.38 -19.08
C SER G 607 -38.05 -1.92 -20.41
N THR G 608 -37.75 -1.21 -21.49
CA THR G 608 -38.14 -1.68 -22.81
C THR G 608 -37.48 -3.00 -23.12
N ALA G 609 -36.18 -3.14 -22.84
CA ALA G 609 -35.49 -4.38 -23.13
C ALA G 609 -36.08 -5.54 -22.34
N ILE G 610 -36.53 -5.29 -21.12
CA ILE G 610 -37.11 -6.37 -20.34
C ILE G 610 -38.39 -6.83 -21.02
N HIS G 611 -39.25 -5.89 -21.42
CA HIS G 611 -40.53 -6.26 -22.02
C HIS G 611 -40.37 -6.81 -23.42
N ALA G 612 -39.33 -6.38 -24.11
CA ALA G 612 -39.01 -6.78 -25.46
C ALA G 612 -38.23 -8.09 -25.51
N ASP G 613 -37.92 -8.67 -24.35
CA ASP G 613 -37.11 -9.88 -24.27
C ASP G 613 -35.75 -9.70 -24.95
N GLN G 614 -35.11 -8.54 -24.69
CA GLN G 614 -33.79 -8.22 -25.22
C GLN G 614 -32.66 -8.24 -24.20
N LEU G 615 -32.87 -8.79 -23.01
CA LEU G 615 -31.74 -8.85 -22.10
C LEU G 615 -31.18 -10.25 -22.02
N THR G 616 -29.86 -10.34 -21.98
CA THR G 616 -29.21 -11.63 -21.88
C THR G 616 -29.49 -12.41 -20.57
N PRO G 617 -29.24 -11.89 -19.35
CA PRO G 617 -29.44 -12.60 -18.10
C PRO G 617 -30.90 -12.56 -17.71
N ALA G 618 -31.74 -13.16 -18.51
CA ALA G 618 -33.14 -13.11 -18.22
C ALA G 618 -33.48 -13.95 -17.00
N TRP G 619 -34.39 -13.44 -16.19
CA TRP G 619 -34.91 -14.16 -15.05
C TRP G 619 -36.26 -14.67 -15.46
N ARG G 620 -36.40 -15.97 -15.42
CA ARG G 620 -37.54 -16.64 -16.00
C ARG G 620 -38.92 -16.29 -15.45
N ILE G 621 -39.05 -15.96 -14.16
CA ILE G 621 -40.38 -15.60 -13.65
C ILE G 621 -40.42 -14.15 -13.18
N TYR G 622 -39.45 -13.36 -13.56
CA TYR G 622 -39.36 -11.98 -13.11
C TYR G 622 -40.38 -11.04 -13.70
N SER G 623 -40.86 -10.14 -12.85
CA SER G 623 -41.78 -9.09 -13.21
C SER G 623 -41.35 -7.82 -12.52
N THR G 624 -41.36 -6.71 -13.28
CA THR G 624 -40.92 -5.42 -12.75
C THR G 624 -41.89 -4.83 -11.73
N GLY G 625 -43.18 -5.11 -11.90
CA GLY G 625 -44.18 -4.61 -10.97
C GLY G 625 -44.60 -3.17 -11.25
N ASN G 626 -44.07 -2.60 -12.33
CA ASN G 626 -44.33 -1.23 -12.74
C ASN G 626 -44.00 -0.16 -11.68
N ASN G 627 -42.89 -0.34 -10.96
CA ASN G 627 -42.41 0.62 -9.98
C ASN G 627 -40.98 0.89 -10.33
N VAL G 628 -40.79 1.68 -11.37
CA VAL G 628 -39.44 1.90 -11.83
C VAL G 628 -39.06 3.33 -11.56
N PHE G 629 -37.93 3.50 -10.91
CA PHE G 629 -37.40 4.78 -10.50
C PHE G 629 -36.01 5.08 -11.03
N GLN G 630 -35.88 6.16 -11.78
CA GLN G 630 -34.57 6.51 -12.32
C GLN G 630 -33.77 7.27 -11.28
N THR G 631 -32.58 6.78 -10.97
CA THR G 631 -31.70 7.46 -10.03
C THR G 631 -30.39 7.64 -10.77
N GLN G 632 -29.47 8.41 -10.22
CA GLN G 632 -28.18 8.61 -10.88
C GLN G 632 -27.36 7.34 -10.99
N ALA G 633 -27.64 6.37 -10.14
CA ALA G 633 -26.92 5.11 -10.11
C ALA G 633 -27.42 4.11 -11.14
N GLY G 634 -28.60 4.34 -11.73
CA GLY G 634 -29.23 3.35 -12.60
C GLY G 634 -30.75 3.31 -12.43
N CYS G 635 -31.40 2.25 -12.95
CA CYS G 635 -32.85 2.06 -12.92
C CYS G 635 -33.19 1.14 -11.76
N LEU G 636 -33.89 1.66 -10.78
CA LEU G 636 -34.23 0.90 -9.62
C LEU G 636 -35.64 0.39 -9.73
N ILE G 637 -35.79 -0.92 -9.78
CA ILE G 637 -37.09 -1.52 -9.99
C ILE G 637 -37.60 -2.31 -8.80
N GLY G 638 -38.80 -1.97 -8.35
CA GLY G 638 -39.43 -2.65 -7.24
C GLY G 638 -39.43 -1.85 -5.95
N ALA G 639 -38.60 -0.84 -5.87
CA ALA G 639 -38.61 -0.01 -4.69
C ALA G 639 -39.62 1.09 -4.96
N GLU G 640 -40.40 1.45 -3.96
CA GLU G 640 -41.33 2.55 -4.14
C GLU G 640 -40.58 3.80 -3.90
N HIS G 641 -40.94 4.90 -4.52
CA HIS G 641 -40.28 6.13 -4.19
C HIS G 641 -41.13 6.88 -3.20
N VAL G 642 -40.52 7.39 -2.14
CA VAL G 642 -41.31 8.13 -1.18
C VAL G 642 -40.71 9.51 -1.02
N ASP G 643 -41.52 10.46 -0.54
CA ASP G 643 -41.10 11.84 -0.34
C ASP G 643 -40.69 12.18 1.07
N THR G 644 -40.51 11.16 1.86
CA THR G 644 -40.08 11.26 3.22
C THR G 644 -38.60 11.01 3.25
N SER G 645 -37.97 11.22 4.39
CA SER G 645 -36.56 10.96 4.48
C SER G 645 -36.28 10.32 5.81
N TYR G 646 -35.21 9.56 5.86
CA TYR G 646 -34.83 8.83 7.04
C TYR G 646 -33.33 8.73 7.03
N GLU G 647 -32.77 8.10 8.04
CA GLU G 647 -31.34 7.90 8.04
C GLU G 647 -31.08 6.94 6.89
N CYS G 648 -29.89 6.99 6.27
CA CYS G 648 -29.52 6.07 5.19
C CYS G 648 -29.31 4.66 5.75
N ASP G 649 -29.83 3.69 5.04
CA ASP G 649 -29.69 2.30 5.43
C ASP G 649 -28.92 1.60 4.32
N ILE G 650 -29.57 1.23 3.21
CA ILE G 650 -28.83 0.62 2.13
C ILE G 650 -28.56 1.71 1.11
N PRO G 651 -27.33 2.17 0.88
CA PRO G 651 -27.07 3.23 -0.02
C PRO G 651 -27.24 2.77 -1.43
N ILE G 652 -27.74 3.62 -2.32
CA ILE G 652 -27.79 3.32 -3.73
C ILE G 652 -26.85 4.22 -4.51
N GLY G 653 -26.94 5.52 -4.27
CA GLY G 653 -26.08 6.49 -4.96
C GLY G 653 -26.73 7.84 -5.01
N ALA G 654 -25.91 8.88 -5.12
CA ALA G 654 -26.38 10.23 -5.06
C ALA G 654 -27.08 10.28 -3.74
N GLY G 655 -28.15 11.03 -3.58
CA GLY G 655 -28.68 11.05 -2.23
C GLY G 655 -29.63 9.90 -1.93
N ILE G 656 -29.81 8.99 -2.87
CA ILE G 656 -30.77 7.91 -2.69
C ILE G 656 -30.24 6.70 -1.92
N CYS G 657 -31.03 6.30 -0.90
CA CYS G 657 -30.86 5.15 -0.02
C CYS G 657 -32.16 4.39 -0.05
N ALA G 658 -32.12 3.13 0.33
CA ALA G 658 -33.32 2.34 0.43
C ALA G 658 -33.40 1.63 1.76
N SER G 659 -34.63 1.37 2.20
CA SER G 659 -34.86 0.63 3.42
C SER G 659 -36.23 -0.03 3.42
N TYR G 660 -36.60 -0.65 4.53
CA TYR G 660 -37.86 -1.39 4.57
C TYR G 660 -38.83 -0.66 5.49
N HIS G 661 -39.86 -0.07 4.90
CA HIS G 661 -40.79 0.80 5.61
C HIS G 661 -42.22 0.64 5.23
N THR G 662 -43.12 1.10 6.10
CA THR G 662 -44.52 1.09 5.77
C THR G 662 -44.77 2.26 4.83
N VAL G 663 -45.92 2.25 4.10
CA VAL G 663 -46.31 3.32 3.17
C VAL G 663 -47.81 3.56 3.33
N LYS G 672 -44.90 -3.58 5.43
CA LYS G 672 -43.72 -2.89 4.96
C LYS G 672 -43.43 -3.29 3.50
N SER G 673 -42.64 -2.44 2.79
CA SER G 673 -42.18 -2.60 1.41
C SER G 673 -40.84 -1.91 1.26
N ILE G 674 -40.13 -2.22 0.20
CA ILE G 674 -38.85 -1.55 0.00
C ILE G 674 -39.12 -0.18 -0.57
N VAL G 675 -38.52 0.83 0.04
CA VAL G 675 -38.70 2.20 -0.40
C VAL G 675 -37.37 2.86 -0.66
N ALA G 676 -37.38 3.84 -1.54
CA ALA G 676 -36.23 4.65 -1.87
C ALA G 676 -36.49 6.09 -1.49
N TYR G 677 -35.49 6.74 -0.96
CA TYR G 677 -35.63 8.11 -0.52
C TYR G 677 -34.36 8.89 -0.50
N THR G 678 -34.47 10.21 -0.49
CA THR G 678 -33.28 11.02 -0.31
C THR G 678 -32.98 10.96 1.16
N MET G 679 -31.75 10.65 1.52
CA MET G 679 -31.39 10.49 2.92
C MET G 679 -31.36 11.78 3.70
N SER G 680 -31.69 11.66 4.97
CA SER G 680 -31.61 12.72 5.96
C SER G 680 -30.16 12.94 6.37
N LEU G 681 -29.77 14.18 6.59
CA LEU G 681 -28.41 14.45 7.01
C LEU G 681 -28.23 14.54 8.51
N GLY G 682 -29.29 14.86 9.22
CA GLY G 682 -29.22 15.02 10.66
C GLY G 682 -30.52 15.62 11.15
N ALA G 683 -30.63 15.78 12.45
CA ALA G 683 -31.83 16.36 13.05
C ALA G 683 -31.94 17.81 12.66
N ASP G 684 -33.15 18.34 12.57
CA ASP G 684 -33.31 19.77 12.27
C ASP G 684 -33.25 20.60 13.55
N SER G 685 -32.18 21.36 13.76
CA SER G 685 -32.04 22.09 15.02
C SER G 685 -31.82 23.58 14.87
N SER G 686 -32.74 24.32 15.48
CA SER G 686 -32.68 25.76 15.45
C SER G 686 -31.98 26.23 16.69
N ILE G 687 -30.83 26.86 16.52
CA ILE G 687 -30.09 27.32 17.66
C ILE G 687 -30.22 28.82 17.67
N ALA G 688 -30.66 29.35 18.78
CA ALA G 688 -30.83 30.77 18.86
C ALA G 688 -29.49 31.43 18.96
N TYR G 689 -29.36 32.60 18.38
CA TYR G 689 -28.17 33.36 18.57
C TYR G 689 -28.55 34.66 19.21
N SER G 690 -27.86 35.01 20.26
CA SER G 690 -28.09 36.25 20.95
C SER G 690 -26.78 36.73 21.48
N ASN G 691 -26.58 38.06 21.54
CA ASN G 691 -25.34 38.68 22.02
C ASN G 691 -25.27 38.86 23.54
N ASN G 692 -26.32 38.47 24.32
CA ASN G 692 -26.35 38.57 25.77
C ASN G 692 -26.83 37.30 26.48
N THR G 693 -26.93 36.19 25.77
CA THR G 693 -27.44 34.99 26.42
C THR G 693 -26.53 33.81 26.27
N ILE G 694 -26.28 33.12 27.38
CA ILE G 694 -25.44 31.94 27.36
C ILE G 694 -26.16 30.75 27.96
N ALA G 695 -25.99 29.58 27.39
CA ALA G 695 -26.56 28.42 28.03
C ALA G 695 -25.49 27.77 28.88
N ILE G 696 -25.83 27.40 30.10
CA ILE G 696 -24.89 26.73 30.99
C ILE G 696 -25.52 25.46 31.53
N PRO G 697 -24.92 24.27 31.35
CA PRO G 697 -25.38 23.01 31.84
C PRO G 697 -25.55 23.09 33.32
N THR G 698 -26.62 22.52 33.84
CA THR G 698 -26.82 22.54 35.30
C THR G 698 -26.67 21.13 35.93
N ASN G 699 -26.47 20.08 35.08
CA ASN G 699 -26.33 18.68 35.41
C ASN G 699 -25.37 18.08 34.38
N PHE G 700 -25.04 16.79 34.52
CA PHE G 700 -24.15 16.04 33.61
C PHE G 700 -24.45 14.57 33.68
N SER G 701 -23.93 13.86 32.70
CA SER G 701 -24.07 12.43 32.67
C SER G 701 -22.79 11.73 32.29
N ILE G 702 -22.37 10.79 33.12
CA ILE G 702 -21.20 10.02 32.78
C ILE G 702 -21.65 8.97 31.81
N SER G 703 -20.95 8.90 30.71
CA SER G 703 -21.27 7.99 29.65
C SER G 703 -20.09 7.14 29.30
N ILE G 704 -20.31 5.89 28.95
CA ILE G 704 -19.19 5.10 28.54
C ILE G 704 -19.47 4.59 27.15
N THR G 705 -18.58 4.87 26.24
CA THR G 705 -18.75 4.44 24.88
C THR G 705 -17.64 3.53 24.46
N THR G 706 -17.72 2.95 23.29
CA THR G 706 -16.63 2.05 22.94
C THR G 706 -16.05 2.27 21.57
N GLU G 707 -14.78 1.90 21.46
CA GLU G 707 -14.08 1.90 20.18
C GLU G 707 -13.41 0.59 19.92
N VAL G 708 -13.49 0.14 18.69
CA VAL G 708 -12.95 -1.15 18.32
C VAL G 708 -11.87 -1.02 17.27
N MET G 709 -10.69 -1.58 17.53
CA MET G 709 -9.62 -1.50 16.55
C MET G 709 -8.90 -2.82 16.23
N PRO G 710 -8.73 -3.16 14.95
CA PRO G 710 -8.08 -4.32 14.41
C PRO G 710 -6.57 -4.25 14.46
N VAL G 711 -6.02 -4.50 15.62
CA VAL G 711 -4.59 -4.43 15.87
C VAL G 711 -3.79 -5.43 15.05
N SER G 712 -4.30 -6.64 14.84
CA SER G 712 -3.49 -7.60 14.06
C SER G 712 -4.31 -8.50 13.15
N MET G 713 -3.62 -9.10 12.20
CA MET G 713 -4.21 -10.04 11.25
C MET G 713 -3.52 -11.40 11.36
N ALA G 714 -4.01 -12.39 10.64
CA ALA G 714 -3.42 -13.72 10.72
C ALA G 714 -2.01 -13.78 10.18
N LYS G 715 -1.18 -14.54 10.85
CA LYS G 715 0.18 -14.75 10.41
C LYS G 715 0.24 -15.89 9.43
N THR G 716 -0.13 -15.64 8.21
CA THR G 716 -0.15 -16.75 7.29
C THR G 716 1.25 -17.02 6.83
N SER G 717 1.44 -18.19 6.25
CA SER G 717 2.71 -18.59 5.68
C SER G 717 2.46 -19.51 4.52
N VAL G 718 3.19 -19.31 3.43
CA VAL G 718 2.96 -20.14 2.28
C VAL G 718 4.21 -20.79 1.79
N ASP G 719 4.11 -22.08 1.56
CA ASP G 719 5.18 -22.85 0.98
C ASP G 719 5.00 -22.73 -0.53
N CYS G 720 5.79 -21.83 -1.19
CA CYS G 720 5.69 -21.49 -2.60
C CYS G 720 5.84 -22.72 -3.47
N ASN G 721 6.85 -23.52 -3.18
CA ASN G 721 7.04 -24.67 -4.02
C ASN G 721 5.92 -25.65 -3.86
N MET G 722 5.39 -25.86 -2.64
CA MET G 722 4.28 -26.81 -2.47
C MET G 722 2.99 -26.29 -3.12
N TYR G 723 2.78 -24.98 -3.08
CA TYR G 723 1.61 -24.42 -3.70
C TYR G 723 1.63 -24.63 -5.20
N ILE G 724 2.75 -24.29 -5.83
CA ILE G 724 2.84 -24.36 -7.29
C ILE G 724 2.98 -25.80 -7.82
N CYS G 725 3.91 -26.58 -7.23
CA CYS G 725 4.29 -27.92 -7.59
C CYS G 725 4.00 -28.88 -6.44
N GLY G 726 3.68 -30.12 -6.75
CA GLY G 726 3.46 -31.09 -5.70
C GLY G 726 4.69 -31.95 -5.52
N ASP G 727 4.55 -33.23 -5.74
CA ASP G 727 5.62 -34.19 -5.62
C ASP G 727 6.30 -34.46 -6.96
N SER G 728 6.00 -33.60 -7.93
CA SER G 728 6.57 -33.63 -9.26
C SER G 728 7.89 -32.90 -9.33
N THR G 729 8.92 -33.61 -9.77
CA THR G 729 10.22 -33.01 -9.90
C THR G 729 10.33 -32.34 -11.24
N GLU G 730 9.46 -32.71 -12.18
CA GLU G 730 9.47 -32.02 -13.47
C GLU G 730 9.05 -30.55 -13.26
N CYS G 731 8.00 -30.31 -12.43
CA CYS G 731 7.49 -29.00 -12.09
C CYS G 731 8.51 -28.28 -11.23
N ALA G 732 9.03 -28.96 -10.21
CA ALA G 732 9.97 -28.30 -9.34
C ALA G 732 11.17 -27.77 -10.09
N ASN G 733 11.64 -28.49 -11.11
CA ASN G 733 12.78 -28.00 -11.87
C ASN G 733 12.38 -26.89 -12.83
N LEU G 734 11.21 -26.97 -13.46
CA LEU G 734 10.81 -25.91 -14.37
C LEU G 734 10.65 -24.61 -13.63
N LEU G 735 10.20 -24.69 -12.41
CA LEU G 735 9.97 -23.54 -11.57
C LEU G 735 11.25 -22.74 -11.30
N LEU G 736 12.41 -23.36 -11.38
CA LEU G 736 13.65 -22.67 -11.07
C LEU G 736 14.05 -21.76 -12.22
N GLN G 737 13.39 -21.93 -13.34
CA GLN G 737 13.73 -21.17 -14.51
C GLN G 737 13.06 -19.84 -14.43
N TYR G 738 12.23 -19.63 -13.42
CA TYR G 738 11.54 -18.36 -13.30
C TYR G 738 12.30 -17.49 -12.34
N GLY G 739 13.42 -17.99 -11.85
CA GLY G 739 14.21 -17.21 -10.94
C GLY G 739 13.68 -17.28 -9.53
N SER G 740 14.20 -16.40 -8.71
CA SER G 740 13.90 -16.35 -7.31
C SER G 740 12.59 -15.62 -6.99
N PHE G 741 11.49 -16.12 -7.53
CA PHE G 741 10.19 -15.57 -7.16
C PHE G 741 9.76 -16.04 -5.78
N CYS G 742 9.99 -17.34 -5.47
CA CYS G 742 9.60 -17.99 -4.23
C CYS G 742 10.34 -17.44 -3.04
N THR G 743 11.57 -16.98 -3.21
CA THR G 743 12.22 -16.49 -2.02
C THR G 743 11.72 -15.10 -1.70
N GLN G 744 11.22 -14.38 -2.70
CA GLN G 744 10.71 -13.05 -2.43
C GLN G 744 9.31 -13.16 -1.87
N LEU G 745 8.56 -14.15 -2.33
CA LEU G 745 7.21 -14.37 -1.84
C LEU G 745 7.29 -14.84 -0.40
N ASN G 746 8.27 -15.69 -0.08
CA ASN G 746 8.40 -16.17 1.26
C ASN G 746 8.85 -15.04 2.17
N ARG G 747 9.78 -14.18 1.73
CA ARG G 747 10.17 -13.10 2.60
C ARG G 747 9.05 -12.12 2.82
N ALA G 748 8.26 -11.83 1.80
CA ALA G 748 7.20 -10.87 1.96
C ALA G 748 6.21 -11.32 3.01
N LEU G 749 5.87 -12.60 2.99
CA LEU G 749 4.92 -13.10 3.96
C LEU G 749 5.52 -13.26 5.33
N SER G 750 6.79 -13.64 5.43
CA SER G 750 7.41 -13.77 6.75
C SER G 750 7.61 -12.40 7.34
N GLY G 751 7.83 -11.41 6.50
CA GLY G 751 8.01 -10.04 6.91
C GLY G 751 6.76 -9.55 7.61
N ILE G 752 5.61 -9.69 6.95
CA ILE G 752 4.40 -9.22 7.61
C ILE G 752 3.98 -10.13 8.74
N ALA G 753 4.22 -11.44 8.65
CA ALA G 753 3.85 -12.24 9.78
C ALA G 753 4.60 -11.78 11.02
N ALA G 754 5.88 -11.41 10.88
CA ALA G 754 6.63 -10.91 12.01
C ALA G 754 6.08 -9.57 12.48
N GLU G 755 5.65 -8.74 11.55
CA GLU G 755 5.07 -7.45 11.89
C GLU G 755 3.86 -7.60 12.76
N GLN G 756 3.10 -8.66 12.57
CA GLN G 756 1.88 -8.83 13.35
C GLN G 756 2.18 -9.02 14.81
N ASP G 757 3.40 -9.44 15.17
CA ASP G 757 3.73 -9.60 16.57
C ASP G 757 4.30 -8.31 17.11
N ARG G 758 4.50 -7.31 16.26
CA ARG G 758 5.00 -6.05 16.74
C ARG G 758 3.77 -5.27 17.09
N ASN G 759 2.72 -5.45 16.30
CA ASN G 759 1.50 -4.69 16.48
C ASN G 759 0.89 -4.89 17.85
N THR G 760 0.95 -6.11 18.38
CA THR G 760 0.34 -6.33 19.66
C THR G 760 1.27 -6.00 20.79
N ARG G 761 2.54 -5.79 20.50
CA ARG G 761 3.44 -5.44 21.55
C ARG G 761 3.35 -3.95 21.72
N GLU G 762 3.29 -3.23 20.61
CA GLU G 762 3.19 -1.78 20.70
C GLU G 762 1.89 -1.35 21.31
N VAL G 763 0.82 -2.10 21.04
CA VAL G 763 -0.46 -1.76 21.61
C VAL G 763 -0.62 -2.20 23.04
N PHE G 764 -0.27 -3.43 23.40
CA PHE G 764 -0.55 -3.82 24.78
C PHE G 764 0.61 -3.78 25.75
N ALA G 765 1.84 -3.94 25.29
CA ALA G 765 2.95 -4.04 26.22
C ALA G 765 3.49 -2.67 26.59
N GLN G 766 2.65 -1.88 27.23
CA GLN G 766 3.01 -0.54 27.68
C GLN G 766 3.10 -0.55 29.19
N VAL G 767 3.13 -1.75 29.70
CA VAL G 767 3.20 -2.05 31.08
C VAL G 767 4.58 -2.54 31.39
N LYS G 768 5.30 -1.84 32.25
CA LYS G 768 6.64 -2.28 32.57
C LYS G 768 6.57 -3.25 33.73
N GLN G 769 5.55 -3.05 34.55
CA GLN G 769 5.32 -3.87 35.71
C GLN G 769 3.92 -4.39 35.65
N MET G 770 3.75 -5.67 35.77
CA MET G 770 2.43 -6.22 35.72
C MET G 770 1.85 -5.96 37.08
N TYR G 771 0.68 -5.40 37.14
CA TYR G 771 0.12 -5.14 38.44
C TYR G 771 -0.80 -6.24 38.81
N LYS G 772 -0.75 -6.64 40.05
CA LYS G 772 -1.69 -7.65 40.49
C LYS G 772 -3.07 -7.08 40.53
N THR G 773 -4.04 -7.88 40.08
CA THR G 773 -5.42 -7.49 40.11
C THR G 773 -5.79 -7.30 41.58
N PRO G 774 -6.34 -6.15 42.00
CA PRO G 774 -6.76 -5.89 43.36
C PRO G 774 -7.84 -6.86 43.74
N THR G 775 -7.93 -7.18 45.02
CA THR G 775 -8.97 -8.08 45.53
C THR G 775 -10.26 -7.31 45.74
N LEU G 776 -10.12 -6.00 45.73
CA LEU G 776 -11.21 -5.07 45.87
C LEU G 776 -11.65 -4.67 44.48
N LYS G 777 -12.92 -4.85 44.15
CA LYS G 777 -13.38 -4.46 42.83
C LYS G 777 -14.25 -3.22 42.90
N TYR G 778 -14.51 -2.76 44.11
CA TYR G 778 -15.40 -1.63 44.32
C TYR G 778 -14.59 -0.48 44.94
N PHE G 779 -14.26 0.50 44.10
CA PHE G 779 -13.34 1.56 44.46
C PHE G 779 -14.00 2.92 44.61
N GLY G 780 -14.30 3.35 45.81
CA GLY G 780 -14.94 4.66 45.97
C GLY G 780 -16.39 4.65 45.50
N GLY G 781 -16.93 3.46 45.33
CA GLY G 781 -18.26 3.27 44.82
C GLY G 781 -18.28 2.92 43.32
N PHE G 782 -17.13 3.00 42.67
CA PHE G 782 -17.02 2.70 41.25
C PHE G 782 -16.71 1.21 41.09
N ASN G 783 -17.60 0.46 40.46
CA ASN G 783 -17.56 -0.99 40.30
C ASN G 783 -16.81 -1.43 39.02
N PHE G 784 -15.64 -2.07 39.20
CA PHE G 784 -14.70 -2.58 38.19
C PHE G 784 -14.79 -4.09 38.03
N SER G 785 -15.80 -4.71 38.60
CA SER G 785 -15.90 -6.17 38.55
C SER G 785 -15.96 -6.70 37.15
N GLN G 786 -16.58 -5.99 36.23
CA GLN G 786 -16.69 -6.49 34.87
C GLN G 786 -15.55 -6.04 33.97
N ILE G 787 -14.65 -5.22 34.49
CA ILE G 787 -13.54 -4.70 33.72
C ILE G 787 -12.31 -5.57 33.99
N LEU G 788 -12.12 -5.94 35.26
CA LEU G 788 -11.02 -6.77 35.75
C LEU G 788 -11.35 -8.27 35.74
N PRO G 789 -10.36 -9.19 35.69
CA PRO G 789 -10.56 -10.62 35.81
C PRO G 789 -11.17 -11.00 37.15
N ASP G 790 -12.05 -11.99 37.12
CA ASP G 790 -12.72 -12.54 38.29
C ASP G 790 -11.83 -13.58 38.98
N PRO G 791 -11.51 -13.45 40.29
CA PRO G 791 -10.61 -14.32 41.03
C PRO G 791 -11.09 -15.76 41.24
N LEU G 792 -12.39 -16.03 41.05
CA LEU G 792 -12.89 -17.38 41.27
C LEU G 792 -13.17 -18.09 39.97
N LYS G 793 -13.56 -17.33 38.96
CA LYS G 793 -13.93 -17.88 37.68
C LYS G 793 -12.67 -18.54 37.06
N PRO G 794 -12.77 -19.69 36.36
CA PRO G 794 -11.68 -20.38 35.67
C PRO G 794 -10.93 -19.61 34.58
N THR G 795 -11.51 -18.56 34.03
CA THR G 795 -10.89 -17.80 32.97
C THR G 795 -9.87 -16.79 33.48
N LYS G 796 -9.08 -16.26 32.55
CA LYS G 796 -8.08 -15.25 32.87
C LYS G 796 -8.51 -13.88 32.40
N ARG G 797 -9.76 -13.80 31.99
CA ARG G 797 -10.33 -12.62 31.39
C ARG G 797 -11.45 -12.00 32.21
N SER G 798 -11.72 -10.75 31.94
CA SER G 798 -12.79 -10.00 32.57
C SER G 798 -14.11 -10.41 31.97
N PHE G 799 -15.21 -10.00 32.58
CA PHE G 799 -16.48 -10.37 32.01
C PHE G 799 -16.69 -9.72 30.66
N ILE G 800 -16.31 -8.45 30.50
CA ILE G 800 -16.50 -7.84 29.20
C ILE G 800 -15.65 -8.56 28.18
N GLU G 801 -14.41 -8.94 28.51
CA GLU G 801 -13.59 -9.65 27.52
C GLU G 801 -14.24 -10.96 27.13
N ASP G 802 -14.82 -11.68 28.06
CA ASP G 802 -15.48 -12.90 27.62
C ASP G 802 -16.59 -12.63 26.65
N LEU G 803 -17.29 -11.50 26.79
CA LEU G 803 -18.34 -11.24 25.84
C LEU G 803 -17.77 -10.88 24.48
N LEU G 804 -16.69 -10.11 24.46
CA LEU G 804 -16.10 -9.64 23.20
C LEU G 804 -15.59 -10.82 22.39
N PHE G 805 -15.02 -11.78 23.07
CA PHE G 805 -14.46 -12.96 22.46
C PHE G 805 -15.49 -13.91 21.89
N ASN G 806 -16.76 -13.72 22.23
CA ASN G 806 -17.79 -14.61 21.73
C ASN G 806 -18.51 -14.02 20.53
N LYS G 807 -18.11 -12.83 20.07
CA LYS G 807 -18.76 -12.24 18.93
C LYS G 807 -17.92 -12.28 17.67
N VAL G 808 -16.62 -12.36 17.82
CA VAL G 808 -15.74 -12.35 16.66
C VAL G 808 -15.26 -13.78 16.38
N THR G 809 -15.51 -14.25 15.13
CA THR G 809 -15.26 -15.56 14.49
C THR G 809 -16.58 -15.98 13.86
N GLY G 820 -3.81 -24.57 7.69
CA GLY G 820 -3.40 -25.51 8.72
C GLY G 820 -2.75 -24.79 9.92
N GLU G 821 -3.48 -24.66 11.07
CA GLU G 821 -3.00 -24.06 12.33
C GLU G 821 -3.02 -25.17 13.41
N CYS G 822 -1.88 -25.41 14.11
CA CYS G 822 -1.73 -26.49 15.09
C CYS G 822 -2.28 -26.09 16.47
N LEU G 823 -3.61 -26.03 16.52
CA LEU G 823 -4.42 -25.60 17.67
C LEU G 823 -4.65 -26.67 18.75
N GLY G 824 -4.79 -26.21 20.03
CA GLY G 824 -5.11 -27.01 21.20
C GLY G 824 -4.05 -26.82 22.28
N LEU G 831 -2.53 -31.08 21.65
CA LEU G 831 -3.03 -30.30 20.51
C LEU G 831 -3.14 -31.22 19.29
N ILE G 832 -3.83 -30.73 18.22
CA ILE G 832 -4.00 -31.43 16.94
C ILE G 832 -3.28 -30.63 15.86
N CYS G 833 -2.16 -31.16 15.33
CA CYS G 833 -1.33 -30.45 14.35
C CYS G 833 -1.65 -31.07 13.00
N ALA G 834 -2.55 -30.40 12.29
CA ALA G 834 -3.12 -30.85 11.02
C ALA G 834 -2.50 -30.12 9.85
N GLN G 835 -2.54 -30.74 8.69
CA GLN G 835 -2.04 -30.11 7.49
C GLN G 835 -3.00 -30.24 6.32
N LYS G 836 -2.91 -29.31 5.38
CA LYS G 836 -3.65 -29.36 4.12
C LYS G 836 -2.67 -29.65 3.00
N PHE G 837 -3.16 -30.22 1.89
CA PHE G 837 -2.27 -30.55 0.77
C PHE G 837 -1.63 -29.34 0.16
N ASN G 838 -2.41 -28.31 0.00
CA ASN G 838 -1.88 -27.05 -0.47
C ASN G 838 -1.02 -26.52 0.66
N GLY G 839 0.14 -25.98 0.36
CA GLY G 839 1.05 -25.50 1.41
C GLY G 839 0.69 -24.18 2.07
N LEU G 840 -0.52 -24.08 2.58
CA LEU G 840 -0.99 -22.86 3.22
C LEU G 840 -1.18 -23.14 4.70
N THR G 841 -0.37 -22.52 5.53
CA THR G 841 -0.47 -22.76 6.96
C THR G 841 -0.58 -21.45 7.69
N VAL G 842 -0.96 -21.53 8.95
CA VAL G 842 -1.05 -20.33 9.76
C VAL G 842 -0.21 -20.52 11.00
N LEU G 843 0.65 -19.56 11.25
CA LEU G 843 1.56 -19.59 12.34
C LEU G 843 0.87 -19.10 13.59
N PRO G 844 1.24 -19.55 14.77
CA PRO G 844 0.72 -19.05 16.00
C PRO G 844 1.32 -17.68 16.25
N PRO G 845 0.62 -16.79 16.97
CA PRO G 845 1.06 -15.50 17.43
C PRO G 845 2.03 -15.75 18.53
N LEU G 846 2.93 -14.82 18.79
CA LEU G 846 3.82 -14.92 19.94
C LEU G 846 3.11 -14.61 21.24
N LEU G 847 2.31 -13.59 21.23
CA LEU G 847 1.68 -13.21 22.46
C LEU G 847 0.26 -13.78 22.36
N THR G 848 -0.05 -14.77 23.17
CA THR G 848 -1.32 -15.47 23.09
C THR G 848 -2.45 -14.73 23.76
N ASP G 849 -3.68 -15.18 23.55
CA ASP G 849 -4.83 -14.46 24.07
C ASP G 849 -4.82 -14.24 25.57
N ASP G 850 -4.32 -15.19 26.34
CA ASP G 850 -4.36 -15.00 27.78
C ASP G 850 -3.11 -14.32 28.32
N MET G 851 -2.21 -13.96 27.42
CA MET G 851 -1.05 -13.18 27.78
C MET G 851 -1.47 -11.75 27.52
N ILE G 852 -2.23 -11.54 26.46
CA ILE G 852 -2.73 -10.21 26.15
C ILE G 852 -3.64 -9.79 27.28
N ALA G 853 -4.48 -10.69 27.73
CA ALA G 853 -5.39 -10.45 28.84
C ALA G 853 -4.64 -10.09 30.12
N ALA G 854 -3.38 -10.46 30.24
CA ALA G 854 -2.65 -10.13 31.43
C ALA G 854 -2.26 -8.68 31.38
N TYR G 855 -2.02 -8.17 30.16
CA TYR G 855 -1.64 -6.79 30.02
C TYR G 855 -2.84 -5.93 30.21
N THR G 856 -3.99 -6.37 29.74
CA THR G 856 -5.15 -5.53 29.89
C THR G 856 -5.53 -5.50 31.34
N ALA G 857 -5.38 -6.61 32.06
CA ALA G 857 -5.67 -6.58 33.46
C ALA G 857 -4.72 -5.66 34.20
N ALA G 858 -3.43 -5.66 33.80
CA ALA G 858 -2.45 -4.78 34.44
C ALA G 858 -2.76 -3.33 34.16
N LEU G 859 -3.20 -3.02 32.95
CA LEU G 859 -3.50 -1.64 32.60
C LEU G 859 -4.70 -1.14 33.35
N VAL G 860 -5.73 -1.97 33.52
CA VAL G 860 -6.90 -1.55 34.25
C VAL G 860 -6.56 -1.43 35.72
N SER G 861 -5.81 -2.38 36.26
CA SER G 861 -5.47 -2.33 37.66
C SER G 861 -4.64 -1.11 37.95
N GLY G 862 -3.70 -0.77 37.07
CA GLY G 862 -2.90 0.41 37.25
C GLY G 862 -3.77 1.66 37.18
N THR G 863 -4.75 1.67 36.27
CA THR G 863 -5.62 2.81 36.17
C THR G 863 -6.41 2.97 37.45
N ALA G 864 -6.96 1.88 37.97
CA ALA G 864 -7.76 1.92 39.17
C ALA G 864 -7.01 2.34 40.43
N THR G 865 -5.73 1.96 40.57
CA THR G 865 -5.03 2.30 41.80
C THR G 865 -3.96 3.39 41.73
N ALA G 866 -3.41 3.68 40.54
CA ALA G 866 -2.36 4.69 40.38
C ALA G 866 -2.81 5.86 39.53
N GLY G 867 -3.67 5.58 38.57
CA GLY G 867 -4.14 6.61 37.68
C GLY G 867 -3.10 6.98 36.63
N TRP G 868 -3.09 8.24 36.25
CA TRP G 868 -2.29 8.80 35.16
C TRP G 868 -0.79 8.77 35.48
N THR G 869 -0.47 8.54 36.74
CA THR G 869 0.90 8.54 37.24
C THR G 869 1.63 7.33 36.68
N PHE G 870 0.83 6.39 36.19
CA PHE G 870 1.22 5.15 35.60
C PHE G 870 2.08 5.40 34.36
N GLY G 871 1.75 6.43 33.57
CA GLY G 871 2.47 6.69 32.33
C GLY G 871 3.68 7.63 32.50
N ALA G 872 4.02 8.02 33.73
CA ALA G 872 5.09 8.98 33.90
C ALA G 872 5.93 8.68 35.13
N GLY G 873 6.90 7.78 35.00
CA GLY G 873 7.69 7.37 36.15
C GLY G 873 6.99 6.28 36.93
N ALA G 874 7.35 6.13 38.20
CA ALA G 874 6.79 5.07 39.02
C ALA G 874 5.32 5.30 39.23
N ALA G 875 4.54 4.24 39.26
CA ALA G 875 3.14 4.40 39.57
C ALA G 875 3.02 4.81 41.02
N LEU G 876 2.10 5.72 41.31
CA LEU G 876 1.87 6.21 42.64
C LEU G 876 0.48 5.92 43.11
N GLN G 877 0.30 5.23 44.22
CA GLN G 877 -1.08 4.94 44.57
C GLN G 877 -1.82 6.20 44.90
N ILE G 878 -3.08 6.25 44.51
CA ILE G 878 -3.96 7.36 44.81
C ILE G 878 -5.37 6.80 45.10
N PRO G 879 -6.14 7.29 46.08
CA PRO G 879 -7.49 6.86 46.31
C PRO G 879 -8.24 7.04 45.02
N PHE G 880 -9.13 6.11 44.69
CA PHE G 880 -9.78 6.25 43.39
C PHE G 880 -10.59 7.51 43.29
N ALA G 881 -11.37 7.84 44.29
CA ALA G 881 -12.18 9.04 44.19
C ALA G 881 -11.29 10.25 44.00
N MET G 882 -10.11 10.26 44.58
CA MET G 882 -9.25 11.39 44.41
C MET G 882 -8.69 11.45 43.00
N GLN G 883 -8.47 10.30 42.33
CA GLN G 883 -7.99 10.48 40.97
C GLN G 883 -9.14 10.96 40.12
N MET G 884 -10.37 10.62 40.50
CA MET G 884 -11.48 11.13 39.72
C MET G 884 -11.58 12.62 39.88
N ALA G 885 -11.31 13.14 41.08
CA ALA G 885 -11.36 14.57 41.29
C ALA G 885 -10.35 15.24 40.41
N TYR G 886 -9.18 14.64 40.29
CA TYR G 886 -8.15 15.15 39.42
C TYR G 886 -8.63 15.19 37.99
N ARG G 887 -9.22 14.10 37.53
CA ARG G 887 -9.72 14.01 36.17
C ARG G 887 -10.83 15.02 35.91
N PHE G 888 -11.74 15.24 36.86
CA PHE G 888 -12.80 16.25 36.71
C PHE G 888 -12.20 17.63 36.60
N ASN G 889 -11.18 17.88 37.37
CA ASN G 889 -10.57 19.18 37.38
C ASN G 889 -9.68 19.39 36.17
N GLY G 890 -9.55 18.37 35.32
CA GLY G 890 -8.76 18.48 34.13
C GLY G 890 -9.64 18.87 32.97
N ILE G 891 -10.97 18.94 33.20
CA ILE G 891 -11.93 19.28 32.15
C ILE G 891 -12.65 20.59 32.48
N GLY G 892 -12.15 21.28 33.50
CA GLY G 892 -12.69 22.58 33.90
C GLY G 892 -13.75 22.53 34.99
N VAL G 893 -14.20 21.35 35.34
CA VAL G 893 -15.21 21.18 36.35
C VAL G 893 -14.48 21.06 37.66
N THR G 894 -14.79 21.87 38.64
CA THR G 894 -13.97 21.76 39.82
C THR G 894 -14.24 20.46 40.52
N GLN G 895 -13.33 20.09 41.41
CA GLN G 895 -13.37 18.84 42.18
C GLN G 895 -14.52 18.77 43.13
N ASN G 896 -15.09 19.91 43.42
CA ASN G 896 -16.20 20.01 44.32
C ASN G 896 -17.35 19.22 43.75
N VAL G 897 -17.47 19.18 42.42
CA VAL G 897 -18.57 18.47 41.85
C VAL G 897 -18.46 17.02 42.17
N LEU G 898 -17.28 16.44 42.02
CA LEU G 898 -17.15 15.04 42.32
C LEU G 898 -17.39 14.74 43.76
N TYR G 899 -16.88 15.52 44.66
CA TYR G 899 -17.07 15.09 46.03
C TYR G 899 -18.48 15.31 46.52
N GLU G 900 -19.15 16.35 46.05
CA GLU G 900 -20.49 16.60 46.51
C GLU G 900 -21.49 15.63 45.87
N ASN G 901 -21.22 15.21 44.63
CA ASN G 901 -22.09 14.33 43.86
C ASN G 901 -21.47 12.97 43.64
N GLN G 902 -20.59 12.53 44.52
CA GLN G 902 -19.90 11.26 44.30
C GLN G 902 -20.83 10.09 44.13
N LYS G 903 -21.95 10.06 44.85
CA LYS G 903 -22.85 8.92 44.73
C LYS G 903 -23.50 8.85 43.36
N GLN G 904 -23.85 9.99 42.79
CA GLN G 904 -24.50 9.99 41.51
C GLN G 904 -23.52 9.68 40.43
N ILE G 905 -22.29 10.13 40.59
CA ILE G 905 -21.28 9.90 39.59
C ILE G 905 -20.95 8.43 39.58
N ALA G 906 -20.77 7.84 40.76
CA ALA G 906 -20.48 6.43 40.83
C ALA G 906 -21.63 5.60 40.28
N ASN G 907 -22.88 6.02 40.53
CA ASN G 907 -24.00 5.26 40.03
C ASN G 907 -24.10 5.34 38.51
N GLN G 908 -23.81 6.50 37.93
CA GLN G 908 -23.87 6.60 36.48
C GLN G 908 -22.77 5.74 35.87
N PHE G 909 -21.59 5.70 36.50
CA PHE G 909 -20.50 4.88 36.00
C PHE G 909 -20.91 3.42 35.99
N ASN G 910 -21.44 2.96 37.10
CA ASN G 910 -21.80 1.56 37.22
C ASN G 910 -22.90 1.19 36.26
N LYS G 911 -23.88 2.07 36.06
CA LYS G 911 -24.95 1.77 35.14
C LYS G 911 -24.45 1.72 33.73
N ALA G 912 -23.55 2.63 33.36
CA ALA G 912 -23.02 2.65 32.01
C ALA G 912 -22.29 1.35 31.71
N ILE G 913 -21.57 0.79 32.69
CA ILE G 913 -20.88 -0.47 32.44
C ILE G 913 -21.87 -1.57 32.20
N SER G 914 -22.93 -1.63 33.01
CA SER G 914 -23.93 -2.65 32.81
C SER G 914 -24.57 -2.53 31.45
N GLN G 915 -24.79 -1.30 30.98
CA GLN G 915 -25.39 -1.14 29.67
C GLN G 915 -24.47 -1.67 28.60
N ILE G 916 -23.16 -1.47 28.74
CA ILE G 916 -22.24 -2.00 27.74
C ILE G 916 -22.28 -3.49 27.74
N GLN G 917 -22.27 -4.13 28.90
CA GLN G 917 -22.31 -5.56 28.92
C GLN G 917 -23.55 -6.06 28.20
N GLU G 918 -24.70 -5.43 28.46
CA GLU G 918 -25.93 -5.87 27.83
C GLU G 918 -25.92 -5.67 26.32
N SER G 919 -25.37 -4.55 25.86
CA SER G 919 -25.31 -4.29 24.44
C SER G 919 -24.39 -5.26 23.76
N LEU G 920 -23.27 -5.58 24.37
CA LEU G 920 -22.39 -6.55 23.74
C LEU G 920 -23.04 -7.91 23.72
N THR G 921 -23.81 -8.25 24.75
CA THR G 921 -24.46 -9.55 24.81
C THR G 921 -25.43 -9.77 23.66
N THR G 922 -26.26 -8.78 23.36
CA THR G 922 -27.28 -8.96 22.33
C THR G 922 -27.06 -8.29 20.97
N THR G 923 -26.18 -7.31 20.88
CA THR G 923 -26.04 -6.58 19.63
C THR G 923 -24.91 -7.09 18.74
N SER G 924 -25.32 -7.50 17.55
CA SER G 924 -24.40 -7.97 16.53
C SER G 924 -23.83 -6.74 15.86
N THR G 925 -22.76 -6.91 15.08
CA THR G 925 -22.05 -5.87 14.29
C THR G 925 -21.24 -4.91 15.18
N ALA G 926 -21.41 -5.00 16.49
CA ALA G 926 -20.72 -4.13 17.42
C ALA G 926 -19.21 -4.23 17.26
N LEU G 927 -18.73 -5.44 16.97
CA LEU G 927 -17.32 -5.68 16.77
C LEU G 927 -17.02 -5.97 15.31
N GLY G 928 -17.81 -5.43 14.40
CA GLY G 928 -17.64 -5.68 12.97
C GLY G 928 -16.24 -5.36 12.49
N LYS G 929 -15.59 -4.36 13.06
CA LYS G 929 -14.23 -4.05 12.61
C LYS G 929 -13.26 -5.19 12.84
N LEU G 930 -13.48 -6.03 13.85
CA LEU G 930 -12.56 -7.12 14.08
C LEU G 930 -13.02 -8.28 13.24
N GLN G 931 -14.32 -8.41 13.03
CA GLN G 931 -14.82 -9.50 12.22
C GLN G 931 -14.34 -9.34 10.79
N ASP G 932 -14.20 -8.12 10.34
CA ASP G 932 -13.74 -7.89 8.99
C ASP G 932 -12.36 -8.44 8.72
N VAL G 933 -11.48 -8.59 9.70
CA VAL G 933 -10.16 -9.05 9.32
C VAL G 933 -10.13 -10.55 9.35
N VAL G 934 -11.20 -11.14 9.84
CA VAL G 934 -11.32 -12.56 9.86
C VAL G 934 -11.80 -12.92 8.47
N ASN G 935 -12.80 -12.19 8.02
CA ASN G 935 -13.39 -12.45 6.72
C ASN G 935 -12.48 -12.08 5.56
N GLN G 936 -11.72 -11.00 5.66
CA GLN G 936 -10.85 -10.63 4.56
C GLN G 936 -9.75 -11.65 4.36
N ASN G 937 -9.22 -12.20 5.43
CA ASN G 937 -8.17 -13.17 5.29
C ASN G 937 -8.74 -14.50 4.87
N ALA G 938 -9.94 -14.83 5.31
CA ALA G 938 -10.54 -16.06 4.87
C ALA G 938 -10.75 -16.01 3.39
N GLN G 939 -11.18 -14.87 2.86
CA GLN G 939 -11.39 -14.77 1.44
C GLN G 939 -10.11 -14.81 0.68
N ALA G 940 -9.06 -14.15 1.19
CA ALA G 940 -7.82 -14.17 0.43
C ALA G 940 -7.28 -15.57 0.32
N LEU G 941 -7.38 -16.36 1.38
CA LEU G 941 -6.90 -17.72 1.32
C LEU G 941 -7.80 -18.59 0.49
N ASN G 942 -9.11 -18.35 0.52
CA ASN G 942 -9.99 -19.18 -0.26
C ASN G 942 -9.79 -18.92 -1.74
N THR G 943 -9.55 -17.69 -2.14
CA THR G 943 -9.38 -17.50 -3.56
C THR G 943 -8.05 -18.03 -3.96
N LEU G 944 -7.05 -17.99 -3.07
CA LEU G 944 -5.76 -18.52 -3.44
C LEU G 944 -5.80 -20.01 -3.63
N VAL G 945 -6.41 -20.73 -2.71
CA VAL G 945 -6.39 -22.17 -2.83
C VAL G 945 -7.22 -22.64 -3.99
N LYS G 946 -8.27 -21.93 -4.31
CA LYS G 946 -9.11 -22.34 -5.41
C LYS G 946 -8.50 -22.09 -6.77
N GLN G 947 -7.36 -21.41 -6.86
CA GLN G 947 -6.81 -21.17 -8.17
C GLN G 947 -6.06 -22.38 -8.61
N LEU G 948 -5.89 -23.33 -7.71
CA LEU G 948 -5.18 -24.53 -8.04
C LEU G 948 -6.02 -25.38 -8.96
N SER G 949 -7.33 -25.13 -9.01
CA SER G 949 -8.22 -25.90 -9.85
C SER G 949 -8.31 -25.35 -11.26
N SER G 950 -7.72 -24.19 -11.51
CA SER G 950 -7.78 -23.57 -12.82
C SER G 950 -6.77 -24.18 -13.75
N ASN G 951 -7.09 -24.18 -15.04
CA ASN G 951 -6.17 -24.74 -16.03
C ASN G 951 -5.17 -23.74 -16.58
N PHE G 952 -5.56 -22.49 -16.70
CA PHE G 952 -4.71 -21.44 -17.24
C PHE G 952 -4.20 -21.75 -18.63
N GLY G 953 -4.99 -22.46 -19.43
CA GLY G 953 -4.60 -22.82 -20.79
C GLY G 953 -4.04 -24.24 -20.87
N ALA G 954 -3.80 -24.84 -19.72
CA ALA G 954 -3.29 -26.19 -19.65
C ALA G 954 -4.40 -27.17 -19.97
N ILE G 955 -4.04 -28.38 -20.34
CA ILE G 955 -5.04 -29.41 -20.59
C ILE G 955 -5.82 -29.69 -19.33
N SER G 956 -5.12 -29.81 -18.23
CA SER G 956 -5.77 -30.06 -16.96
C SER G 956 -4.95 -29.44 -15.85
N SER G 957 -5.60 -29.20 -14.72
CA SER G 957 -5.02 -28.61 -13.51
C SER G 957 -4.14 -29.57 -12.71
N VAL G 958 -4.20 -30.83 -13.03
CA VAL G 958 -3.46 -31.81 -12.27
C VAL G 958 -2.13 -32.15 -12.92
N LEU G 959 -1.04 -31.88 -12.22
CA LEU G 959 0.29 -32.14 -12.76
C LEU G 959 0.50 -33.60 -13.05
N ASN G 960 -0.10 -34.46 -12.25
CA ASN G 960 0.04 -35.88 -12.44
C ASN G 960 -0.62 -36.32 -13.73
N ASP G 961 -1.70 -35.63 -14.14
CA ASP G 961 -2.41 -35.99 -15.33
C ASP G 961 -1.61 -35.53 -16.52
N ILE G 962 -0.99 -34.36 -16.40
CA ILE G 962 -0.19 -33.87 -17.50
C ILE G 962 0.96 -34.81 -17.77
N LEU G 963 1.64 -35.24 -16.72
CA LEU G 963 2.77 -36.13 -16.87
C LEU G 963 2.38 -37.53 -17.32
N SER G 964 1.24 -38.05 -16.86
CA SER G 964 0.80 -39.36 -17.31
C SER G 964 0.45 -39.32 -18.79
N ARG G 965 -0.29 -38.28 -19.16
CA ARG G 965 -0.80 -38.04 -20.50
C ARG G 965 0.24 -37.71 -21.57
N LEU G 966 1.20 -36.84 -21.26
CA LEU G 966 2.14 -36.39 -22.26
C LEU G 966 3.59 -36.76 -22.04
N ASP G 967 4.28 -37.05 -23.13
CA ASP G 967 5.71 -37.25 -23.08
C ASP G 967 6.31 -35.90 -22.66
N PRO G 968 7.43 -35.84 -21.90
CA PRO G 968 8.11 -34.64 -21.45
C PRO G 968 8.25 -33.46 -22.44
N PRO G 969 8.55 -33.63 -23.74
CA PRO G 969 8.69 -32.52 -24.68
C PRO G 969 7.41 -31.70 -24.80
N GLU G 970 6.27 -32.30 -24.46
CA GLU G 970 4.98 -31.64 -24.51
C GLU G 970 4.48 -31.36 -23.10
N ALA G 971 4.79 -32.27 -22.17
CA ALA G 971 4.32 -32.16 -20.80
C ALA G 971 4.85 -30.90 -20.17
N GLU G 972 6.06 -30.53 -20.53
CA GLU G 972 6.66 -29.33 -19.98
C GLU G 972 5.91 -28.09 -20.38
N VAL G 973 5.29 -28.08 -21.56
CA VAL G 973 4.58 -26.90 -21.98
C VAL G 973 3.37 -26.74 -21.10
N GLN G 974 2.67 -27.84 -20.88
CA GLN G 974 1.48 -27.77 -20.09
C GLN G 974 1.81 -27.41 -18.65
N ILE G 975 2.95 -27.88 -18.16
CA ILE G 975 3.34 -27.53 -16.81
C ILE G 975 3.66 -26.06 -16.75
N ASP G 976 4.38 -25.51 -17.73
CA ASP G 976 4.66 -24.08 -17.69
C ASP G 976 3.39 -23.25 -17.67
N ARG G 977 2.34 -23.71 -18.34
CA ARG G 977 1.11 -22.94 -18.29
C ARG G 977 0.59 -22.90 -16.84
N LEU G 978 0.68 -24.03 -16.13
CA LEU G 978 0.22 -24.05 -14.75
C LEU G 978 1.16 -23.29 -13.83
N ILE G 979 2.46 -23.33 -14.07
CA ILE G 979 3.39 -22.62 -13.23
C ILE G 979 3.17 -21.14 -13.34
N THR G 980 2.98 -20.64 -14.55
CA THR G 980 2.77 -19.22 -14.69
C THR G 980 1.51 -18.82 -13.95
N GLY G 981 0.43 -19.58 -14.11
CA GLY G 981 -0.80 -19.24 -13.44
C GLY G 981 -0.69 -19.27 -11.92
N ARG G 982 0.05 -20.22 -11.38
CA ARG G 982 0.19 -20.33 -9.94
C ARG G 982 1.16 -19.28 -9.39
N LEU G 983 2.22 -18.92 -10.13
CA LEU G 983 3.04 -17.83 -9.63
C LEU G 983 2.24 -16.58 -9.61
N GLN G 984 1.37 -16.38 -10.59
CA GLN G 984 0.60 -15.17 -10.60
C GLN G 984 -0.38 -15.13 -9.45
N SER G 985 -1.02 -16.25 -9.08
CA SER G 985 -1.94 -16.18 -7.97
C SER G 985 -1.22 -15.97 -6.66
N LEU G 986 0.02 -16.48 -6.52
CA LEU G 986 0.74 -16.19 -5.30
C LEU G 986 1.11 -14.75 -5.24
N GLN G 987 1.49 -14.17 -6.37
CA GLN G 987 1.85 -12.77 -6.34
C GLN G 987 0.68 -11.89 -6.03
N THR G 988 -0.52 -12.20 -6.52
CA THR G 988 -1.64 -11.33 -6.19
C THR G 988 -2.00 -11.50 -4.74
N TYR G 989 -1.87 -12.71 -4.19
CA TYR G 989 -2.12 -12.93 -2.78
C TYR G 989 -1.16 -12.16 -1.93
N VAL G 990 0.12 -12.27 -2.23
CA VAL G 990 1.09 -11.59 -1.41
C VAL G 990 0.91 -10.10 -1.49
N THR G 991 0.67 -9.56 -2.68
CA THR G 991 0.52 -8.13 -2.78
C THR G 991 -0.67 -7.65 -1.98
N GLN G 992 -1.82 -8.33 -2.05
CA GLN G 992 -2.93 -7.81 -1.27
C GLN G 992 -2.68 -7.99 0.23
N GLN G 993 -1.86 -8.97 0.63
CA GLN G 993 -1.60 -9.12 2.05
C GLN G 993 -0.69 -8.00 2.50
N LEU G 994 0.22 -7.54 1.65
CA LEU G 994 1.11 -6.45 2.03
C LEU G 994 0.35 -5.15 2.15
N ILE G 995 -0.62 -4.94 1.25
CA ILE G 995 -1.38 -3.70 1.33
C ILE G 995 -2.25 -3.77 2.55
N ARG G 996 -2.93 -4.89 2.75
CA ARG G 996 -3.79 -5.05 3.90
C ARG G 996 -3.01 -4.95 5.19
N ALA G 997 -1.81 -5.50 5.24
CA ALA G 997 -1.01 -5.43 6.43
C ALA G 997 -0.68 -4.00 6.75
N ALA G 998 -0.45 -3.17 5.73
CA ALA G 998 -0.18 -1.77 5.98
C ALA G 998 -1.37 -1.08 6.63
N GLU G 999 -2.58 -1.46 6.21
CA GLU G 999 -3.78 -0.88 6.79
C GLU G 999 -3.93 -1.30 8.25
N ILE G 1000 -3.58 -2.55 8.54
CA ILE G 1000 -3.62 -3.05 9.89
C ILE G 1000 -2.60 -2.33 10.72
N ARG G 1001 -1.41 -2.11 10.18
CA ARG G 1001 -0.42 -1.41 10.97
C ARG G 1001 -0.89 -0.03 11.31
N ALA G 1002 -1.55 0.66 10.39
CA ALA G 1002 -2.04 1.98 10.73
C ALA G 1002 -3.02 1.91 11.89
N SER G 1003 -3.88 0.88 11.92
CA SER G 1003 -4.82 0.71 13.02
C SER G 1003 -4.09 0.37 14.30
N ALA G 1004 -3.06 -0.46 14.23
CA ALA G 1004 -2.29 -0.80 15.40
C ALA G 1004 -1.59 0.41 15.97
N ASN G 1005 -1.09 1.29 15.11
CA ASN G 1005 -0.40 2.46 15.59
C ASN G 1005 -1.36 3.42 16.24
N LEU G 1006 -2.57 3.51 15.70
CA LEU G 1006 -3.54 4.38 16.30
C LEU G 1006 -3.98 3.81 17.63
N ALA G 1007 -4.16 2.50 17.71
CA ALA G 1007 -4.56 1.87 18.94
C ALA G 1007 -3.51 2.07 19.98
N ALA G 1008 -2.24 2.00 19.59
CA ALA G 1008 -1.15 2.19 20.52
C ALA G 1008 -1.14 3.61 21.01
N THR G 1009 -1.46 4.56 20.13
CA THR G 1009 -1.53 5.96 20.51
C THR G 1009 -2.62 6.17 21.52
N LYS G 1010 -3.77 5.58 21.30
CA LYS G 1010 -4.87 5.67 22.24
C LYS G 1010 -4.53 5.00 23.54
N MET G 1011 -3.81 3.92 23.49
CA MET G 1011 -3.47 3.32 24.74
C MET G 1011 -2.65 4.32 25.55
N SER G 1012 -1.68 4.96 24.93
CA SER G 1012 -0.85 5.92 25.63
C SER G 1012 -1.56 7.15 26.11
N GLU G 1013 -2.46 7.70 25.30
CA GLU G 1013 -3.12 8.94 25.65
C GLU G 1013 -4.49 8.85 26.36
N CYS G 1014 -5.25 7.75 26.16
CA CYS G 1014 -6.57 7.53 26.70
C CYS G 1014 -6.46 6.70 27.97
N VAL G 1015 -5.63 5.65 27.95
CA VAL G 1015 -5.53 4.78 29.11
C VAL G 1015 -4.50 5.24 30.12
N LEU G 1016 -3.33 5.61 29.66
CA LEU G 1016 -2.26 6.01 30.57
C LEU G 1016 -2.22 7.50 30.87
N GLY G 1017 -3.21 8.23 30.41
CA GLY G 1017 -3.28 9.67 30.64
C GLY G 1017 -4.72 10.14 30.71
N GLN G 1018 -4.94 11.35 30.23
CA GLN G 1018 -6.24 12.01 30.10
C GLN G 1018 -6.12 12.81 28.82
N SER G 1019 -7.08 12.67 27.93
CA SER G 1019 -6.98 13.38 26.66
C SER G 1019 -7.63 14.74 26.65
N LYS G 1020 -6.99 15.66 25.94
CA LYS G 1020 -7.50 17.00 25.71
C LYS G 1020 -7.83 17.22 24.24
N ARG G 1021 -7.80 16.15 23.49
CA ARG G 1021 -8.07 16.17 22.07
C ARG G 1021 -9.54 15.87 21.83
N VAL G 1022 -10.23 16.78 21.16
CA VAL G 1022 -11.65 16.61 20.97
C VAL G 1022 -12.00 15.43 20.10
N ASP G 1023 -12.95 14.65 20.59
CA ASP G 1023 -13.47 13.42 20.00
C ASP G 1023 -12.41 12.35 19.86
N PHE G 1024 -11.29 12.52 20.52
CA PHE G 1024 -10.29 11.50 20.55
C PHE G 1024 -10.54 10.93 21.91
N CYS G 1025 -10.62 9.60 22.03
CA CYS G 1025 -10.95 8.88 23.28
C CYS G 1025 -12.46 9.10 23.62
N GLY G 1026 -13.31 9.18 22.60
CA GLY G 1026 -14.75 9.26 22.81
C GLY G 1026 -15.33 10.66 22.78
N LYS G 1027 -16.65 10.72 22.66
CA LYS G 1027 -17.38 11.99 22.63
C LYS G 1027 -17.62 12.48 24.05
N GLY G 1028 -17.48 13.79 24.26
CA GLY G 1028 -17.69 14.37 25.57
C GLY G 1028 -16.33 14.68 26.15
N TYR G 1029 -16.27 15.08 27.39
CA TYR G 1029 -14.98 15.42 27.95
C TYR G 1029 -14.36 14.16 28.47
N HIS G 1030 -13.17 13.84 28.05
CA HIS G 1030 -12.60 12.58 28.49
C HIS G 1030 -12.18 12.56 29.92
N LEU G 1031 -12.48 11.47 30.63
CA LEU G 1031 -12.01 11.29 31.98
C LEU G 1031 -11.00 10.17 32.07
N MET G 1032 -11.34 8.98 31.53
CA MET G 1032 -10.45 7.80 31.61
C MET G 1032 -10.87 6.69 30.65
N SER G 1033 -10.01 5.73 30.38
CA SER G 1033 -10.40 4.61 29.51
C SER G 1033 -9.88 3.27 29.96
N PHE G 1034 -10.54 2.19 29.49
CA PHE G 1034 -10.13 0.83 29.83
C PHE G 1034 -9.91 -0.06 28.58
N PRO G 1035 -8.72 -0.60 28.37
CA PRO G 1035 -8.30 -1.39 27.24
C PRO G 1035 -8.70 -2.85 27.23
N GLN G 1036 -9.93 -3.17 26.92
CA GLN G 1036 -10.34 -4.58 26.98
C GLN G 1036 -9.80 -5.34 25.74
N ALA G 1037 -9.33 -6.57 25.90
CA ALA G 1037 -8.85 -7.36 24.77
C ALA G 1037 -9.98 -7.91 23.92
N ALA G 1038 -9.71 -8.16 22.66
CA ALA G 1038 -10.68 -8.81 21.78
C ALA G 1038 -9.90 -9.62 20.74
N PRO G 1039 -10.47 -10.61 20.06
CA PRO G 1039 -9.77 -11.33 19.04
C PRO G 1039 -9.28 -10.35 18.03
N HIS G 1040 -8.02 -10.45 17.66
CA HIS G 1040 -7.39 -9.58 16.68
C HIS G 1040 -7.45 -8.10 17.00
N GLY G 1041 -7.62 -7.73 18.26
CA GLY G 1041 -7.70 -6.30 18.50
C GLY G 1041 -7.94 -5.89 19.92
N VAL G 1042 -8.23 -4.61 20.06
CA VAL G 1042 -8.48 -4.00 21.36
C VAL G 1042 -9.75 -3.23 21.29
N VAL G 1043 -10.50 -3.25 22.37
CA VAL G 1043 -11.71 -2.49 22.49
C VAL G 1043 -11.57 -1.58 23.67
N PHE G 1044 -11.72 -0.30 23.46
CA PHE G 1044 -11.57 0.61 24.57
C PHE G 1044 -12.89 1.03 25.09
N LEU G 1045 -13.01 1.07 26.40
CA LEU G 1045 -14.21 1.59 27.00
C LEU G 1045 -13.83 2.99 27.39
N HIS G 1046 -14.42 3.99 26.76
CA HIS G 1046 -14.03 5.37 27.02
C HIS G 1046 -15.04 6.06 27.89
N VAL G 1047 -14.62 6.52 29.04
CA VAL G 1047 -15.49 7.13 30.01
C VAL G 1047 -15.40 8.62 29.84
N THR G 1048 -16.53 9.24 29.53
CA THR G 1048 -16.54 10.66 29.30
C THR G 1048 -17.64 11.38 30.08
N TYR G 1049 -17.47 12.67 30.26
CA TYR G 1049 -18.41 13.54 30.92
C TYR G 1049 -19.20 14.32 29.90
N VAL G 1050 -20.49 14.15 29.90
CA VAL G 1050 -21.31 14.87 28.96
C VAL G 1050 -22.18 15.86 29.70
N PRO G 1051 -22.02 17.17 29.51
CA PRO G 1051 -22.80 18.20 30.17
C PRO G 1051 -24.24 18.06 29.78
N SER G 1052 -25.16 18.42 30.67
CA SER G 1052 -26.57 18.34 30.32
C SER G 1052 -27.47 19.31 31.07
N GLN G 1053 -28.75 19.24 30.75
CA GLN G 1053 -29.74 20.08 31.40
C GLN G 1053 -29.38 21.54 31.41
N GLU G 1054 -29.10 22.13 30.26
CA GLU G 1054 -28.73 23.54 30.25
C GLU G 1054 -29.85 24.48 30.57
N ARG G 1055 -29.48 25.63 31.10
CA ARG G 1055 -30.40 26.71 31.42
C ARG G 1055 -29.89 28.00 30.74
N ASN G 1056 -30.82 28.86 30.26
CA ASN G 1056 -30.54 30.14 29.59
C ASN G 1056 -30.33 31.28 30.61
N PHE G 1057 -29.11 31.84 30.67
CA PHE G 1057 -28.70 32.92 31.57
C PHE G 1057 -28.35 34.19 30.83
N THR G 1058 -28.53 35.33 31.47
CA THR G 1058 -28.14 36.59 30.84
C THR G 1058 -26.70 36.89 31.21
N THR G 1059 -25.89 37.31 30.26
CA THR G 1059 -24.47 37.55 30.51
C THR G 1059 -23.95 38.95 30.33
N ALA G 1060 -22.72 39.12 30.80
CA ALA G 1060 -21.97 40.33 30.55
C ALA G 1060 -20.51 39.98 30.50
N PRO G 1061 -19.69 40.59 29.62
CA PRO G 1061 -18.26 40.41 29.55
C PRO G 1061 -17.50 41.03 30.69
N ALA G 1062 -18.09 42.01 31.36
CA ALA G 1062 -17.42 42.69 32.45
C ALA G 1062 -18.40 43.46 33.30
N ILE G 1063 -17.99 43.72 34.51
CA ILE G 1063 -18.71 44.58 35.44
C ILE G 1063 -18.02 45.92 35.65
N CYS G 1064 -18.78 47.03 35.58
CA CYS G 1064 -18.30 48.38 35.82
C CYS G 1064 -18.56 48.75 37.28
N HIS G 1065 -17.49 48.86 38.03
CA HIS G 1065 -17.63 49.15 39.44
C HIS G 1065 -16.64 50.20 39.85
N GLU G 1066 -17.17 51.32 40.31
CA GLU G 1066 -16.38 52.49 40.69
C GLU G 1066 -15.45 52.92 39.57
N GLY G 1067 -15.93 52.85 38.34
CA GLY G 1067 -15.18 53.27 37.17
C GLY G 1067 -14.21 52.23 36.60
N LYS G 1068 -14.10 51.06 37.21
CA LYS G 1068 -13.17 50.06 36.71
C LYS G 1068 -13.88 48.87 36.10
N ALA G 1069 -13.26 48.26 35.10
CA ALA G 1069 -13.85 47.06 34.50
C ALA G 1069 -13.30 45.77 35.10
N TYR G 1070 -14.19 44.98 35.66
CA TYR G 1070 -13.90 43.72 36.28
C TYR G 1070 -14.27 42.56 35.39
N PHE G 1071 -13.30 41.77 35.01
CA PHE G 1071 -13.53 40.65 34.11
C PHE G 1071 -13.58 39.41 34.97
N PRO G 1072 -14.28 38.35 34.58
CA PRO G 1072 -14.31 37.14 35.36
C PRO G 1072 -12.93 36.54 35.37
N ARG G 1073 -12.43 36.11 36.52
CA ARG G 1073 -11.10 35.52 36.54
C ARG G 1073 -11.09 34.19 35.83
N GLU G 1074 -12.12 33.42 36.07
CA GLU G 1074 -12.33 32.10 35.50
C GLU G 1074 -13.83 31.91 35.41
N GLY G 1075 -14.32 31.51 34.28
CA GLY G 1075 -15.75 31.34 34.15
C GLY G 1075 -16.40 32.56 33.50
N VAL G 1076 -17.71 32.66 33.66
CA VAL G 1076 -18.55 33.64 33.01
C VAL G 1076 -19.52 34.37 33.94
N PHE G 1077 -19.73 35.68 33.75
CA PHE G 1077 -20.71 36.36 34.58
C PHE G 1077 -22.10 36.11 34.06
N VAL G 1078 -22.97 35.66 34.94
CA VAL G 1078 -24.35 35.38 34.60
C VAL G 1078 -25.37 35.96 35.55
N PHE G 1079 -26.55 36.19 35.04
CA PHE G 1079 -27.64 36.69 35.84
C PHE G 1079 -28.72 35.63 35.90
N ASN G 1080 -29.16 35.30 37.13
CA ASN G 1080 -30.16 34.26 37.44
C ASN G 1080 -31.61 34.79 37.53
N GLY G 1081 -31.84 36.04 37.13
CA GLY G 1081 -33.11 36.76 37.16
C GLY G 1081 -33.19 37.72 38.34
N THR G 1082 -32.33 37.54 39.34
CA THR G 1082 -32.31 38.43 40.48
C THR G 1082 -30.96 39.08 40.66
N SER G 1083 -29.92 38.25 40.74
CA SER G 1083 -28.58 38.76 40.99
C SER G 1083 -27.53 38.24 40.03
N TRP G 1084 -26.42 38.98 39.95
CA TRP G 1084 -25.28 38.59 39.16
C TRP G 1084 -24.32 37.73 39.96
N PHE G 1085 -23.93 36.63 39.35
CA PHE G 1085 -23.02 35.64 39.88
C PHE G 1085 -21.96 35.26 38.89
N ILE G 1086 -20.88 34.73 39.36
CA ILE G 1086 -19.88 34.23 38.45
C ILE G 1086 -19.86 32.73 38.52
N THR G 1087 -19.93 32.05 37.39
CA THR G 1087 -19.91 30.61 37.47
C THR G 1087 -19.06 29.97 36.41
N GLN G 1088 -18.89 28.66 36.47
CA GLN G 1088 -18.08 28.02 35.46
C GLN G 1088 -18.89 27.62 34.24
N ARG G 1089 -18.25 27.71 33.10
CA ARG G 1089 -18.88 27.43 31.82
C ARG G 1089 -19.48 26.04 31.66
N ASN G 1090 -18.90 25.01 32.27
CA ASN G 1090 -19.42 23.67 32.09
C ASN G 1090 -20.35 23.15 33.18
N PHE G 1091 -20.65 23.95 34.19
CA PHE G 1091 -21.53 23.44 35.23
C PHE G 1091 -22.01 24.58 36.09
N PHE G 1092 -23.30 24.80 36.12
CA PHE G 1092 -23.78 25.93 36.87
C PHE G 1092 -23.67 25.75 38.36
N SER G 1093 -22.96 26.66 38.94
CA SER G 1093 -22.69 26.72 40.35
C SER G 1093 -22.29 28.14 40.67
N PRO G 1094 -23.23 29.03 40.97
CA PRO G 1094 -23.03 30.46 41.07
C PRO G 1094 -22.21 30.81 42.27
N GLN G 1095 -21.26 31.70 42.09
CA GLN G 1095 -20.46 32.18 43.18
C GLN G 1095 -20.73 33.66 43.35
N ILE G 1096 -20.50 34.18 44.53
CA ILE G 1096 -20.63 35.61 44.74
C ILE G 1096 -19.49 36.29 44.05
N ILE G 1097 -19.78 37.37 43.35
CA ILE G 1097 -18.74 38.08 42.67
C ILE G 1097 -18.06 38.97 43.67
N THR G 1098 -16.79 38.70 43.88
CA THR G 1098 -15.97 39.39 44.84
C THR G 1098 -14.72 39.75 44.12
N THR G 1099 -13.86 40.50 44.76
CA THR G 1099 -12.58 40.91 44.18
C THR G 1099 -11.59 39.76 44.01
N ASP G 1100 -11.91 38.58 44.52
CA ASP G 1100 -11.06 37.40 44.40
C ASP G 1100 -11.36 36.66 43.10
N ASN G 1101 -12.60 36.80 42.61
CA ASN G 1101 -13.07 36.07 41.44
C ASN G 1101 -12.98 36.90 40.18
N THR G 1102 -12.37 38.06 40.29
CA THR G 1102 -12.28 38.98 39.18
C THR G 1102 -10.87 39.46 38.87
N PHE G 1103 -10.71 39.94 37.66
CA PHE G 1103 -9.47 40.52 37.18
C PHE G 1103 -9.73 41.95 36.75
N VAL G 1104 -9.13 42.94 37.39
CA VAL G 1104 -9.46 44.31 36.98
C VAL G 1104 -8.55 44.83 35.92
N SER G 1105 -9.11 45.37 34.85
CA SER G 1105 -8.28 45.94 33.81
C SER G 1105 -8.96 47.03 33.02
N GLY G 1106 -8.44 48.24 33.11
CA GLY G 1106 -8.99 49.35 32.34
C GLY G 1106 -10.23 49.99 32.93
N ASN G 1107 -10.73 50.97 32.20
CA ASN G 1107 -11.91 51.74 32.55
C ASN G 1107 -13.15 51.09 31.93
N CYS G 1108 -14.34 51.69 32.13
CA CYS G 1108 -15.65 51.18 31.70
C CYS G 1108 -16.06 51.67 30.31
N ASP G 1109 -15.22 52.43 29.65
CA ASP G 1109 -15.63 53.00 28.38
C ASP G 1109 -15.32 52.10 27.20
N VAL G 1110 -14.29 51.31 27.33
CA VAL G 1110 -13.83 50.47 26.25
C VAL G 1110 -14.60 49.16 26.02
N VAL G 1111 -15.10 48.51 27.07
CA VAL G 1111 -15.77 47.23 26.90
C VAL G 1111 -17.20 47.38 26.42
N ILE G 1112 -17.55 46.63 25.39
CA ILE G 1112 -18.90 46.65 24.85
C ILE G 1112 -19.79 45.74 25.68
N GLY G 1113 -20.89 46.27 26.21
CA GLY G 1113 -21.78 45.44 27.02
C GLY G 1113 -21.45 45.34 28.50
N ILE G 1114 -20.66 46.25 29.01
CA ILE G 1114 -20.28 46.24 30.42
C ILE G 1114 -21.50 46.61 31.25
N ILE G 1115 -21.70 45.98 32.40
CA ILE G 1115 -22.89 46.26 33.22
C ILE G 1115 -22.56 46.90 34.58
N ASN G 1116 -23.52 47.65 35.18
CA ASN G 1116 -23.34 48.32 36.47
C ASN G 1116 -23.70 47.42 37.67
N ASN G 1117 -22.88 46.39 37.92
CA ASN G 1117 -23.04 45.48 39.07
C ASN G 1117 -22.13 45.93 40.21
N THR G 1118 -22.19 45.24 41.34
CA THR G 1118 -21.33 45.57 42.47
C THR G 1118 -20.43 44.40 42.82
N VAL G 1119 -19.14 44.68 42.95
CA VAL G 1119 -18.18 43.64 43.29
C VAL G 1119 -17.83 43.70 44.77
N TYR G 1120 -18.05 42.60 45.47
CA TYR G 1120 -17.84 42.52 46.91
C TYR G 1120 -16.37 42.54 47.35
N ASP G 1121 -16.09 43.32 48.39
CA ASP G 1121 -14.75 43.42 48.98
C ASP G 1121 -14.65 42.71 50.35
N PRO G 1122 -14.02 41.52 50.44
CA PRO G 1122 -13.88 40.67 51.62
C PRO G 1122 -13.08 41.29 52.76
N LEU G 1123 -12.39 42.40 52.52
CA LEU G 1123 -11.58 42.96 53.59
C LEU G 1123 -12.39 43.88 54.49
N GLN G 1124 -13.64 44.14 54.14
CA GLN G 1124 -14.47 45.03 54.95
C GLN G 1124 -14.81 44.39 56.32
N PRO G 1125 -14.51 45.02 57.52
CA PRO G 1125 -14.84 44.48 58.84
C PRO G 1125 -16.27 44.94 59.23
N VAL H 2 -59.83 -39.97 6.48
CA VAL H 2 -59.15 -40.27 7.74
C VAL H 2 -59.41 -39.04 8.61
N GLN H 3 -59.65 -39.23 9.94
CA GLN H 3 -59.93 -38.12 10.87
C GLN H 3 -58.88 -38.03 11.95
N LEU H 4 -58.25 -36.88 12.00
CA LEU H 4 -57.23 -36.65 12.99
C LEU H 4 -57.93 -36.29 14.32
N VAL H 5 -57.56 -36.95 15.40
CA VAL H 5 -58.24 -36.72 16.68
C VAL H 5 -57.33 -36.17 17.75
N GLN H 6 -57.73 -35.04 18.30
CA GLN H 6 -56.91 -34.34 19.27
C GLN H 6 -57.37 -34.40 20.71
N SER H 7 -56.43 -34.16 21.60
CA SER H 7 -56.73 -33.95 23.02
C SER H 7 -57.38 -32.57 23.10
N GLY H 8 -57.90 -32.16 24.25
CA GLY H 8 -58.52 -30.83 24.31
C GLY H 8 -58.91 -30.42 25.71
N ALA H 9 -59.48 -29.21 25.81
CA ALA H 9 -59.90 -28.59 27.06
C ALA H 9 -58.79 -28.57 28.12
N GLU H 10 -57.58 -28.15 27.74
CA GLU H 10 -56.49 -28.15 28.70
C GLU H 10 -56.23 -26.75 29.27
N VAL H 11 -55.94 -26.68 30.57
CA VAL H 11 -55.61 -25.39 31.19
C VAL H 11 -54.27 -25.53 31.90
N LYS H 12 -53.36 -24.62 31.59
CA LYS H 12 -52.01 -24.64 32.09
C LYS H 12 -51.53 -23.34 32.76
N LYS H 13 -50.51 -23.52 33.59
CA LYS H 13 -49.80 -22.47 34.31
C LYS H 13 -48.99 -21.55 33.38
N PRO H 14 -48.71 -20.28 33.77
CA PRO H 14 -48.02 -19.21 33.03
C PRO H 14 -46.55 -19.48 32.70
N GLY H 15 -46.01 -20.54 33.30
CA GLY H 15 -44.65 -20.97 33.07
C GLY H 15 -44.67 -22.50 33.18
N SER H 16 -45.16 -23.16 32.13
CA SER H 16 -45.38 -24.61 32.18
C SER H 16 -45.04 -25.40 30.92
N SER H 17 -45.28 -26.72 30.97
CA SER H 17 -44.99 -27.58 29.83
C SER H 17 -46.14 -28.54 29.53
N VAL H 18 -46.67 -28.43 28.31
CA VAL H 18 -47.81 -29.23 27.86
C VAL H 18 -47.54 -30.03 26.59
N LYS H 19 -47.90 -31.31 26.61
CA LYS H 19 -47.73 -32.11 25.41
C LYS H 19 -49.08 -32.47 24.83
N VAL H 20 -49.32 -32.00 23.63
CA VAL H 20 -50.55 -32.20 22.90
C VAL H 20 -50.44 -33.38 21.97
N SER H 21 -51.40 -34.29 22.03
CA SER H 21 -51.33 -35.44 21.15
C SER H 21 -52.44 -35.41 20.10
N CYS H 22 -52.14 -35.99 18.89
CA CYS H 22 -53.05 -36.17 17.76
C CYS H 22 -52.96 -37.60 17.18
N LYS H 23 -54.08 -38.29 17.09
CA LYS H 23 -54.07 -39.64 16.54
C LYS H 23 -54.70 -39.70 15.17
N ALA H 24 -54.13 -40.51 14.27
CA ALA H 24 -54.79 -40.65 12.98
C ALA H 24 -55.81 -41.78 13.09
N SER H 25 -57.11 -41.44 13.08
CA SER H 25 -58.16 -42.42 13.26
C SER H 25 -58.80 -42.86 11.95
N GLY H 26 -58.88 -44.16 11.75
CA GLY H 26 -59.46 -44.71 10.54
C GLY H 26 -58.45 -44.73 9.40
N GLY H 27 -57.18 -44.61 9.75
CA GLY H 27 -56.13 -44.59 8.76
C GLY H 27 -54.80 -44.30 9.41
N THR H 28 -53.82 -44.02 8.58
CA THR H 28 -52.49 -43.79 9.04
C THR H 28 -51.90 -42.50 8.52
N PHE H 29 -50.82 -42.07 9.17
CA PHE H 29 -50.09 -40.91 8.70
C PHE H 29 -49.27 -41.21 7.45
N ASN H 30 -48.76 -42.44 7.32
CA ASN H 30 -47.91 -42.82 6.20
C ASN H 30 -46.77 -41.86 5.99
N TYR H 31 -46.78 -41.19 4.85
CA TYR H 31 -45.71 -40.29 4.47
C TYR H 31 -46.10 -38.84 4.64
N HIS H 32 -47.28 -38.59 5.16
CA HIS H 32 -47.75 -37.22 5.25
C HIS H 32 -47.05 -36.46 6.33
N VAL H 33 -46.81 -35.21 6.07
CA VAL H 33 -46.20 -34.37 7.08
C VAL H 33 -47.27 -33.89 8.06
N VAL H 34 -46.99 -33.90 9.36
CA VAL H 34 -47.98 -33.42 10.32
C VAL H 34 -47.60 -32.02 10.77
N GLY H 35 -48.48 -31.06 10.50
CA GLY H 35 -48.24 -29.67 10.84
C GLY H 35 -49.01 -29.24 12.06
N TRP H 36 -48.50 -28.21 12.73
CA TRP H 36 -49.15 -27.63 13.88
C TRP H 36 -49.34 -26.12 13.66
N VAL H 37 -50.56 -25.63 13.96
CA VAL H 37 -50.99 -24.23 13.80
C VAL H 37 -51.55 -23.55 15.07
N ARG H 38 -50.94 -22.45 15.46
CA ARG H 38 -51.31 -21.74 16.68
C ARG H 38 -52.34 -20.66 16.42
N GLN H 39 -53.58 -21.03 16.18
CA GLN H 39 -54.54 -19.93 15.98
C GLN H 39 -54.96 -19.38 17.31
N ALA H 40 -54.83 -18.07 17.48
CA ALA H 40 -55.17 -17.49 18.78
C ALA H 40 -56.62 -17.02 18.72
N PRO H 41 -57.38 -17.02 19.83
CA PRO H 41 -58.75 -16.56 19.84
C PRO H 41 -58.87 -15.14 19.35
N GLY H 42 -59.76 -14.93 18.39
CA GLY H 42 -60.01 -13.59 17.84
C GLY H 42 -58.94 -13.14 16.85
N GLN H 43 -57.96 -14.01 16.58
CA GLN H 43 -56.84 -13.68 15.73
C GLN H 43 -56.74 -14.58 14.51
N GLY H 44 -55.73 -14.28 13.71
CA GLY H 44 -55.44 -15.12 12.57
C GLY H 44 -54.63 -16.29 13.10
N LEU H 45 -54.15 -17.10 12.19
CA LEU H 45 -53.42 -18.29 12.53
C LEU H 45 -51.99 -18.26 12.05
N GLU H 46 -51.12 -18.97 12.77
CA GLU H 46 -49.70 -19.03 12.44
C GLU H 46 -49.10 -20.44 12.52
N TRP H 47 -48.06 -20.66 11.74
CA TRP H 47 -47.33 -21.92 11.74
C TRP H 47 -46.53 -22.07 13.02
N VAL H 48 -46.54 -23.27 13.59
CA VAL H 48 -45.71 -23.57 14.76
C VAL H 48 -44.55 -24.43 14.30
N GLY H 49 -44.88 -25.43 13.50
CA GLY H 49 -43.89 -26.37 13.01
C GLY H 49 -44.51 -27.66 12.52
N SER H 50 -43.66 -28.65 12.23
CA SER H 50 -44.07 -29.93 11.74
C SER H 50 -43.08 -31.05 11.99
N VAL H 51 -43.59 -32.28 11.88
CA VAL H 51 -42.81 -33.52 11.90
C VAL H 51 -43.27 -34.44 10.80
N SER H 52 -42.34 -35.13 10.17
CA SER H 52 -42.70 -36.10 9.15
C SER H 52 -42.39 -37.49 9.68
N PRO H 53 -43.38 -38.25 10.19
CA PRO H 53 -43.23 -39.54 10.84
C PRO H 53 -42.42 -40.54 10.03
N ALA H 54 -42.52 -40.46 8.69
CA ALA H 54 -41.79 -41.36 7.85
C ALA H 54 -40.28 -41.21 7.97
N LEU H 55 -39.80 -39.98 8.19
CA LEU H 55 -38.38 -39.74 8.25
C LEU H 55 -37.87 -39.42 9.66
N GLY H 56 -38.75 -38.84 10.48
CA GLY H 56 -38.39 -38.34 11.79
C GLY H 56 -37.82 -36.91 11.72
N ARG H 57 -37.93 -36.31 10.54
CA ARG H 57 -37.45 -34.97 10.25
C ARG H 57 -38.46 -33.92 10.69
N THR H 58 -37.96 -32.77 11.15
CA THR H 58 -38.82 -31.68 11.61
C THR H 58 -38.52 -30.31 11.00
N ASN H 59 -39.45 -29.40 11.23
CA ASN H 59 -39.39 -27.99 10.86
C ASN H 59 -40.07 -27.11 11.89
N TYR H 60 -39.44 -26.00 12.25
CA TYR H 60 -40.08 -25.11 13.20
C TYR H 60 -40.16 -23.71 12.67
N ALA H 61 -41.21 -22.99 13.06
CA ALA H 61 -41.29 -21.58 12.77
C ALA H 61 -40.22 -20.96 13.64
N ARG H 62 -39.59 -19.89 13.19
CA ARG H 62 -38.49 -19.32 13.99
C ARG H 62 -38.90 -18.96 15.41
N LYS H 63 -40.13 -18.49 15.62
CA LYS H 63 -40.58 -18.10 16.95
C LYS H 63 -40.52 -19.22 17.98
N PHE H 64 -40.66 -20.45 17.53
CA PHE H 64 -40.71 -21.60 18.41
C PHE H 64 -39.48 -22.48 18.32
N GLN H 65 -38.43 -22.01 17.64
CA GLN H 65 -37.28 -22.87 17.41
C GLN H 65 -36.65 -23.39 18.70
N GLY H 66 -36.64 -22.57 19.74
CA GLY H 66 -36.08 -22.96 21.03
C GLY H 66 -37.17 -23.23 22.09
N ARG H 67 -38.44 -23.30 21.67
CA ARG H 67 -39.56 -23.45 22.59
C ARG H 67 -40.44 -24.68 22.39
N VAL H 68 -40.57 -25.14 21.15
CA VAL H 68 -41.51 -26.23 20.92
C VAL H 68 -40.84 -27.43 20.28
N THR H 69 -41.10 -28.60 20.85
CA THR H 69 -40.57 -29.83 20.28
C THR H 69 -41.69 -30.61 19.60
N ILE H 70 -41.52 -30.89 18.32
CA ILE H 70 -42.55 -31.62 17.60
C ILE H 70 -42.02 -32.98 17.19
N THR H 71 -42.71 -34.00 17.59
CA THR H 71 -42.29 -35.36 17.29
C THR H 71 -43.46 -36.22 16.88
N ALA H 72 -43.18 -37.45 16.50
CA ALA H 72 -44.23 -38.38 16.16
C ALA H 72 -43.73 -39.79 16.31
N ASP H 73 -44.64 -40.71 16.55
CA ASP H 73 -44.28 -42.11 16.61
C ASP H 73 -45.26 -42.91 15.78
N LYS H 74 -44.78 -43.29 14.59
CA LYS H 74 -45.54 -43.95 13.56
C LYS H 74 -46.05 -45.32 14.00
N SER H 75 -45.44 -45.90 15.04
CA SER H 75 -45.86 -47.23 15.50
C SER H 75 -47.13 -47.16 16.34
N SER H 76 -47.53 -45.96 16.79
CA SER H 76 -48.74 -45.81 17.59
C SER H 76 -49.65 -44.99 16.73
N ASN H 77 -49.02 -44.43 15.70
CA ASN H 77 -49.65 -43.58 14.70
C ASN H 77 -50.24 -42.33 15.34
N ILE H 78 -49.46 -41.77 16.26
CA ILE H 78 -49.79 -40.57 17.03
C ILE H 78 -48.68 -39.51 16.92
N ALA H 79 -49.08 -38.27 16.65
CA ALA H 79 -48.17 -37.14 16.57
C ALA H 79 -48.24 -36.34 17.86
N TYR H 80 -47.12 -35.73 18.26
CA TYR H 80 -47.09 -34.95 19.48
C TYR H 80 -46.43 -33.58 19.36
N MET H 81 -46.93 -32.63 20.15
CA MET H 81 -46.31 -31.30 20.26
C MET H 81 -46.11 -30.87 21.69
N GLU H 82 -44.86 -30.68 22.08
CA GLU H 82 -44.57 -30.26 23.43
C GLU H 82 -44.21 -28.79 23.47
N LEU H 83 -45.05 -28.02 24.14
CA LEU H 83 -44.86 -26.59 24.25
C LEU H 83 -44.22 -26.30 25.58
N THR H 84 -42.94 -25.95 25.60
CA THR H 84 -42.30 -25.75 26.89
C THR H 84 -42.26 -24.27 27.17
N SER H 85 -42.01 -23.92 28.44
CA SER H 85 -41.96 -22.52 28.85
C SER H 85 -43.20 -21.81 28.32
N LEU H 86 -44.36 -22.46 28.46
CA LEU H 86 -45.63 -21.96 27.97
C LEU H 86 -45.95 -20.69 28.72
N ARG H 87 -46.30 -19.64 27.95
CA ARG H 87 -46.61 -18.31 28.47
C ARG H 87 -48.09 -17.94 28.26
N PHE H 88 -48.55 -16.84 28.85
CA PHE H 88 -49.94 -16.39 28.67
C PHE H 88 -50.27 -16.15 27.20
N GLU H 89 -49.28 -15.62 26.49
CA GLU H 89 -49.35 -15.25 25.09
C GLU H 89 -49.51 -16.45 24.15
N ASP H 90 -49.32 -17.65 24.67
CA ASP H 90 -49.41 -18.86 23.91
C ASP H 90 -50.78 -19.49 23.96
N THR H 91 -51.78 -18.79 24.52
CA THR H 91 -53.12 -19.39 24.45
C THR H 91 -53.51 -19.50 22.99
N ALA H 92 -53.94 -20.69 22.61
CA ALA H 92 -54.36 -20.95 21.23
C ALA H 92 -55.15 -22.24 21.13
N VAL H 93 -55.84 -22.37 20.02
CA VAL H 93 -56.60 -23.58 19.70
C VAL H 93 -55.69 -24.75 19.30
N TYR H 94 -54.45 -24.46 18.94
CA TYR H 94 -53.48 -25.45 18.51
C TYR H 94 -54.04 -26.57 17.66
N TYR H 95 -54.30 -26.26 16.40
CA TYR H 95 -54.77 -27.27 15.49
C TYR H 95 -53.61 -28.09 15.01
N CYS H 96 -53.83 -29.40 14.75
CA CYS H 96 -52.86 -30.24 14.07
C CYS H 96 -53.53 -30.64 12.78
N ALA H 97 -52.73 -30.86 11.75
CA ALA H 97 -53.30 -31.26 10.49
C ALA H 97 -52.33 -32.06 9.66
N ARG H 98 -52.89 -32.85 8.79
CA ARG H 98 -52.12 -33.61 7.85
C ARG H 98 -51.88 -32.74 6.64
N LEU H 99 -50.64 -32.68 6.17
CA LEU H 99 -50.33 -31.91 4.99
C LEU H 99 -50.45 -32.84 3.84
N LEU H 100 -50.70 -32.29 2.67
CA LEU H 100 -50.79 -33.13 1.49
C LEU H 100 -49.42 -33.63 1.09
N LEU H 101 -48.39 -32.87 1.42
CA LEU H 101 -47.06 -33.26 1.06
C LEU H 101 -46.69 -34.57 1.69
N VAL H 102 -46.17 -35.46 0.87
CA VAL H 102 -45.70 -36.74 1.34
C VAL H 102 -44.21 -36.87 1.11
N GLU H 103 -43.50 -37.26 2.15
CA GLU H 103 -42.07 -37.43 2.09
C GLU H 103 -41.70 -38.90 2.14
N TYR H 104 -40.97 -39.35 1.13
CA TYR H 104 -40.65 -40.75 1.04
C TYR H 104 -39.24 -40.98 1.59
N THR H 105 -38.36 -40.07 1.24
CA THR H 105 -36.99 -40.10 1.71
C THR H 105 -36.52 -38.67 1.84
N THR H 106 -35.29 -38.45 2.24
CA THR H 106 -34.88 -37.08 2.46
C THR H 106 -34.79 -36.27 1.17
N SER H 107 -34.56 -36.96 0.05
CA SER H 107 -34.46 -36.36 -1.27
C SER H 107 -35.66 -36.60 -2.17
N SER H 108 -36.76 -37.14 -1.63
CA SER H 108 -37.90 -37.36 -2.50
C SER H 108 -39.21 -37.12 -1.80
N ARG H 109 -39.96 -36.20 -2.36
CA ARG H 109 -41.23 -35.74 -1.84
C ARG H 109 -42.18 -35.28 -2.93
N ALA H 110 -43.47 -35.41 -2.69
CA ALA H 110 -44.43 -34.99 -3.69
C ALA H 110 -45.73 -34.49 -3.09
N GLY H 111 -46.45 -33.68 -3.84
CA GLY H 111 -47.72 -33.14 -3.38
C GLY H 111 -47.57 -31.70 -2.97
N GLY H 112 -48.66 -31.07 -2.58
CA GLY H 112 -48.61 -29.66 -2.23
C GLY H 112 -48.40 -29.48 -0.73
N TYR H 113 -48.51 -28.24 -0.28
CA TYR H 113 -48.28 -27.89 1.12
C TYR H 113 -49.54 -27.49 1.85
N GLY H 114 -50.68 -27.74 1.25
CA GLY H 114 -51.93 -27.40 1.89
C GLY H 114 -52.21 -28.51 2.87
N MET H 115 -53.26 -28.36 3.65
CA MET H 115 -53.66 -29.34 4.66
C MET H 115 -55.12 -29.67 4.53
N ASP H 116 -55.42 -30.95 4.26
CA ASP H 116 -56.78 -31.42 4.05
C ASP H 116 -57.47 -31.90 5.31
N VAL H 117 -56.81 -32.77 6.06
CA VAL H 117 -57.38 -33.35 7.27
C VAL H 117 -56.89 -32.65 8.51
N TRP H 118 -57.82 -32.00 9.17
CA TRP H 118 -57.54 -31.24 10.37
C TRP H 118 -58.19 -31.90 11.56
N GLY H 119 -57.56 -31.79 12.70
CA GLY H 119 -58.15 -32.28 13.93
C GLY H 119 -59.12 -31.22 14.41
N GLN H 120 -59.78 -31.47 15.53
CA GLN H 120 -60.75 -30.50 16.03
C GLN H 120 -60.10 -29.34 16.78
N GLY H 121 -58.80 -29.46 17.06
CA GLY H 121 -58.07 -28.49 17.85
C GLY H 121 -57.93 -28.91 19.30
N THR H 122 -56.81 -28.51 19.91
CA THR H 122 -56.56 -28.77 21.32
C THR H 122 -56.47 -27.44 21.95
N THR H 123 -57.55 -26.96 22.50
CA THR H 123 -57.41 -25.65 23.04
C THR H 123 -56.59 -25.78 24.28
N VAL H 124 -55.57 -24.93 24.36
CA VAL H 124 -54.74 -24.82 25.51
C VAL H 124 -54.88 -23.40 26.01
N THR H 125 -55.37 -23.28 27.22
CA THR H 125 -55.55 -21.99 27.83
C THR H 125 -54.50 -21.84 28.88
N VAL H 126 -53.76 -20.75 28.82
CA VAL H 126 -52.71 -20.56 29.78
C VAL H 126 -52.86 -19.27 30.58
N SER H 127 -52.82 -19.41 31.93
CA SER H 127 -52.99 -18.37 32.93
C SER H 127 -51.69 -18.19 33.71
N LEU I 4 -46.61 -12.61 4.93
CA LEU I 4 -47.41 -12.73 3.72
C LEU I 4 -48.61 -11.79 3.96
N THR I 5 -49.01 -10.96 2.94
CA THR I 5 -50.04 -9.91 3.09
C THR I 5 -51.39 -10.14 2.44
N GLN I 6 -52.43 -9.91 3.25
CA GLN I 6 -53.83 -10.00 2.86
C GLN I 6 -54.58 -8.75 3.32
N PRO I 7 -55.65 -8.33 2.63
CA PRO I 7 -56.51 -7.23 3.05
C PRO I 7 -57.29 -7.72 4.25
N PRO I 8 -57.74 -6.84 5.14
CA PRO I 8 -58.58 -7.17 6.28
C PRO I 8 -60.01 -7.61 5.96
N SER I 9 -60.53 -7.25 4.77
CA SER I 9 -61.90 -7.61 4.45
C SER I 9 -62.20 -7.64 2.96
N ALA I 10 -63.35 -8.22 2.65
CA ALA I 10 -63.89 -8.30 1.30
C ALA I 10 -65.41 -8.34 1.39
N SER I 11 -66.10 -7.96 0.33
CA SER I 11 -67.55 -8.06 0.41
C SER I 11 -68.27 -8.04 -0.92
N GLY I 12 -69.55 -8.41 -0.86
CA GLY I 12 -70.44 -8.30 -2.00
C GLY I 12 -71.81 -8.90 -1.77
N SER I 13 -72.70 -8.62 -2.71
CA SER I 13 -74.07 -9.09 -2.70
C SER I 13 -74.10 -10.57 -2.93
N PRO I 14 -75.08 -11.31 -2.44
CA PRO I 14 -75.19 -12.70 -2.75
C PRO I 14 -75.39 -12.76 -4.25
N GLY I 15 -74.72 -13.69 -4.88
CA GLY I 15 -74.75 -13.89 -6.32
C GLY I 15 -73.59 -13.16 -7.03
N GLN I 16 -72.91 -12.28 -6.30
CA GLN I 16 -71.79 -11.47 -6.80
C GLN I 16 -70.48 -12.24 -6.84
N SER I 17 -69.62 -11.86 -7.78
CA SER I 17 -68.25 -12.39 -7.80
C SER I 17 -67.37 -11.51 -6.94
N VAL I 18 -66.85 -12.10 -5.86
CA VAL I 18 -66.02 -11.37 -4.90
C VAL I 18 -64.65 -11.98 -4.80
N THR I 19 -63.63 -11.14 -4.82
CA THR I 19 -62.28 -11.68 -4.73
C THR I 19 -61.48 -11.17 -3.56
N ILE I 20 -60.52 -12.01 -3.16
CA ILE I 20 -59.54 -11.73 -2.14
C ILE I 20 -58.14 -11.92 -2.69
N SER I 21 -57.28 -10.93 -2.53
CA SER I 21 -55.92 -11.09 -3.04
C SER I 21 -54.91 -11.29 -1.91
N CYS I 22 -53.79 -11.97 -2.25
CA CYS I 22 -52.62 -12.22 -1.39
C CYS I 22 -51.34 -11.83 -2.11
N THR I 23 -50.45 -11.15 -1.42
CA THR I 23 -49.18 -10.86 -2.07
C THR I 23 -48.01 -11.48 -1.34
N GLY I 24 -47.12 -12.02 -2.15
CA GLY I 24 -45.92 -12.69 -1.72
C GLY I 24 -44.62 -12.00 -2.05
N THR I 25 -43.74 -12.82 -2.56
CA THR I 25 -42.36 -12.56 -2.87
C THR I 25 -41.87 -13.55 -3.92
N TYR I 26 -40.59 -13.82 -3.93
CA TYR I 26 -40.03 -14.79 -4.88
C TYR I 26 -39.79 -16.16 -4.25
N ASN I 27 -40.50 -16.32 -3.16
CA ASN I 27 -40.69 -17.44 -2.25
C ASN I 27 -42.15 -17.26 -1.90
N ASP I 28 -42.69 -18.09 -1.05
CA ASP I 28 -44.09 -17.94 -0.68
C ASP I 28 -44.93 -17.98 -1.95
N ILE I 29 -45.69 -16.92 -2.22
CA ILE I 29 -46.49 -16.85 -3.43
C ILE I 29 -45.55 -16.26 -4.43
N GLY I 30 -45.26 -16.99 -5.48
CA GLY I 30 -44.25 -16.57 -6.45
C GLY I 30 -43.08 -17.47 -6.11
N GLY I 31 -42.27 -17.87 -7.07
CA GLY I 31 -41.18 -18.78 -6.72
C GLY I 31 -41.65 -20.24 -6.70
N TYR I 32 -42.73 -20.48 -5.96
CA TYR I 32 -43.33 -21.80 -5.88
C TYR I 32 -44.81 -21.82 -6.19
N ASN I 33 -45.25 -22.85 -6.90
CA ASN I 33 -46.68 -22.98 -7.21
C ASN I 33 -47.41 -23.78 -6.16
N PHE I 34 -47.32 -23.32 -4.93
CA PHE I 34 -47.96 -24.01 -3.82
C PHE I 34 -48.73 -23.07 -2.98
N VAL I 35 -49.82 -22.56 -3.50
CA VAL I 35 -50.60 -21.60 -2.78
C VAL I 35 -51.97 -22.18 -2.54
N SER I 36 -52.33 -22.29 -1.28
CA SER I 36 -53.59 -22.85 -0.88
C SER I 36 -54.43 -21.83 -0.17
N TRP I 37 -55.73 -22.07 -0.12
CA TRP I 37 -56.68 -21.21 0.57
C TRP I 37 -57.58 -21.98 1.50
N TYR I 38 -57.94 -21.36 2.63
CA TYR I 38 -58.85 -21.91 3.61
C TYR I 38 -60.05 -21.06 3.93
N GLN I 39 -61.18 -21.71 4.21
CA GLN I 39 -62.41 -21.03 4.63
C GLN I 39 -62.71 -21.31 6.09
N GLN I 40 -62.74 -20.27 6.91
CA GLN I 40 -63.00 -20.51 8.32
C GLN I 40 -64.15 -19.71 8.90
N HIS I 41 -65.17 -20.40 9.36
CA HIS I 41 -66.31 -19.75 9.97
C HIS I 41 -65.96 -19.63 11.44
N ALA I 42 -66.50 -18.64 12.13
CA ALA I 42 -66.13 -18.58 13.54
C ALA I 42 -66.54 -19.85 14.25
N GLY I 43 -65.63 -20.38 15.07
CA GLY I 43 -65.88 -21.58 15.85
C GLY I 43 -65.59 -22.88 15.08
N LYS I 44 -65.18 -22.77 13.83
CA LYS I 44 -64.91 -23.93 12.98
C LYS I 44 -63.44 -24.12 12.66
N VAL I 45 -63.14 -25.33 12.24
CA VAL I 45 -61.82 -25.75 11.82
C VAL I 45 -61.65 -25.32 10.37
N PRO I 46 -60.56 -24.65 9.96
CA PRO I 46 -60.37 -24.18 8.60
C PRO I 46 -60.52 -25.31 7.59
N LYS I 47 -61.30 -25.06 6.55
CA LYS I 47 -61.52 -26.04 5.49
C LYS I 47 -60.71 -25.70 4.26
N LEU I 48 -59.99 -26.67 3.73
CA LEU I 48 -59.20 -26.38 2.54
C LEU I 48 -60.15 -26.14 1.38
N MET I 49 -60.01 -25.01 0.72
CA MET I 49 -60.86 -24.67 -0.40
C MET I 49 -60.11 -24.81 -1.69
N ILE I 50 -58.84 -24.43 -1.65
CA ILE I 50 -57.95 -24.51 -2.80
C ILE I 50 -56.66 -25.20 -2.41
N PHE I 51 -56.31 -26.25 -3.14
CA PHE I 51 -55.13 -27.06 -2.88
C PHE I 51 -53.82 -26.64 -3.58
N GLU I 52 -53.88 -26.42 -4.88
CA GLU I 52 -52.72 -26.02 -5.66
C GLU I 52 -53.07 -24.64 -6.08
N VAL I 53 -52.25 -23.96 -6.84
CA VAL I 53 -52.63 -22.59 -7.15
C VAL I 53 -54.05 -22.50 -7.72
N SER I 54 -54.41 -23.37 -8.67
CA SER I 54 -55.74 -23.34 -9.23
C SER I 54 -56.59 -24.59 -8.92
N LYS I 55 -55.99 -25.65 -8.42
CA LYS I 55 -56.69 -26.91 -8.19
C LYS I 55 -57.47 -26.95 -6.89
N ARG I 56 -58.75 -27.27 -7.01
CA ARG I 56 -59.72 -27.41 -5.92
C ARG I 56 -59.75 -28.86 -5.41
N PRO I 57 -59.79 -29.13 -4.09
CA PRO I 57 -59.91 -30.45 -3.48
C PRO I 57 -61.34 -30.92 -3.60
N SER I 58 -61.57 -32.19 -3.36
CA SER I 58 -62.94 -32.70 -3.31
C SER I 58 -63.67 -32.12 -2.11
N GLY I 59 -65.00 -31.97 -2.22
CA GLY I 59 -65.82 -31.49 -1.11
C GLY I 59 -66.02 -29.97 -1.10
N VAL I 60 -65.55 -29.32 -2.14
CA VAL I 60 -65.64 -27.88 -2.30
C VAL I 60 -66.43 -27.59 -3.57
N PRO I 61 -67.44 -26.71 -3.53
CA PRO I 61 -68.27 -26.33 -4.67
C PRO I 61 -67.45 -25.56 -5.67
N ASP I 62 -67.89 -25.58 -6.93
CA ASP I 62 -67.16 -24.98 -8.03
C ASP I 62 -67.26 -23.48 -8.16
N ARG I 63 -67.92 -22.85 -7.19
CA ARG I 63 -67.90 -21.40 -7.15
C ARG I 63 -66.52 -20.94 -6.69
N PHE I 64 -65.75 -21.85 -6.08
CA PHE I 64 -64.41 -21.54 -5.59
C PHE I 64 -63.33 -21.90 -6.60
N SER I 65 -62.57 -20.89 -6.98
CA SER I 65 -61.49 -21.04 -7.94
C SER I 65 -60.42 -20.01 -7.66
N GLY I 66 -59.31 -20.09 -8.36
CA GLY I 66 -58.27 -19.10 -8.15
C GLY I 66 -57.12 -19.27 -9.11
N SER I 67 -56.19 -18.34 -9.03
CA SER I 67 -55.03 -18.28 -9.89
C SER I 67 -53.91 -17.46 -9.27
N LYS I 68 -52.76 -17.44 -9.93
CA LYS I 68 -51.62 -16.66 -9.50
C LYS I 68 -50.98 -15.98 -10.69
N SER I 69 -50.60 -14.72 -10.52
CA SER I 69 -49.94 -13.91 -11.53
C SER I 69 -48.82 -13.10 -10.90
N GLY I 70 -47.61 -13.22 -11.43
CA GLY I 70 -46.51 -12.52 -10.79
C GLY I 70 -46.37 -13.10 -9.39
N ASN I 71 -46.40 -12.23 -8.38
CA ASN I 71 -46.27 -12.66 -6.99
C ASN I 71 -47.62 -12.49 -6.26
N THR I 72 -48.70 -12.36 -7.01
CA THR I 72 -50.02 -12.17 -6.40
C THR I 72 -50.97 -13.34 -6.65
N ALA I 73 -51.56 -13.84 -5.57
CA ALA I 73 -52.51 -14.92 -5.66
C ALA I 73 -53.90 -14.35 -5.53
N SER I 74 -54.86 -15.00 -6.16
CA SER I 74 -56.23 -14.53 -6.08
C SER I 74 -57.27 -15.62 -5.94
N LEU I 75 -58.12 -15.42 -4.94
CA LEU I 75 -59.28 -16.26 -4.66
C LEU I 75 -60.52 -15.65 -5.20
N THR I 76 -61.26 -16.40 -5.99
CA THR I 76 -62.51 -15.89 -6.50
C THR I 76 -63.66 -16.75 -6.06
N VAL I 77 -64.69 -16.11 -5.52
CA VAL I 77 -65.90 -16.83 -5.19
C VAL I 77 -66.98 -16.32 -6.13
N SER I 78 -67.32 -17.12 -7.14
CA SER I 78 -68.27 -16.69 -8.16
C SER I 78 -69.67 -17.14 -7.85
N GLY I 79 -70.58 -16.20 -7.60
CA GLY I 79 -71.90 -16.61 -7.19
C GLY I 79 -71.92 -16.80 -5.68
N LEU I 80 -71.45 -15.77 -4.98
CA LEU I 80 -71.32 -15.75 -3.53
C LEU I 80 -72.59 -16.09 -2.77
N GLN I 81 -72.47 -16.99 -1.78
CA GLN I 81 -73.62 -17.39 -0.97
C GLN I 81 -73.52 -16.84 0.44
N ALA I 82 -74.65 -16.78 1.16
CA ALA I 82 -74.65 -16.32 2.56
C ALA I 82 -73.75 -17.19 3.42
N GLU I 83 -73.68 -18.45 3.09
CA GLU I 83 -72.89 -19.44 3.79
C GLU I 83 -71.39 -19.22 3.67
N ASP I 84 -70.96 -18.26 2.85
CA ASP I 84 -69.56 -17.96 2.67
C ASP I 84 -69.05 -16.88 3.63
N GLU I 85 -69.87 -16.45 4.60
CA GLU I 85 -69.35 -15.45 5.53
C GLU I 85 -68.40 -16.11 6.51
N ALA I 86 -67.16 -16.09 6.08
CA ALA I 86 -66.02 -16.75 6.70
C ALA I 86 -64.77 -15.95 6.41
N ASP I 87 -63.76 -16.14 7.25
CA ASP I 87 -62.46 -15.57 6.95
C ASP I 87 -61.80 -16.40 5.90
N TYR I 88 -61.02 -15.78 5.03
CA TYR I 88 -60.24 -16.60 4.14
C TYR I 88 -58.79 -16.35 4.39
N TYR I 89 -58.06 -17.43 4.43
CA TYR I 89 -56.63 -17.37 4.67
C TYR I 89 -55.95 -18.00 3.50
N CYS I 90 -54.78 -17.48 3.11
CA CYS I 90 -53.93 -18.09 2.10
C CYS I 90 -52.64 -18.44 2.78
N SER I 91 -52.02 -19.45 2.25
CA SER I 91 -50.75 -19.89 2.73
C SER I 91 -49.97 -20.46 1.62
N SER I 92 -48.68 -20.54 1.81
CA SER I 92 -47.87 -21.10 0.79
C SER I 92 -46.59 -21.72 1.26
N PHE I 93 -45.98 -22.49 0.36
CA PHE I 93 -44.69 -23.04 0.69
C PHE I 93 -43.73 -21.89 0.75
N ALA I 94 -43.11 -21.72 1.89
CA ALA I 94 -42.23 -20.61 2.16
C ALA I 94 -40.79 -20.87 1.81
N GLY I 95 -40.53 -22.07 1.39
CA GLY I 95 -39.19 -22.54 1.13
C GLY I 95 -38.92 -23.44 2.30
N SER I 96 -37.90 -24.28 2.26
CA SER I 96 -37.70 -25.24 3.34
C SER I 96 -37.34 -24.71 4.73
N ASN I 97 -36.79 -23.49 4.88
CA ASN I 97 -36.47 -23.08 6.24
C ASN I 97 -37.70 -22.68 7.06
N THR I 98 -38.69 -22.09 6.40
CA THR I 98 -39.92 -21.66 7.06
C THR I 98 -41.02 -22.66 6.83
N PHE I 99 -40.93 -23.35 5.71
CA PHE I 99 -41.82 -24.38 5.24
C PHE I 99 -43.21 -23.86 4.90
N VAL I 100 -43.95 -23.36 5.86
CA VAL I 100 -45.28 -22.80 5.58
C VAL I 100 -45.49 -21.42 6.16
N VAL I 101 -46.00 -20.54 5.33
CA VAL I 101 -46.29 -19.18 5.75
C VAL I 101 -47.75 -18.86 5.51
N PHE I 102 -48.37 -18.15 6.46
CA PHE I 102 -49.78 -17.78 6.32
C PHE I 102 -49.93 -16.26 6.34
N GLY I 103 -50.94 -15.75 5.65
CA GLY I 103 -51.28 -14.33 5.76
C GLY I 103 -52.32 -14.20 6.88
N GLY I 104 -52.82 -12.99 7.15
CA GLY I 104 -53.83 -12.85 8.19
C GLY I 104 -55.14 -13.17 7.53
N GLY I 105 -56.25 -13.20 8.26
CA GLY I 105 -57.48 -13.54 7.57
C GLY I 105 -58.13 -12.33 6.95
N THR I 106 -58.84 -12.56 5.86
CA THR I 106 -59.63 -11.52 5.22
C THR I 106 -61.07 -11.85 5.51
N LYS I 107 -61.80 -10.99 6.21
CA LYS I 107 -63.17 -11.37 6.50
C LYS I 107 -64.09 -10.97 5.38
N LEU I 108 -64.80 -11.94 4.80
CA LEU I 108 -65.71 -11.59 3.74
C LEU I 108 -67.13 -11.47 4.30
N THR I 109 -67.81 -10.39 3.93
CA THR I 109 -69.20 -10.12 4.35
C THR I 109 -70.11 -10.17 3.10
N VAL I 110 -71.28 -10.86 3.19
CA VAL I 110 -72.21 -11.06 2.07
C VAL I 110 -73.38 -10.06 2.20
#